data_8OXQ
#
_entry.id   8OXQ
#
_cell.length_a   1.00
_cell.length_b   1.00
_cell.length_c   1.00
_cell.angle_alpha   90.00
_cell.angle_beta   90.00
_cell.angle_gamma   90.00
#
_symmetry.space_group_name_H-M   'P 1'
#
loop_
_entity.id
_entity.type
_entity.pdbx_description
1 polymer 'Serine-protein kinase ATM'
2 non-polymer 'PHOSPHOAMINOPHOSPHONIC ACID-ADENYLATE ESTER'
3 non-polymer 'MAGNESIUM ION'
4 non-polymer 'ZINC ION'
#
_entity_poly.entity_id   1
_entity_poly.type   'polypeptide(L)'
_entity_poly.pdbx_seq_one_letter_code
;MDYKDDDDKHMGVQVETISPGDGRTFPKRGQTCVVHYTGMLEDGKKFDSSRDRNKPFKFMLGKQEVIRGWEEGVAQMSVG
QRAKLTISPDYAYGATGHPGIIPPHATLVFDVELLKLEGGSAGSGSASMSLVLNDLLICCRQLEHDRATERKKEVEKFKR
LIRDPETIKHLDRHSDSKQGKYLNWDAVFRFLQKYIQKETECLRIAKPNVSASTQASRQKKMQEISSLVKYFIKCANRRA
PRLKCQELLNYIMDTVKDSSNGAIYGADCSNILLKDILSVRKYWCEISQQQWLELFSVYFRLYLKPSQDVHRVLVARIIH
AVTKGCCSQTDGLNSKFLDFFSKAIQCARQEKSSSGLNHILAALTIFLKTLAVNFRIRVCELGDEILPTLLYIWTQHRLN
DSLKEVIIELFQLQIYIHHPKGAKTQEKGAYESTKWRSILYNLYDLLVNEISHIGSRGKYSSGFRNIAVKENLIELMADI
CHQVFNEDTRSLEISQSYTTTQRESSDYSVPCKRKKIELGWEVIKDHLQKSQNDFDLVPWLQIATQLISKYPASLPNCEL
SPLLMILSQLLPQQRHGERTPYVLRCLTEVALCQDKRSNLESSQKSDLLKLWNKIWCITFRGISSEQIQAENFGLLGAII
QGSLVEVDREFWKLFTGSACRPSCPAVCCLTLALTTSIVPGTVKMGIEQNMCEVNRSFSLKESIMKWLLFYQLEGDLENS
TEVPPILHSNFPHLVLEKILVSLTMKNCKAAMNFFQSVPECEHHQKDKEELSFSEVEELFLQTTFDKMDFLTIVRECGIE
KHQSSIGFSVHQNLKESLDRCLLGLSEQLLNNYSSEITNSETLVRCSRLLVGVLGCYCYMGVIAEEEAYKSELFQKAKSL
MQCAGESITLFKNKTNEEFRIGSLRNMMQLCTRCLSNCTKKSPNKIASGFFLRLLTSKLMNDIADICKSLASFIKKPFDR
GEVESMEDDTNGNLMEVEDQSSMNLFNDYPDSSVSDANEPGESQSTIGAINPLAEEYLSKQDLLFLDMLKFLCLCVTTAQ
TNTVSFRAADIRRKLLMLIDSSTLEPTKSLHLHMYLMLLKELPGEEYPLPMEDVLELLKPLSNVCSLYRRDQDVCKTILN
HVLHVVKNLGQSNMDSENTRDAQGQFLTVIGAFWHLTKERKYIFSVRMALVNCLKTLLEADPYSKWAILNVMGKDFPVNE
VFTQFLADNHHQVRMLAAESINRLFQDTKGDSSRLLKALPLKLQQTAFENAYLKAQEGMREMSHSAENPETLDEIYNRKS
VLLTLIAVVLSCSPICEKQALFALCKSVKENGLEPHLVKKVLEKVSETFGYRRLEDFMASHLDYLVLEWLNLQDTEYNLS
SFPFILLNYTNIEDFYRSCYKVLIPHLVIRSHFDEVKSIANQIQEDWKSLLTDCFPKILVNILPYFAYEGTRDSGMAQQR
ETATKVYDMLKSENLLGKQIDHLFISNLPEIVVELLMTLHEPANSSASQSTDLCDFSGDLDPAPNPPHFPSHVIKATFAY
ISNCHKTKLKSILEILSKSPDSYQKILLAICEQAAETNNVYKKHRILKIYHLFVSLLLKDIKSGLGGAWAFVLRDVIYTL
IHYINQRPSCIMDVSLRSFSLCCDLLSQVCQTAVTYCKDALENHLHVIVGTLIPLVYEQVEVQKQVLDLLKYLVIDNKDN
ENLYITIKLLDPFPDHVVFKDLRITQQKIKYSRGPFSLLEEINHFLSVSVYDALPLTRLEGLKDLRRQLELHKDQMVDIM
RASQDNPQDGIMVKLVVNLLQLSKMAINHTGEKEVLEAVGSCLGEVGPIDFSTIAIQHSKDASYTKALKLFEDKELQWTF
IMLTYLNNTLVEDCVKVRSAAVTCLKNILATKTGHSFWEIYKMTTDPMLAYLQPFRTSRKKFLEVPRFDKENPFEGLDDI
NLWIPLSENHDIWIKTLTCAFLDSGGTKCEILQLLKPMCEVKTDFCQTVLPYLIHDILLQDTNESWRNLLSTHVQGFFTS
CLRHFSQTSRSTTPANLDSESEHFFRCCLDKKSQRTMLAVVDYMRRQKRPSSGTIFNDAFWLDLNYLEVAKVAQSCAAHF
TALLYAEIYADKKSMDDQEKRSLAFEEGSQSTTISSLSEKSKEETGISLQDLLLEIYRSIGEPDSLYGCGGGKMLQPITR
LRTYEHEAMWGKALVTYDLETAIPSSTRQAGIIQALQNLGLCHILSVYLKGLDYENKDWCPELEELHYQAAWRNMQWDHC
TSVSKEVEGTSYHESLYNALQSLRDREFSTFYESLKYARVKEVEEMCKRSLESVYSLYPTLSRLQAIGELESIGELFSRS
VTHRQLSEVYIKWQKHSQLLKDSDFSFQEPIMALRTVILEILMEKEMDNSQRECIKDILTKHLVELSILARTFKNTQLPE
RAIFQIKQYNSVSCGVSEWQLEEAQVFWAKKEQSLALSILKQMIKKLDASCAANNPSLKLTYTECLRVCGNWLAETCLEN
PAVIMQTYLEKAVEVAGNYDGESSDELRNGKMKAFLSLARFSDTQYQRIENYMKSSEFENKQALLKRAKEEVGLLREHKI
QTNRYTVKVQRELELDELALRALKEDRKRFLCKAVENYINCLLSGEEHDMWVFRLCSLWLENSGVSEVNGMMKRDGMKIP
TYKFLPLMYQLAARMGTKMMGGLGFHEVLNNLISRISMDHPHHTLFIILALANANRDEFLTKPEVARRSRITKNVPKQSS
QLDEDRTEAANRIICTIRSRRPQMVRSVEALCDAYIILANLDATQWKTQRKGINIPADQPITKLKNLEDVVVPTMEIKVD
HTGEYGNLVTIQSFKAEFRLAGGVNLPKIIDCVGSDGKERRQLVKGRDDLRQDAVMQQVFQMCNTLLQRNTETRKRKLTI
CTYKVVPLSQRSGVLEWCTGTVPIGEFLVNNEDGAHKRYRPNDFSAFQCQKKMMEVQKKSFEEKYEVFMDVCQNFQPVFR
YFCMEKFLDPAIWFEKRLAYTRSVATSSIVGYILGLGDRHVQNILINEQSAELVHIDLGVAFEQGKILPTPETVPFRLTR
DIVDGMGITGVEGVFRRCCEKTMEVMRNSQETLLTIVEVLLYDPLFDWTMNPLKALYLAQRPEDETELHPTLNADDQECK
RNLSDIDQSFNKVAERVLMRLQEKLKGVEEGTVLSVGGQVNLLIQQAIDPKNLSRLFPGWKAWV
;
_entity_poly.pdbx_strand_id   A,B
#
# COMPACT_ATOMS: atom_id res chain seq x y z
N PRO A 1540 -52.43 -34.93 58.25
CA PRO A 1540 -51.03 -34.54 58.11
C PRO A 1540 -50.85 -33.02 58.03
N ASP A 1541 -51.87 -32.33 57.54
CA ASP A 1541 -51.81 -30.87 57.44
C ASP A 1541 -51.96 -30.18 58.79
N SER A 1542 -52.31 -30.91 59.84
CA SER A 1542 -52.44 -30.30 61.16
C SER A 1542 -51.10 -29.76 61.65
N TYR A 1543 -50.01 -30.50 61.40
CA TYR A 1543 -48.70 -30.03 61.79
C TYR A 1543 -48.33 -28.75 61.05
N GLN A 1544 -48.67 -28.68 59.76
CA GLN A 1544 -48.43 -27.47 58.99
C GLN A 1544 -49.23 -26.30 59.56
N LYS A 1545 -50.48 -26.55 59.92
CA LYS A 1545 -51.31 -25.47 60.48
C LYS A 1545 -50.74 -24.96 61.78
N ILE A 1546 -50.28 -25.87 62.66
CA ILE A 1546 -49.71 -25.43 63.93
C ILE A 1546 -48.42 -24.67 63.71
N LEU A 1547 -47.56 -25.15 62.82
CA LEU A 1547 -46.30 -24.44 62.56
C LEU A 1547 -46.57 -23.06 61.97
N LEU A 1548 -47.54 -22.95 61.06
CA LEU A 1548 -47.90 -21.66 60.49
C LEU A 1548 -48.44 -20.72 61.56
N ALA A 1549 -49.27 -21.25 62.48
CA ALA A 1549 -49.82 -20.41 63.53
C ALA A 1549 -48.72 -19.90 64.45
N ILE A 1550 -47.78 -20.76 64.83
CA ILE A 1550 -46.67 -20.33 65.68
C ILE A 1550 -45.81 -19.31 64.96
N CYS A 1551 -45.56 -19.50 63.66
CA CYS A 1551 -44.78 -18.52 62.91
C CYS A 1551 -45.50 -17.18 62.85
N GLU A 1552 -46.82 -17.19 62.65
CA GLU A 1552 -47.58 -15.95 62.62
C GLU A 1552 -47.53 -15.23 63.97
N GLN A 1553 -47.68 -15.98 65.06
CA GLN A 1553 -47.61 -15.36 66.38
C GLN A 1553 -46.22 -14.80 66.66
N ALA A 1554 -45.18 -15.49 66.23
CA ALA A 1554 -43.83 -14.98 66.41
C ALA A 1554 -43.58 -13.72 65.60
N ALA A 1555 -44.09 -13.68 64.36
CA ALA A 1555 -43.84 -12.55 63.48
C ALA A 1555 -44.67 -11.32 63.84
N GLU A 1556 -45.89 -11.52 64.36
CA GLU A 1556 -46.76 -10.37 64.63
C GLU A 1556 -46.25 -9.52 65.79
N THR A 1557 -45.54 -10.12 66.74
CA THR A 1557 -45.03 -9.41 67.90
C THR A 1557 -43.57 -9.04 67.71
N ASN A 1558 -43.15 -7.99 68.42
CA ASN A 1558 -41.78 -7.52 68.39
C ASN A 1558 -41.13 -7.47 69.76
N ASN A 1559 -41.86 -7.75 70.83
CA ASN A 1559 -41.29 -7.76 72.17
C ASN A 1559 -40.31 -8.90 72.33
N VAL A 1560 -39.17 -8.61 72.96
CA VAL A 1560 -38.13 -9.62 73.12
C VAL A 1560 -38.59 -10.73 74.07
N TYR A 1561 -39.35 -10.38 75.11
CA TYR A 1561 -39.83 -11.39 76.04
C TYR A 1561 -40.91 -12.27 75.40
N LYS A 1562 -41.83 -11.66 74.64
CA LYS A 1562 -42.83 -12.44 73.94
C LYS A 1562 -42.19 -13.33 72.88
N LYS A 1563 -41.19 -12.80 72.17
CA LYS A 1563 -40.48 -13.60 71.19
C LYS A 1563 -39.77 -14.78 71.85
N HIS A 1564 -39.14 -14.54 73.00
CA HIS A 1564 -38.47 -15.63 73.71
C HIS A 1564 -39.47 -16.69 74.17
N ARG A 1565 -40.64 -16.26 74.66
CA ARG A 1565 -41.65 -17.22 75.08
C ARG A 1565 -42.16 -18.03 73.89
N ILE A 1566 -42.35 -17.38 72.74
CA ILE A 1566 -42.81 -18.09 71.55
C ILE A 1566 -41.75 -19.07 71.07
N LEU A 1567 -40.47 -18.68 71.15
CA LEU A 1567 -39.40 -19.60 70.79
C LEU A 1567 -39.36 -20.79 71.72
N LYS A 1568 -39.59 -20.57 73.02
CA LYS A 1568 -39.65 -21.68 73.97
C LYS A 1568 -40.80 -22.63 73.64
N ILE A 1569 -41.97 -22.07 73.29
CA ILE A 1569 -43.10 -22.90 72.89
C ILE A 1569 -42.76 -23.69 71.63
N TYR A 1570 -42.10 -23.04 70.67
CA TYR A 1570 -41.68 -23.72 69.45
C TYR A 1570 -40.71 -24.85 69.75
N HIS A 1571 -39.77 -24.62 70.68
CA HIS A 1571 -38.83 -25.67 71.07
C HIS A 1571 -39.55 -26.84 71.70
N LEU A 1572 -40.55 -26.55 72.55
CA LEU A 1572 -41.30 -27.63 73.18
C LEU A 1572 -42.09 -28.42 72.13
N PHE A 1573 -42.70 -27.72 71.18
CA PHE A 1573 -43.47 -28.40 70.14
C PHE A 1573 -42.56 -29.26 69.27
N VAL A 1574 -41.38 -28.75 68.90
CA VAL A 1574 -40.46 -29.52 68.08
C VAL A 1574 -39.96 -30.74 68.84
N SER A 1575 -39.66 -30.59 70.13
CA SER A 1575 -39.23 -31.73 70.94
C SER A 1575 -40.32 -32.78 71.03
N LEU A 1576 -41.57 -32.35 71.20
CA LEU A 1576 -42.68 -33.30 71.23
C LEU A 1576 -42.83 -34.01 69.88
N LEU A 1577 -42.65 -33.26 68.79
CA LEU A 1577 -42.75 -33.88 67.47
C LEU A 1577 -41.64 -34.91 67.25
N LEU A 1578 -40.42 -34.58 67.67
CA LEU A 1578 -39.30 -35.52 67.55
C LEU A 1578 -39.46 -36.72 68.48
N LYS A 1579 -40.20 -36.57 69.58
CA LYS A 1579 -40.43 -37.70 70.47
C LYS A 1579 -41.32 -38.77 69.86
N ASP A 1580 -42.00 -38.47 68.76
CA ASP A 1580 -42.85 -39.45 68.08
C ASP A 1580 -42.31 -39.65 66.66
N ILE A 1581 -41.00 -39.87 66.55
CA ILE A 1581 -40.36 -40.08 65.25
C ILE A 1581 -40.22 -41.55 64.91
N LYS A 1582 -40.52 -42.46 65.85
CA LYS A 1582 -40.36 -43.88 65.60
C LYS A 1582 -41.28 -44.35 64.47
N SER A 1583 -42.51 -43.86 64.44
CA SER A 1583 -43.48 -44.28 63.42
C SER A 1583 -43.66 -43.25 62.31
N GLY A 1584 -43.11 -42.05 62.46
CA GLY A 1584 -43.24 -41.02 61.46
C GLY A 1584 -44.51 -40.20 61.62
N LEU A 1585 -44.46 -38.99 61.06
CA LEU A 1585 -45.59 -38.06 61.14
C LEU A 1585 -46.52 -38.19 59.93
N GLY A 1586 -46.93 -39.42 59.64
CA GLY A 1586 -47.85 -39.67 58.54
C GLY A 1586 -47.32 -39.25 57.18
N GLY A 1587 -46.03 -39.45 56.93
CA GLY A 1587 -45.43 -39.07 55.67
C GLY A 1587 -45.09 -37.61 55.52
N ALA A 1588 -45.31 -36.80 56.55
CA ALA A 1588 -45.02 -35.37 56.52
C ALA A 1588 -43.71 -35.01 57.21
N TRP A 1589 -42.88 -36.01 57.52
CA TRP A 1589 -41.64 -35.76 58.24
C TRP A 1589 -40.69 -34.87 57.45
N ALA A 1590 -40.58 -35.11 56.14
CA ALA A 1590 -39.65 -34.33 55.32
C ALA A 1590 -40.05 -32.86 55.29
N PHE A 1591 -41.34 -32.56 55.09
CA PHE A 1591 -41.79 -31.18 55.03
C PHE A 1591 -41.66 -30.49 56.38
N VAL A 1592 -42.00 -31.19 57.47
CA VAL A 1592 -41.87 -30.61 58.79
C VAL A 1592 -40.40 -30.32 59.10
N LEU A 1593 -39.52 -31.26 58.74
CA LEU A 1593 -38.09 -31.08 58.97
C LEU A 1593 -37.56 -29.88 58.20
N ARG A 1594 -37.96 -29.74 56.92
CA ARG A 1594 -37.50 -28.61 56.14
C ARG A 1594 -38.01 -27.30 56.70
N ASP A 1595 -39.28 -27.27 57.11
CA ASP A 1595 -39.86 -26.04 57.63
C ASP A 1595 -39.17 -25.63 58.92
N VAL A 1596 -38.88 -26.61 59.79
CA VAL A 1596 -38.26 -26.31 61.08
C VAL A 1596 -36.84 -25.80 60.86
N ILE A 1597 -36.07 -26.48 60.00
CA ILE A 1597 -34.68 -26.08 59.83
C ILE A 1597 -34.59 -24.72 59.14
N TYR A 1598 -35.48 -24.45 58.17
CA TYR A 1598 -35.46 -23.16 57.51
C TYR A 1598 -35.92 -22.05 58.44
N THR A 1599 -36.89 -22.32 59.31
CA THR A 1599 -37.32 -21.33 60.30
C THR A 1599 -36.18 -21.01 61.26
N LEU A 1600 -35.46 -22.04 61.72
CA LEU A 1600 -34.33 -21.80 62.62
C LEU A 1600 -33.20 -21.04 61.91
N ILE A 1601 -32.95 -21.37 60.64
CA ILE A 1601 -31.92 -20.66 59.88
C ILE A 1601 -32.29 -19.19 59.71
N HIS A 1602 -33.55 -18.91 59.38
CA HIS A 1602 -33.99 -17.53 59.25
C HIS A 1602 -33.91 -16.78 60.58
N TYR A 1603 -34.28 -17.45 61.68
CA TYR A 1603 -34.19 -16.82 62.98
C TYR A 1603 -32.74 -16.51 63.36
N ILE A 1604 -31.82 -17.42 63.03
CA ILE A 1604 -30.41 -17.19 63.33
C ILE A 1604 -29.84 -16.07 62.47
N ASN A 1605 -30.24 -16.01 61.19
CA ASN A 1605 -29.67 -15.04 60.27
C ASN A 1605 -29.95 -13.61 60.71
N GLN A 1606 -31.17 -13.33 61.15
CA GLN A 1606 -31.56 -11.99 61.58
C GLN A 1606 -31.46 -11.88 63.09
N ARG A 1607 -30.73 -10.87 63.56
CA ARG A 1607 -30.53 -10.65 64.98
C ARG A 1607 -29.97 -9.25 65.22
N PRO A 1608 -30.30 -8.63 66.36
CA PRO A 1608 -29.73 -7.31 66.65
C PRO A 1608 -28.23 -7.37 66.86
N SER A 1609 -27.57 -6.25 66.53
CA SER A 1609 -26.12 -6.17 66.72
C SER A 1609 -25.74 -6.32 68.18
N CYS A 1610 -26.48 -5.67 69.08
CA CYS A 1610 -26.27 -5.80 70.51
C CYS A 1610 -27.10 -6.95 71.05
N ILE A 1611 -26.45 -7.88 71.76
CA ILE A 1611 -27.09 -9.07 72.29
C ILE A 1611 -27.33 -8.87 73.78
N MET A 1612 -28.60 -8.93 74.18
CA MET A 1612 -28.96 -8.82 75.59
C MET A 1612 -29.02 -10.22 76.21
N ASP A 1613 -29.37 -10.27 77.49
CA ASP A 1613 -29.48 -11.56 78.17
C ASP A 1613 -30.61 -12.39 77.58
N VAL A 1614 -31.76 -11.77 77.32
CA VAL A 1614 -32.87 -12.50 76.71
C VAL A 1614 -32.54 -12.90 75.28
N SER A 1615 -31.86 -12.02 74.54
CA SER A 1615 -31.45 -12.35 73.18
C SER A 1615 -30.44 -13.49 73.18
N LEU A 1616 -29.50 -13.48 74.11
CA LEU A 1616 -28.53 -14.57 74.21
C LEU A 1616 -29.21 -15.88 74.56
N ARG A 1617 -30.18 -15.84 75.49
CA ARG A 1617 -30.91 -17.05 75.84
C ARG A 1617 -31.70 -17.59 74.66
N SER A 1618 -32.35 -16.70 73.90
CA SER A 1618 -33.09 -17.12 72.73
C SER A 1618 -32.17 -17.73 71.67
N PHE A 1619 -31.01 -17.11 71.45
CA PHE A 1619 -30.06 -17.64 70.48
C PHE A 1619 -29.54 -19.01 70.91
N SER A 1620 -29.25 -19.18 72.20
CA SER A 1620 -28.79 -20.47 72.70
C SER A 1620 -29.87 -21.52 72.56
N LEU A 1621 -31.12 -21.16 72.85
CA LEU A 1621 -32.22 -22.11 72.70
C LEU A 1621 -32.39 -22.51 71.24
N CYS A 1622 -32.28 -21.55 70.32
CA CYS A 1622 -32.40 -21.87 68.90
C CYS A 1622 -31.27 -22.78 68.45
N CYS A 1623 -30.04 -22.52 68.91
CA CYS A 1623 -28.93 -23.39 68.54
C CYS A 1623 -29.10 -24.79 69.10
N ASP A 1624 -29.57 -24.89 70.35
CA ASP A 1624 -29.82 -26.21 70.95
C ASP A 1624 -30.89 -26.96 70.18
N LEU A 1625 -31.97 -26.27 69.80
CA LEU A 1625 -33.03 -26.92 69.03
C LEU A 1625 -32.52 -27.38 67.68
N LEU A 1626 -31.71 -26.55 67.00
CA LEU A 1626 -31.16 -26.94 65.71
C LEU A 1626 -30.24 -28.14 65.84
N SER A 1627 -29.40 -28.16 66.89
CA SER A 1627 -28.52 -29.31 67.10
C SER A 1627 -29.31 -30.58 67.40
N GLN A 1628 -30.35 -30.48 68.23
CA GLN A 1628 -31.16 -31.66 68.53
C GLN A 1628 -31.87 -32.16 67.28
N VAL A 1629 -32.40 -31.24 66.47
CA VAL A 1629 -33.07 -31.63 65.23
C VAL A 1629 -32.10 -32.32 64.29
N CYS A 1630 -30.88 -31.77 64.14
CA CYS A 1630 -29.90 -32.37 63.26
C CYS A 1630 -29.50 -33.76 63.74
N GLN A 1631 -29.29 -33.92 65.05
CA GLN A 1631 -28.91 -35.22 65.58
C GLN A 1631 -30.02 -36.24 65.39
N THR A 1632 -31.26 -35.85 65.66
CA THR A 1632 -32.37 -36.79 65.49
C THR A 1632 -32.54 -37.18 64.03
N ALA A 1633 -32.45 -36.20 63.12
CA ALA A 1633 -32.61 -36.49 61.70
C ALA A 1633 -31.50 -37.41 61.21
N VAL A 1634 -30.25 -37.13 61.60
CA VAL A 1634 -29.14 -37.96 61.15
C VAL A 1634 -29.27 -39.37 61.70
N THR A 1635 -29.61 -39.50 62.99
CA THR A 1635 -29.72 -40.82 63.61
C THR A 1635 -30.82 -41.65 62.97
N TYR A 1636 -31.98 -41.03 62.71
CA TYR A 1636 -33.12 -41.79 62.20
C TYR A 1636 -33.26 -41.75 60.68
N CYS A 1637 -32.57 -40.85 59.99
CA CYS A 1637 -32.65 -40.75 58.53
C CYS A 1637 -31.28 -40.40 57.99
N LYS A 1638 -30.62 -41.38 57.36
CA LYS A 1638 -29.25 -41.16 56.87
C LYS A 1638 -29.21 -40.10 55.78
N ASP A 1639 -30.20 -40.10 54.88
CA ASP A 1639 -30.22 -39.21 53.74
C ASP A 1639 -31.09 -37.97 53.97
N ALA A 1640 -31.39 -37.65 55.23
CA ALA A 1640 -32.22 -36.49 55.51
C ALA A 1640 -31.49 -35.18 55.22
N LEU A 1641 -30.21 -35.11 55.55
CA LEU A 1641 -29.43 -33.89 55.44
C LEU A 1641 -28.69 -33.75 54.13
N GLU A 1642 -28.90 -34.68 53.19
CA GLU A 1642 -28.20 -34.61 51.90
C GLU A 1642 -28.60 -33.38 51.09
N ASN A 1643 -29.78 -32.82 51.33
CA ASN A 1643 -30.25 -31.66 50.59
C ASN A 1643 -30.25 -30.38 51.41
N HIS A 1644 -29.87 -30.44 52.69
CA HIS A 1644 -29.89 -29.27 53.55
C HIS A 1644 -28.60 -29.05 54.33
N LEU A 1645 -27.58 -29.88 54.15
CA LEU A 1645 -26.33 -29.70 54.89
C LEU A 1645 -25.61 -28.42 54.46
N HIS A 1646 -25.65 -28.10 53.17
CA HIS A 1646 -24.90 -26.96 52.67
C HIS A 1646 -25.37 -25.65 53.27
N VAL A 1647 -26.69 -25.45 53.34
CA VAL A 1647 -27.22 -24.20 53.89
C VAL A 1647 -26.96 -24.12 55.39
N ILE A 1648 -27.02 -25.26 56.08
CA ILE A 1648 -26.77 -25.27 57.52
C ILE A 1648 -25.32 -24.90 57.81
N VAL A 1649 -24.39 -25.49 57.05
CA VAL A 1649 -22.97 -25.18 57.23
C VAL A 1649 -22.71 -23.71 56.88
N GLY A 1650 -23.31 -23.24 55.78
CA GLY A 1650 -23.12 -21.86 55.39
C GLY A 1650 -23.63 -20.87 56.41
N THR A 1651 -24.71 -21.23 57.11
CA THR A 1651 -25.21 -20.36 58.17
C THR A 1651 -24.37 -20.46 59.43
N LEU A 1652 -23.83 -21.67 59.72
CA LEU A 1652 -23.09 -21.87 60.96
C LEU A 1652 -21.70 -21.25 60.91
N ILE A 1653 -21.08 -21.15 59.72
CA ILE A 1653 -19.71 -20.64 59.64
C ILE A 1653 -19.58 -19.22 60.17
N PRO A 1654 -20.41 -18.25 59.77
CA PRO A 1654 -20.27 -16.89 60.35
C PRO A 1654 -20.53 -16.82 61.84
N LEU A 1655 -21.22 -17.80 62.41
CA LEU A 1655 -21.60 -17.73 63.82
C LEU A 1655 -20.42 -17.90 64.76
N VAL A 1656 -19.29 -18.43 64.29
CA VAL A 1656 -18.15 -18.65 65.17
C VAL A 1656 -17.52 -17.34 65.61
N TYR A 1657 -17.81 -16.23 64.93
CA TYR A 1657 -17.26 -14.92 65.28
C TYR A 1657 -18.18 -14.19 66.25
N GLU A 1658 -18.52 -14.87 67.35
CA GLU A 1658 -19.48 -14.35 68.32
C GLU A 1658 -18.99 -14.72 69.72
N GLN A 1659 -19.89 -14.63 70.69
CA GLN A 1659 -19.57 -14.90 72.09
C GLN A 1659 -19.14 -16.36 72.25
N VAL A 1660 -18.37 -16.61 73.31
CA VAL A 1660 -17.67 -17.90 73.44
C VAL A 1660 -18.65 -19.06 73.54
N GLU A 1661 -19.72 -18.90 74.34
CA GLU A 1661 -20.63 -20.03 74.58
C GLU A 1661 -21.32 -20.47 73.29
N VAL A 1662 -21.83 -19.51 72.51
CA VAL A 1662 -22.48 -19.88 71.25
C VAL A 1662 -21.44 -20.35 70.25
N GLN A 1663 -20.20 -19.86 70.36
CA GLN A 1663 -19.16 -20.37 69.47
C GLN A 1663 -18.89 -21.83 69.77
N LYS A 1664 -18.89 -22.19 71.05
CA LYS A 1664 -18.68 -23.58 71.46
C LYS A 1664 -19.81 -24.46 70.93
N GLN A 1665 -21.05 -23.98 71.04
CA GLN A 1665 -22.17 -24.77 70.52
C GLN A 1665 -22.09 -24.92 69.01
N VAL A 1666 -21.70 -23.86 68.30
CA VAL A 1666 -21.58 -23.94 66.84
C VAL A 1666 -20.50 -24.93 66.45
N LEU A 1667 -19.35 -24.88 67.13
CA LEU A 1667 -18.28 -25.83 66.82
C LEU A 1667 -18.70 -27.25 67.14
N ASP A 1668 -19.43 -27.46 68.24
CA ASP A 1668 -19.91 -28.81 68.56
C ASP A 1668 -20.85 -29.32 67.48
N LEU A 1669 -21.77 -28.46 67.02
CA LEU A 1669 -22.68 -28.87 65.95
C LEU A 1669 -21.94 -29.17 64.66
N LEU A 1670 -20.94 -28.35 64.32
CA LEU A 1670 -20.17 -28.60 63.11
C LEU A 1670 -19.39 -29.90 63.20
N LYS A 1671 -18.79 -30.17 64.37
CA LYS A 1671 -18.06 -31.41 64.55
C LYS A 1671 -18.98 -32.61 64.45
N TYR A 1672 -20.19 -32.53 65.03
CA TYR A 1672 -21.12 -33.63 64.90
C TYR A 1672 -21.54 -33.82 63.45
N LEU A 1673 -21.78 -32.72 62.73
CA LEU A 1673 -22.24 -32.82 61.34
C LEU A 1673 -21.17 -33.39 60.42
N VAL A 1674 -19.90 -33.02 60.61
CA VAL A 1674 -18.83 -33.38 59.68
C VAL A 1674 -17.91 -34.45 60.27
N ILE A 1675 -17.24 -34.16 61.39
CA ILE A 1675 -16.24 -35.07 61.91
C ILE A 1675 -16.88 -36.35 62.42
N ASP A 1676 -17.98 -36.23 63.18
CA ASP A 1676 -18.62 -37.39 63.78
C ASP A 1676 -19.43 -38.21 62.77
N ASN A 1677 -19.63 -37.70 61.55
CA ASN A 1677 -20.41 -38.41 60.55
C ASN A 1677 -19.62 -38.56 59.25
N LYS A 1678 -18.28 -38.70 59.36
CA LYS A 1678 -17.47 -38.89 58.16
C LYS A 1678 -17.71 -40.27 57.55
N ASP A 1679 -17.95 -41.28 58.39
CA ASP A 1679 -18.14 -42.65 57.92
C ASP A 1679 -19.52 -42.87 57.30
N ASN A 1680 -20.44 -41.92 57.44
CA ASN A 1680 -21.77 -42.08 56.87
C ASN A 1680 -21.70 -42.05 55.36
N GLU A 1681 -22.24 -43.09 54.71
CA GLU A 1681 -22.17 -43.19 53.26
C GLU A 1681 -23.16 -42.25 52.57
N ASN A 1682 -24.34 -42.02 53.16
CA ASN A 1682 -25.31 -41.12 52.56
C ASN A 1682 -24.96 -39.66 52.74
N LEU A 1683 -24.10 -39.34 53.72
CA LEU A 1683 -23.69 -37.96 53.96
C LEU A 1683 -22.31 -37.65 53.40
N TYR A 1684 -21.56 -38.67 52.96
CA TYR A 1684 -20.20 -38.45 52.48
C TYR A 1684 -20.20 -37.58 51.22
N ILE A 1685 -21.16 -37.79 50.32
CA ILE A 1685 -21.19 -37.06 49.07
C ILE A 1685 -21.43 -35.57 49.34
N THR A 1686 -22.39 -35.26 50.21
CA THR A 1686 -22.69 -33.86 50.49
C THR A 1686 -21.63 -33.20 51.37
N ILE A 1687 -20.94 -33.99 52.21
CA ILE A 1687 -19.83 -33.42 52.96
C ILE A 1687 -18.66 -33.08 52.04
N LYS A 1688 -18.45 -33.92 51.02
CA LYS A 1688 -17.35 -33.66 50.09
C LYS A 1688 -17.54 -32.35 49.33
N LEU A 1689 -18.79 -31.97 49.08
CA LEU A 1689 -19.12 -30.84 48.21
C LEU A 1689 -19.27 -29.52 48.96
N LEU A 1690 -19.18 -29.51 50.28
CA LEU A 1690 -19.36 -28.26 50.99
C LEU A 1690 -18.11 -27.38 50.91
N ASP A 1691 -18.32 -26.08 51.06
CA ASP A 1691 -17.23 -25.12 50.88
C ASP A 1691 -16.19 -25.27 51.98
N PRO A 1692 -14.90 -25.10 51.66
CA PRO A 1692 -13.86 -25.19 52.70
C PRO A 1692 -14.01 -24.10 53.74
N PHE A 1693 -13.61 -24.43 54.96
CA PHE A 1693 -13.72 -23.50 56.08
C PHE A 1693 -12.65 -22.42 55.99
N PRO A 1694 -12.89 -21.27 56.64
CA PRO A 1694 -11.89 -20.20 56.62
C PRO A 1694 -10.60 -20.61 57.31
N ASP A 1695 -9.49 -20.02 56.87
CA ASP A 1695 -8.15 -20.35 57.37
C ASP A 1695 -7.98 -19.71 58.75
N HIS A 1696 -8.33 -20.46 59.78
CA HIS A 1696 -8.18 -20.02 61.16
C HIS A 1696 -7.90 -21.23 62.03
N VAL A 1697 -7.39 -20.97 63.24
CA VAL A 1697 -7.00 -22.05 64.14
C VAL A 1697 -8.22 -22.84 64.60
N VAL A 1698 -9.35 -22.16 64.82
CA VAL A 1698 -10.55 -22.83 65.31
C VAL A 1698 -11.08 -23.84 64.30
N PHE A 1699 -10.95 -23.54 63.00
CA PHE A 1699 -11.46 -24.42 61.94
C PHE A 1699 -10.42 -25.42 61.46
N LYS A 1700 -9.47 -25.81 62.32
CA LYS A 1700 -8.40 -26.70 61.89
C LYS A 1700 -8.92 -28.12 61.62
N ASP A 1701 -9.51 -28.76 62.64
CA ASP A 1701 -9.86 -30.17 62.54
C ASP A 1701 -10.87 -30.38 61.41
N LEU A 1702 -11.85 -29.49 61.30
CA LEU A 1702 -12.81 -29.60 60.20
C LEU A 1702 -12.11 -29.42 58.86
N ARG A 1703 -11.06 -28.61 58.82
CA ARG A 1703 -10.36 -28.37 57.57
C ARG A 1703 -9.64 -29.62 57.11
N ILE A 1704 -8.85 -30.25 58.00
CA ILE A 1704 -8.18 -31.50 57.61
C ILE A 1704 -9.20 -32.59 57.29
N THR A 1705 -10.30 -32.65 58.05
CA THR A 1705 -11.33 -33.64 57.75
C THR A 1705 -11.90 -33.45 56.36
N GLN A 1706 -12.18 -32.20 55.99
CA GLN A 1706 -12.76 -31.92 54.68
C GLN A 1706 -11.76 -32.19 53.57
N GLN A 1707 -10.50 -31.78 53.76
CA GLN A 1707 -9.50 -32.00 52.71
C GLN A 1707 -9.29 -33.50 52.47
N LYS A 1708 -9.20 -34.29 53.55
CA LYS A 1708 -9.03 -35.74 53.37
C LYS A 1708 -10.29 -36.40 52.80
N ILE A 1709 -11.48 -35.89 53.12
CA ILE A 1709 -12.69 -36.41 52.49
C ILE A 1709 -12.71 -36.11 50.99
N LYS A 1710 -12.37 -34.86 50.63
CA LYS A 1710 -12.39 -34.47 49.23
C LYS A 1710 -11.26 -35.12 48.43
N TYR A 1711 -10.06 -35.18 49.01
CA TYR A 1711 -8.90 -35.72 48.31
C TYR A 1711 -8.69 -37.21 48.58
N SER A 1712 -9.72 -37.91 49.04
CA SER A 1712 -9.59 -39.35 49.29
C SER A 1712 -9.30 -40.09 47.98
N ARG A 1713 -10.00 -39.74 46.90
CA ARG A 1713 -9.77 -40.39 45.61
C ARG A 1713 -8.37 -40.09 45.10
N GLY A 1714 -7.90 -38.85 45.23
CA GLY A 1714 -6.59 -38.47 44.78
C GLY A 1714 -6.49 -36.97 44.53
N PRO A 1715 -5.33 -36.53 44.05
CA PRO A 1715 -5.17 -35.10 43.74
C PRO A 1715 -6.07 -34.68 42.60
N PHE A 1716 -6.50 -33.41 42.65
CA PHE A 1716 -7.39 -32.84 41.66
C PHE A 1716 -6.62 -31.85 40.79
N SER A 1717 -6.79 -31.96 39.48
CA SER A 1717 -6.16 -31.05 38.54
C SER A 1717 -6.96 -29.76 38.46
N LEU A 1718 -6.51 -28.83 37.61
CA LEU A 1718 -7.20 -27.55 37.45
C LEU A 1718 -8.61 -27.75 36.91
N LEU A 1719 -8.76 -28.64 35.92
CA LEU A 1719 -10.09 -28.90 35.37
C LEU A 1719 -11.01 -29.50 36.43
N GLU A 1720 -10.49 -30.44 37.23
CA GLU A 1720 -11.29 -31.04 38.27
C GLU A 1720 -11.66 -30.02 39.35
N GLU A 1721 -10.73 -29.13 39.69
CA GLU A 1721 -11.03 -28.08 40.66
C GLU A 1721 -12.11 -27.14 40.14
N ILE A 1722 -12.05 -26.77 38.86
CA ILE A 1722 -13.08 -25.92 38.27
C ILE A 1722 -14.44 -26.64 38.27
N ASN A 1723 -14.44 -27.92 37.92
CA ASN A 1723 -15.68 -28.69 37.93
C ASN A 1723 -16.27 -28.78 39.33
N HIS A 1724 -15.42 -28.99 40.33
CA HIS A 1724 -15.89 -29.03 41.71
C HIS A 1724 -16.44 -27.68 42.13
N PHE A 1725 -15.79 -26.59 41.74
CA PHE A 1725 -16.28 -25.25 42.09
C PHE A 1725 -17.65 -25.01 41.47
N LEU A 1726 -17.82 -25.43 40.21
CA LEU A 1726 -19.10 -25.21 39.56
C LEU A 1726 -20.19 -26.10 40.16
N SER A 1727 -19.82 -27.32 40.59
CA SER A 1727 -20.82 -28.17 41.23
C SER A 1727 -21.21 -27.61 42.58
N VAL A 1728 -20.27 -26.97 43.29
CA VAL A 1728 -20.60 -26.36 44.57
C VAL A 1728 -21.49 -25.15 44.35
N SER A 1729 -21.35 -24.47 43.21
CA SER A 1729 -22.06 -23.21 43.00
C SER A 1729 -23.57 -23.42 43.00
N VAL A 1730 -24.04 -24.52 42.40
CA VAL A 1730 -25.47 -24.75 42.23
C VAL A 1730 -26.20 -25.04 43.53
N TYR A 1731 -25.48 -25.23 44.64
CA TYR A 1731 -26.13 -25.60 45.89
C TYR A 1731 -26.71 -24.40 46.62
N ASP A 1732 -25.87 -23.46 47.03
CA ASP A 1732 -26.31 -22.32 47.83
C ASP A 1732 -25.99 -21.03 47.10
N ALA A 1733 -26.98 -20.15 47.00
CA ALA A 1733 -26.82 -18.84 46.37
C ALA A 1733 -26.50 -17.76 47.40
N LEU A 1734 -25.48 -17.98 48.21
CA LEU A 1734 -25.03 -16.99 49.19
C LEU A 1734 -23.56 -16.69 48.97
N PRO A 1735 -23.21 -15.50 48.44
CA PRO A 1735 -21.81 -15.22 48.10
C PRO A 1735 -20.85 -15.27 49.27
N LEU A 1736 -21.31 -14.98 50.49
CA LEU A 1736 -20.40 -14.93 51.63
C LEU A 1736 -19.79 -16.30 51.91
N THR A 1737 -20.58 -17.37 51.74
CA THR A 1737 -20.08 -18.71 51.99
C THR A 1737 -19.08 -19.19 50.95
N ARG A 1738 -18.97 -18.51 49.81
CA ARG A 1738 -18.07 -18.95 48.74
C ARG A 1738 -16.75 -18.19 48.73
N LEU A 1739 -16.45 -17.40 49.75
CA LEU A 1739 -15.21 -16.63 49.76
C LEU A 1739 -13.98 -17.55 49.78
N GLU A 1740 -14.02 -18.61 50.59
CA GLU A 1740 -12.89 -19.52 50.66
C GLU A 1740 -12.75 -20.32 49.36
N GLY A 1741 -13.86 -20.72 48.77
CA GLY A 1741 -13.79 -21.39 47.48
C GLY A 1741 -13.24 -20.48 46.40
N LEU A 1742 -13.58 -19.19 46.47
CA LEU A 1742 -13.02 -18.22 45.52
C LEU A 1742 -11.52 -18.09 45.68
N LYS A 1743 -11.04 -18.00 46.93
CA LYS A 1743 -9.60 -17.92 47.14
C LYS A 1743 -8.90 -19.20 46.69
N ASP A 1744 -9.50 -20.36 46.96
CA ASP A 1744 -8.90 -21.61 46.49
C ASP A 1744 -8.83 -21.67 44.97
N LEU A 1745 -9.91 -21.25 44.30
CA LEU A 1745 -9.89 -21.22 42.85
C LEU A 1745 -8.85 -20.25 42.32
N ARG A 1746 -8.67 -19.12 43.01
CA ARG A 1746 -7.61 -18.19 42.63
C ARG A 1746 -6.24 -18.84 42.76
N ARG A 1747 -6.03 -19.60 43.83
CA ARG A 1747 -4.74 -20.27 44.02
C ARG A 1747 -4.48 -21.27 42.91
N GLN A 1748 -5.49 -22.09 42.59
CA GLN A 1748 -5.31 -23.08 41.52
C GLN A 1748 -5.07 -22.41 40.18
N LEU A 1749 -5.80 -21.33 39.88
CA LEU A 1749 -5.57 -20.64 38.63
C LEU A 1749 -4.19 -20.01 38.59
N GLU A 1750 -3.67 -19.59 39.74
CA GLU A 1750 -2.36 -18.95 39.77
C GLU A 1750 -1.23 -19.95 39.59
N LEU A 1751 -1.32 -21.10 40.24
CA LEU A 1751 -0.21 -22.06 40.23
C LEU A 1751 -0.42 -23.23 39.28
N HIS A 1752 -1.49 -23.21 38.47
CA HIS A 1752 -1.72 -24.25 37.47
C HIS A 1752 -2.04 -23.64 36.12
N LYS A 1753 -1.30 -22.60 35.73
CA LYS A 1753 -1.51 -21.98 34.44
C LYS A 1753 -1.09 -22.87 33.28
N ASP A 1754 -0.20 -23.84 33.51
CA ASP A 1754 0.21 -24.74 32.45
C ASP A 1754 -0.94 -25.61 31.97
N GLN A 1755 -1.78 -26.08 32.88
CA GLN A 1755 -2.92 -26.91 32.50
C GLN A 1755 -4.02 -26.12 31.81
N MET A 1756 -4.00 -24.78 31.93
CA MET A 1756 -5.01 -23.98 31.25
C MET A 1756 -4.85 -24.04 29.74
N VAL A 1757 -3.62 -24.15 29.24
CA VAL A 1757 -3.41 -24.29 27.81
C VAL A 1757 -4.03 -25.58 27.31
N ASP A 1758 -3.83 -26.68 28.03
CA ASP A 1758 -4.44 -27.94 27.64
C ASP A 1758 -5.96 -27.87 27.74
N ILE A 1759 -6.48 -27.17 28.75
CA ILE A 1759 -7.92 -27.03 28.90
C ILE A 1759 -8.51 -26.29 27.71
N MET A 1760 -7.87 -25.18 27.31
CA MET A 1760 -8.36 -24.43 26.16
C MET A 1760 -8.24 -25.23 24.87
N ARG A 1761 -7.14 -25.98 24.70
CA ARG A 1761 -7.00 -26.79 23.49
C ARG A 1761 -8.05 -27.89 23.42
N ALA A 1762 -8.44 -28.45 24.58
CA ALA A 1762 -9.46 -29.48 24.59
C ALA A 1762 -10.83 -28.96 24.23
N SER A 1763 -11.08 -27.67 24.44
CA SER A 1763 -12.38 -27.06 24.15
C SER A 1763 -12.44 -26.41 22.78
N GLN A 1764 -11.40 -26.54 21.97
CA GLN A 1764 -11.41 -25.94 20.63
C GLN A 1764 -12.48 -26.55 19.75
N ASP A 1765 -12.66 -27.88 19.83
CA ASP A 1765 -13.63 -28.55 18.99
C ASP A 1765 -15.05 -28.08 19.29
N ASN A 1766 -15.37 -27.91 20.58
CA ASN A 1766 -16.71 -27.48 21.01
C ASN A 1766 -16.53 -26.29 21.94
N PRO A 1767 -16.38 -25.08 21.39
CA PRO A 1767 -16.19 -23.90 22.24
C PRO A 1767 -17.49 -23.36 22.84
N GLN A 1768 -18.64 -23.87 22.43
CA GLN A 1768 -19.91 -23.39 22.99
C GLN A 1768 -20.02 -23.70 24.48
N ASP A 1769 -19.59 -24.89 24.88
CA ASP A 1769 -19.65 -25.32 26.28
C ASP A 1769 -18.27 -25.29 26.93
N GLY A 1770 -17.45 -24.31 26.60
CA GLY A 1770 -16.14 -24.21 27.21
C GLY A 1770 -16.25 -24.03 28.71
N ILE A 1771 -15.37 -24.72 29.45
CA ILE A 1771 -15.41 -24.69 30.90
C ILE A 1771 -14.95 -23.32 31.43
N MET A 1772 -14.05 -22.66 30.71
CA MET A 1772 -13.53 -21.37 31.19
C MET A 1772 -14.57 -20.27 31.05
N VAL A 1773 -15.26 -20.20 29.91
CA VAL A 1773 -16.31 -19.20 29.75
C VAL A 1773 -17.47 -19.49 30.68
N LYS A 1774 -17.76 -20.76 30.93
CA LYS A 1774 -18.80 -21.11 31.90
C LYS A 1774 -18.41 -20.66 33.30
N LEU A 1775 -17.14 -20.84 33.66
CA LEU A 1775 -16.67 -20.37 34.97
C LEU A 1775 -16.77 -18.85 35.08
N VAL A 1776 -16.39 -18.15 34.01
CA VAL A 1776 -16.47 -16.68 34.03
C VAL A 1776 -17.91 -16.22 34.18
N VAL A 1777 -18.84 -16.86 33.45
CA VAL A 1777 -20.25 -16.50 33.54
C VAL A 1777 -20.77 -16.78 34.94
N ASN A 1778 -20.40 -17.92 35.53
CA ASN A 1778 -20.84 -18.24 36.88
C ASN A 1778 -20.31 -17.23 37.89
N LEU A 1779 -19.05 -16.83 37.75
CA LEU A 1779 -18.47 -15.84 38.66
C LEU A 1779 -19.18 -14.51 38.53
N LEU A 1780 -19.49 -14.08 37.31
CA LEU A 1780 -20.20 -12.82 37.12
C LEU A 1780 -21.62 -12.90 37.67
N GLN A 1781 -22.28 -14.04 37.51
CA GLN A 1781 -23.61 -14.20 38.11
C GLN A 1781 -23.54 -14.14 39.63
N LEU A 1782 -22.51 -14.76 40.21
CA LEU A 1782 -22.33 -14.69 41.66
C LEU A 1782 -22.09 -13.25 42.10
N SER A 1783 -21.32 -12.50 41.34
CA SER A 1783 -21.10 -11.09 41.67
C SER A 1783 -22.39 -10.29 41.59
N LYS A 1784 -23.23 -10.59 40.57
CA LYS A 1784 -24.53 -9.93 40.49
C LYS A 1784 -25.39 -10.27 41.70
N MET A 1785 -25.37 -11.53 42.13
CA MET A 1785 -26.13 -11.93 43.31
C MET A 1785 -25.59 -11.26 44.57
N ALA A 1786 -24.29 -10.94 44.59
CA ALA A 1786 -23.68 -10.31 45.76
C ALA A 1786 -24.02 -8.82 45.88
N ILE A 1787 -24.56 -8.21 44.82
CA ILE A 1787 -24.89 -6.79 44.88
C ILE A 1787 -26.00 -6.56 45.90
N ASN A 1788 -25.87 -5.48 46.67
CA ASN A 1788 -26.84 -5.10 47.69
C ASN A 1788 -26.97 -6.19 48.77
N HIS A 1789 -25.83 -6.65 49.27
CA HIS A 1789 -25.80 -7.64 50.34
C HIS A 1789 -24.62 -7.35 51.25
N THR A 1790 -24.72 -7.85 52.48
CA THR A 1790 -23.66 -7.65 53.45
C THR A 1790 -22.39 -8.39 53.04
N GLY A 1791 -21.24 -7.78 53.35
CA GLY A 1791 -19.96 -8.35 52.97
C GLY A 1791 -19.76 -8.53 51.49
N GLU A 1792 -20.29 -7.61 50.69
CA GLU A 1792 -20.19 -7.73 49.24
C GLU A 1792 -18.81 -7.34 48.72
N LYS A 1793 -18.10 -6.45 49.42
CA LYS A 1793 -16.82 -5.99 48.92
C LYS A 1793 -15.79 -7.11 48.85
N GLU A 1794 -15.77 -7.99 49.86
CA GLU A 1794 -14.82 -9.11 49.84
C GLU A 1794 -15.13 -10.06 48.69
N VAL A 1795 -16.41 -10.35 48.47
CA VAL A 1795 -16.78 -11.25 47.37
C VAL A 1795 -16.42 -10.64 46.03
N LEU A 1796 -16.69 -9.34 45.86
CA LEU A 1796 -16.35 -8.69 44.60
C LEU A 1796 -14.84 -8.67 44.38
N GLU A 1797 -14.07 -8.44 45.45
CA GLU A 1797 -12.62 -8.47 45.32
C GLU A 1797 -12.12 -9.85 44.93
N ALA A 1798 -12.67 -10.89 45.55
CA ALA A 1798 -12.24 -12.25 45.22
C ALA A 1798 -12.59 -12.61 43.78
N VAL A 1799 -13.79 -12.22 43.33
CA VAL A 1799 -14.18 -12.49 41.95
C VAL A 1799 -13.28 -11.73 40.98
N GLY A 1800 -12.98 -10.46 41.30
CA GLY A 1800 -12.09 -9.69 40.45
C GLY A 1800 -10.69 -10.28 40.38
N SER A 1801 -10.19 -10.79 41.50
CA SER A 1801 -8.89 -11.46 41.48
C SER A 1801 -8.93 -12.74 40.64
N CYS A 1802 -10.02 -13.50 40.76
CA CYS A 1802 -10.15 -14.72 39.95
C CYS A 1802 -10.21 -14.40 38.47
N LEU A 1803 -10.97 -13.36 38.09
CA LEU A 1803 -11.00 -12.93 36.70
C LEU A 1803 -9.72 -12.20 36.28
N GLY A 1804 -8.89 -11.80 37.23
CA GLY A 1804 -7.58 -11.27 36.90
C GLY A 1804 -6.57 -12.37 36.64
N GLU A 1805 -6.77 -13.55 37.23
CA GLU A 1805 -5.85 -14.65 36.99
C GLU A 1805 -5.98 -15.17 35.56
N VAL A 1806 -7.21 -15.26 35.05
CA VAL A 1806 -7.47 -15.65 33.67
C VAL A 1806 -7.91 -14.40 32.91
N GLY A 1807 -7.14 -14.04 31.88
CA GLY A 1807 -7.38 -12.80 31.18
C GLY A 1807 -8.41 -12.92 30.07
N PRO A 1808 -8.34 -12.02 29.09
CA PRO A 1808 -9.28 -12.04 27.95
C PRO A 1808 -8.91 -13.10 26.91
N ILE A 1809 -8.91 -14.36 27.34
CA ILE A 1809 -8.61 -15.46 26.43
C ILE A 1809 -9.76 -15.61 25.45
N ASP A 1810 -9.42 -15.74 24.16
CA ASP A 1810 -10.43 -15.90 23.12
C ASP A 1810 -11.19 -17.20 23.31
N PHE A 1811 -12.46 -17.10 23.72
CA PHE A 1811 -13.28 -18.26 23.99
C PHE A 1811 -13.92 -18.85 22.74
N SER A 1812 -13.72 -18.21 21.58
CA SER A 1812 -14.29 -18.68 20.31
C SER A 1812 -15.82 -18.75 20.36
N THR A 1813 -16.44 -17.87 21.15
CA THR A 1813 -17.89 -17.80 21.24
C THR A 1813 -18.31 -16.34 21.32
N ILE A 1814 -19.54 -16.08 20.90
CA ILE A 1814 -20.06 -14.72 20.81
C ILE A 1814 -21.22 -14.50 21.80
N ALA A 1815 -22.08 -15.50 21.98
CA ALA A 1815 -23.25 -15.37 22.83
C ALA A 1815 -22.99 -16.05 24.17
N ILE A 1816 -23.34 -15.35 25.25
CA ILE A 1816 -23.19 -15.90 26.59
C ILE A 1816 -24.39 -16.79 26.89
N GLN A 1817 -24.12 -18.03 27.30
CA GLN A 1817 -25.15 -18.98 27.67
C GLN A 1817 -25.17 -19.16 29.18
N HIS A 1818 -26.36 -19.43 29.72
CA HIS A 1818 -26.57 -19.61 31.15
C HIS A 1818 -26.85 -21.06 31.46
N SER A 1819 -26.36 -21.53 32.60
CA SER A 1819 -26.57 -22.91 33.00
C SER A 1819 -28.06 -23.18 33.27
N LYS A 1820 -28.55 -24.30 32.77
CA LYS A 1820 -29.93 -24.69 32.91
C LYS A 1820 -30.02 -26.05 33.61
N ASP A 1821 -31.06 -26.22 34.41
CA ASP A 1821 -31.23 -27.45 35.16
C ASP A 1821 -31.67 -28.57 34.22
N ALA A 1822 -30.84 -29.61 34.10
CA ALA A 1822 -31.17 -30.74 33.24
C ALA A 1822 -32.37 -31.50 33.77
N SER A 1823 -32.46 -31.67 35.08
CA SER A 1823 -33.59 -32.38 35.67
C SER A 1823 -34.90 -31.64 35.43
N TYR A 1824 -34.88 -30.32 35.55
CA TYR A 1824 -36.09 -29.53 35.29
C TYR A 1824 -36.53 -29.66 33.84
N THR A 1825 -35.58 -29.62 32.90
CA THR A 1825 -35.91 -29.79 31.49
C THR A 1825 -36.47 -31.19 31.23
N LYS A 1826 -35.88 -32.21 31.84
CA LYS A 1826 -36.38 -33.57 31.68
C LYS A 1826 -37.79 -33.70 32.23
N ALA A 1827 -38.06 -33.08 33.38
CA ALA A 1827 -39.40 -33.11 33.96
C ALA A 1827 -40.40 -32.40 33.05
N LEU A 1828 -39.98 -31.30 32.43
CA LEU A 1828 -40.86 -30.63 31.47
C LEU A 1828 -41.14 -31.55 30.28
N LYS A 1829 -40.12 -32.25 29.80
CA LYS A 1829 -40.30 -33.19 28.70
C LYS A 1829 -41.17 -34.38 29.08
N LEU A 1830 -41.30 -34.69 30.38
CA LEU A 1830 -42.12 -35.82 30.78
C LEU A 1830 -43.59 -35.61 30.44
N PHE A 1831 -44.08 -34.39 30.64
CA PHE A 1831 -45.49 -34.08 30.41
C PHE A 1831 -45.68 -33.60 28.99
N GLU A 1832 -46.68 -34.18 28.30
CA GLU A 1832 -47.00 -33.77 26.94
C GLU A 1832 -48.09 -32.70 26.91
N ASP A 1833 -49.10 -32.82 27.75
CA ASP A 1833 -50.15 -31.82 27.81
C ASP A 1833 -49.61 -30.49 28.33
N LYS A 1834 -50.05 -29.39 27.71
CA LYS A 1834 -49.57 -28.07 28.11
C LYS A 1834 -50.06 -27.71 29.50
N GLU A 1835 -51.29 -28.11 29.84
CA GLU A 1835 -51.83 -27.83 31.16
C GLU A 1835 -51.04 -28.55 32.25
N LEU A 1836 -50.61 -29.78 31.98
CA LEU A 1836 -49.78 -30.50 32.94
C LEU A 1836 -48.45 -29.80 33.15
N GLN A 1837 -47.85 -29.27 32.08
CA GLN A 1837 -46.63 -28.50 32.21
C GLN A 1837 -46.86 -27.24 33.03
N TRP A 1838 -48.00 -26.57 32.84
CA TRP A 1838 -48.32 -25.40 33.65
C TRP A 1838 -48.45 -25.79 35.12
N THR A 1839 -49.12 -26.91 35.39
CA THR A 1839 -49.27 -27.38 36.76
C THR A 1839 -47.92 -27.65 37.40
N PHE A 1840 -47.04 -28.33 36.66
CA PHE A 1840 -45.71 -28.63 37.19
C PHE A 1840 -44.92 -27.36 37.46
N ILE A 1841 -45.01 -26.38 36.57
CA ILE A 1841 -44.27 -25.13 36.74
C ILE A 1841 -44.76 -24.40 37.98
N MET A 1842 -46.09 -24.28 38.13
CA MET A 1842 -46.63 -23.59 39.30
C MET A 1842 -46.28 -24.31 40.59
N LEU A 1843 -46.39 -25.65 40.60
CA LEU A 1843 -46.06 -26.40 41.80
C LEU A 1843 -44.58 -26.27 42.16
N THR A 1844 -43.71 -26.29 41.16
CA THR A 1844 -42.28 -26.10 41.40
C THR A 1844 -42.01 -24.71 41.98
N TYR A 1845 -42.66 -23.69 41.42
CA TYR A 1845 -42.46 -22.34 41.95
C TYR A 1845 -42.95 -22.23 43.39
N LEU A 1846 -44.10 -22.83 43.69
CA LEU A 1846 -44.62 -22.80 45.05
C LEU A 1846 -43.69 -23.53 46.01
N ASN A 1847 -43.15 -24.67 45.58
CA ASN A 1847 -42.20 -25.40 46.43
C ASN A 1847 -40.94 -24.56 46.67
N ASN A 1848 -40.48 -23.85 45.63
CA ASN A 1848 -39.29 -23.03 45.78
C ASN A 1848 -39.53 -21.87 46.74
N THR A 1849 -40.71 -21.24 46.67
CA THR A 1849 -40.99 -20.10 47.54
C THR A 1849 -41.50 -20.52 48.91
N LEU A 1850 -41.72 -21.82 49.15
CA LEU A 1850 -42.15 -22.25 50.48
C LEU A 1850 -41.09 -22.02 51.55
N VAL A 1851 -39.82 -21.84 51.17
CA VAL A 1851 -38.74 -21.66 52.14
C VAL A 1851 -38.43 -20.19 52.38
N GLU A 1852 -39.27 -19.28 51.89
CA GLU A 1852 -39.03 -17.86 52.07
C GLU A 1852 -39.36 -17.42 53.50
N ASP A 1853 -38.80 -16.28 53.89
CA ASP A 1853 -38.97 -15.79 55.26
C ASP A 1853 -40.40 -15.29 55.49
N CYS A 1854 -41.04 -14.73 54.47
CA CYS A 1854 -42.38 -14.20 54.63
C CYS A 1854 -43.37 -15.30 55.01
N VAL A 1855 -44.22 -15.00 55.99
CA VAL A 1855 -45.20 -15.98 56.45
C VAL A 1855 -46.51 -15.89 55.66
N LYS A 1856 -46.91 -14.70 55.22
CA LYS A 1856 -48.10 -14.58 54.39
C LYS A 1856 -47.87 -15.25 53.03
N VAL A 1857 -46.66 -15.10 52.49
CA VAL A 1857 -46.32 -15.77 51.23
C VAL A 1857 -46.37 -17.27 51.41
N ARG A 1858 -45.85 -17.77 52.52
CA ARG A 1858 -45.90 -19.21 52.79
C ARG A 1858 -47.33 -19.71 52.91
N SER A 1859 -48.18 -18.97 53.61
CA SER A 1859 -49.58 -19.37 53.75
C SER A 1859 -50.29 -19.38 52.39
N ALA A 1860 -50.04 -18.36 51.56
CA ALA A 1860 -50.65 -18.32 50.25
C ALA A 1860 -50.16 -19.47 49.38
N ALA A 1861 -48.86 -19.77 49.46
CA ALA A 1861 -48.30 -20.88 48.69
C ALA A 1861 -48.92 -22.20 49.12
N VAL A 1862 -49.09 -22.40 50.42
CA VAL A 1862 -49.68 -23.64 50.91
C VAL A 1862 -51.13 -23.76 50.45
N THR A 1863 -51.88 -22.66 50.53
CA THR A 1863 -53.28 -22.69 50.09
C THR A 1863 -53.37 -22.99 48.59
N CYS A 1864 -52.51 -22.37 47.79
CA CYS A 1864 -52.50 -22.64 46.35
C CYS A 1864 -52.09 -24.08 46.06
N LEU A 1865 -51.12 -24.60 46.81
CA LEU A 1865 -50.71 -25.98 46.62
C LEU A 1865 -51.85 -26.94 46.91
N LYS A 1866 -52.59 -26.71 48.00
CA LYS A 1866 -53.72 -27.57 48.32
C LYS A 1866 -54.80 -27.46 47.26
N ASN A 1867 -55.08 -26.23 46.79
CA ASN A 1867 -56.12 -26.05 45.79
C ASN A 1867 -55.76 -26.75 44.48
N ILE A 1868 -54.51 -26.64 44.05
CA ILE A 1868 -54.08 -27.27 42.81
C ILE A 1868 -54.09 -28.78 42.95
N LEU A 1869 -53.55 -29.29 44.06
CA LEU A 1869 -53.49 -30.74 44.26
C LEU A 1869 -54.87 -31.35 44.45
N ALA A 1870 -55.87 -30.56 44.84
CA ALA A 1870 -57.20 -31.10 45.03
C ALA A 1870 -57.98 -31.24 43.73
N THR A 1871 -57.52 -30.62 42.64
CA THR A 1871 -58.21 -30.70 41.37
C THR A 1871 -57.85 -32.00 40.63
N LYS A 1872 -58.60 -32.29 39.57
CA LYS A 1872 -58.34 -33.46 38.75
C LYS A 1872 -56.99 -33.34 38.03
N THR A 1873 -56.66 -32.14 37.56
CA THR A 1873 -55.37 -31.94 36.89
C THR A 1873 -54.21 -32.20 37.85
N GLY A 1874 -54.35 -31.78 39.11
CA GLY A 1874 -53.31 -32.09 40.08
C GLY A 1874 -53.15 -33.57 40.31
N HIS A 1875 -54.27 -34.31 40.37
CA HIS A 1875 -54.19 -35.75 40.52
C HIS A 1875 -53.51 -36.40 39.33
N SER A 1876 -53.86 -35.98 38.11
CA SER A 1876 -53.22 -36.55 36.93
C SER A 1876 -51.73 -36.22 36.91
N PHE A 1877 -51.37 -35.02 37.36
CA PHE A 1877 -49.96 -34.66 37.46
C PHE A 1877 -49.25 -35.57 38.45
N TRP A 1878 -49.90 -35.87 39.58
CA TRP A 1878 -49.27 -36.73 40.56
C TRP A 1878 -49.08 -38.14 40.02
N GLU A 1879 -50.08 -38.66 39.32
CA GLU A 1879 -49.95 -40.01 38.75
C GLU A 1879 -48.85 -40.07 37.71
N ILE A 1880 -48.75 -39.06 36.85
CA ILE A 1880 -47.71 -39.07 35.83
C ILE A 1880 -46.32 -38.88 36.45
N TYR A 1881 -46.21 -37.98 37.43
CA TYR A 1881 -44.94 -37.57 37.98
C TYR A 1881 -44.43 -38.45 39.12
N LYS A 1882 -45.22 -39.44 39.56
CA LYS A 1882 -44.79 -40.27 40.68
C LYS A 1882 -43.73 -41.29 40.29
N MET A 1883 -43.60 -41.62 38.99
CA MET A 1883 -42.60 -42.59 38.57
C MET A 1883 -41.18 -42.08 38.84
N THR A 1884 -40.92 -40.81 38.53
CA THR A 1884 -39.58 -40.27 38.73
C THR A 1884 -39.31 -40.03 40.21
N THR A 1885 -38.02 -39.88 40.53
CA THR A 1885 -37.58 -39.64 41.89
C THR A 1885 -37.31 -38.14 42.06
N ASP A 1886 -38.01 -37.52 43.01
CA ASP A 1886 -37.86 -36.10 43.26
C ASP A 1886 -38.29 -35.76 44.68
N PRO A 1887 -37.51 -34.97 45.42
CA PRO A 1887 -37.91 -34.60 46.78
C PRO A 1887 -39.21 -33.81 46.84
N MET A 1888 -39.60 -33.13 45.76
CA MET A 1888 -40.83 -32.35 45.77
C MET A 1888 -42.05 -33.24 45.98
N LEU A 1889 -41.98 -34.50 45.53
CA LEU A 1889 -43.08 -35.42 45.78
C LEU A 1889 -43.25 -35.68 47.27
N ALA A 1890 -42.13 -35.87 47.98
CA ALA A 1890 -42.20 -36.06 49.42
C ALA A 1890 -42.66 -34.79 50.13
N TYR A 1891 -42.23 -33.63 49.64
CA TYR A 1891 -42.62 -32.37 50.29
C TYR A 1891 -44.12 -32.11 50.16
N LEU A 1892 -44.75 -32.56 49.08
CA LEU A 1892 -46.16 -32.29 48.83
C LEU A 1892 -47.08 -33.38 49.37
N GLN A 1893 -46.53 -34.39 50.05
CA GLN A 1893 -47.37 -35.46 50.59
C GLN A 1893 -48.40 -34.96 51.61
N PRO A 1894 -48.05 -34.18 52.63
CA PRO A 1894 -49.06 -33.77 53.61
C PRO A 1894 -50.19 -32.94 53.03
N PHE A 1895 -49.92 -32.12 52.00
CA PHE A 1895 -50.97 -31.28 51.44
C PHE A 1895 -52.00 -32.09 50.66
N ARG A 1896 -51.56 -33.16 50.01
CA ARG A 1896 -52.48 -33.98 49.22
C ARG A 1896 -53.44 -34.75 50.11
N THR A 1897 -54.69 -34.85 49.65
CA THR A 1897 -55.71 -35.62 50.34
C THR A 1897 -56.53 -36.38 49.32
N SER A 1898 -57.13 -37.48 49.77
CA SER A 1898 -57.94 -38.33 48.91
C SER A 1898 -59.42 -38.04 49.16
N ARG A 1899 -60.13 -37.66 48.10
CA ARG A 1899 -61.55 -37.35 48.18
C ARG A 1899 -62.29 -38.05 47.05
N LYS A 1900 -63.53 -38.46 47.34
CA LYS A 1900 -64.34 -39.12 46.31
C LYS A 1900 -64.71 -38.16 45.18
N LYS A 1901 -65.00 -36.91 45.51
CA LYS A 1901 -65.46 -35.91 44.55
C LYS A 1901 -64.36 -34.89 44.36
N PHE A 1902 -63.95 -34.69 43.10
CA PHE A 1902 -62.87 -33.77 42.78
C PHE A 1902 -63.29 -32.33 43.02
N LEU A 1903 -62.33 -31.51 43.43
CA LEU A 1903 -62.60 -30.09 43.66
C LEU A 1903 -63.07 -29.42 42.38
N GLU A 1904 -64.15 -28.64 42.49
CA GLU A 1904 -64.77 -27.96 41.35
C GLU A 1904 -64.50 -26.47 41.47
N VAL A 1905 -63.90 -25.89 40.44
CA VAL A 1905 -63.62 -24.46 40.39
C VAL A 1905 -64.84 -23.76 39.80
N PRO A 1906 -65.50 -22.85 40.51
CA PRO A 1906 -66.69 -22.21 39.96
C PRO A 1906 -66.38 -21.39 38.73
N ARG A 1907 -67.32 -21.40 37.78
CA ARG A 1907 -67.20 -20.64 36.54
C ARG A 1907 -68.32 -19.62 36.48
N PHE A 1908 -67.96 -18.35 36.32
CA PHE A 1908 -68.93 -17.27 36.24
C PHE A 1908 -68.90 -16.65 34.85
N ASP A 1909 -70.08 -16.38 34.30
CA ASP A 1909 -70.23 -15.83 32.96
C ASP A 1909 -70.48 -14.33 33.07
N LYS A 1910 -69.44 -13.54 32.84
CA LYS A 1910 -69.57 -12.10 32.85
C LYS A 1910 -70.40 -11.62 31.67
N GLU A 1911 -71.16 -10.54 31.89
CA GLU A 1911 -71.96 -9.97 30.81
C GLU A 1911 -71.08 -9.47 29.67
N ASN A 1912 -69.98 -8.79 30.00
CA ASN A 1912 -69.01 -8.34 29.01
C ASN A 1912 -67.61 -8.59 29.55
N PRO A 1913 -67.01 -9.73 29.20
CA PRO A 1913 -65.67 -10.03 29.71
C PRO A 1913 -64.59 -9.07 29.24
N PHE A 1914 -64.83 -8.33 28.16
CA PHE A 1914 -63.81 -7.45 27.60
C PHE A 1914 -63.72 -6.09 28.28
N GLU A 1915 -64.70 -5.74 29.13
CA GLU A 1915 -64.66 -4.42 29.75
C GLU A 1915 -63.51 -4.27 30.73
N GLY A 1916 -63.11 -5.38 31.38
CA GLY A 1916 -62.02 -5.31 32.33
C GLY A 1916 -60.68 -5.00 31.68
N LEU A 1917 -60.45 -5.56 30.49
CA LEU A 1917 -59.16 -5.40 29.81
C LEU A 1917 -59.13 -4.25 28.82
N ASP A 1918 -60.29 -3.76 28.38
CA ASP A 1918 -60.36 -2.67 27.41
C ASP A 1918 -60.24 -1.33 28.13
N ASP A 1919 -59.03 -1.05 28.59
CA ASP A 1919 -58.74 0.20 29.29
C ASP A 1919 -57.29 0.56 29.01
N ILE A 1920 -57.07 1.67 28.29
CA ILE A 1920 -55.70 2.10 28.00
C ILE A 1920 -54.99 2.55 29.27
N ASN A 1921 -55.72 3.14 30.23
CA ASN A 1921 -55.11 3.55 31.48
C ASN A 1921 -54.65 2.35 32.30
N LEU A 1922 -55.43 1.26 32.27
CA LEU A 1922 -55.05 0.07 33.03
C LEU A 1922 -53.77 -0.55 32.49
N TRP A 1923 -53.59 -0.57 31.17
CA TRP A 1923 -52.40 -1.18 30.60
C TRP A 1923 -51.17 -0.32 30.82
N ILE A 1924 -51.31 1.00 30.79
CA ILE A 1924 -50.17 1.90 30.98
C ILE A 1924 -50.50 2.93 32.06
N PRO A 1925 -50.52 2.55 33.34
CA PRO A 1925 -50.55 3.56 34.40
C PRO A 1925 -49.22 4.30 34.47
N LEU A 1926 -48.15 3.54 34.60
CA LEU A 1926 -46.76 4.03 34.60
C LEU A 1926 -46.60 5.27 35.45
N SER A 1927 -46.87 5.11 36.74
CA SER A 1927 -46.66 6.14 37.75
C SER A 1927 -45.44 5.81 38.61
N GLU A 1928 -44.41 5.26 37.97
CA GLU A 1928 -43.21 4.78 38.65
C GLU A 1928 -43.54 3.73 39.70
N ASN A 1929 -44.56 2.91 39.43
CA ASN A 1929 -45.00 1.84 40.33
C ASN A 1929 -45.26 0.58 39.50
N HIS A 1930 -44.21 -0.22 39.32
CA HIS A 1930 -44.33 -1.45 38.53
C HIS A 1930 -45.03 -2.56 39.28
N ASP A 1931 -44.82 -2.63 40.60
CA ASP A 1931 -45.39 -3.74 41.38
C ASP A 1931 -46.91 -3.70 41.36
N ILE A 1932 -47.49 -2.52 41.57
CA ILE A 1932 -48.95 -2.44 41.59
C ILE A 1932 -49.49 -2.56 40.17
N TRP A 1933 -48.69 -2.17 39.17
CA TRP A 1933 -49.13 -2.31 37.78
C TRP A 1933 -49.27 -3.78 37.42
N ILE A 1934 -48.23 -4.57 37.71
CA ILE A 1934 -48.29 -6.00 37.37
C ILE A 1934 -49.33 -6.70 38.23
N LYS A 1935 -49.50 -6.29 39.49
CA LYS A 1935 -50.51 -6.92 40.33
C LYS A 1935 -51.91 -6.64 39.80
N THR A 1936 -52.19 -5.39 39.43
CA THR A 1936 -53.50 -5.04 38.91
C THR A 1936 -53.76 -5.73 37.57
N LEU A 1937 -52.75 -5.79 36.70
CA LEU A 1937 -52.94 -6.46 35.42
C LEU A 1937 -53.22 -7.95 35.60
N THR A 1938 -52.48 -8.60 36.51
CA THR A 1938 -52.72 -10.02 36.78
C THR A 1938 -54.12 -10.24 37.38
N CYS A 1939 -54.53 -9.37 38.31
CA CYS A 1939 -55.86 -9.51 38.89
C CYS A 1939 -56.95 -9.31 37.84
N ALA A 1940 -56.77 -8.31 36.96
CA ALA A 1940 -57.74 -8.06 35.92
C ALA A 1940 -57.85 -9.25 34.97
N PHE A 1941 -56.72 -9.86 34.62
CA PHE A 1941 -56.74 -11.06 33.79
C PHE A 1941 -57.44 -12.21 34.52
N LEU A 1942 -57.18 -12.35 35.82
CA LEU A 1942 -57.76 -13.46 36.58
C LEU A 1942 -59.28 -13.33 36.70
N ASP A 1943 -59.77 -12.12 36.98
CA ASP A 1943 -61.21 -11.92 37.12
C ASP A 1943 -61.96 -12.01 35.80
N SER A 1944 -61.26 -11.99 34.66
CA SER A 1944 -61.93 -12.13 33.38
C SER A 1944 -62.41 -13.56 33.19
N GLY A 1945 -63.54 -13.71 32.51
CA GLY A 1945 -64.13 -15.01 32.26
C GLY A 1945 -63.54 -15.78 31.11
N GLY A 1946 -62.57 -15.21 30.40
CA GLY A 1946 -61.97 -15.90 29.28
C GLY A 1946 -61.14 -17.11 29.69
N THR A 1947 -60.57 -17.07 30.90
CA THR A 1947 -59.72 -18.15 31.36
C THR A 1947 -60.54 -19.44 31.51
N LYS A 1948 -60.01 -20.54 30.96
CA LYS A 1948 -60.68 -21.83 31.01
C LYS A 1948 -59.97 -22.84 31.90
N CYS A 1949 -58.65 -22.79 31.98
CA CYS A 1949 -57.91 -23.75 32.79
C CYS A 1949 -58.15 -23.49 34.27
N GLU A 1950 -58.31 -24.58 35.03
CA GLU A 1950 -58.73 -24.46 36.42
C GLU A 1950 -57.60 -24.03 37.35
N ILE A 1951 -56.36 -24.45 37.08
CA ILE A 1951 -55.27 -24.16 38.01
C ILE A 1951 -54.96 -22.67 38.05
N LEU A 1952 -55.13 -21.97 36.92
CA LEU A 1952 -54.81 -20.54 36.89
C LEU A 1952 -55.74 -19.73 37.76
N GLN A 1953 -57.00 -20.15 37.90
CA GLN A 1953 -57.96 -19.40 38.70
C GLN A 1953 -57.61 -19.42 40.19
N LEU A 1954 -56.94 -20.48 40.65
CA LEU A 1954 -56.61 -20.64 42.06
C LEU A 1954 -55.31 -19.96 42.44
N LEU A 1955 -54.63 -19.31 41.51
CA LEU A 1955 -53.34 -18.66 41.77
C LEU A 1955 -53.49 -17.21 42.21
N LYS A 1956 -54.72 -16.72 42.37
CA LYS A 1956 -54.92 -15.33 42.77
C LYS A 1956 -54.31 -14.99 44.13
N PRO A 1957 -54.52 -15.78 45.20
CA PRO A 1957 -53.90 -15.41 46.49
C PRO A 1957 -52.39 -15.38 46.43
N MET A 1958 -51.76 -16.27 45.66
CA MET A 1958 -50.30 -16.23 45.52
C MET A 1958 -49.87 -15.05 44.68
N CYS A 1959 -50.66 -14.69 43.67
CA CYS A 1959 -50.33 -13.54 42.83
C CYS A 1959 -50.42 -12.24 43.62
N GLU A 1960 -51.38 -12.14 44.53
CA GLU A 1960 -51.61 -10.89 45.26
C GLU A 1960 -50.50 -10.58 46.25
N VAL A 1961 -49.59 -11.52 46.52
CA VAL A 1961 -48.53 -11.30 47.50
C VAL A 1961 -47.15 -11.25 46.87
N LYS A 1962 -46.98 -11.71 45.63
CA LYS A 1962 -45.69 -11.70 44.97
C LYS A 1962 -45.82 -11.13 43.56
N THR A 1963 -44.98 -10.15 43.23
CA THR A 1963 -44.95 -9.61 41.88
C THR A 1963 -44.21 -10.52 40.91
N ASP A 1964 -43.19 -11.24 41.38
CA ASP A 1964 -42.47 -12.16 40.52
C ASP A 1964 -43.38 -13.28 40.03
N PHE A 1965 -44.26 -13.78 40.90
CA PHE A 1965 -45.23 -14.79 40.48
C PHE A 1965 -46.18 -14.22 39.44
N CYS A 1966 -46.60 -12.96 39.60
CA CYS A 1966 -47.47 -12.33 38.61
C CYS A 1966 -46.77 -12.23 37.27
N GLN A 1967 -45.50 -11.83 37.27
CA GLN A 1967 -44.75 -11.73 36.01
C GLN A 1967 -44.59 -13.10 35.37
N THR A 1968 -44.36 -14.13 36.18
CA THR A 1968 -44.21 -15.48 35.63
C THR A 1968 -45.52 -15.99 35.05
N VAL A 1969 -46.64 -15.75 35.73
CA VAL A 1969 -47.92 -16.32 35.30
C VAL A 1969 -48.55 -15.52 34.16
N LEU A 1970 -48.18 -14.24 33.98
CA LEU A 1970 -48.82 -13.43 32.95
C LEU A 1970 -48.73 -14.03 31.55
N PRO A 1971 -47.58 -14.51 31.08
CA PRO A 1971 -47.57 -15.17 29.76
C PRO A 1971 -48.48 -16.38 29.68
N TYR A 1972 -48.59 -17.15 30.76
CA TYR A 1972 -49.47 -18.31 30.76
C TYR A 1972 -50.93 -17.87 30.70
N LEU A 1973 -51.29 -16.81 31.43
CA LEU A 1973 -52.65 -16.30 31.38
C LEU A 1973 -52.99 -15.79 29.99
N ILE A 1974 -52.06 -15.07 29.36
CA ILE A 1974 -52.31 -14.56 28.01
C ILE A 1974 -52.48 -15.71 27.03
N HIS A 1975 -51.63 -16.74 27.14
CA HIS A 1975 -51.75 -17.89 26.26
C HIS A 1975 -53.09 -18.60 26.46
N ASP A 1976 -53.51 -18.75 27.72
CA ASP A 1976 -54.78 -19.41 27.99
C ASP A 1976 -55.96 -18.62 27.43
N ILE A 1977 -55.89 -17.29 27.54
CA ILE A 1977 -56.94 -16.45 26.97
C ILE A 1977 -56.99 -16.61 25.46
N LEU A 1978 -55.81 -16.60 24.81
CA LEU A 1978 -55.79 -16.66 23.36
C LEU A 1978 -56.19 -18.03 22.82
N LEU A 1979 -55.96 -19.09 23.60
CA LEU A 1979 -56.39 -20.43 23.16
C LEU A 1979 -57.90 -20.52 23.06
N GLN A 1980 -58.62 -19.94 24.01
CA GLN A 1980 -60.08 -19.95 24.01
C GLN A 1980 -60.68 -18.77 23.25
N ASP A 1981 -59.86 -17.95 22.60
CA ASP A 1981 -60.36 -16.78 21.89
C ASP A 1981 -61.29 -17.20 20.75
N THR A 1982 -62.41 -16.49 20.64
CA THR A 1982 -63.38 -16.70 19.57
C THR A 1982 -63.61 -15.38 18.83
N ASN A 1983 -63.71 -15.47 17.51
CA ASN A 1983 -63.91 -14.31 16.62
C ASN A 1983 -62.75 -13.32 16.69
N GLU A 1984 -61.62 -13.74 17.27
CA GLU A 1984 -60.41 -12.93 17.36
C GLU A 1984 -60.64 -11.60 18.10
N SER A 1985 -61.63 -11.57 18.99
CA SER A 1985 -61.87 -10.36 19.76
C SER A 1985 -60.77 -10.15 20.81
N TRP A 1986 -60.43 -11.22 21.55
CA TRP A 1986 -59.36 -11.12 22.54
C TRP A 1986 -58.03 -10.88 21.85
N ARG A 1987 -57.80 -11.53 20.70
CA ARG A 1987 -56.55 -11.33 19.99
C ARG A 1987 -56.39 -9.89 19.54
N ASN A 1988 -57.45 -9.29 18.99
CA ASN A 1988 -57.38 -7.90 18.57
C ASN A 1988 -57.20 -6.96 19.76
N LEU A 1989 -57.91 -7.22 20.87
CA LEU A 1989 -57.80 -6.35 22.03
C LEU A 1989 -56.38 -6.41 22.61
N LEU A 1990 -55.81 -7.61 22.71
CA LEU A 1990 -54.46 -7.73 23.25
C LEU A 1990 -53.44 -7.14 22.29
N SER A 1991 -53.66 -7.31 20.98
CA SER A 1991 -52.73 -6.77 20.00
C SER A 1991 -52.70 -5.26 20.08
N THR A 1992 -53.87 -4.62 20.18
CA THR A 1992 -53.88 -3.16 20.17
C THR A 1992 -53.40 -2.61 21.51
N HIS A 1993 -53.64 -3.31 22.61
CA HIS A 1993 -53.14 -2.80 23.90
C HIS A 1993 -51.63 -2.97 24.00
N VAL A 1994 -51.09 -4.10 23.54
CA VAL A 1994 -49.66 -4.30 23.57
C VAL A 1994 -48.96 -3.33 22.62
N GLN A 1995 -49.56 -3.09 21.44
CA GLN A 1995 -48.99 -2.11 20.52
C GLN A 1995 -49.01 -0.71 21.12
N GLY A 1996 -50.09 -0.34 21.81
CA GLY A 1996 -50.12 0.95 22.48
C GLY A 1996 -49.07 1.07 23.56
N PHE A 1997 -48.85 -0.02 24.31
CA PHE A 1997 -47.80 -0.02 25.32
C PHE A 1997 -46.43 0.16 24.68
N PHE A 1998 -46.17 -0.54 23.58
CA PHE A 1998 -44.88 -0.42 22.92
C PHE A 1998 -44.67 0.97 22.35
N THR A 1999 -45.71 1.57 21.79
CA THR A 1999 -45.61 2.95 21.31
C THR A 1999 -45.35 3.91 22.47
N SER A 2000 -45.99 3.68 23.62
CA SER A 2000 -45.72 4.51 24.78
C SER A 2000 -44.29 4.34 25.27
N CYS A 2001 -43.68 3.17 25.00
CA CYS A 2001 -42.26 3.01 25.28
C CYS A 2001 -41.43 3.84 24.31
N LEU A 2002 -41.66 3.64 23.00
CA LEU A 2002 -40.90 4.38 21.98
C LEU A 2002 -40.92 5.88 22.24
N ARG A 2003 -42.10 6.42 22.58
CA ARG A 2003 -42.31 7.83 22.88
C ARG A 2003 -41.11 8.49 23.57
N HIS A 2004 -40.69 9.65 23.05
CA HIS A 2004 -39.54 10.46 23.47
C HIS A 2004 -38.26 9.68 23.25
N CYS A 2027 -44.24 6.88 28.20
CA CYS A 2027 -43.17 7.84 28.45
C CYS A 2027 -42.45 7.52 29.76
N CYS A 2028 -41.12 7.37 29.66
CA CYS A 2028 -40.24 7.12 30.80
C CYS A 2028 -40.78 5.98 31.67
N LEU A 2029 -40.69 4.78 31.11
CA LEU A 2029 -41.20 3.58 31.74
C LEU A 2029 -40.11 2.86 32.52
N ASP A 2030 -40.53 1.89 33.32
CA ASP A 2030 -39.64 1.17 34.23
C ASP A 2030 -39.06 -0.05 33.53
N LYS A 2031 -37.74 -0.19 33.61
CA LYS A 2031 -37.02 -1.26 32.93
C LYS A 2031 -37.50 -2.66 33.30
N LYS A 2032 -38.43 -2.77 34.24
CA LYS A 2032 -39.00 -4.07 34.59
C LYS A 2032 -40.23 -4.40 33.77
N SER A 2033 -41.10 -3.41 33.52
CA SER A 2033 -42.29 -3.65 32.71
C SER A 2033 -41.92 -4.04 31.28
N GLN A 2034 -40.92 -3.36 30.71
CA GLN A 2034 -40.49 -3.68 29.36
C GLN A 2034 -39.93 -5.09 29.28
N ARG A 2035 -39.13 -5.48 30.28
CA ARG A 2035 -38.58 -6.84 30.29
C ARG A 2035 -39.69 -7.87 30.45
N THR A 2036 -40.70 -7.58 31.28
CA THR A 2036 -41.81 -8.49 31.45
C THR A 2036 -42.58 -8.67 30.14
N MET A 2037 -42.83 -7.57 29.43
CA MET A 2037 -43.54 -7.68 28.16
C MET A 2037 -42.70 -8.38 27.10
N LEU A 2038 -41.38 -8.17 27.13
CA LEU A 2038 -40.49 -8.89 26.22
C LEU A 2038 -40.51 -10.38 26.50
N ALA A 2039 -40.53 -10.76 27.78
CA ALA A 2039 -40.64 -12.17 28.14
C ALA A 2039 -41.98 -12.74 27.72
N VAL A 2040 -43.05 -11.94 27.81
CA VAL A 2040 -44.36 -12.39 27.35
C VAL A 2040 -44.34 -12.68 25.85
N VAL A 2041 -43.74 -11.76 25.08
CA VAL A 2041 -43.65 -11.95 23.64
C VAL A 2041 -42.80 -13.16 23.31
N ASP A 2042 -41.67 -13.33 24.00
CA ASP A 2042 -40.80 -14.47 23.75
C ASP A 2042 -41.50 -15.79 24.06
N TYR A 2043 -42.25 -15.83 25.17
CA TYR A 2043 -42.98 -17.05 25.49
C TYR A 2043 -44.06 -17.35 24.45
N MET A 2044 -44.79 -16.33 24.02
CA MET A 2044 -45.85 -16.55 23.04
C MET A 2044 -45.28 -16.94 21.68
N ARG A 2045 -44.04 -16.53 21.39
CA ARG A 2045 -43.44 -16.88 20.11
C ARG A 2045 -43.15 -18.37 19.98
N ARG A 2046 -43.01 -19.08 21.10
CA ARG A 2046 -42.64 -20.48 21.11
C ARG A 2046 -43.83 -21.42 21.17
N GLN A 2047 -45.05 -20.90 21.13
CA GLN A 2047 -46.26 -21.71 21.26
C GLN A 2047 -46.87 -21.98 19.89
N LYS A 2048 -47.36 -23.20 19.70
CA LYS A 2048 -48.01 -23.60 18.45
C LYS A 2048 -49.45 -23.10 18.44
N ARG A 2049 -49.83 -22.42 17.36
CA ARG A 2049 -51.18 -21.93 17.22
C ARG A 2049 -52.14 -23.10 16.96
N PRO A 2050 -53.41 -22.96 17.38
CA PRO A 2050 -54.37 -24.05 17.14
C PRO A 2050 -54.51 -24.40 15.67
N SER A 2051 -54.47 -23.40 14.79
CA SER A 2051 -54.51 -23.68 13.36
C SER A 2051 -53.17 -24.21 12.89
N SER A 2052 -53.21 -25.15 11.94
CA SER A 2052 -51.99 -25.73 11.41
C SER A 2052 -51.16 -24.66 10.70
N GLY A 2053 -49.87 -24.65 11.01
CA GLY A 2053 -49.00 -23.65 10.42
C GLY A 2053 -47.55 -23.92 10.76
N THR A 2054 -46.71 -22.92 10.46
CA THR A 2054 -45.28 -22.99 10.68
C THR A 2054 -44.88 -22.10 11.84
N ILE A 2055 -43.57 -22.01 12.09
CA ILE A 2055 -43.05 -21.19 13.16
C ILE A 2055 -43.30 -19.71 12.88
N PHE A 2056 -43.23 -19.31 11.60
CA PHE A 2056 -43.48 -17.91 11.25
C PHE A 2056 -44.92 -17.52 11.60
N ASN A 2057 -45.88 -18.40 11.33
CA ASN A 2057 -47.25 -18.13 11.75
C ASN A 2057 -47.37 -18.10 13.27
N ASP A 2058 -46.65 -18.99 13.96
CA ASP A 2058 -46.67 -19.00 15.41
C ASP A 2058 -46.05 -17.74 16.01
N ALA A 2059 -45.22 -17.03 15.26
CA ALA A 2059 -44.60 -15.81 15.75
C ALA A 2059 -45.56 -14.64 15.81
N PHE A 2060 -46.80 -14.80 15.33
CA PHE A 2060 -47.77 -13.71 15.25
C PHE A 2060 -49.07 -14.10 15.95
N TRP A 2061 -48.95 -14.61 17.18
CA TRP A 2061 -50.14 -14.82 18.01
C TRP A 2061 -50.94 -13.54 18.14
N LEU A 2062 -50.26 -12.40 18.20
CA LEU A 2062 -50.90 -11.09 18.24
C LEU A 2062 -50.43 -10.25 17.06
N ASP A 2063 -51.31 -9.39 16.57
CA ASP A 2063 -50.96 -8.52 15.45
C ASP A 2063 -50.05 -7.41 15.95
N LEU A 2064 -48.75 -7.66 15.98
CA LEU A 2064 -47.78 -6.75 16.56
C LEU A 2064 -46.78 -6.28 15.50
N ASN A 2065 -46.30 -5.05 15.68
CA ASN A 2065 -45.23 -4.51 14.84
C ASN A 2065 -43.92 -4.84 15.53
N TYR A 2066 -43.22 -5.85 15.00
CA TYR A 2066 -42.03 -6.36 15.66
C TYR A 2066 -40.86 -5.38 15.64
N LEU A 2067 -40.91 -4.35 14.79
CA LEU A 2067 -39.85 -3.33 14.81
C LEU A 2067 -39.83 -2.59 16.14
N GLU A 2068 -41.01 -2.23 16.65
CA GLU A 2068 -41.08 -1.56 17.96
C GLU A 2068 -40.59 -2.47 19.07
N VAL A 2069 -40.96 -3.75 19.01
CA VAL A 2069 -40.50 -4.70 20.03
C VAL A 2069 -38.98 -4.87 19.97
N ALA A 2070 -38.43 -4.91 18.76
CA ALA A 2070 -36.98 -5.00 18.60
C ALA A 2070 -36.29 -3.75 19.16
N LYS A 2071 -36.87 -2.57 18.91
CA LYS A 2071 -36.30 -1.35 19.46
C LYS A 2071 -36.33 -1.36 20.99
N VAL A 2072 -37.43 -1.84 21.58
CA VAL A 2072 -37.52 -1.94 23.03
C VAL A 2072 -36.49 -2.94 23.56
N ALA A 2073 -36.33 -4.08 22.88
CA ALA A 2073 -35.36 -5.08 23.30
C ALA A 2073 -33.94 -4.52 23.24
N GLN A 2074 -33.63 -3.75 22.19
CA GLN A 2074 -32.33 -3.10 22.11
C GLN A 2074 -32.17 -2.10 23.26
N SER A 2075 -33.23 -1.37 23.59
CA SER A 2075 -33.18 -0.49 24.75
C SER A 2075 -32.97 -1.29 26.03
N CYS A 2076 -33.62 -2.44 26.14
CA CYS A 2076 -33.43 -3.37 27.25
C CYS A 2076 -32.17 -4.22 27.11
N ALA A 2077 -31.30 -3.89 26.15
CA ALA A 2077 -30.03 -4.59 25.94
C ALA A 2077 -30.22 -6.06 25.64
N ALA A 2078 -31.31 -6.42 24.95
CA ALA A 2078 -31.53 -7.78 24.46
C ALA A 2078 -31.16 -7.79 22.98
N HIS A 2079 -29.85 -7.92 22.72
CA HIS A 2079 -29.33 -7.71 21.37
C HIS A 2079 -29.77 -8.83 20.42
N PHE A 2080 -29.62 -10.10 20.84
CA PHE A 2080 -30.02 -11.20 19.98
C PHE A 2080 -31.53 -11.22 19.78
N THR A 2081 -32.29 -10.94 20.83
CA THR A 2081 -33.74 -10.88 20.71
C THR A 2081 -34.15 -9.75 19.78
N ALA A 2082 -33.48 -8.60 19.89
CA ALA A 2082 -33.79 -7.48 19.01
C ALA A 2082 -33.48 -7.82 17.56
N LEU A 2083 -32.35 -8.51 17.33
CA LEU A 2083 -32.00 -8.90 15.97
C LEU A 2083 -33.03 -9.86 15.38
N LEU A 2084 -33.45 -10.85 16.16
CA LEU A 2084 -34.46 -11.80 15.68
C LEU A 2084 -35.78 -11.10 15.42
N TYR A 2085 -36.18 -10.19 16.31
CA TYR A 2085 -37.44 -9.46 16.10
C TYR A 2085 -37.36 -8.57 14.87
N ALA A 2086 -36.22 -7.93 14.64
CA ALA A 2086 -36.06 -7.09 13.46
C ALA A 2086 -36.15 -7.93 12.18
N GLU A 2087 -35.52 -9.10 12.18
CA GLU A 2087 -35.61 -9.96 11.01
C GLU A 2087 -37.04 -10.44 10.79
N ILE A 2088 -37.75 -10.76 11.87
CA ILE A 2088 -39.15 -11.17 11.74
C ILE A 2088 -40.00 -10.04 11.19
N TYR A 2089 -39.78 -8.82 11.68
CA TYR A 2089 -40.53 -7.67 11.19
C TYR A 2089 -40.25 -7.42 9.71
N ALA A 2090 -38.99 -7.51 9.30
CA ALA A 2090 -38.65 -7.29 7.89
C ALA A 2090 -39.29 -8.35 7.01
N ASP A 2091 -39.28 -9.62 7.45
CA ASP A 2091 -39.90 -10.68 6.67
C ASP A 2091 -41.40 -10.48 6.58
N LYS A 2092 -42.04 -10.10 7.69
CA LYS A 2092 -43.49 -9.89 7.69
C LYS A 2092 -43.87 -8.72 6.78
N LYS A 2093 -43.12 -7.62 6.84
CA LYS A 2093 -43.44 -6.48 6.00
C LYS A 2093 -43.20 -6.78 4.52
N SER A 2094 -42.16 -7.57 4.22
CA SER A 2094 -41.93 -7.97 2.83
C SER A 2094 -43.08 -8.85 2.33
N MET A 2095 -43.54 -9.79 3.16
CA MET A 2095 -44.67 -10.63 2.77
C MET A 2095 -45.93 -9.80 2.58
N ASP A 2096 -46.16 -8.84 3.47
CA ASP A 2096 -47.34 -7.97 3.33
C ASP A 2096 -47.27 -7.15 2.05
N ASP A 2097 -46.09 -6.61 1.73
CA ASP A 2097 -45.94 -5.86 0.49
C ASP A 2097 -46.17 -6.74 -0.73
N GLN A 2098 -45.65 -7.97 -0.70
CA GLN A 2098 -45.85 -8.88 -1.82
C GLN A 2098 -47.33 -9.23 -1.98
N GLU A 2099 -48.03 -9.46 -0.87
CA GLU A 2099 -49.46 -9.76 -0.95
C GLU A 2099 -50.25 -8.57 -1.46
N LYS A 2100 -49.89 -7.36 -1.02
CA LYS A 2100 -50.60 -6.16 -1.48
C LYS A 2100 -50.37 -5.93 -2.97
N ARG A 2101 -49.13 -6.16 -3.44
CA ARG A 2101 -48.84 -5.96 -4.86
C ARG A 2101 -49.51 -7.00 -5.74
N SER A 2102 -49.92 -8.13 -5.18
CA SER A 2102 -50.58 -9.18 -5.95
C SER A 2102 -52.09 -9.08 -5.84
N THR A 2112 -37.84 -4.70 -2.88
CA THR A 2112 -37.33 -3.61 -2.05
C THR A 2112 -36.05 -4.02 -1.33
N THR A 2113 -35.04 -3.15 -1.39
CA THR A 2113 -33.77 -3.40 -0.76
C THR A 2113 -33.81 -2.99 0.72
N ILE A 2114 -32.67 -3.09 1.39
CA ILE A 2114 -32.59 -2.71 2.80
C ILE A 2114 -32.82 -1.21 2.97
N SER A 2115 -32.21 -0.40 2.09
CA SER A 2115 -32.38 1.05 2.20
C SER A 2115 -33.82 1.47 1.98
N SER A 2116 -34.48 0.90 0.97
CA SER A 2116 -35.87 1.22 0.71
C SER A 2116 -36.77 0.79 1.86
N LEU A 2117 -36.52 -0.40 2.41
CA LEU A 2117 -37.34 -0.87 3.53
C LEU A 2117 -37.14 0.01 4.75
N SER A 2118 -35.90 0.47 4.98
CA SER A 2118 -35.65 1.39 6.09
C SER A 2118 -36.34 2.74 5.86
N GLU A 2119 -36.37 3.21 4.61
CA GLU A 2119 -37.06 4.46 4.32
C GLU A 2119 -38.55 4.34 4.57
N LYS A 2120 -39.15 3.23 4.16
CA LYS A 2120 -40.58 3.01 4.44
C LYS A 2120 -40.83 2.89 5.93
N SER A 2121 -39.93 2.21 6.66
CA SER A 2121 -40.10 2.11 8.11
C SER A 2121 -40.03 3.49 8.76
N LYS A 2122 -39.11 4.33 8.32
CA LYS A 2122 -38.99 5.67 8.86
C LYS A 2122 -40.22 6.50 8.54
N GLU A 2123 -40.76 6.38 7.32
CA GLU A 2123 -41.91 7.19 6.94
C GLU A 2123 -43.22 6.62 7.48
N GLU A 2124 -43.22 5.43 8.07
CA GLU A 2124 -44.42 4.84 8.64
C GLU A 2124 -44.44 4.89 10.16
N THR A 2125 -43.40 4.36 10.83
CA THR A 2125 -43.36 4.31 12.28
C THR A 2125 -42.29 5.19 12.89
N GLY A 2126 -41.45 5.83 12.07
CA GLY A 2126 -40.43 6.72 12.57
C GLY A 2126 -39.16 6.05 13.04
N ILE A 2127 -39.02 4.74 12.84
CA ILE A 2127 -37.84 3.99 13.26
C ILE A 2127 -37.19 3.42 12.01
N SER A 2128 -35.88 3.66 11.86
CA SER A 2128 -35.13 3.17 10.71
C SER A 2128 -34.61 1.77 11.02
N LEU A 2129 -34.97 0.81 10.16
CA LEU A 2129 -34.53 -0.57 10.35
C LEU A 2129 -33.02 -0.71 10.22
N GLN A 2130 -32.42 -0.03 9.23
CA GLN A 2130 -30.98 -0.11 9.04
C GLN A 2130 -30.23 0.47 10.23
N ASP A 2131 -30.69 1.62 10.75
CA ASP A 2131 -30.04 2.21 11.91
C ASP A 2131 -30.15 1.30 13.12
N LEU A 2132 -31.34 0.74 13.36
CA LEU A 2132 -31.53 -0.14 14.51
C LEU A 2132 -30.65 -1.37 14.39
N LEU A 2133 -30.55 -1.93 13.17
CA LEU A 2133 -29.66 -3.07 12.98
C LEU A 2133 -28.21 -2.66 13.19
N LEU A 2134 -27.89 -1.39 12.94
CA LEU A 2134 -26.54 -0.91 13.15
C LEU A 2134 -26.20 -0.90 14.62
N GLU A 2135 -27.07 -0.32 15.45
CA GLU A 2135 -26.78 -0.33 16.89
C GLU A 2135 -26.83 -1.75 17.45
N ILE A 2136 -27.70 -2.61 16.93
CA ILE A 2136 -27.76 -3.99 17.40
C ILE A 2136 -26.44 -4.70 17.12
N TYR A 2137 -25.91 -4.54 15.90
CA TYR A 2137 -24.65 -5.20 15.55
C TYR A 2137 -23.47 -4.59 16.30
N ARG A 2138 -23.49 -3.27 16.53
CA ARG A 2138 -22.44 -2.66 17.34
C ARG A 2138 -22.46 -3.18 18.77
N SER A 2139 -23.66 -3.34 19.34
CA SER A 2139 -23.78 -3.90 20.68
C SER A 2139 -23.31 -5.35 20.72
N ILE A 2140 -23.62 -6.13 19.68
CA ILE A 2140 -23.15 -7.51 19.62
C ILE A 2140 -21.63 -7.54 19.57
N GLY A 2141 -21.04 -6.68 18.75
CA GLY A 2141 -19.59 -6.55 18.70
C GLY A 2141 -18.87 -7.52 17.80
N GLU A 2142 -19.57 -8.28 16.98
CA GLU A 2142 -18.91 -9.21 16.08
C GLU A 2142 -18.30 -8.41 14.93
N PRO A 2143 -16.99 -8.52 14.68
CA PRO A 2143 -16.34 -7.61 13.72
C PRO A 2143 -16.90 -7.71 12.30
N ASP A 2144 -17.25 -8.92 11.85
CA ASP A 2144 -17.67 -9.09 10.46
C ASP A 2144 -19.08 -8.57 10.21
N SER A 2145 -19.96 -8.65 11.21
CA SER A 2145 -21.35 -8.24 11.03
C SER A 2145 -21.51 -6.75 10.85
N LEU A 2146 -20.49 -5.95 11.21
CA LEU A 2146 -20.60 -4.51 11.08
C LEU A 2146 -20.67 -4.06 9.62
N TYR A 2147 -20.09 -4.84 8.72
CA TYR A 2147 -20.11 -4.50 7.30
C TYR A 2147 -21.41 -4.88 6.61
N GLY A 2148 -22.25 -5.69 7.24
CA GLY A 2148 -23.51 -6.08 6.62
C GLY A 2148 -24.46 -4.92 6.43
N CYS A 2149 -24.61 -4.08 7.46
CA CYS A 2149 -25.48 -2.91 7.42
C CYS A 2149 -24.61 -1.66 7.54
N GLY A 2150 -24.12 -1.17 6.40
CA GLY A 2150 -23.28 0.00 6.39
C GLY A 2150 -23.76 1.07 5.43
N GLY A 2151 -24.80 0.75 4.66
CA GLY A 2151 -25.32 1.70 3.68
C GLY A 2151 -26.00 2.91 4.29
N GLY A 2152 -26.42 2.82 5.55
CA GLY A 2152 -27.07 3.93 6.21
C GLY A 2152 -26.05 4.86 6.86
N LYS A 2153 -26.24 6.17 6.65
CA LYS A 2153 -25.38 7.20 7.21
C LYS A 2153 -23.92 6.98 6.84
N MET A 2154 -23.69 6.70 5.56
CA MET A 2154 -22.33 6.47 5.08
C MET A 2154 -21.47 7.71 5.21
N LEU A 2155 -22.02 8.88 4.86
CA LEU A 2155 -21.26 10.11 4.87
C LEU A 2155 -21.17 10.74 6.25
N GLN A 2156 -21.89 10.21 7.23
CA GLN A 2156 -21.84 10.78 8.57
C GLN A 2156 -20.44 10.61 9.17
N PRO A 2157 -19.86 11.66 9.75
CA PRO A 2157 -18.51 11.52 10.31
C PRO A 2157 -18.39 10.49 11.41
N ILE A 2158 -19.44 10.28 12.20
CA ILE A 2158 -19.37 9.30 13.30
C ILE A 2158 -19.19 7.90 12.76
N THR A 2159 -19.94 7.53 11.72
CA THR A 2159 -19.80 6.20 11.13
C THR A 2159 -18.42 6.01 10.52
N ARG A 2160 -17.91 7.04 9.84
CA ARG A 2160 -16.58 6.95 9.26
C ARG A 2160 -15.52 6.77 10.34
N LEU A 2161 -15.65 7.52 11.43
CA LEU A 2161 -14.67 7.42 12.52
C LEU A 2161 -14.73 6.06 13.18
N ARG A 2162 -15.93 5.52 13.38
CA ARG A 2162 -16.05 4.19 13.96
C ARG A 2162 -15.44 3.13 13.04
N THR A 2163 -15.66 3.27 11.73
CA THR A 2163 -15.06 2.34 10.79
C THR A 2163 -13.54 2.42 10.81
N TYR A 2164 -13.00 3.65 10.89
CA TYR A 2164 -11.55 3.82 10.95
C TYR A 2164 -10.98 3.21 12.24
N GLU A 2165 -11.66 3.43 13.37
CA GLU A 2165 -11.17 2.86 14.62
C GLU A 2165 -11.24 1.34 14.61
N HIS A 2166 -12.30 0.77 14.02
CA HIS A 2166 -12.40 -0.68 13.95
C HIS A 2166 -11.31 -1.27 13.07
N GLU A 2167 -10.95 -0.58 11.98
CA GLU A 2167 -9.91 -1.02 11.07
C GLU A 2167 -8.52 -0.56 11.46
N ALA A 2168 -8.38 0.06 12.65
CA ALA A 2168 -7.10 0.55 13.15
C ALA A 2168 -6.48 1.61 12.23
N MET A 2169 -7.33 2.37 11.54
CA MET A 2169 -6.87 3.49 10.70
C MET A 2169 -6.78 4.74 11.57
N TRP A 2170 -5.76 4.74 12.43
CA TRP A 2170 -5.62 5.80 13.43
C TRP A 2170 -5.31 7.15 12.80
N GLY A 2171 -4.51 7.15 11.73
CA GLY A 2171 -4.22 8.42 11.06
C GLY A 2171 -5.45 9.03 10.42
N LYS A 2172 -6.25 8.21 9.74
CA LYS A 2172 -7.49 8.71 9.14
C LYS A 2172 -8.47 9.17 10.21
N ALA A 2173 -8.55 8.43 11.32
CA ALA A 2173 -9.44 8.83 12.41
C ALA A 2173 -9.00 10.16 13.00
N LEU A 2174 -7.69 10.35 13.19
CA LEU A 2174 -7.19 11.60 13.73
C LEU A 2174 -7.48 12.76 12.78
N VAL A 2175 -7.29 12.53 11.48
CA VAL A 2175 -7.55 13.59 10.50
C VAL A 2175 -9.02 13.97 10.50
N THR A 2176 -9.90 12.96 10.53
CA THR A 2176 -11.34 13.25 10.53
C THR A 2176 -11.77 13.93 11.82
N TYR A 2177 -11.20 13.52 12.97
CA TYR A 2177 -11.53 14.15 14.23
C TYR A 2177 -11.11 15.62 14.24
N ASP A 2178 -9.92 15.92 13.73
CA ASP A 2178 -9.48 17.31 13.67
C ASP A 2178 -10.32 18.11 12.69
N LEU A 2179 -10.68 17.51 11.55
CA LEU A 2179 -11.40 18.24 10.51
C LEU A 2179 -12.82 18.58 10.95
N GLU A 2180 -13.60 17.57 11.32
CA GLU A 2180 -14.99 17.79 11.69
C GLU A 2180 -15.09 18.53 13.02
N THR A 2181 -16.05 19.45 13.10
CA THR A 2181 -16.26 20.27 14.29
C THR A 2181 -17.62 20.07 14.93
N ALA A 2182 -18.67 19.75 14.15
CA ALA A 2182 -20.00 19.60 14.71
C ALA A 2182 -20.11 18.43 15.68
N ILE A 2183 -19.14 17.51 15.66
CA ILE A 2183 -19.12 16.41 16.63
C ILE A 2183 -18.97 16.99 18.04
N PRO A 2184 -19.63 16.44 19.05
CA PRO A 2184 -19.45 16.96 20.42
C PRO A 2184 -17.99 16.96 20.83
N SER A 2185 -17.59 17.99 21.58
CA SER A 2185 -16.18 18.18 21.91
C SER A 2185 -15.65 17.03 22.76
N SER A 2186 -16.42 16.56 23.74
CA SER A 2186 -15.92 15.57 24.68
C SER A 2186 -15.43 14.33 23.94
N THR A 2187 -16.23 13.84 22.98
CA THR A 2187 -15.78 12.68 22.23
C THR A 2187 -14.81 13.08 21.13
N ARG A 2188 -14.75 14.36 20.77
CA ARG A 2188 -13.81 14.78 19.74
C ARG A 2188 -12.39 14.70 20.27
N GLN A 2189 -12.15 15.28 21.46
CA GLN A 2189 -10.84 15.12 22.06
C GLN A 2189 -10.62 13.73 22.63
N ALA A 2190 -11.68 13.00 22.99
CA ALA A 2190 -11.47 11.60 23.39
C ALA A 2190 -10.91 10.78 22.24
N GLY A 2191 -11.50 10.95 21.04
CA GLY A 2191 -10.97 10.26 19.87
C GLY A 2191 -9.60 10.77 19.47
N ILE A 2192 -9.36 12.08 19.60
CA ILE A 2192 -8.06 12.63 19.24
C ILE A 2192 -6.98 12.04 20.13
N ILE A 2193 -7.24 11.98 21.44
CA ILE A 2193 -6.28 11.42 22.38
C ILE A 2193 -6.06 9.93 22.11
N GLN A 2194 -7.15 9.19 21.85
CA GLN A 2194 -7.00 7.76 21.57
C GLN A 2194 -6.18 7.53 20.31
N ALA A 2195 -6.43 8.31 19.25
CA ALA A 2195 -5.67 8.17 18.02
C ALA A 2195 -4.20 8.54 18.22
N LEU A 2196 -3.95 9.60 18.99
CA LEU A 2196 -2.56 9.99 19.27
C LEU A 2196 -1.84 8.90 20.05
N GLN A 2197 -2.50 8.33 21.06
CA GLN A 2197 -1.87 7.30 21.87
C GLN A 2197 -1.59 6.05 21.05
N ASN A 2198 -2.54 5.66 20.19
CA ASN A 2198 -2.36 4.46 19.39
C ASN A 2198 -1.25 4.61 18.36
N LEU A 2199 -0.86 5.84 18.02
CA LEU A 2199 0.23 6.09 17.10
C LEU A 2199 1.53 6.44 17.82
N GLY A 2200 1.59 6.26 19.12
CA GLY A 2200 2.73 6.72 19.91
C GLY A 2200 2.56 8.19 20.30
N LEU A 2201 3.46 9.04 19.79
CA LEU A 2201 3.34 10.50 19.91
C LEU A 2201 3.09 10.92 21.36
N CYS A 2202 3.87 10.34 22.27
CA CYS A 2202 3.69 10.62 23.69
C CYS A 2202 3.95 12.09 24.01
N HIS A 2203 5.02 12.66 23.45
CA HIS A 2203 5.32 14.06 23.68
C HIS A 2203 4.26 14.96 23.05
N ILE A 2204 3.83 14.62 21.83
CA ILE A 2204 2.79 15.40 21.16
C ILE A 2204 1.49 15.34 21.96
N LEU A 2205 1.13 14.14 22.43
CA LEU A 2205 -0.09 14.00 23.22
C LEU A 2205 0.00 14.78 24.52
N SER A 2206 1.16 14.76 25.18
CA SER A 2206 1.33 15.50 26.42
C SER A 2206 1.19 17.01 26.19
N VAL A 2207 1.81 17.51 25.13
CA VAL A 2207 1.69 18.95 24.84
C VAL A 2207 0.27 19.31 24.45
N TYR A 2208 -0.41 18.43 23.71
CA TYR A 2208 -1.79 18.68 23.34
C TYR A 2208 -2.69 18.73 24.58
N LEU A 2209 -2.46 17.82 25.53
CA LEU A 2209 -3.21 17.84 26.78
C LEU A 2209 -2.94 19.10 27.58
N LYS A 2210 -1.67 19.53 27.62
CA LYS A 2210 -1.34 20.76 28.34
C LYS A 2210 -2.02 21.97 27.71
N GLY A 2211 -2.02 22.04 26.37
CA GLY A 2211 -2.69 23.14 25.70
C GLY A 2211 -4.20 23.11 25.90
N LEU A 2212 -4.79 21.92 25.87
CA LEU A 2212 -6.23 21.79 26.11
C LEU A 2212 -6.58 22.24 27.53
N ASP A 2213 -5.77 21.87 28.51
CA ASP A 2213 -6.01 22.33 29.88
C ASP A 2213 -5.79 23.82 30.01
N TYR A 2214 -4.87 24.39 29.21
CA TYR A 2214 -4.65 25.83 29.24
C TYR A 2214 -5.85 26.58 28.67
N GLU A 2215 -6.42 26.09 27.58
CA GLU A 2215 -7.50 26.82 26.90
C GLU A 2215 -8.87 26.57 27.53
N ASN A 2216 -9.02 25.55 28.36
CA ASN A 2216 -10.31 25.21 28.95
C ASN A 2216 -10.14 24.97 30.44
N LYS A 2217 -11.04 25.55 31.23
CA LYS A 2217 -11.01 25.38 32.68
C LYS A 2217 -11.90 24.24 33.15
N ASP A 2218 -13.05 24.04 32.51
CA ASP A 2218 -13.92 22.93 32.87
C ASP A 2218 -13.26 21.61 32.52
N TRP A 2219 -13.37 20.64 33.42
CA TRP A 2219 -12.71 19.35 33.28
C TRP A 2219 -13.73 18.23 33.50
N CYS A 2220 -14.22 17.66 32.41
CA CYS A 2220 -15.13 16.53 32.49
C CYS A 2220 -14.38 15.26 32.85
N PRO A 2221 -15.07 14.27 33.43
CA PRO A 2221 -14.36 13.05 33.87
C PRO A 2221 -13.66 12.29 32.76
N GLU A 2222 -14.17 12.33 31.53
CA GLU A 2222 -13.52 11.61 30.43
C GLU A 2222 -12.13 12.16 30.16
N LEU A 2223 -11.99 13.48 30.12
CA LEU A 2223 -10.67 14.08 29.89
C LEU A 2223 -9.74 13.85 31.06
N GLU A 2224 -10.26 13.84 32.30
CA GLU A 2224 -9.41 13.50 33.44
C GLU A 2224 -8.95 12.05 33.36
N GLU A 2225 -9.82 11.17 32.88
CA GLU A 2225 -9.46 9.77 32.71
C GLU A 2225 -8.34 9.62 31.68
N LEU A 2226 -8.45 10.34 30.56
CA LEU A 2226 -7.44 10.24 29.52
C LEU A 2226 -6.13 10.89 29.96
N HIS A 2227 -6.22 12.00 30.70
CA HIS A 2227 -5.02 12.65 31.20
C HIS A 2227 -4.28 11.75 32.19
N TYR A 2228 -5.02 11.07 33.07
CA TYR A 2228 -4.38 10.13 33.99
C TYR A 2228 -3.79 8.95 33.24
N GLN A 2229 -4.48 8.47 32.19
CA GLN A 2229 -3.94 7.37 31.41
C GLN A 2229 -2.62 7.77 30.74
N ALA A 2230 -2.57 8.97 30.18
CA ALA A 2230 -1.33 9.43 29.55
C ALA A 2230 -0.25 9.70 30.60
N ALA A 2231 -0.64 10.17 31.78
CA ALA A 2231 0.32 10.46 32.83
C ALA A 2231 1.01 9.19 33.31
N TRP A 2232 0.24 8.13 33.54
CA TRP A 2232 0.86 6.89 34.00
C TRP A 2232 1.57 6.16 32.86
N ARG A 2233 1.05 6.25 31.63
CA ARG A 2233 1.72 5.60 30.51
C ARG A 2233 3.04 6.28 30.17
N ASN A 2234 3.12 7.60 30.32
CA ASN A 2234 4.33 8.35 30.01
C ASN A 2234 5.21 8.58 31.24
N MET A 2235 4.86 7.98 32.38
CA MET A 2235 5.61 8.15 33.62
C MET A 2235 5.74 9.62 34.02
N GLN A 2236 4.65 10.37 33.82
CA GLN A 2236 4.59 11.77 34.26
C GLN A 2236 4.15 11.78 35.72
N TRP A 2237 5.14 11.61 36.61
CA TRP A 2237 4.88 11.46 38.03
C TRP A 2237 4.74 12.80 38.76
N ASP A 2238 4.93 13.92 38.07
CA ASP A 2238 4.81 15.23 38.68
C ASP A 2238 3.42 15.83 38.56
N HIS A 2239 2.46 15.09 38.00
CA HIS A 2239 1.11 15.63 37.87
C HIS A 2239 0.43 15.80 39.21
N CYS A 2240 0.70 14.90 40.16
CA CYS A 2240 0.10 14.97 41.48
C CYS A 2240 0.61 16.19 42.25
N GLY A 2249 -15.94 9.38 42.60
CA GLY A 2249 -15.02 8.36 43.06
C GLY A 2249 -13.83 8.17 42.13
N THR A 2250 -12.77 7.54 42.65
CA THR A 2250 -11.59 7.28 41.84
C THR A 2250 -11.91 6.28 40.74
N SER A 2251 -11.34 6.51 39.56
CA SER A 2251 -11.59 5.68 38.39
C SER A 2251 -10.46 4.69 38.18
N TYR A 2252 -10.48 3.99 37.04
CA TYR A 2252 -9.51 2.93 36.79
C TYR A 2252 -8.10 3.48 36.60
N HIS A 2253 -7.90 4.31 35.57
CA HIS A 2253 -6.56 4.82 35.30
C HIS A 2253 -6.06 5.72 36.41
N GLU A 2254 -6.96 6.46 37.07
CA GLU A 2254 -6.54 7.25 38.23
C GLU A 2254 -6.04 6.35 39.36
N SER A 2255 -6.74 5.24 39.59
CA SER A 2255 -6.28 4.29 40.61
C SER A 2255 -4.94 3.67 40.22
N LEU A 2256 -4.76 3.36 38.93
CA LEU A 2256 -3.49 2.80 38.48
C LEU A 2256 -2.34 3.80 38.69
N TYR A 2257 -2.59 5.07 38.35
CA TYR A 2257 -1.56 6.10 38.54
C TYR A 2257 -1.23 6.30 40.02
N ASN A 2258 -2.26 6.30 40.87
CA ASN A 2258 -2.03 6.44 42.30
C ASN A 2258 -1.25 5.24 42.84
N ALA A 2259 -1.60 4.04 42.37
CA ALA A 2259 -0.88 2.84 42.80
C ALA A 2259 0.57 2.88 42.36
N LEU A 2260 0.83 3.37 41.14
CA LEU A 2260 2.20 3.46 40.67
C LEU A 2260 3.01 4.46 41.49
N GLN A 2261 2.42 5.61 41.83
CA GLN A 2261 3.11 6.55 42.70
C GLN A 2261 3.35 5.97 44.09
N SER A 2262 2.37 5.23 44.62
CA SER A 2262 2.56 4.57 45.92
C SER A 2262 3.68 3.53 45.84
N LEU A 2263 3.78 2.83 44.72
CA LEU A 2263 4.88 1.90 44.51
C LEU A 2263 6.22 2.62 44.49
N ARG A 2264 6.27 3.77 43.82
CA ARG A 2264 7.52 4.54 43.79
C ARG A 2264 7.90 5.03 45.18
N ASP A 2265 6.91 5.48 45.96
CA ASP A 2265 7.14 6.04 47.28
C ASP A 2265 7.19 4.98 48.37
N ARG A 2266 7.08 3.69 48.00
CA ARG A 2266 7.07 2.58 48.96
C ARG A 2266 5.94 2.70 49.97
N GLU A 2267 4.79 3.23 49.54
CA GLU A 2267 3.60 3.30 50.38
C GLU A 2267 2.70 2.13 49.98
N PHE A 2268 3.00 0.96 50.54
CA PHE A 2268 2.34 -0.26 50.10
C PHE A 2268 0.91 -0.37 50.60
N SER A 2269 0.60 0.20 51.77
CA SER A 2269 -0.75 0.10 52.31
C SER A 2269 -1.75 0.79 51.38
N THR A 2270 -1.43 2.00 50.93
CA THR A 2270 -2.34 2.69 50.02
C THR A 2270 -2.27 2.09 48.63
N PHE A 2271 -1.15 1.48 48.27
CA PHE A 2271 -1.05 0.80 46.98
C PHE A 2271 -2.03 -0.36 46.91
N TYR A 2272 -2.07 -1.17 47.97
CA TYR A 2272 -2.99 -2.29 48.01
C TYR A 2272 -4.43 -1.80 48.17
N GLU A 2273 -4.65 -0.73 48.92
CA GLU A 2273 -6.01 -0.20 49.06
C GLU A 2273 -6.52 0.31 47.72
N SER A 2274 -5.68 1.02 46.96
CA SER A 2274 -6.07 1.52 45.65
C SER A 2274 -6.33 0.38 44.68
N LEU A 2275 -5.49 -0.66 44.69
CA LEU A 2275 -5.74 -1.80 43.81
C LEU A 2275 -7.04 -2.52 44.17
N LYS A 2276 -7.31 -2.67 45.46
CA LYS A 2276 -8.57 -3.27 45.88
C LYS A 2276 -9.76 -2.44 45.45
N TYR A 2277 -9.68 -1.12 45.61
CA TYR A 2277 -10.79 -0.25 45.22
C TYR A 2277 -11.00 -0.29 43.70
N ALA A 2278 -9.92 -0.30 42.93
CA ALA A 2278 -10.05 -0.38 41.47
C ALA A 2278 -10.67 -1.71 41.05
N ARG A 2279 -10.25 -2.81 41.68
CA ARG A 2279 -10.82 -4.11 41.34
C ARG A 2279 -12.31 -4.16 41.68
N VAL A 2280 -12.68 -3.62 42.84
CA VAL A 2280 -14.09 -3.62 43.23
C VAL A 2280 -14.90 -2.76 42.28
N LYS A 2281 -14.38 -1.59 41.91
CA LYS A 2281 -15.11 -0.71 41.00
C LYS A 2281 -15.27 -1.36 39.63
N GLU A 2282 -14.23 -2.04 39.14
CA GLU A 2282 -14.33 -2.70 37.84
C GLU A 2282 -15.38 -3.81 37.88
N VAL A 2283 -15.40 -4.60 38.96
CA VAL A 2283 -16.38 -5.68 39.05
C VAL A 2283 -17.79 -5.10 39.15
N GLU A 2284 -17.98 -4.04 39.95
CA GLU A 2284 -19.29 -3.43 40.07
C GLU A 2284 -19.76 -2.86 38.74
N GLU A 2285 -18.86 -2.22 37.98
CA GLU A 2285 -19.23 -1.71 36.67
C GLU A 2285 -19.58 -2.83 35.71
N MET A 2286 -18.93 -3.99 35.84
CA MET A 2286 -19.25 -5.11 34.96
C MET A 2286 -20.58 -5.77 35.36
N CYS A 2287 -20.94 -5.68 36.64
CA CYS A 2287 -22.17 -6.32 37.11
C CYS A 2287 -23.41 -5.70 36.47
N LYS A 2288 -23.42 -4.38 36.29
CA LYS A 2288 -24.61 -3.69 35.81
C LYS A 2288 -24.79 -3.76 34.29
N ARG A 2289 -23.85 -4.36 33.56
CA ARG A 2289 -24.02 -4.50 32.13
C ARG A 2289 -24.99 -5.66 31.81
N SER A 2290 -25.29 -5.83 30.53
CA SER A 2290 -26.31 -6.78 30.12
C SER A 2290 -25.86 -8.22 30.32
N LEU A 2291 -24.57 -8.50 30.13
CA LEU A 2291 -24.02 -9.85 30.27
C LEU A 2291 -24.66 -10.82 29.27
N GLU A 2292 -24.57 -10.45 27.98
CA GLU A 2292 -25.08 -11.29 26.92
C GLU A 2292 -24.03 -11.51 25.84
N SER A 2293 -23.12 -10.54 25.68
CA SER A 2293 -22.08 -10.59 24.66
C SER A 2293 -20.74 -10.86 25.31
N VAL A 2294 -20.00 -11.83 24.74
CA VAL A 2294 -18.68 -12.17 25.27
C VAL A 2294 -17.70 -11.02 25.09
N TYR A 2295 -17.82 -10.26 24.00
CA TYR A 2295 -16.91 -9.15 23.74
C TYR A 2295 -16.98 -8.08 24.82
N SER A 2296 -18.09 -8.00 25.57
CA SER A 2296 -18.19 -7.02 26.64
C SER A 2296 -17.33 -7.38 27.84
N LEU A 2297 -16.84 -8.62 27.92
CA LEU A 2297 -16.01 -9.05 29.04
C LEU A 2297 -14.52 -8.79 28.82
N TYR A 2298 -14.08 -8.71 27.57
CA TYR A 2298 -12.66 -8.61 27.28
C TYR A 2298 -11.98 -7.39 27.89
N PRO A 2299 -12.52 -6.16 27.77
CA PRO A 2299 -11.85 -5.03 28.43
C PRO A 2299 -11.79 -5.20 29.94
N THR A 2300 -12.83 -5.77 30.55
CA THR A 2300 -12.82 -5.98 31.99
C THR A 2300 -11.79 -7.03 32.38
N LEU A 2301 -11.71 -8.12 31.62
CA LEU A 2301 -10.73 -9.16 31.91
C LEU A 2301 -9.31 -8.62 31.75
N SER A 2302 -9.07 -7.81 30.72
CA SER A 2302 -7.74 -7.22 30.54
C SER A 2302 -7.39 -6.28 31.69
N ARG A 2303 -8.35 -5.45 32.12
CA ARG A 2303 -8.08 -4.56 33.24
C ARG A 2303 -7.79 -5.33 34.52
N LEU A 2304 -8.57 -6.39 34.77
CA LEU A 2304 -8.36 -7.19 35.97
C LEU A 2304 -7.02 -7.93 35.90
N GLN A 2305 -6.63 -8.39 34.72
CA GLN A 2305 -5.32 -9.01 34.55
C GLN A 2305 -4.21 -8.03 34.85
N ALA A 2306 -4.32 -6.79 34.37
CA ALA A 2306 -3.31 -5.78 34.65
C ALA A 2306 -3.23 -5.49 36.14
N ILE A 2307 -4.39 -5.38 36.80
CA ILE A 2307 -4.41 -5.14 38.24
C ILE A 2307 -3.77 -6.30 38.98
N GLY A 2308 -4.07 -7.54 38.57
CA GLY A 2308 -3.48 -8.70 39.21
C GLY A 2308 -1.98 -8.76 39.04
N GLU A 2309 -1.49 -8.42 37.83
CA GLU A 2309 -0.05 -8.41 37.61
C GLU A 2309 0.64 -7.35 38.46
N LEU A 2310 0.04 -6.17 38.58
CA LEU A 2310 0.63 -5.14 39.43
C LEU A 2310 0.63 -5.58 40.90
N GLU A 2311 -0.45 -6.23 41.34
CA GLU A 2311 -0.50 -6.73 42.71
C GLU A 2311 0.57 -7.79 42.93
N SER A 2312 0.75 -8.68 41.95
CA SER A 2312 1.74 -9.75 42.08
C SER A 2312 3.16 -9.19 42.14
N ILE A 2313 3.45 -8.18 41.31
CA ILE A 2313 4.79 -7.60 41.33
C ILE A 2313 5.00 -6.70 42.55
N GLY A 2314 3.91 -6.35 43.25
CA GLY A 2314 4.07 -5.53 44.44
C GLY A 2314 4.86 -6.22 45.53
N GLU A 2315 4.60 -7.51 45.77
CA GLU A 2315 5.35 -8.24 46.79
C GLU A 2315 6.82 -8.35 46.41
N LEU A 2316 7.10 -8.58 45.12
CA LEU A 2316 8.48 -8.65 44.67
C LEU A 2316 9.18 -7.31 44.89
N PHE A 2317 8.48 -6.20 44.63
CA PHE A 2317 9.07 -4.89 44.87
C PHE A 2317 9.33 -4.67 46.35
N SER A 2318 8.40 -5.11 47.21
CA SER A 2318 8.51 -4.84 48.63
C SER A 2318 9.71 -5.53 49.25
N ARG A 2319 9.92 -6.80 48.93
CA ARG A 2319 11.00 -7.57 49.52
C ARG A 2319 12.27 -7.43 48.67
N SER A 2320 13.27 -8.24 48.96
CA SER A 2320 14.54 -8.17 48.26
C SER A 2320 14.38 -8.61 46.81
N VAL A 2321 15.24 -8.09 45.95
CA VAL A 2321 15.23 -8.40 44.52
C VAL A 2321 16.25 -9.49 44.27
N THR A 2322 15.81 -10.59 43.67
CA THR A 2322 16.67 -11.73 43.37
C THR A 2322 16.43 -12.19 41.94
N HIS A 2323 17.45 -12.83 41.37
CA HIS A 2323 17.37 -13.29 39.99
C HIS A 2323 16.28 -14.33 39.81
N ARG A 2324 16.14 -15.25 40.78
CA ARG A 2324 15.17 -16.32 40.64
C ARG A 2324 13.74 -15.80 40.61
N GLN A 2325 13.43 -14.84 41.49
CA GLN A 2325 12.07 -14.30 41.54
C GLN A 2325 11.72 -13.57 40.24
N LEU A 2326 12.66 -12.77 39.72
CA LEU A 2326 12.41 -12.08 38.46
C LEU A 2326 12.26 -13.05 37.30
N SER A 2327 13.08 -14.11 37.29
CA SER A 2327 12.96 -15.11 36.24
C SER A 2327 11.61 -15.81 36.30
N GLU A 2328 11.15 -16.17 37.50
CA GLU A 2328 9.86 -16.82 37.64
C GLU A 2328 8.73 -15.89 37.22
N VAL A 2329 8.81 -14.61 37.59
CA VAL A 2329 7.77 -13.65 37.22
C VAL A 2329 7.74 -13.48 35.71
N TYR A 2330 8.89 -13.38 35.06
CA TYR A 2330 8.93 -13.25 33.61
C TYR A 2330 8.40 -14.51 32.93
N ILE A 2331 8.72 -15.69 33.46
CA ILE A 2331 8.21 -16.93 32.90
C ILE A 2331 6.69 -16.98 33.00
N LYS A 2332 6.14 -16.57 34.15
CA LYS A 2332 4.70 -16.53 34.32
C LYS A 2332 4.06 -15.53 33.35
N TRP A 2333 4.69 -14.36 33.18
CA TRP A 2333 4.17 -13.38 32.24
C TRP A 2333 4.18 -13.90 30.81
N GLN A 2334 5.25 -14.58 30.42
CA GLN A 2334 5.33 -15.13 29.07
C GLN A 2334 4.29 -16.23 28.87
N LYS A 2335 4.10 -17.09 29.86
CA LYS A 2335 3.10 -18.15 29.73
C LYS A 2335 1.69 -17.57 29.62
N HIS A 2336 1.38 -16.55 30.42
CA HIS A 2336 0.05 -15.97 30.35
C HIS A 2336 -0.14 -15.17 29.06
N SER A 2337 0.94 -14.59 28.53
CA SER A 2337 0.85 -13.93 27.23
C SER A 2337 0.61 -14.95 26.12
N GLN A 2338 1.25 -16.12 26.21
CA GLN A 2338 0.97 -17.18 25.26
C GLN A 2338 -0.47 -17.66 25.38
N LEU A 2339 -1.04 -17.60 26.59
CA LEU A 2339 -2.45 -17.90 26.77
C LEU A 2339 -3.33 -16.85 26.11
N LEU A 2340 -2.78 -15.68 25.79
CA LEU A 2340 -3.51 -14.59 25.14
C LEU A 2340 -3.13 -14.45 23.67
N LYS A 2341 -2.62 -15.51 23.05
CA LYS A 2341 -2.14 -15.40 21.67
C LYS A 2341 -3.26 -15.14 20.68
N ASP A 2342 -4.50 -15.52 21.01
CA ASP A 2342 -5.64 -15.29 20.12
C ASP A 2342 -6.42 -14.04 20.49
N SER A 2343 -6.02 -13.33 21.53
CA SER A 2343 -6.72 -12.11 21.94
C SER A 2343 -6.39 -10.96 20.99
N ASP A 2344 -7.32 -10.01 20.91
CA ASP A 2344 -7.12 -8.84 20.08
C ASP A 2344 -6.02 -7.95 20.66
N PHE A 2345 -5.40 -7.16 19.78
CA PHE A 2345 -4.33 -6.27 20.20
C PHE A 2345 -4.82 -5.19 21.17
N SER A 2346 -6.08 -4.79 21.05
CA SER A 2346 -6.62 -3.78 21.94
C SER A 2346 -6.72 -4.26 23.38
N PHE A 2347 -6.79 -5.58 23.60
CA PHE A 2347 -6.85 -6.14 24.94
C PHE A 2347 -5.48 -6.55 25.47
N GLN A 2348 -4.48 -6.64 24.61
CA GLN A 2348 -3.12 -7.01 25.01
C GLN A 2348 -2.19 -5.82 25.17
N GLU A 2349 -2.42 -4.75 24.42
CA GLU A 2349 -1.53 -3.59 24.48
C GLU A 2349 -1.46 -2.94 25.86
N PRO A 2350 -2.58 -2.68 26.56
CA PRO A 2350 -2.45 -2.10 27.91
C PRO A 2350 -1.66 -2.97 28.87
N ILE A 2351 -1.78 -4.30 28.76
CA ILE A 2351 -1.02 -5.19 29.64
C ILE A 2351 0.47 -5.04 29.37
N MET A 2352 0.87 -5.00 28.10
CA MET A 2352 2.27 -4.83 27.76
C MET A 2352 2.78 -3.46 28.21
N ALA A 2353 1.95 -2.43 28.06
CA ALA A 2353 2.36 -1.10 28.51
C ALA A 2353 2.58 -1.07 30.02
N LEU A 2354 1.68 -1.69 30.78
CA LEU A 2354 1.83 -1.75 32.22
C LEU A 2354 3.07 -2.55 32.61
N ARG A 2355 3.35 -3.65 31.90
CA ARG A 2355 4.55 -4.43 32.19
C ARG A 2355 5.80 -3.62 31.94
N THR A 2356 5.82 -2.86 30.84
CA THR A 2356 6.98 -2.01 30.53
C THR A 2356 7.14 -0.92 31.60
N VAL A 2357 6.04 -0.32 32.03
CA VAL A 2357 6.12 0.72 33.07
C VAL A 2357 6.63 0.12 34.37
N ILE A 2358 6.15 -1.08 34.73
CA ILE A 2358 6.58 -1.73 35.96
C ILE A 2358 8.08 -2.03 35.91
N LEU A 2359 8.55 -2.57 34.77
CA LEU A 2359 9.97 -2.89 34.64
C LEU A 2359 10.83 -1.64 34.69
N GLU A 2360 10.38 -0.55 34.05
CA GLU A 2360 11.14 0.69 34.08
C GLU A 2360 11.16 1.28 35.48
N ILE A 2361 10.07 1.14 36.23
CA ILE A 2361 10.04 1.61 37.61
C ILE A 2361 10.99 0.79 38.47
N LEU A 2362 11.05 -0.52 38.22
CA LEU A 2362 12.00 -1.36 38.94
C LEU A 2362 13.44 -0.96 38.63
N MET A 2363 13.72 -0.64 37.37
CA MET A 2363 15.08 -0.26 36.99
C MET A 2363 15.47 1.10 37.57
N GLU A 2364 14.55 2.06 37.57
CA GLU A 2364 14.88 3.39 38.09
C GLU A 2364 15.03 3.41 39.60
N LYS A 2365 14.66 2.33 40.29
CA LYS A 2365 14.92 2.22 41.72
C LYS A 2365 16.43 2.20 41.97
N GLU A 2366 16.84 2.77 43.11
CA GLU A 2366 18.24 2.71 43.50
C GLU A 2366 18.70 1.26 43.58
N MET A 2367 19.84 0.97 42.95
CA MET A 2367 20.34 -0.40 42.83
C MET A 2367 21.85 -0.37 43.04
N ASP A 2368 22.26 -0.56 44.29
CA ASP A 2368 23.68 -0.54 44.64
C ASP A 2368 24.31 -1.93 44.63
N ASN A 2369 23.55 -2.97 44.30
CA ASN A 2369 24.06 -4.32 44.24
C ASN A 2369 24.67 -4.67 42.89
N SER A 2370 24.57 -3.76 41.92
CA SER A 2370 25.14 -3.93 40.58
C SER A 2370 24.59 -5.15 39.85
N GLN A 2371 23.39 -5.61 40.22
CA GLN A 2371 22.75 -6.72 39.54
C GLN A 2371 21.51 -6.30 38.76
N ARG A 2372 21.42 -5.02 38.39
CA ARG A 2372 20.30 -4.52 37.60
C ARG A 2372 20.35 -5.00 36.15
N GLU A 2373 21.46 -5.62 35.72
CA GLU A 2373 21.54 -6.12 34.36
C GLU A 2373 20.49 -7.20 34.08
N CYS A 2374 20.09 -7.95 35.11
CA CYS A 2374 19.02 -8.92 34.93
C CYS A 2374 17.71 -8.24 34.58
N ILE A 2375 17.39 -7.14 35.27
CA ILE A 2375 16.17 -6.40 34.95
C ILE A 2375 16.29 -5.74 33.59
N LYS A 2376 17.48 -5.25 33.24
CA LYS A 2376 17.66 -4.66 31.92
C LYS A 2376 17.43 -5.68 30.82
N ASP A 2377 17.96 -6.90 30.99
CA ASP A 2377 17.75 -7.96 30.02
C ASP A 2377 16.28 -8.36 29.95
N ILE A 2378 15.60 -8.43 31.11
CA ILE A 2378 14.19 -8.79 31.12
C ILE A 2378 13.37 -7.75 30.38
N LEU A 2379 13.65 -6.47 30.63
CA LEU A 2379 12.93 -5.40 29.92
C LEU A 2379 13.22 -5.43 28.43
N THR A 2380 14.47 -5.72 28.04
CA THR A 2380 14.79 -5.81 26.62
C THR A 2380 14.04 -6.95 25.95
N LYS A 2381 13.97 -8.11 26.62
CA LYS A 2381 13.22 -9.23 26.06
C LYS A 2381 11.73 -8.91 25.97
N HIS A 2382 11.19 -8.25 27.00
CA HIS A 2382 9.78 -7.88 26.99
C HIS A 2382 9.48 -6.91 25.86
N LEU A 2383 10.35 -5.93 25.64
CA LEU A 2383 10.14 -4.97 24.56
C LEU A 2383 10.29 -5.62 23.19
N VAL A 2384 11.20 -6.60 23.06
CA VAL A 2384 11.31 -7.34 21.80
C VAL A 2384 10.03 -8.12 21.53
N GLU A 2385 9.48 -8.76 22.56
CA GLU A 2385 8.22 -9.49 22.40
C GLU A 2385 7.08 -8.54 22.05
N LEU A 2386 7.07 -7.35 22.66
CA LEU A 2386 6.06 -6.35 22.33
C LEU A 2386 6.18 -5.90 20.89
N SER A 2387 7.42 -5.70 20.42
CA SER A 2387 7.63 -5.32 19.02
C SER A 2387 7.15 -6.41 18.08
N ILE A 2388 7.41 -7.68 18.42
CA ILE A 2388 6.95 -8.78 17.58
C ILE A 2388 5.43 -8.82 17.55
N LEU A 2389 4.79 -8.67 18.71
CA LEU A 2389 3.33 -8.70 18.76
C LEU A 2389 2.73 -7.55 17.96
N ALA A 2390 3.30 -6.35 18.08
CA ALA A 2390 2.79 -5.22 17.32
C ALA A 2390 3.02 -5.40 15.82
N ARG A 2391 4.15 -6.01 15.44
CA ARG A 2391 4.39 -6.30 14.03
C ARG A 2391 3.38 -7.29 13.49
N THR A 2392 2.97 -8.27 14.31
CA THR A 2392 1.97 -9.23 13.87
C THR A 2392 0.64 -8.54 13.56
N PHE A 2393 0.27 -7.55 14.38
CA PHE A 2393 -0.98 -6.83 14.21
C PHE A 2393 -0.86 -5.64 13.25
N LYS A 2394 0.14 -5.66 12.37
CA LYS A 2394 0.33 -4.62 11.36
C LYS A 2394 0.47 -3.23 11.97
N ASN A 2395 1.23 -3.15 13.07
CA ASN A 2395 1.52 -1.88 13.73
C ASN A 2395 3.01 -1.59 13.62
N THR A 2396 3.35 -0.35 13.26
CA THR A 2396 4.73 0.05 13.07
C THR A 2396 5.23 1.10 14.05
N GLN A 2397 4.35 1.93 14.62
CA GLN A 2397 4.80 2.97 15.53
C GLN A 2397 5.24 2.38 16.86
N LEU A 2398 4.46 1.46 17.41
CA LEU A 2398 4.83 0.82 18.67
C LEU A 2398 6.13 0.05 18.59
N PRO A 2399 6.40 -0.77 17.56
CA PRO A 2399 7.73 -1.41 17.50
C PRO A 2399 8.87 -0.41 17.44
N GLU A 2400 8.68 0.71 16.74
CA GLU A 2400 9.72 1.73 16.70
C GLU A 2400 9.94 2.34 18.08
N ARG A 2401 8.85 2.60 18.82
CA ARG A 2401 9.00 3.14 20.17
C ARG A 2401 9.70 2.15 21.07
N ALA A 2402 9.37 0.86 20.95
CA ALA A 2402 10.02 -0.17 21.77
C ALA A 2402 11.50 -0.27 21.42
N ILE A 2403 11.85 -0.16 20.14
CA ILE A 2403 13.25 -0.18 19.73
C ILE A 2403 13.99 1.02 20.32
N PHE A 2404 13.37 2.20 20.28
CA PHE A 2404 13.99 3.38 20.87
C PHE A 2404 14.19 3.21 22.38
N GLN A 2405 13.20 2.64 23.06
CA GLN A 2405 13.33 2.41 24.50
C GLN A 2405 14.45 1.43 24.79
N ILE A 2406 14.59 0.40 23.95
CA ILE A 2406 15.69 -0.55 24.12
C ILE A 2406 17.03 0.16 23.93
N LYS A 2407 17.13 0.98 22.88
CA LYS A 2407 18.37 1.69 22.60
C LYS A 2407 18.71 2.71 23.67
N GLN A 2408 17.72 3.17 24.44
CA GLN A 2408 18.02 4.07 25.55
C GLN A 2408 18.84 3.38 26.63
N TYR A 2409 18.52 2.13 26.94
CA TYR A 2409 19.20 1.38 27.99
C TYR A 2409 20.31 0.47 27.46
N ASN A 2410 20.48 0.38 26.15
CA ASN A 2410 21.46 -0.51 25.55
C ASN A 2410 22.34 0.27 24.58
N SER A 2411 23.44 -0.37 24.17
CA SER A 2411 24.39 0.23 23.23
C SER A 2411 24.85 -0.84 22.27
N VAL A 2412 25.82 -0.49 21.42
CA VAL A 2412 26.37 -1.40 20.42
C VAL A 2412 27.77 -1.79 20.86
N SER A 2413 28.01 -3.09 20.98
CA SER A 2413 29.29 -3.64 21.38
C SER A 2413 29.80 -4.61 20.31
N CYS A 2414 30.93 -5.25 20.60
CA CYS A 2414 31.48 -6.24 19.68
C CYS A 2414 30.51 -7.42 19.51
N GLY A 2415 29.92 -7.89 20.60
CA GLY A 2415 28.93 -8.95 20.52
C GLY A 2415 27.53 -8.40 20.34
N VAL A 2416 26.96 -8.58 19.14
CA VAL A 2416 25.65 -8.06 18.82
C VAL A 2416 24.59 -8.82 19.61
N SER A 2417 23.37 -8.29 19.64
CA SER A 2417 22.28 -8.86 20.41
C SER A 2417 21.03 -8.98 19.53
N GLU A 2418 19.96 -9.51 20.12
CA GLU A 2418 18.76 -9.83 19.36
C GLU A 2418 17.94 -8.60 19.01
N TRP A 2419 17.94 -7.58 19.85
CA TRP A 2419 17.09 -6.41 19.59
C TRP A 2419 17.53 -5.68 18.33
N GLN A 2420 18.81 -5.77 17.95
CA GLN A 2420 19.22 -5.20 16.67
C GLN A 2420 18.55 -5.93 15.51
N LEU A 2421 18.45 -7.26 15.59
CA LEU A 2421 17.71 -8.01 14.59
C LEU A 2421 16.23 -7.65 14.60
N GLU A 2422 15.67 -7.44 15.80
CA GLU A 2422 14.28 -7.02 15.88
C GLU A 2422 14.07 -5.65 15.22
N GLU A 2423 15.02 -4.74 15.43
CA GLU A 2423 14.94 -3.43 14.79
C GLU A 2423 15.03 -3.55 13.28
N ALA A 2424 15.90 -4.42 12.78
CA ALA A 2424 15.98 -4.65 11.34
C ALA A 2424 14.66 -5.20 10.80
N GLN A 2425 14.05 -6.13 11.53
CA GLN A 2425 12.75 -6.65 11.11
C GLN A 2425 11.68 -5.56 11.12
N VAL A 2426 11.72 -4.68 12.12
CA VAL A 2426 10.77 -3.57 12.19
C VAL A 2426 10.94 -2.65 11.00
N PHE A 2427 12.19 -2.32 10.65
CA PHE A 2427 12.45 -1.48 9.50
C PHE A 2427 11.99 -2.16 8.20
N TRP A 2428 12.14 -3.48 8.13
CA TRP A 2428 11.63 -4.21 6.97
C TRP A 2428 10.11 -4.11 6.89
N ALA A 2429 9.44 -4.21 8.03
CA ALA A 2429 7.98 -4.09 8.06
C ALA A 2429 7.51 -2.70 7.67
N LYS A 2430 8.34 -1.68 7.84
CA LYS A 2430 8.01 -0.31 7.45
C LYS A 2430 8.22 -0.05 5.97
N LYS A 2431 8.36 -1.10 5.17
CA LYS A 2431 8.61 -0.99 3.72
C LYS A 2431 9.88 -0.20 3.43
N GLU A 2432 10.87 -0.32 4.31
CA GLU A 2432 12.19 0.28 4.11
C GLU A 2432 13.18 -0.87 3.95
N GLN A 2433 13.31 -1.37 2.73
CA GLN A 2433 14.13 -2.55 2.48
C GLN A 2433 15.63 -2.23 2.53
N SER A 2434 16.01 -1.05 2.01
CA SER A 2434 17.42 -0.70 1.98
C SER A 2434 17.98 -0.53 3.39
N LEU A 2435 17.23 0.12 4.28
CA LEU A 2435 17.70 0.31 5.65
C LEU A 2435 17.83 -1.01 6.38
N ALA A 2436 16.84 -1.89 6.24
CA ALA A 2436 16.89 -3.18 6.91
C ALA A 2436 18.04 -4.02 6.37
N LEU A 2437 18.24 -4.00 5.06
CA LEU A 2437 19.34 -4.77 4.47
C LEU A 2437 20.69 -4.24 4.93
N SER A 2438 20.85 -2.92 4.99
CA SER A 2438 22.12 -2.35 5.45
C SER A 2438 22.38 -2.69 6.91
N ILE A 2439 21.33 -2.61 7.75
CA ILE A 2439 21.49 -2.94 9.16
C ILE A 2439 21.88 -4.40 9.32
N LEU A 2440 21.21 -5.29 8.59
CA LEU A 2440 21.51 -6.72 8.72
C LEU A 2440 22.89 -7.05 8.18
N LYS A 2441 23.32 -6.38 7.11
CA LYS A 2441 24.66 -6.59 6.59
C LYS A 2441 25.72 -6.12 7.59
N GLN A 2442 25.48 -4.98 8.24
CA GLN A 2442 26.40 -4.54 9.28
C GLN A 2442 26.42 -5.52 10.45
N MET A 2443 25.26 -6.06 10.80
CA MET A 2443 25.20 -7.07 11.86
C MET A 2443 26.01 -8.30 11.48
N ILE A 2444 25.89 -8.74 10.22
CA ILE A 2444 26.61 -9.92 9.77
C ILE A 2444 28.12 -9.66 9.79
N LYS A 2445 28.54 -8.47 9.33
CA LYS A 2445 29.96 -8.15 9.32
C LYS A 2445 30.52 -8.11 10.74
N LYS A 2446 29.78 -7.50 11.67
CA LYS A 2446 30.22 -7.46 13.06
C LYS A 2446 30.29 -8.86 13.65
N LEU A 2447 29.31 -9.72 13.34
CA LEU A 2447 29.35 -11.09 13.84
C LEU A 2447 30.55 -11.84 13.28
N ASP A 2448 30.82 -11.68 11.98
CA ASP A 2448 31.94 -12.37 11.35
C ASP A 2448 33.25 -11.95 11.97
N ALA A 2449 33.42 -10.63 12.22
CA ALA A 2449 34.68 -10.16 12.79
C ALA A 2449 34.79 -10.51 14.27
N SER A 2450 33.67 -10.58 14.99
CA SER A 2450 33.72 -10.75 16.44
C SER A 2450 33.89 -12.22 16.83
N CYS A 2451 32.93 -13.06 16.48
CA CYS A 2451 32.92 -14.44 16.93
C CYS A 2451 33.85 -15.31 16.07
N ALA A 2452 34.45 -16.29 16.72
CA ALA A 2452 35.32 -17.28 16.08
C ALA A 2452 34.92 -18.69 16.49
N ALA A 2453 33.62 -18.97 16.38
CA ALA A 2453 33.03 -20.24 16.82
C ALA A 2453 33.33 -20.51 18.30
N ASN A 2454 33.17 -19.47 19.12
CA ASN A 2454 33.43 -19.57 20.55
C ASN A 2454 32.25 -19.23 21.43
N ASN A 2455 31.28 -18.46 20.94
CA ASN A 2455 30.13 -18.05 21.74
C ASN A 2455 28.90 -18.84 21.33
N PRO A 2456 28.43 -19.77 22.16
CA PRO A 2456 27.18 -20.48 21.82
C PRO A 2456 25.97 -19.57 21.70
N SER A 2457 25.91 -18.51 22.50
CA SER A 2457 24.76 -17.59 22.44
C SER A 2457 24.70 -16.86 21.11
N LEU A 2458 25.85 -16.43 20.59
CA LEU A 2458 25.88 -15.71 19.32
C LEU A 2458 25.63 -16.62 18.13
N LYS A 2459 25.68 -17.94 18.31
CA LYS A 2459 25.46 -18.86 17.19
C LYS A 2459 24.05 -18.71 16.63
N LEU A 2460 23.04 -18.64 17.50
CA LEU A 2460 21.67 -18.52 17.05
C LEU A 2460 21.44 -17.18 16.36
N THR A 2461 22.00 -16.10 16.92
CA THR A 2461 21.83 -14.78 16.31
C THR A 2461 22.50 -14.73 14.94
N TYR A 2462 23.69 -15.30 14.81
CA TYR A 2462 24.38 -15.29 13.52
C TYR A 2462 23.62 -16.11 12.49
N THR A 2463 23.12 -17.28 12.89
CA THR A 2463 22.38 -18.11 11.94
C THR A 2463 21.09 -17.43 11.50
N GLU A 2464 20.36 -16.85 12.45
CA GLU A 2464 19.10 -16.19 12.10
C GLU A 2464 19.35 -14.97 11.23
N CYS A 2465 20.39 -14.18 11.55
CA CYS A 2465 20.70 -13.00 10.74
C CYS A 2465 21.07 -13.39 9.32
N LEU A 2466 21.89 -14.44 9.17
CA LEU A 2466 22.27 -14.88 7.83
C LEU A 2466 21.06 -15.37 7.05
N ARG A 2467 20.19 -16.15 7.70
CA ARG A 2467 19.03 -16.68 7.00
C ARG A 2467 18.07 -15.57 6.59
N VAL A 2468 17.83 -14.61 7.49
CA VAL A 2468 16.91 -13.51 7.19
C VAL A 2468 17.48 -12.64 6.08
N CYS A 2469 18.79 -12.34 6.14
CA CYS A 2469 19.39 -11.51 5.09
C CYS A 2469 19.35 -12.21 3.74
N GLY A 2470 19.62 -13.52 3.71
CA GLY A 2470 19.52 -14.25 2.46
C GLY A 2470 18.12 -14.27 1.90
N ASN A 2471 17.12 -14.46 2.76
CA ASN A 2471 15.74 -14.44 2.30
C ASN A 2471 15.34 -13.07 1.78
N TRP A 2472 15.76 -12.01 2.47
CA TRP A 2472 15.45 -10.65 2.02
C TRP A 2472 16.11 -10.35 0.69
N LEU A 2473 17.36 -10.76 0.51
CA LEU A 2473 18.04 -10.55 -0.76
C LEU A 2473 17.38 -11.33 -1.87
N ALA A 2474 16.95 -12.57 -1.60
CA ALA A 2474 16.25 -13.35 -2.60
C ALA A 2474 14.93 -12.69 -2.99
N GLU A 2475 14.19 -12.17 -2.00
CA GLU A 2475 12.93 -11.52 -2.29
C GLU A 2475 13.14 -10.24 -3.10
N THR A 2476 14.16 -9.45 -2.75
CA THR A 2476 14.43 -8.20 -3.46
C THR A 2476 15.15 -8.40 -4.78
N CYS A 2477 15.67 -9.60 -5.05
CA CYS A 2477 16.40 -9.89 -6.29
C CYS A 2477 17.57 -8.93 -6.50
N LEU A 2478 18.25 -8.59 -5.41
CA LEU A 2478 19.39 -7.68 -5.46
C LEU A 2478 20.72 -8.40 -5.59
N GLU A 2479 20.73 -9.73 -5.69
CA GLU A 2479 21.96 -10.48 -5.79
C GLU A 2479 21.69 -11.79 -6.52
N ASN A 2480 22.73 -12.31 -7.17
CA ASN A 2480 22.58 -13.55 -7.91
C ASN A 2480 22.43 -14.72 -6.93
N PRO A 2481 21.74 -15.78 -7.34
CA PRO A 2481 21.57 -16.94 -6.44
C PRO A 2481 22.88 -17.57 -5.99
N ALA A 2482 23.91 -17.57 -6.84
CA ALA A 2482 25.17 -18.21 -6.48
C ALA A 2482 25.81 -17.50 -5.29
N VAL A 2483 25.86 -16.17 -5.33
CA VAL A 2483 26.49 -15.42 -4.25
C VAL A 2483 25.65 -15.52 -2.99
N ILE A 2484 24.32 -15.47 -3.12
CA ILE A 2484 23.45 -15.56 -1.95
C ILE A 2484 23.65 -16.90 -1.25
N MET A 2485 23.68 -17.99 -2.03
CA MET A 2485 23.92 -19.30 -1.43
C MET A 2485 25.31 -19.39 -0.81
N GLN A 2486 26.33 -18.88 -1.51
CA GLN A 2486 27.69 -19.02 -1.01
C GLN A 2486 27.93 -18.20 0.25
N THR A 2487 27.23 -17.08 0.41
CA THR A 2487 27.51 -16.15 1.48
C THR A 2487 26.56 -16.24 2.67
N TYR A 2488 25.27 -16.52 2.45
CA TYR A 2488 24.30 -16.43 3.55
C TYR A 2488 23.69 -17.76 3.92
N LEU A 2489 23.10 -18.48 2.97
CA LEU A 2489 22.31 -19.66 3.31
C LEU A 2489 23.20 -20.83 3.73
N GLU A 2490 24.11 -21.26 2.84
CA GLU A 2490 25.00 -22.35 3.19
C GLU A 2490 25.93 -21.96 4.32
N LYS A 2491 26.27 -20.66 4.44
CA LYS A 2491 27.08 -20.22 5.57
C LYS A 2491 26.32 -20.38 6.89
N ALA A 2492 25.04 -20.03 6.90
CA ALA A 2492 24.23 -20.23 8.10
C ALA A 2492 24.10 -21.71 8.44
N VAL A 2493 23.90 -22.54 7.42
CA VAL A 2493 23.80 -23.98 7.65
C VAL A 2493 25.11 -24.52 8.24
N GLU A 2494 26.25 -24.09 7.69
CA GLU A 2494 27.54 -24.52 8.20
C GLU A 2494 27.75 -24.06 9.63
N VAL A 2495 27.39 -22.81 9.93
CA VAL A 2495 27.54 -22.30 11.29
C VAL A 2495 26.68 -23.09 12.26
N ALA A 2496 25.43 -23.38 11.87
CA ALA A 2496 24.52 -24.08 12.77
C ALA A 2496 24.92 -25.54 12.96
N GLY A 2497 25.52 -26.17 11.95
CA GLY A 2497 25.82 -27.58 12.04
C GLY A 2497 27.22 -27.93 12.52
N ASN A 2498 28.24 -27.34 11.90
CA ASN A 2498 29.62 -27.73 12.17
C ASN A 2498 30.13 -27.23 13.51
N TYR A 2499 29.47 -26.25 14.12
CA TYR A 2499 29.94 -25.72 15.39
C TYR A 2499 29.80 -26.72 16.53
N ASP A 2500 28.95 -27.75 16.36
CA ASP A 2500 28.77 -28.82 17.34
C ASP A 2500 28.31 -28.29 18.69
N GLY A 2501 27.50 -27.24 18.69
CA GLY A 2501 26.91 -26.75 19.93
C GLY A 2501 25.54 -27.35 20.17
N GLU A 2502 25.46 -28.68 20.12
CA GLU A 2502 24.19 -29.40 20.10
C GLU A 2502 23.60 -29.47 21.50
N SER A 2503 22.57 -30.32 21.65
CA SER A 2503 21.82 -30.49 22.90
C SER A 2503 21.11 -29.19 23.29
N SER A 2504 20.25 -28.74 22.39
CA SER A 2504 19.41 -27.57 22.65
C SER A 2504 18.20 -27.63 21.72
N ASP A 2505 17.14 -26.92 22.12
CA ASP A 2505 15.93 -26.85 21.32
C ASP A 2505 15.92 -25.64 20.40
N GLU A 2506 16.45 -24.51 20.87
CA GLU A 2506 16.53 -23.32 20.03
C GLU A 2506 17.48 -23.56 18.86
N LEU A 2507 18.57 -24.29 19.09
CA LEU A 2507 19.46 -24.65 17.99
C LEU A 2507 18.74 -25.54 16.99
N ARG A 2508 17.93 -26.49 17.48
CA ARG A 2508 17.19 -27.37 16.58
C ARG A 2508 16.21 -26.57 15.73
N ASN A 2509 15.51 -25.60 16.33
CA ASN A 2509 14.61 -24.75 15.56
C ASN A 2509 15.37 -23.90 14.54
N GLY A 2510 16.53 -23.36 14.93
CA GLY A 2510 17.31 -22.57 14.00
C GLY A 2510 17.83 -23.38 12.83
N LYS A 2511 18.29 -24.60 13.12
CA LYS A 2511 18.75 -25.49 12.05
C LYS A 2511 17.61 -25.86 11.13
N MET A 2512 16.43 -26.13 11.69
CA MET A 2512 15.28 -26.45 10.86
C MET A 2512 14.92 -25.29 9.94
N LYS A 2513 14.91 -24.06 10.47
CA LYS A 2513 14.59 -22.90 9.65
C LYS A 2513 15.64 -22.67 8.57
N ALA A 2514 16.92 -22.82 8.91
CA ALA A 2514 17.98 -22.64 7.91
C ALA A 2514 17.88 -23.69 6.82
N PHE A 2515 17.61 -24.94 7.21
CA PHE A 2515 17.47 -26.02 6.23
C PHE A 2515 16.27 -25.76 5.33
N LEU A 2516 15.17 -25.27 5.91
CA LEU A 2516 13.99 -24.98 5.10
C LEU A 2516 14.26 -23.85 4.11
N SER A 2517 14.96 -22.80 4.55
CA SER A 2517 15.25 -21.69 3.65
C SER A 2517 16.17 -22.14 2.51
N LEU A 2518 17.19 -22.93 2.82
CA LEU A 2518 18.08 -23.42 1.77
C LEU A 2518 17.36 -24.36 0.82
N ALA A 2519 16.47 -25.20 1.36
CA ALA A 2519 15.70 -26.10 0.52
C ALA A 2519 14.78 -25.32 -0.41
N ARG A 2520 14.13 -24.28 0.11
CA ARG A 2520 13.24 -23.47 -0.71
C ARG A 2520 14.01 -22.77 -1.82
N PHE A 2521 15.19 -22.23 -1.51
CA PHE A 2521 15.98 -21.56 -2.54
C PHE A 2521 16.47 -22.54 -3.61
N SER A 2522 16.95 -23.72 -3.18
CA SER A 2522 17.40 -24.71 -4.14
C SER A 2522 16.25 -25.20 -5.01
N ASP A 2523 15.08 -25.41 -4.41
CA ASP A 2523 13.90 -25.83 -5.17
C ASP A 2523 13.48 -24.75 -6.15
N THR A 2524 13.57 -23.47 -5.75
CA THR A 2524 13.23 -22.39 -6.66
C THR A 2524 14.17 -22.36 -7.86
N GLN A 2525 15.47 -22.54 -7.61
CA GLN A 2525 16.43 -22.57 -8.72
C GLN A 2525 16.18 -23.77 -9.64
N TYR A 2526 15.90 -24.94 -9.05
CA TYR A 2526 15.64 -26.11 -9.86
C TYR A 2526 14.36 -25.94 -10.69
N GLN A 2527 13.32 -25.36 -10.09
CA GLN A 2527 12.08 -25.12 -10.81
C GLN A 2527 12.30 -24.12 -11.94
N ARG A 2528 13.10 -23.09 -11.71
CA ARG A 2528 13.40 -22.12 -12.77
C ARG A 2528 14.13 -22.80 -13.92
N ILE A 2529 15.10 -23.66 -13.61
CA ILE A 2529 15.84 -24.37 -14.66
C ILE A 2529 14.90 -25.30 -15.43
N GLU A 2530 14.03 -26.02 -14.72
CA GLU A 2530 13.09 -26.92 -15.37
C GLU A 2530 12.12 -26.14 -16.27
N ASN A 2531 11.65 -24.99 -15.79
CA ASN A 2531 10.77 -24.16 -16.61
C ASN A 2531 11.50 -23.67 -17.86
N TYR A 2532 12.79 -23.31 -17.72
CA TYR A 2532 13.56 -22.87 -18.87
C TYR A 2532 13.72 -24.00 -19.89
N MET A 2533 13.93 -25.23 -19.40
CA MET A 2533 14.04 -26.37 -20.32
C MET A 2533 12.73 -26.60 -21.06
N LYS A 2534 11.60 -26.48 -20.36
CA LYS A 2534 10.28 -26.69 -20.96
C LYS A 2534 9.69 -25.43 -21.56
N SER A 2535 10.40 -24.31 -21.51
CA SER A 2535 9.89 -23.07 -22.06
C SER A 2535 9.81 -23.15 -23.59
N SER A 2536 8.86 -22.39 -24.15
CA SER A 2536 8.70 -22.35 -25.60
C SER A 2536 9.92 -21.74 -26.28
N GLU A 2537 10.66 -20.87 -25.57
CA GLU A 2537 11.86 -20.29 -26.14
C GLU A 2537 12.92 -21.36 -26.43
N PHE A 2538 13.08 -22.32 -25.53
CA PHE A 2538 14.02 -23.41 -25.75
C PHE A 2538 13.61 -24.24 -26.96
N GLU A 2539 12.31 -24.53 -27.08
CA GLU A 2539 11.82 -25.30 -28.22
C GLU A 2539 12.05 -24.54 -29.52
N ASN A 2540 11.81 -23.24 -29.52
CA ASN A 2540 12.04 -22.44 -30.72
C ASN A 2540 13.51 -22.42 -31.11
N LYS A 2541 14.40 -22.28 -30.11
CA LYS A 2541 15.83 -22.31 -30.39
C LYS A 2541 16.26 -23.66 -30.95
N GLN A 2542 15.74 -24.75 -30.38
CA GLN A 2542 16.08 -26.08 -30.89
C GLN A 2542 15.57 -26.27 -32.30
N ALA A 2543 14.34 -25.81 -32.58
CA ALA A 2543 13.80 -25.95 -33.94
C ALA A 2543 14.61 -25.12 -34.93
N LEU A 2544 15.09 -23.94 -34.49
CA LEU A 2544 15.93 -23.13 -35.36
C LEU A 2544 17.24 -23.85 -35.66
N LEU A 2545 17.84 -24.48 -34.66
CA LEU A 2545 19.08 -25.22 -34.88
C LEU A 2545 18.85 -26.40 -35.82
N LYS A 2546 17.75 -27.12 -35.65
CA LYS A 2546 17.44 -28.24 -36.53
C LYS A 2546 17.22 -27.77 -37.96
N ARG A 2547 16.54 -26.64 -38.15
CA ARG A 2547 16.34 -26.11 -39.49
C ARG A 2547 17.67 -25.64 -40.09
N ALA A 2548 18.54 -25.06 -39.27
CA ALA A 2548 19.82 -24.57 -39.76
C ALA A 2548 20.73 -25.71 -40.18
N LYS A 2549 20.71 -26.82 -39.43
CA LYS A 2549 21.61 -27.94 -39.75
C LYS A 2549 21.22 -28.64 -41.04
N GLU A 2550 20.01 -28.43 -41.54
CA GLU A 2550 19.58 -29.05 -42.80
C GLU A 2550 19.84 -28.12 -43.97
N ARG A 2564 32.92 -24.51 -44.43
CA ARG A 2564 32.04 -23.35 -44.39
C ARG A 2564 30.75 -23.70 -43.65
N TYR A 2565 29.72 -24.09 -44.41
CA TYR A 2565 28.42 -24.35 -43.82
C TYR A 2565 28.48 -25.54 -42.87
N THR A 2566 29.24 -26.57 -43.24
CA THR A 2566 29.40 -27.75 -42.39
C THR A 2566 30.09 -27.40 -41.09
N VAL A 2567 31.24 -26.72 -41.19
CA VAL A 2567 32.02 -26.38 -40.00
C VAL A 2567 31.16 -25.66 -38.97
N LYS A 2568 30.39 -24.65 -39.41
CA LYS A 2568 29.57 -23.92 -38.45
C LYS A 2568 28.39 -24.74 -37.97
N VAL A 2569 27.85 -25.63 -38.81
CA VAL A 2569 26.74 -26.46 -38.38
C VAL A 2569 27.18 -27.39 -37.25
N GLN A 2570 28.31 -28.08 -37.45
CA GLN A 2570 28.81 -28.96 -36.39
C GLN A 2570 29.29 -28.17 -35.19
N ARG A 2571 29.76 -26.93 -35.40
CA ARG A 2571 30.15 -26.10 -34.27
C ARG A 2571 28.95 -25.77 -33.40
N GLU A 2572 27.81 -25.46 -34.02
CA GLU A 2572 26.62 -25.16 -33.23
C GLU A 2572 26.04 -26.42 -32.61
N LEU A 2573 26.07 -27.54 -33.34
CA LEU A 2573 25.60 -28.82 -32.80
C LEU A 2573 26.50 -29.34 -31.69
N GLU A 2574 27.69 -28.79 -31.52
CA GLU A 2574 28.54 -29.13 -30.39
C GLU A 2574 28.41 -28.13 -29.24
N LEU A 2575 28.31 -26.84 -29.55
CA LEU A 2575 28.14 -25.84 -28.51
C LEU A 2575 26.81 -26.00 -27.78
N ASP A 2576 25.73 -26.28 -28.54
CA ASP A 2576 24.43 -26.47 -27.90
C ASP A 2576 24.42 -27.71 -27.02
N GLU A 2577 25.08 -28.78 -27.45
CA GLU A 2577 25.19 -29.98 -26.62
C GLU A 2577 25.99 -29.70 -25.36
N LEU A 2578 27.08 -28.93 -25.47
CA LEU A 2578 27.86 -28.58 -24.29
C LEU A 2578 27.04 -27.76 -23.30
N ALA A 2579 26.28 -26.79 -23.81
CA ALA A 2579 25.43 -25.97 -22.95
C ALA A 2579 24.35 -26.82 -22.30
N LEU A 2580 23.77 -27.76 -23.05
CA LEU A 2580 22.74 -28.64 -22.50
C LEU A 2580 23.32 -29.51 -21.39
N ARG A 2581 24.53 -30.03 -21.60
CA ARG A 2581 25.16 -30.86 -20.56
C ARG A 2581 25.43 -30.05 -19.31
N ALA A 2582 25.93 -28.81 -19.47
CA ALA A 2582 26.19 -27.97 -18.30
C ALA A 2582 24.90 -27.63 -17.56
N LEU A 2583 23.83 -27.32 -18.31
CA LEU A 2583 22.56 -27.01 -17.69
C LEU A 2583 22.00 -28.22 -16.95
N LYS A 2584 22.12 -29.41 -17.55
CA LYS A 2584 21.65 -30.63 -16.89
C LYS A 2584 22.43 -30.90 -15.61
N GLU A 2585 23.75 -30.68 -15.64
CA GLU A 2585 24.55 -30.89 -14.44
C GLU A 2585 24.16 -29.91 -13.34
N ASP A 2586 23.92 -28.64 -13.71
CA ASP A 2586 23.48 -27.66 -12.72
C ASP A 2586 22.12 -28.02 -12.15
N ARG A 2587 21.21 -28.49 -13.00
CA ARG A 2587 19.88 -28.92 -12.53
C ARG A 2587 20.00 -30.10 -11.57
N LYS A 2588 20.86 -31.06 -11.89
CA LYS A 2588 21.04 -32.21 -11.01
C LYS A 2588 21.62 -31.79 -9.67
N ARG A 2589 22.59 -30.87 -9.69
CA ARG A 2589 23.18 -30.41 -8.43
C ARG A 2589 22.15 -29.68 -7.58
N PHE A 2590 21.35 -28.82 -8.20
CA PHE A 2590 20.31 -28.10 -7.46
C PHE A 2590 19.27 -29.06 -6.90
N LEU A 2591 18.88 -30.06 -7.70
CA LEU A 2591 17.90 -31.04 -7.24
C LEU A 2591 18.43 -31.83 -6.05
N CYS A 2592 19.69 -32.27 -6.11
CA CYS A 2592 20.25 -33.03 -5.00
C CYS A 2592 20.34 -32.17 -3.75
N LYS A 2593 20.76 -30.91 -3.90
CA LYS A 2593 20.86 -30.04 -2.74
C LYS A 2593 19.48 -29.77 -2.13
N ALA A 2594 18.48 -29.56 -2.98
CA ALA A 2594 17.13 -29.32 -2.49
C ALA A 2594 16.58 -30.53 -1.75
N VAL A 2595 16.79 -31.74 -2.30
CA VAL A 2595 16.29 -32.94 -1.65
C VAL A 2595 16.98 -33.15 -0.31
N GLU A 2596 18.30 -32.96 -0.27
CA GLU A 2596 19.04 -33.14 0.99
C GLU A 2596 18.58 -32.12 2.03
N ASN A 2597 18.38 -30.86 1.62
CA ASN A 2597 17.97 -29.85 2.58
C ASN A 2597 16.55 -30.06 3.05
N TYR A 2598 15.65 -30.54 2.17
CA TYR A 2598 14.30 -30.88 2.60
C TYR A 2598 14.31 -32.02 3.61
N ILE A 2599 15.14 -33.04 3.37
CA ILE A 2599 15.25 -34.13 4.33
C ILE A 2599 15.77 -33.62 5.67
N ASN A 2600 16.79 -32.78 5.64
CA ASN A 2600 17.34 -32.25 6.89
C ASN A 2600 16.31 -31.41 7.62
N CYS A 2601 15.55 -30.58 6.90
CA CYS A 2601 14.50 -29.78 7.52
C CYS A 2601 13.43 -30.66 8.15
N LEU A 2602 13.04 -31.73 7.47
CA LEU A 2602 12.04 -32.64 8.03
C LEU A 2602 12.58 -33.32 9.28
N LEU A 2603 13.86 -33.70 9.27
CA LEU A 2603 14.47 -34.35 10.43
C LEU A 2603 14.76 -33.39 11.57
N SER A 2604 14.78 -32.08 11.31
CA SER A 2604 15.18 -31.09 12.30
C SER A 2604 13.98 -30.41 12.97
N GLY A 2605 12.77 -30.87 12.72
CA GLY A 2605 11.62 -30.27 13.37
C GLY A 2605 10.33 -30.82 12.82
N GLU A 2606 9.23 -30.27 13.35
CA GLU A 2606 7.89 -30.70 12.96
C GLU A 2606 6.98 -29.55 12.51
N GLU A 2607 7.46 -28.30 12.57
CA GLU A 2607 6.60 -27.18 12.22
C GLU A 2607 6.31 -27.13 10.72
N HIS A 2608 7.21 -27.65 9.90
CA HIS A 2608 7.09 -27.59 8.44
C HIS A 2608 6.91 -28.99 7.83
N ASP A 2609 6.05 -29.80 8.46
CA ASP A 2609 5.80 -31.15 7.97
C ASP A 2609 5.08 -31.16 6.62
N MET A 2610 4.46 -30.05 6.22
CA MET A 2610 3.75 -30.00 4.94
C MET A 2610 4.71 -30.10 3.75
N TRP A 2611 5.99 -29.84 3.95
CA TRP A 2611 6.96 -29.89 2.85
C TRP A 2611 7.36 -31.31 2.49
N VAL A 2612 6.87 -32.31 3.23
CA VAL A 2612 7.07 -33.69 2.81
C VAL A 2612 6.39 -33.92 1.48
N PHE A 2613 5.33 -33.16 1.17
CA PHE A 2613 4.70 -33.24 -0.14
C PHE A 2613 5.68 -32.82 -1.24
N ARG A 2614 6.41 -31.73 -1.01
CA ARG A 2614 7.39 -31.29 -1.99
C ARG A 2614 8.54 -32.28 -2.12
N LEU A 2615 8.98 -32.84 -0.98
CA LEU A 2615 10.07 -33.82 -1.02
C LEU A 2615 9.64 -35.06 -1.81
N CYS A 2616 8.42 -35.55 -1.56
CA CYS A 2616 7.91 -36.69 -2.30
C CYS A 2616 7.71 -36.36 -3.78
N SER A 2617 7.23 -35.16 -4.09
CA SER A 2617 7.04 -34.78 -5.48
C SER A 2617 8.37 -34.78 -6.22
N LEU A 2618 9.42 -34.23 -5.59
CA LEU A 2618 10.74 -34.25 -6.21
C LEU A 2618 11.25 -35.68 -6.36
N TRP A 2619 11.01 -36.52 -5.36
CA TRP A 2619 11.53 -37.88 -5.41
C TRP A 2619 10.84 -38.69 -6.52
N LEU A 2620 9.52 -38.59 -6.61
CA LEU A 2620 8.77 -39.29 -7.65
C LEU A 2620 9.11 -38.76 -9.04
N GLU A 2621 9.22 -37.44 -9.18
CA GLU A 2621 9.53 -36.87 -10.50
C GLU A 2621 10.98 -37.05 -10.89
N ASN A 2622 11.86 -37.43 -9.95
CA ASN A 2622 13.26 -37.68 -10.24
C ASN A 2622 13.69 -39.03 -9.71
N SER A 2623 12.87 -40.05 -9.94
CA SER A 2623 13.19 -41.41 -9.49
C SER A 2623 14.37 -42.01 -10.25
N GLY A 2624 14.66 -41.52 -11.45
CA GLY A 2624 15.76 -42.04 -12.23
C GLY A 2624 17.15 -41.63 -11.77
N VAL A 2625 17.24 -40.63 -10.89
CA VAL A 2625 18.53 -40.17 -10.39
C VAL A 2625 18.98 -41.10 -9.27
N SER A 2626 20.17 -41.67 -9.41
CA SER A 2626 20.68 -42.59 -8.41
C SER A 2626 21.04 -41.86 -7.11
N GLU A 2627 21.54 -40.63 -7.23
CA GLU A 2627 21.91 -39.87 -6.03
C GLU A 2627 20.70 -39.56 -5.16
N VAL A 2628 19.58 -39.20 -5.78
CA VAL A 2628 18.37 -38.90 -5.01
C VAL A 2628 17.87 -40.15 -4.30
N ASN A 2629 17.87 -41.29 -4.99
CA ASN A 2629 17.44 -42.54 -4.36
C ASN A 2629 18.35 -42.94 -3.22
N GLY A 2630 19.67 -42.77 -3.41
CA GLY A 2630 20.60 -43.09 -2.35
C GLY A 2630 20.43 -42.20 -1.13
N MET A 2631 20.21 -40.89 -1.36
CA MET A 2631 19.97 -39.98 -0.25
C MET A 2631 18.67 -40.33 0.47
N MET A 2632 17.64 -40.70 -0.28
CA MET A 2632 16.38 -41.09 0.34
C MET A 2632 16.57 -42.34 1.19
N LYS A 2633 17.32 -43.32 0.68
CA LYS A 2633 17.53 -44.55 1.42
C LYS A 2633 18.34 -44.29 2.69
N ARG A 2634 19.35 -43.45 2.59
CA ARG A 2634 20.24 -43.21 3.72
C ARG A 2634 19.57 -42.38 4.81
N ASP A 2635 18.82 -41.34 4.44
CA ASP A 2635 18.32 -40.41 5.44
C ASP A 2635 16.81 -40.43 5.68
N GLY A 2636 15.99 -40.70 4.67
CA GLY A 2636 14.55 -40.68 4.88
C GLY A 2636 14.04 -41.73 5.84
N MET A 2637 14.78 -42.83 6.01
CA MET A 2637 14.34 -43.85 6.96
C MET A 2637 14.40 -43.37 8.39
N LYS A 2638 15.19 -42.33 8.68
CA LYS A 2638 15.20 -41.74 10.01
C LYS A 2638 14.01 -40.80 10.24
N ILE A 2639 13.36 -40.36 9.17
CA ILE A 2639 12.19 -39.48 9.30
C ILE A 2639 11.04 -40.27 9.92
N PRO A 2640 10.29 -39.70 10.87
CA PRO A 2640 9.15 -40.42 11.43
C PRO A 2640 8.13 -40.76 10.35
N THR A 2641 7.50 -41.93 10.50
CA THR A 2641 6.60 -42.42 9.46
C THR A 2641 5.28 -41.67 9.42
N TYR A 2642 4.85 -41.10 10.56
CA TYR A 2642 3.56 -40.43 10.60
C TYR A 2642 3.52 -39.18 9.74
N LYS A 2643 4.69 -38.66 9.34
CA LYS A 2643 4.70 -37.51 8.42
C LYS A 2643 4.32 -37.92 7.01
N PHE A 2644 4.51 -39.19 6.66
CA PHE A 2644 4.14 -39.71 5.35
C PHE A 2644 2.71 -40.20 5.28
N LEU A 2645 1.99 -40.22 6.40
CA LEU A 2645 0.63 -40.75 6.42
C LEU A 2645 -0.33 -40.02 5.49
N PRO A 2646 -0.40 -38.69 5.47
CA PRO A 2646 -1.40 -38.03 4.61
C PRO A 2646 -1.29 -38.37 3.14
N LEU A 2647 -0.07 -38.56 2.63
CA LEU A 2647 0.15 -38.89 1.23
C LEU A 2647 0.42 -40.38 1.03
N MET A 2648 -0.16 -41.22 1.91
CA MET A 2648 0.03 -42.66 1.81
C MET A 2648 -0.60 -43.21 0.54
N TYR A 2649 -1.69 -42.59 0.07
CA TYR A 2649 -2.33 -43.06 -1.15
C TYR A 2649 -1.38 -42.92 -2.33
N GLN A 2650 -0.69 -41.78 -2.42
CA GLN A 2650 0.22 -41.55 -3.53
C GLN A 2650 1.47 -42.39 -3.39
N LEU A 2651 1.94 -42.61 -2.15
CA LEU A 2651 3.07 -43.49 -1.96
C LEU A 2651 2.75 -44.91 -2.39
N ALA A 2652 1.57 -45.41 -2.03
CA ALA A 2652 1.17 -46.77 -2.37
C ALA A 2652 0.90 -46.93 -3.86
N ALA A 2653 0.36 -45.89 -4.52
CA ALA A 2653 0.05 -45.99 -5.94
C ALA A 2653 1.29 -46.09 -6.83
N ARG A 2654 2.48 -45.82 -6.30
CA ARG A 2654 3.71 -45.86 -7.07
C ARG A 2654 4.50 -47.16 -6.89
N MET A 2655 3.93 -48.14 -6.18
CA MET A 2655 4.63 -49.40 -5.97
C MET A 2655 4.84 -50.14 -7.28
N GLY A 2656 6.00 -50.79 -7.39
CA GLY A 2656 6.33 -51.52 -8.61
C GLY A 2656 7.44 -52.51 -8.35
N THR A 2657 7.81 -53.23 -9.41
CA THR A 2657 8.81 -54.28 -9.33
C THR A 2657 9.86 -54.22 -10.43
N LYS A 2658 9.59 -53.57 -11.56
CA LYS A 2658 10.47 -53.67 -12.72
C LYS A 2658 11.85 -53.09 -12.46
N MET A 2659 11.97 -52.14 -11.52
CA MET A 2659 13.22 -51.43 -11.29
C MET A 2659 13.62 -51.54 -9.82
N MET A 2660 13.59 -52.76 -9.29
CA MET A 2660 14.06 -53.04 -7.95
C MET A 2660 15.56 -53.32 -7.95
N GLY A 2661 16.21 -52.94 -6.86
CA GLY A 2661 17.64 -53.12 -6.75
C GLY A 2661 18.16 -52.50 -5.48
N GLY A 2662 19.49 -52.56 -5.35
CA GLY A 2662 20.13 -51.98 -4.17
C GLY A 2662 19.90 -50.48 -4.05
N LEU A 2663 20.05 -49.76 -5.17
CA LEU A 2663 19.77 -48.33 -5.23
C LEU A 2663 18.50 -48.03 -6.01
N GLY A 2664 17.72 -49.05 -6.35
CA GLY A 2664 16.51 -48.82 -7.12
C GLY A 2664 15.45 -48.05 -6.34
N PHE A 2665 14.66 -47.28 -7.08
CA PHE A 2665 13.59 -46.51 -6.46
C PHE A 2665 12.51 -47.41 -5.88
N HIS A 2666 12.18 -48.50 -6.59
CA HIS A 2666 11.08 -49.35 -6.16
C HIS A 2666 11.38 -50.03 -4.83
N GLU A 2667 12.60 -50.54 -4.65
CA GLU A 2667 12.94 -51.21 -3.40
C GLU A 2667 12.92 -50.25 -2.22
N VAL A 2668 13.45 -49.04 -2.41
CA VAL A 2668 13.45 -48.04 -1.35
C VAL A 2668 12.01 -47.64 -1.00
N LEU A 2669 11.18 -47.45 -2.02
CA LEU A 2669 9.77 -47.11 -1.78
C LEU A 2669 9.06 -48.23 -1.04
N ASN A 2670 9.30 -49.48 -1.43
CA ASN A 2670 8.68 -50.61 -0.75
C ASN A 2670 9.11 -50.70 0.70
N ASN A 2671 10.41 -50.49 0.97
CA ASN A 2671 10.90 -50.54 2.35
C ASN A 2671 10.29 -49.42 3.18
N LEU A 2672 10.19 -48.21 2.61
CA LEU A 2672 9.60 -47.09 3.34
C LEU A 2672 8.13 -47.37 3.64
N ILE A 2673 7.39 -47.88 2.64
CA ILE A 2673 5.97 -48.17 2.83
C ILE A 2673 5.78 -49.24 3.88
N SER A 2674 6.61 -50.29 3.85
CA SER A 2674 6.51 -51.35 4.84
C SER A 2674 6.80 -50.81 6.24
N ARG A 2675 7.81 -49.94 6.37
CA ARG A 2675 8.13 -49.38 7.69
C ARG A 2675 6.99 -48.51 8.20
N ILE A 2676 6.37 -47.72 7.32
CA ILE A 2676 5.23 -46.90 7.72
C ILE A 2676 4.07 -47.80 8.15
N SER A 2677 3.82 -48.87 7.39
CA SER A 2677 2.73 -49.79 7.74
C SER A 2677 2.98 -50.45 9.08
N MET A 2678 4.24 -50.83 9.35
CA MET A 2678 4.56 -51.43 10.64
C MET A 2678 4.35 -50.45 11.78
N ASP A 2679 4.71 -49.18 11.57
CA ASP A 2679 4.56 -48.20 12.65
C ASP A 2679 3.10 -47.84 12.89
N HIS A 2680 2.34 -47.60 11.81
CA HIS A 2680 0.92 -47.22 11.92
C HIS A 2680 0.08 -48.10 11.00
N PRO A 2681 -0.15 -49.36 11.40
CA PRO A 2681 -1.00 -50.23 10.57
C PRO A 2681 -2.42 -49.75 10.41
N HIS A 2682 -2.97 -49.05 11.41
CA HIS A 2682 -4.37 -48.65 11.37
C HIS A 2682 -4.66 -47.60 10.30
N HIS A 2683 -3.64 -46.91 9.80
CA HIS A 2683 -3.82 -45.89 8.78
C HIS A 2683 -3.38 -46.32 7.39
N THR A 2684 -2.74 -47.49 7.24
CA THR A 2684 -2.20 -47.91 5.96
C THR A 2684 -2.66 -49.29 5.51
N LEU A 2685 -3.09 -50.16 6.42
CA LEU A 2685 -3.45 -51.53 6.02
C LEU A 2685 -4.62 -51.55 5.06
N PHE A 2686 -5.63 -50.72 5.31
CA PHE A 2686 -6.81 -50.72 4.44
C PHE A 2686 -6.46 -50.24 3.04
N ILE A 2687 -5.57 -49.26 2.93
CA ILE A 2687 -5.17 -48.75 1.61
C ILE A 2687 -4.45 -49.84 0.81
N ILE A 2688 -3.53 -50.55 1.46
CA ILE A 2688 -2.77 -51.58 0.77
C ILE A 2688 -3.68 -52.74 0.37
N LEU A 2689 -4.60 -53.13 1.27
CA LEU A 2689 -5.55 -54.19 0.92
C LEU A 2689 -6.46 -53.77 -0.23
N ALA A 2690 -6.90 -52.51 -0.23
CA ALA A 2690 -7.71 -52.02 -1.33
C ALA A 2690 -6.95 -52.07 -2.64
N LEU A 2691 -5.67 -51.70 -2.62
CA LEU A 2691 -4.85 -51.82 -3.82
C LEU A 2691 -4.71 -53.27 -4.26
N ALA A 2692 -4.51 -54.18 -3.30
CA ALA A 2692 -4.37 -55.60 -3.61
C ALA A 2692 -5.69 -56.28 -3.95
N ASN A 2693 -6.82 -55.67 -3.58
CA ASN A 2693 -8.14 -56.22 -3.87
C ASN A 2693 -8.84 -55.48 -5.00
N ALA A 2694 -8.08 -55.04 -6.01
CA ALA A 2694 -8.67 -54.31 -7.11
C ALA A 2694 -9.59 -55.21 -7.95
N ASN A 2695 -9.23 -56.49 -8.10
CA ASN A 2695 -9.98 -57.40 -8.93
C ASN A 2695 -10.62 -58.54 -8.13
N ARG A 2696 -10.85 -58.32 -6.83
CA ARG A 2696 -11.51 -59.32 -6.01
C ARG A 2696 -13.03 -59.24 -6.10
N ASP A 2697 -13.57 -58.23 -6.77
CA ASP A 2697 -15.02 -58.10 -6.90
C ASP A 2697 -15.60 -59.27 -7.68
N GLU A 2698 -15.04 -59.55 -8.86
CA GLU A 2698 -15.49 -60.70 -9.64
C GLU A 2698 -14.94 -62.01 -9.08
N PHE A 2699 -13.84 -61.96 -8.32
CA PHE A 2699 -13.32 -63.17 -7.70
C PHE A 2699 -14.28 -63.70 -6.64
N LEU A 2700 -14.85 -62.81 -5.82
CA LEU A 2700 -15.81 -63.24 -4.82
C LEU A 2700 -17.16 -63.58 -5.41
N THR A 2701 -17.54 -62.95 -6.52
CA THR A 2701 -18.82 -63.21 -7.16
C THR A 2701 -18.62 -64.00 -8.45
N SER A 2719 -4.90 -54.76 -16.53
CA SER A 2719 -4.66 -54.19 -17.85
C SER A 2719 -3.17 -54.05 -18.12
N SER A 2720 -2.65 -52.83 -17.94
CA SER A 2720 -1.23 -52.58 -18.15
C SER A 2720 -0.40 -53.26 -17.06
N GLN A 2721 0.89 -53.43 -17.35
CA GLN A 2721 1.79 -54.12 -16.44
C GLN A 2721 1.90 -53.42 -15.09
N LEU A 2722 1.61 -52.12 -15.03
CA LEU A 2722 1.67 -51.41 -13.76
C LEU A 2722 0.63 -51.95 -12.78
N ASP A 2723 -0.49 -52.47 -13.29
CA ASP A 2723 -1.51 -53.00 -12.40
C ASP A 2723 -1.04 -54.27 -11.70
N GLU A 2724 -0.46 -55.21 -12.47
CA GLU A 2724 0.06 -56.42 -11.86
C GLU A 2724 1.25 -56.13 -10.96
N ASP A 2725 2.11 -55.18 -11.36
CA ASP A 2725 3.24 -54.82 -10.51
C ASP A 2725 2.77 -54.24 -9.18
N ARG A 2726 1.76 -53.35 -9.22
CA ARG A 2726 1.22 -52.80 -7.99
C ARG A 2726 0.56 -53.87 -7.13
N THR A 2727 -0.17 -54.80 -7.77
CA THR A 2727 -0.81 -55.87 -7.01
C THR A 2727 0.22 -56.76 -6.34
N GLU A 2728 1.30 -57.11 -7.05
CA GLU A 2728 2.35 -57.94 -6.48
C GLU A 2728 3.05 -57.23 -5.32
N ALA A 2729 3.33 -55.93 -5.49
CA ALA A 2729 3.98 -55.19 -4.41
C ALA A 2729 3.07 -55.08 -3.19
N ALA A 2730 1.77 -54.86 -3.41
CA ALA A 2730 0.83 -54.82 -2.31
C ALA A 2730 0.75 -56.17 -1.60
N ASN A 2731 0.79 -57.26 -2.38
CA ASN A 2731 0.79 -58.59 -1.77
C ASN A 2731 2.04 -58.80 -0.92
N ARG A 2732 3.20 -58.33 -1.41
CA ARG A 2732 4.42 -58.45 -0.64
C ARG A 2732 4.34 -57.66 0.66
N ILE A 2733 3.78 -56.46 0.59
CA ILE A 2733 3.61 -55.65 1.81
C ILE A 2733 2.66 -56.35 2.78
N ILE A 2734 1.59 -56.96 2.26
CA ILE A 2734 0.63 -57.65 3.11
C ILE A 2734 1.29 -58.83 3.80
N CYS A 2735 2.09 -59.62 3.06
CA CYS A 2735 2.80 -60.73 3.68
C CYS A 2735 3.80 -60.25 4.72
N THR A 2736 4.49 -59.14 4.44
CA THR A 2736 5.43 -58.59 5.41
C THR A 2736 4.71 -58.18 6.69
N ILE A 2737 3.56 -57.54 6.56
CA ILE A 2737 2.78 -57.14 7.74
C ILE A 2737 2.27 -58.37 8.48
N ARG A 2738 1.77 -59.36 7.75
CA ARG A 2738 1.24 -60.59 8.34
C ARG A 2738 2.32 -61.46 8.97
N SER A 2739 3.59 -61.20 8.67
CA SER A 2739 4.66 -62.02 9.24
C SER A 2739 4.71 -61.90 10.75
N ARG A 2740 4.52 -60.70 11.28
CA ARG A 2740 4.57 -60.48 12.73
C ARG A 2740 3.21 -60.42 13.39
N ARG A 2741 2.17 -59.94 12.70
CA ARG A 2741 0.83 -59.81 13.26
C ARG A 2741 -0.17 -60.46 12.30
N PRO A 2742 -0.25 -61.80 12.29
CA PRO A 2742 -1.13 -62.46 11.32
C PRO A 2742 -2.61 -62.36 11.67
N GLN A 2743 -2.97 -62.34 12.95
CA GLN A 2743 -4.38 -62.34 13.33
C GLN A 2743 -5.07 -61.06 12.88
N MET A 2744 -4.36 -59.92 12.99
CA MET A 2744 -4.97 -58.65 12.58
C MET A 2744 -5.17 -58.60 11.08
N VAL A 2745 -4.18 -59.08 10.33
CA VAL A 2745 -4.28 -59.05 8.87
C VAL A 2745 -5.41 -59.96 8.42
N ARG A 2746 -5.49 -61.16 9.00
CA ARG A 2746 -6.56 -62.08 8.61
C ARG A 2746 -7.94 -61.53 8.96
N SER A 2747 -8.08 -60.94 10.16
CA SER A 2747 -9.36 -60.39 10.56
C SER A 2747 -9.78 -59.22 9.68
N VAL A 2748 -8.84 -58.33 9.35
CA VAL A 2748 -9.17 -57.18 8.51
C VAL A 2748 -9.50 -57.64 7.10
N GLU A 2749 -8.78 -58.64 6.59
CA GLU A 2749 -9.09 -59.18 5.27
C GLU A 2749 -10.48 -59.81 5.24
N ALA A 2750 -10.84 -60.54 6.30
CA ALA A 2750 -12.18 -61.10 6.39
C ALA A 2750 -13.24 -60.01 6.43
N LEU A 2751 -13.00 -58.95 7.19
CA LEU A 2751 -13.94 -57.84 7.24
C LEU A 2751 -14.10 -57.17 5.89
N CYS A 2752 -12.99 -56.97 5.17
CA CYS A 2752 -13.04 -56.39 3.84
C CYS A 2752 -13.81 -57.27 2.88
N ASP A 2753 -13.60 -58.59 2.95
CA ASP A 2753 -14.34 -59.52 2.11
C ASP A 2753 -15.83 -59.47 2.42
N ALA A 2754 -16.18 -59.36 3.71
CA ALA A 2754 -17.58 -59.25 4.08
C ALA A 2754 -18.20 -57.97 3.54
N TYR A 2755 -17.45 -56.86 3.59
CA TYR A 2755 -17.96 -55.60 3.03
C TYR A 2755 -18.15 -55.72 1.53
N ILE A 2756 -17.20 -56.35 0.82
CA ILE A 2756 -17.33 -56.48 -0.63
C ILE A 2756 -18.53 -57.36 -0.98
N ILE A 2757 -18.72 -58.46 -0.25
CA ILE A 2757 -19.86 -59.34 -0.50
C ILE A 2757 -21.17 -58.61 -0.24
N LEU A 2758 -21.24 -57.84 0.84
CA LEU A 2758 -22.44 -57.07 1.14
C LEU A 2758 -22.72 -56.04 0.05
N ALA A 2759 -21.66 -55.39 -0.45
CA ALA A 2759 -21.83 -54.40 -1.51
C ALA A 2759 -22.33 -55.05 -2.80
N ASN A 2760 -21.83 -56.25 -3.12
CA ASN A 2760 -22.21 -56.92 -4.35
C ASN A 2760 -23.65 -57.41 -4.35
N LEU A 2761 -24.33 -57.41 -3.20
CA LEU A 2761 -25.72 -57.83 -3.16
C LEU A 2761 -26.58 -56.89 -3.98
N ASP A 2762 -27.47 -57.47 -4.79
CA ASP A 2762 -28.31 -56.67 -5.68
C ASP A 2762 -29.38 -55.91 -4.89
N ALA A 2763 -30.27 -56.65 -4.22
CA ALA A 2763 -31.26 -56.07 -3.31
C ALA A 2763 -32.11 -54.99 -4.00
N THR A 2764 -32.56 -55.28 -5.22
CA THR A 2764 -33.39 -54.35 -5.97
C THR A 2764 -34.87 -54.47 -5.62
N GLN A 2765 -35.27 -55.52 -4.89
CA GLN A 2765 -36.68 -55.71 -4.59
C GLN A 2765 -37.18 -54.75 -3.52
N TRP A 2766 -36.30 -54.34 -2.59
CA TRP A 2766 -36.68 -53.47 -1.49
C TRP A 2766 -36.46 -52.00 -1.79
N LYS A 2767 -36.54 -51.61 -3.07
CA LYS A 2767 -36.36 -50.21 -3.44
C LYS A 2767 -37.47 -49.34 -2.86
N THR A 2768 -38.69 -49.86 -2.83
CA THR A 2768 -39.84 -49.11 -2.32
C THR A 2768 -39.96 -49.16 -0.80
N GLN A 2769 -39.10 -49.92 -0.12
CA GLN A 2769 -39.14 -50.05 1.33
C GLN A 2769 -38.17 -49.07 1.97
N ARG A 2770 -38.65 -48.31 2.95
CA ARG A 2770 -37.83 -47.32 3.65
C ARG A 2770 -37.87 -47.51 5.17
N LYS A 2771 -38.32 -48.68 5.63
CA LYS A 2771 -38.41 -48.95 7.07
C LYS A 2771 -37.24 -49.76 7.60
N GLY A 2772 -36.46 -50.41 6.73
CA GLY A 2772 -35.35 -51.23 7.18
C GLY A 2772 -35.58 -52.69 6.85
N ILE A 2773 -34.62 -53.27 6.14
CA ILE A 2773 -34.70 -54.66 5.69
C ILE A 2773 -33.68 -55.47 6.48
N ASN A 2774 -34.10 -56.63 6.97
CA ASN A 2774 -33.20 -57.52 7.70
C ASN A 2774 -32.13 -58.06 6.76
N ILE A 2775 -30.89 -58.04 7.23
CA ILE A 2775 -29.78 -58.56 6.42
C ILE A 2775 -29.93 -60.07 6.25
N PRO A 2776 -29.79 -60.60 5.04
CA PRO A 2776 -29.87 -62.06 4.86
C PRO A 2776 -28.79 -62.79 5.64
N ALA A 2777 -29.16 -63.97 6.14
CA ALA A 2777 -28.24 -64.77 6.95
C ALA A 2777 -27.05 -65.31 6.16
N ASP A 2778 -27.11 -65.26 4.82
CA ASP A 2778 -26.01 -65.76 4.01
C ASP A 2778 -24.80 -64.83 4.04
N GLN A 2779 -25.00 -63.57 4.38
CA GLN A 2779 -23.89 -62.62 4.40
C GLN A 2779 -22.91 -62.96 5.51
N PRO A 2780 -21.62 -63.09 5.21
CA PRO A 2780 -20.64 -63.41 6.26
C PRO A 2780 -20.44 -62.31 7.29
N ILE A 2781 -20.90 -61.09 7.01
CA ILE A 2781 -20.72 -59.99 7.96
C ILE A 2781 -21.46 -60.27 9.26
N THR A 2782 -22.53 -61.07 9.21
CA THR A 2782 -23.25 -61.40 10.44
C THR A 2782 -22.46 -62.36 11.32
N LYS A 2783 -21.70 -63.27 10.72
CA LYS A 2783 -20.95 -64.25 11.49
C LYS A 2783 -19.88 -63.59 12.35
N LEU A 2784 -19.15 -62.63 11.78
CA LEU A 2784 -18.03 -62.03 12.49
C LEU A 2784 -18.52 -61.15 13.64
N LYS A 2785 -17.92 -61.35 14.81
CA LYS A 2785 -18.22 -60.56 16.00
C LYS A 2785 -16.98 -60.40 16.84
N ASN A 2786 -16.93 -59.31 17.60
CA ASN A 2786 -15.86 -59.05 18.57
C ASN A 2786 -14.48 -59.07 17.92
N LEU A 2787 -14.28 -58.12 16.99
CA LEU A 2787 -12.99 -57.94 16.34
C LEU A 2787 -12.18 -56.91 17.12
N GLU A 2788 -11.53 -57.39 18.18
CA GLU A 2788 -10.75 -56.52 19.04
C GLU A 2788 -9.49 -56.00 18.37
N ASP A 2789 -9.07 -56.61 17.27
CA ASP A 2789 -7.87 -56.21 16.54
C ASP A 2789 -8.17 -55.34 15.33
N VAL A 2790 -9.43 -54.97 15.12
CA VAL A 2790 -9.83 -54.13 14.00
C VAL A 2790 -10.41 -52.83 14.56
N VAL A 2791 -9.76 -51.72 14.28
CA VAL A 2791 -10.31 -50.41 14.61
C VAL A 2791 -11.38 -50.07 13.57
N VAL A 2792 -12.35 -49.26 13.98
CA VAL A 2792 -13.46 -48.89 13.10
C VAL A 2792 -12.93 -48.05 11.95
N PRO A 2793 -13.09 -48.49 10.70
CA PRO A 2793 -12.64 -47.65 9.58
C PRO A 2793 -13.42 -46.35 9.45
N THR A 2794 -14.68 -46.35 9.86
CA THR A 2794 -15.49 -45.13 9.76
C THR A 2794 -14.96 -44.03 10.66
N MET A 2795 -14.51 -44.39 11.87
CA MET A 2795 -14.03 -43.38 12.81
C MET A 2795 -12.71 -42.81 12.36
N GLU A 2796 -12.41 -41.60 12.84
CA GLU A 2796 -11.14 -40.95 12.59
C GLU A 2796 -10.16 -41.32 13.71
N ILE A 2797 -9.06 -41.96 13.33
CA ILE A 2797 -8.07 -42.43 14.29
C ILE A 2797 -7.00 -41.35 14.45
N LYS A 2798 -6.83 -40.87 15.67
CA LYS A 2798 -5.80 -39.88 15.95
C LYS A 2798 -4.41 -40.52 15.80
N VAL A 2799 -3.48 -39.75 15.27
CA VAL A 2799 -2.12 -40.22 15.01
C VAL A 2799 -1.23 -39.81 16.18
N ASP A 2800 -0.53 -40.77 16.75
CA ASP A 2800 0.41 -40.53 17.84
C ASP A 2800 1.84 -40.83 17.37
N HIS A 2801 2.80 -40.13 17.98
CA HIS A 2801 4.19 -40.32 17.61
C HIS A 2801 4.71 -41.69 18.03
N THR A 2802 4.26 -42.18 19.18
CA THR A 2802 4.67 -43.50 19.64
C THR A 2802 4.04 -44.58 18.76
N GLY A 2803 4.76 -45.71 18.64
CA GLY A 2803 4.28 -46.81 17.83
C GLY A 2803 3.17 -47.62 18.45
N GLU A 2804 3.00 -47.53 19.77
CA GLU A 2804 2.00 -48.32 20.47
C GLU A 2804 0.64 -47.65 20.37
N TYR A 2805 -0.37 -48.42 19.96
CA TYR A 2805 -1.75 -47.96 19.89
C TYR A 2805 -2.58 -48.72 20.92
N GLY A 2806 -3.27 -47.97 21.78
CA GLY A 2806 -4.06 -48.59 22.83
C GLY A 2806 -5.33 -47.79 23.08
N ASN A 2807 -6.27 -48.47 23.75
CA ASN A 2807 -7.57 -47.88 24.09
C ASN A 2807 -8.30 -47.36 22.86
N LEU A 2808 -8.23 -48.11 21.77
CA LEU A 2808 -8.90 -47.75 20.52
C LEU A 2808 -10.25 -48.44 20.44
N VAL A 2809 -11.21 -47.75 19.82
CA VAL A 2809 -12.55 -48.29 19.64
C VAL A 2809 -12.52 -49.34 18.55
N THR A 2810 -12.80 -50.58 18.90
CA THR A 2810 -12.77 -51.70 17.98
C THR A 2810 -14.19 -52.15 17.64
N ILE A 2811 -14.30 -52.85 16.51
CA ILE A 2811 -15.60 -53.32 16.04
C ILE A 2811 -16.05 -54.48 16.93
N GLN A 2812 -17.28 -54.38 17.44
CA GLN A 2812 -17.86 -55.43 18.28
C GLN A 2812 -18.81 -56.33 17.50
N SER A 2813 -19.82 -55.75 16.86
CA SER A 2813 -20.79 -56.51 16.08
C SER A 2813 -21.49 -55.57 15.12
N PHE A 2814 -22.39 -56.13 14.31
CA PHE A 2814 -23.17 -55.37 13.35
C PHE A 2814 -24.65 -55.68 13.54
N LYS A 2815 -25.49 -54.66 13.35
CA LYS A 2815 -26.93 -54.85 13.44
C LYS A 2815 -27.43 -55.68 12.26
N ALA A 2816 -28.54 -56.38 12.48
CA ALA A 2816 -29.12 -57.26 11.46
C ALA A 2816 -30.01 -56.51 10.47
N GLU A 2817 -30.23 -55.21 10.66
CA GLU A 2817 -31.09 -54.42 9.79
C GLU A 2817 -30.26 -53.40 9.02
N PHE A 2818 -30.56 -53.27 7.72
CA PHE A 2818 -29.87 -52.32 6.86
C PHE A 2818 -30.90 -51.51 6.08
N ARG A 2819 -30.56 -50.25 5.84
CA ARG A 2819 -31.43 -49.33 5.12
C ARG A 2819 -30.92 -49.11 3.70
N LEU A 2820 -31.73 -48.41 2.90
CA LEU A 2820 -31.39 -48.10 1.52
C LEU A 2820 -31.57 -46.60 1.29
N ALA A 2821 -30.71 -46.04 0.44
CA ALA A 2821 -30.75 -44.64 0.09
C ALA A 2821 -31.12 -44.46 -1.37
N GLY A 2822 -31.77 -43.33 -1.67
CA GLY A 2822 -32.19 -43.06 -3.03
C GLY A 2822 -31.02 -42.80 -3.96
N GLY A 2823 -31.23 -43.10 -5.23
CA GLY A 2823 -30.20 -42.89 -6.23
C GLY A 2823 -30.40 -43.84 -7.40
N VAL A 2824 -29.49 -43.73 -8.36
CA VAL A 2824 -29.50 -44.64 -9.51
C VAL A 2824 -29.25 -46.07 -9.04
N ASN A 2825 -28.11 -46.29 -8.40
CA ASN A 2825 -27.84 -47.54 -7.72
C ASN A 2825 -28.36 -47.50 -6.29
N LEU A 2826 -28.39 -48.66 -5.65
CA LEU A 2826 -28.93 -48.77 -4.30
C LEU A 2826 -27.82 -49.00 -3.30
N PRO A 2827 -27.39 -47.99 -2.56
CA PRO A 2827 -26.42 -48.21 -1.48
C PRO A 2827 -27.10 -48.70 -0.21
N LYS A 2828 -26.33 -49.42 0.59
CA LYS A 2828 -26.83 -50.02 1.82
C LYS A 2828 -26.25 -49.32 3.02
N ILE A 2829 -27.10 -48.97 3.99
CA ILE A 2829 -26.68 -48.31 5.21
C ILE A 2829 -26.70 -49.35 6.33
N ILE A 2830 -25.53 -49.60 6.91
CA ILE A 2830 -25.38 -50.58 7.97
C ILE A 2830 -24.92 -49.87 9.24
N ASP A 2831 -25.18 -50.51 10.38
CA ASP A 2831 -24.83 -49.98 11.68
C ASP A 2831 -23.71 -50.81 12.29
N CYS A 2832 -22.65 -50.15 12.74
CA CYS A 2832 -21.51 -50.80 13.35
C CYS A 2832 -21.44 -50.43 14.82
N VAL A 2833 -21.35 -51.44 15.68
CA VAL A 2833 -21.28 -51.25 17.13
C VAL A 2833 -19.82 -51.36 17.55
N GLY A 2834 -19.32 -50.33 18.22
CA GLY A 2834 -17.94 -50.30 18.66
C GLY A 2834 -17.75 -50.98 20.01
N SER A 2835 -16.51 -50.90 20.51
CA SER A 2835 -16.21 -51.47 21.81
C SER A 2835 -16.97 -50.75 22.93
N ASP A 2836 -17.11 -49.43 22.82
CA ASP A 2836 -17.84 -48.66 23.82
C ASP A 2836 -19.34 -48.89 23.76
N GLY A 2837 -19.84 -49.58 22.73
CA GLY A 2837 -21.26 -49.83 22.60
C GLY A 2837 -22.06 -48.74 21.91
N LYS A 2838 -21.39 -47.77 21.29
CA LYS A 2838 -22.07 -46.70 20.58
C LYS A 2838 -22.21 -47.05 19.11
N GLU A 2839 -23.43 -46.99 18.60
CA GLU A 2839 -23.69 -47.36 17.22
C GLU A 2839 -23.14 -46.31 16.26
N ARG A 2840 -22.63 -46.77 15.12
CA ARG A 2840 -22.13 -45.89 14.07
C ARG A 2840 -22.72 -46.32 12.74
N ARG A 2841 -23.17 -45.33 11.95
CA ARG A 2841 -23.82 -45.60 10.68
C ARG A 2841 -22.80 -45.53 9.56
N GLN A 2842 -22.76 -46.57 8.72
CA GLN A 2842 -21.82 -46.66 7.62
C GLN A 2842 -22.59 -46.84 6.31
N LEU A 2843 -22.14 -46.15 5.27
CA LEU A 2843 -22.74 -46.24 3.94
C LEU A 2843 -21.84 -47.07 3.04
N VAL A 2844 -22.41 -48.13 2.45
CA VAL A 2844 -21.69 -49.03 1.57
C VAL A 2844 -22.20 -48.80 0.14
N LYS A 2845 -21.32 -48.37 -0.75
CA LYS A 2845 -21.68 -48.03 -2.11
C LYS A 2845 -21.03 -49.00 -3.10
N GLY A 2846 -21.78 -49.36 -4.14
CA GLY A 2846 -21.29 -50.25 -5.17
C GLY A 2846 -21.34 -49.57 -6.53
N ARG A 2847 -20.66 -50.20 -7.49
CA ARG A 2847 -20.61 -49.73 -8.88
C ARG A 2847 -20.22 -48.25 -8.94
N ASP A 2848 -19.18 -47.91 -8.18
CA ASP A 2848 -18.69 -46.54 -8.13
C ASP A 2848 -17.28 -46.54 -7.56
N ASP A 2849 -16.50 -45.53 -7.95
CA ASP A 2849 -15.13 -45.37 -7.49
C ASP A 2849 -15.11 -44.40 -6.31
N LEU A 2850 -14.58 -44.85 -5.18
CA LEU A 2850 -14.54 -44.06 -3.96
C LEU A 2850 -13.16 -43.50 -3.64
N ARG A 2851 -12.14 -43.81 -4.45
CA ARG A 2851 -10.81 -43.30 -4.18
C ARG A 2851 -10.73 -41.79 -4.42
N GLN A 2852 -11.47 -41.31 -5.42
CA GLN A 2852 -11.50 -39.87 -5.68
C GLN A 2852 -12.08 -39.11 -4.49
N ASP A 2853 -13.14 -39.66 -3.88
CA ASP A 2853 -13.71 -39.03 -2.71
C ASP A 2853 -12.72 -38.99 -1.55
N ALA A 2854 -11.96 -40.08 -1.36
CA ALA A 2854 -10.96 -40.10 -0.29
C ALA A 2854 -9.87 -39.05 -0.54
N VAL A 2855 -9.42 -38.93 -1.79
CA VAL A 2855 -8.42 -37.93 -2.11
C VAL A 2855 -8.96 -36.52 -1.88
N MET A 2856 -10.21 -36.27 -2.27
CA MET A 2856 -10.82 -34.98 -2.03
C MET A 2856 -10.94 -34.69 -0.53
N GLN A 2857 -11.25 -35.72 0.26
CA GLN A 2857 -11.31 -35.55 1.71
C GLN A 2857 -9.93 -35.21 2.26
N GLN A 2858 -8.88 -35.82 1.70
CA GLN A 2858 -7.52 -35.50 2.15
C GLN A 2858 -7.19 -34.05 1.83
N VAL A 2859 -7.58 -33.58 0.65
CA VAL A 2859 -7.33 -32.17 0.31
C VAL A 2859 -8.13 -31.24 1.20
N PHE A 2860 -9.36 -31.62 1.55
CA PHE A 2860 -10.15 -30.83 2.47
C PHE A 2860 -9.51 -30.79 3.85
N GLN A 2861 -8.92 -31.90 4.29
CA GLN A 2861 -8.19 -31.92 5.55
C GLN A 2861 -6.99 -30.99 5.50
N MET A 2862 -6.27 -30.98 4.38
CA MET A 2862 -5.15 -30.04 4.23
C MET A 2862 -5.62 -28.60 4.26
N CYS A 2863 -6.75 -28.30 3.61
CA CYS A 2863 -7.30 -26.95 3.67
C CYS A 2863 -7.69 -26.58 5.10
N ASN A 2864 -8.28 -27.54 5.83
CA ASN A 2864 -8.63 -27.29 7.23
C ASN A 2864 -7.39 -27.01 8.07
N THR A 2865 -6.31 -27.76 7.85
CA THR A 2865 -5.09 -27.56 8.62
C THR A 2865 -4.45 -26.22 8.28
N LEU A 2866 -4.47 -25.84 7.01
CA LEU A 2866 -3.98 -24.52 6.62
C LEU A 2866 -4.79 -23.40 7.27
N LEU A 2867 -6.12 -23.56 7.30
CA LEU A 2867 -6.97 -22.56 7.92
C LEU A 2867 -6.79 -22.52 9.43
N GLN A 2868 -6.41 -23.64 10.05
CA GLN A 2868 -6.27 -23.69 11.50
C GLN A 2868 -5.06 -22.90 11.98
N ARG A 2869 -3.95 -22.97 11.25
CA ARG A 2869 -2.72 -22.34 11.71
C ARG A 2869 -2.67 -20.84 11.47
N ASN A 2870 -3.66 -20.27 10.79
CA ASN A 2870 -3.75 -18.83 10.59
C ASN A 2870 -4.73 -18.25 11.60
N THR A 2871 -4.31 -17.20 12.32
CA THR A 2871 -5.11 -16.69 13.41
C THR A 2871 -6.40 -16.02 12.93
N GLU A 2872 -6.39 -15.46 11.70
CA GLU A 2872 -7.58 -14.80 11.19
C GLU A 2872 -8.71 -15.79 10.97
N THR A 2873 -8.38 -16.97 10.46
CA THR A 2873 -9.40 -17.99 10.22
C THR A 2873 -9.62 -18.89 11.43
N ARG A 2874 -8.59 -19.05 12.28
CA ARG A 2874 -8.78 -19.80 13.52
C ARG A 2874 -9.73 -19.06 14.45
N LYS A 2875 -9.65 -17.74 14.49
CA LYS A 2875 -10.60 -16.97 15.30
C LYS A 2875 -12.02 -17.12 14.79
N ARG A 2876 -12.20 -17.15 13.47
CA ARG A 2876 -13.52 -17.29 12.87
C ARG A 2876 -13.97 -18.74 12.75
N LYS A 2877 -13.13 -19.70 13.12
CA LYS A 2877 -13.49 -21.12 13.11
C LYS A 2877 -13.94 -21.57 11.72
N LEU A 2878 -13.17 -21.19 10.70
CA LEU A 2878 -13.49 -21.52 9.32
C LEU A 2878 -12.94 -22.91 9.02
N THR A 2879 -13.81 -23.91 8.98
CA THR A 2879 -13.42 -25.29 8.74
C THR A 2879 -14.31 -25.91 7.66
N ILE A 2880 -13.82 -26.99 7.08
CA ILE A 2880 -14.56 -27.78 6.09
C ILE A 2880 -15.03 -29.07 6.76
N CYS A 2881 -16.33 -29.36 6.65
CA CYS A 2881 -16.85 -30.61 7.18
C CYS A 2881 -16.34 -31.77 6.35
N THR A 2882 -15.82 -32.79 7.02
CA THR A 2882 -15.21 -33.94 6.35
C THR A 2882 -15.79 -35.24 6.91
N TYR A 2883 -15.85 -36.25 6.04
CA TYR A 2883 -16.29 -37.58 6.43
C TYR A 2883 -15.29 -38.60 5.90
N LYS A 2884 -15.06 -39.66 6.68
CA LYS A 2884 -14.08 -40.66 6.31
C LYS A 2884 -14.57 -41.50 5.13
N VAL A 2885 -13.71 -41.69 4.15
CA VAL A 2885 -13.99 -42.54 2.99
C VAL A 2885 -12.93 -43.63 2.97
N VAL A 2886 -13.36 -44.88 2.95
CA VAL A 2886 -12.44 -46.02 2.96
C VAL A 2886 -12.72 -46.88 1.72
N PRO A 2887 -12.01 -46.64 0.62
CA PRO A 2887 -12.18 -47.51 -0.56
C PRO A 2887 -11.73 -48.92 -0.26
N LEU A 2888 -12.45 -49.89 -0.83
CA LEU A 2888 -12.14 -51.30 -0.64
C LEU A 2888 -11.74 -52.01 -1.92
N SER A 2889 -12.15 -51.53 -3.09
CA SER A 2889 -11.81 -52.14 -4.36
C SER A 2889 -11.99 -51.09 -5.46
N GLN A 2890 -11.82 -51.51 -6.71
CA GLN A 2890 -12.01 -50.62 -7.84
C GLN A 2890 -13.48 -50.39 -8.18
N ARG A 2891 -14.39 -51.12 -7.55
CA ARG A 2891 -15.81 -51.01 -7.85
C ARG A 2891 -16.68 -50.85 -6.61
N SER A 2892 -16.23 -51.28 -5.44
CA SER A 2892 -17.01 -51.17 -4.21
C SER A 2892 -16.19 -50.46 -3.15
N GLY A 2893 -16.90 -49.89 -2.17
CA GLY A 2893 -16.24 -49.18 -1.09
C GLY A 2893 -17.23 -48.82 0.00
N VAL A 2894 -16.68 -48.27 1.09
CA VAL A 2894 -17.46 -47.86 2.24
C VAL A 2894 -17.00 -46.48 2.67
N LEU A 2895 -17.93 -45.68 3.19
CA LEU A 2895 -17.62 -44.32 3.59
C LEU A 2895 -18.53 -43.91 4.75
N GLU A 2896 -18.13 -42.85 5.45
CA GLU A 2896 -18.85 -42.39 6.62
C GLU A 2896 -20.22 -41.83 6.24
N TRP A 2897 -21.22 -42.15 7.05
CA TRP A 2897 -22.56 -41.60 6.90
C TRP A 2897 -22.72 -40.46 7.89
N CYS A 2898 -23.03 -39.27 7.38
CA CYS A 2898 -23.15 -38.07 8.20
C CYS A 2898 -24.48 -38.14 8.95
N THR A 2899 -24.43 -38.58 10.20
CA THR A 2899 -25.62 -38.67 11.02
C THR A 2899 -26.13 -37.27 11.37
N GLY A 2900 -27.45 -37.13 11.43
CA GLY A 2900 -28.05 -35.85 11.76
C GLY A 2900 -28.03 -34.83 10.65
N THR A 2901 -27.78 -35.25 9.41
CA THR A 2901 -27.72 -34.34 8.27
C THR A 2901 -28.82 -34.69 7.29
N VAL A 2902 -29.33 -33.66 6.62
CA VAL A 2902 -30.41 -33.82 5.63
C VAL A 2902 -30.00 -33.06 4.37
N PRO A 2903 -30.30 -33.57 3.18
CA PRO A 2903 -30.03 -32.81 1.95
C PRO A 2903 -30.80 -31.49 1.94
N ILE A 2904 -30.17 -30.46 1.40
CA ILE A 2904 -30.82 -29.15 1.32
C ILE A 2904 -32.01 -29.22 0.36
N GLY A 2905 -31.90 -30.00 -0.71
CA GLY A 2905 -33.03 -30.17 -1.60
C GLY A 2905 -34.19 -30.90 -0.94
N GLU A 2906 -33.87 -31.90 -0.11
CA GLU A 2906 -34.91 -32.62 0.61
C GLU A 2906 -35.65 -31.69 1.57
N PHE A 2907 -34.92 -30.76 2.21
CA PHE A 2907 -35.55 -29.83 3.14
C PHE A 2907 -36.32 -28.75 2.40
N LEU A 2908 -35.87 -28.33 1.22
CA LEU A 2908 -36.42 -27.16 0.55
C LEU A 2908 -37.56 -27.53 -0.41
N VAL A 2909 -37.30 -28.43 -1.36
CA VAL A 2909 -38.25 -28.65 -2.45
C VAL A 2909 -38.83 -30.06 -2.40
N ASN A 2910 -39.01 -30.59 -1.19
CA ASN A 2910 -39.67 -31.88 -1.05
C ASN A 2910 -41.12 -31.78 -1.52
N ASN A 2911 -41.57 -32.82 -2.24
CA ASN A 2911 -42.92 -32.82 -2.78
C ASN A 2911 -43.98 -32.83 -1.68
N GLU A 2912 -43.76 -33.63 -0.63
CA GLU A 2912 -44.77 -33.78 0.41
C GLU A 2912 -44.72 -32.63 1.42
N ASP A 2913 -43.59 -32.47 2.09
CA ASP A 2913 -43.46 -31.49 3.17
C ASP A 2913 -42.24 -30.60 2.96
N GLY A 2914 -42.10 -30.09 1.73
CA GLY A 2914 -41.01 -29.17 1.45
C GLY A 2914 -41.22 -27.81 2.10
N ALA A 2915 -40.10 -27.12 2.32
CA ALA A 2915 -40.17 -25.79 2.92
C ALA A 2915 -40.93 -24.81 2.04
N HIS A 2916 -40.69 -24.87 0.73
CA HIS A 2916 -41.38 -23.95 -0.19
C HIS A 2916 -42.88 -24.19 -0.17
N LYS A 2917 -43.30 -25.46 -0.16
CA LYS A 2917 -44.73 -25.77 -0.12
C LYS A 2917 -45.34 -25.35 1.21
N ARG A 2918 -44.64 -25.59 2.31
CA ARG A 2918 -45.19 -25.28 3.62
C ARG A 2918 -45.32 -23.77 3.84
N TYR A 2919 -44.32 -23.01 3.41
CA TYR A 2919 -44.31 -21.58 3.68
C TYR A 2919 -44.95 -20.75 2.59
N ARG A 2920 -44.88 -21.19 1.33
CA ARG A 2920 -45.44 -20.46 0.19
C ARG A 2920 -46.31 -21.40 -0.63
N PRO A 2921 -47.49 -21.75 -0.11
CA PRO A 2921 -48.39 -22.61 -0.90
C PRO A 2921 -48.86 -21.99 -2.20
N ASN A 2922 -48.99 -20.66 -2.25
CA ASN A 2922 -49.51 -19.98 -3.44
C ASN A 2922 -48.46 -19.83 -4.54
N ASP A 2923 -47.20 -20.09 -4.25
CA ASP A 2923 -46.16 -19.96 -5.27
C ASP A 2923 -46.13 -21.21 -6.15
N PHE A 2924 -45.29 -21.15 -7.19
CA PHE A 2924 -45.14 -22.28 -8.08
C PHE A 2924 -44.49 -23.46 -7.36
N SER A 2925 -44.95 -24.66 -7.68
CA SER A 2925 -44.38 -25.86 -7.10
C SER A 2925 -43.03 -26.17 -7.73
N ALA A 2926 -42.25 -27.02 -7.06
CA ALA A 2926 -40.95 -27.42 -7.58
C ALA A 2926 -41.08 -28.17 -8.89
N PHE A 2927 -42.09 -29.04 -9.01
CA PHE A 2927 -42.30 -29.76 -10.25
C PHE A 2927 -42.64 -28.82 -11.39
N GLN A 2928 -43.46 -27.79 -11.12
CA GLN A 2928 -43.82 -26.85 -12.17
C GLN A 2928 -42.60 -26.08 -12.66
N CYS A 2929 -41.75 -25.63 -11.73
CA CYS A 2929 -40.54 -24.92 -12.13
C CYS A 2929 -39.59 -25.83 -12.91
N GLN A 2930 -39.46 -27.09 -12.47
CA GLN A 2930 -38.58 -28.03 -13.18
C GLN A 2930 -39.10 -28.26 -14.59
N LYS A 2931 -40.41 -28.43 -14.75
CA LYS A 2931 -40.97 -28.67 -16.07
C LYS A 2931 -40.78 -27.44 -16.96
N LYS A 2932 -40.99 -26.24 -16.40
CA LYS A 2932 -40.83 -25.03 -17.19
C LYS A 2932 -39.39 -24.87 -17.64
N MET A 2933 -38.43 -25.17 -16.76
CA MET A 2933 -37.02 -25.05 -17.13
C MET A 2933 -36.64 -26.08 -18.18
N MET A 2934 -37.18 -27.30 -18.08
CA MET A 2934 -36.86 -28.32 -19.07
C MET A 2934 -37.50 -28.00 -20.43
N GLU A 2935 -38.63 -27.30 -20.44
CA GLU A 2935 -39.28 -26.97 -21.70
C GLU A 2935 -38.46 -25.98 -22.52
N VAL A 2936 -37.79 -25.05 -21.84
CA VAL A 2936 -37.08 -23.96 -22.53
C VAL A 2936 -35.64 -24.39 -22.79
N GLN A 2937 -35.33 -25.66 -22.53
CA GLN A 2937 -33.97 -26.16 -22.75
C GLN A 2937 -33.57 -26.06 -24.22
N LYS A 2938 -34.47 -26.46 -25.13
CA LYS A 2938 -34.20 -26.37 -26.57
C LYS A 2938 -34.81 -25.09 -27.14
N LYS A 2939 -34.31 -23.96 -26.65
CA LYS A 2939 -34.81 -22.65 -27.05
C LYS A 2939 -33.65 -21.67 -27.05
N SER A 2940 -33.97 -20.41 -27.35
CA SER A 2940 -32.95 -19.36 -27.40
C SER A 2940 -32.48 -18.99 -25.99
N PHE A 2941 -31.31 -18.36 -25.94
CA PHE A 2941 -30.76 -17.92 -24.66
C PHE A 2941 -31.63 -16.87 -24.00
N GLU A 2942 -32.17 -15.93 -24.80
CA GLU A 2942 -33.06 -14.92 -24.26
C GLU A 2942 -34.33 -15.55 -23.68
N GLU A 2943 -34.87 -16.55 -24.37
CA GLU A 2943 -36.04 -17.25 -23.85
C GLU A 2943 -35.71 -17.97 -22.55
N LYS A 2944 -34.51 -18.56 -22.46
CA LYS A 2944 -34.09 -19.19 -21.21
C LYS A 2944 -34.00 -18.16 -20.09
N TYR A 2945 -33.44 -16.99 -20.39
CA TYR A 2945 -33.28 -15.97 -19.36
C TYR A 2945 -34.63 -15.47 -18.88
N GLU A 2946 -35.57 -15.22 -19.80
CA GLU A 2946 -36.87 -14.71 -19.37
C GLU A 2946 -37.68 -15.78 -18.65
N VAL A 2947 -37.52 -17.06 -19.03
CA VAL A 2947 -38.16 -18.14 -18.29
C VAL A 2947 -37.60 -18.21 -16.87
N PHE A 2948 -36.28 -18.12 -16.75
CA PHE A 2948 -35.66 -18.17 -15.42
C PHE A 2948 -36.11 -17.01 -14.55
N MET A 2949 -36.21 -15.81 -15.14
CA MET A 2949 -36.68 -14.65 -14.37
C MET A 2949 -38.14 -14.82 -13.97
N ASP A 2950 -38.97 -15.38 -14.86
CA ASP A 2950 -40.37 -15.61 -14.51
C ASP A 2950 -40.49 -16.62 -13.39
N VAL A 2951 -39.69 -17.69 -13.43
CA VAL A 2951 -39.72 -18.68 -12.35
C VAL A 2951 -39.26 -18.06 -11.04
N CYS A 2952 -38.17 -17.29 -11.08
CA CYS A 2952 -37.66 -16.66 -9.87
C CYS A 2952 -38.65 -15.66 -9.29
N GLN A 2953 -39.47 -15.04 -10.15
CA GLN A 2953 -40.48 -14.11 -9.66
C GLN A 2953 -41.53 -14.83 -8.82
N ASN A 2954 -41.92 -16.04 -9.22
CA ASN A 2954 -42.94 -16.83 -8.53
C ASN A 2954 -42.34 -17.90 -7.62
N PHE A 2955 -41.08 -17.76 -7.23
CA PHE A 2955 -40.41 -18.72 -6.34
C PHE A 2955 -39.53 -17.93 -5.38
N GLN A 2956 -40.07 -17.64 -4.20
CA GLN A 2956 -39.28 -16.85 -3.26
C GLN A 2956 -38.55 -17.76 -2.28
N PRO A 2957 -37.30 -17.44 -1.96
CA PRO A 2957 -36.52 -18.28 -1.03
C PRO A 2957 -37.14 -18.32 0.35
N VAL A 2958 -37.11 -19.50 0.97
CA VAL A 2958 -37.67 -19.71 2.30
C VAL A 2958 -36.67 -20.45 3.18
N PHE A 2959 -35.40 -20.51 2.74
CA PHE A 2959 -34.40 -21.28 3.47
C PHE A 2959 -34.02 -20.63 4.81
N ARG A 2960 -34.32 -19.34 4.99
CA ARG A 2960 -34.00 -18.66 6.24
C ARG A 2960 -34.78 -19.21 7.43
N TYR A 2961 -35.84 -19.97 7.18
CA TYR A 2961 -36.68 -20.49 8.27
C TYR A 2961 -36.10 -21.73 8.94
N PHE A 2962 -35.02 -22.30 8.41
CA PHE A 2962 -34.42 -23.50 9.01
C PHE A 2962 -33.93 -23.21 10.42
N CYS A 2963 -33.22 -22.09 10.58
CA CYS A 2963 -32.72 -21.73 11.90
C CYS A 2963 -33.84 -21.22 12.80
N MET A 2964 -34.88 -20.64 12.20
CA MET A 2964 -35.97 -20.12 13.01
C MET A 2964 -36.79 -21.25 13.60
N GLU A 2965 -37.06 -22.29 12.81
CA GLU A 2965 -37.86 -23.41 13.30
C GLU A 2965 -37.03 -24.43 14.07
N LYS A 2966 -35.70 -24.36 13.99
CA LYS A 2966 -34.89 -25.33 14.72
C LYS A 2966 -34.18 -24.76 15.94
N PHE A 2967 -33.98 -23.44 16.01
CA PHE A 2967 -33.28 -22.79 17.12
C PHE A 2967 -34.15 -21.62 17.59
N LEU A 2968 -35.00 -21.87 18.58
CA LEU A 2968 -35.91 -20.84 19.06
C LEU A 2968 -35.18 -19.80 19.92
N ASP A 2969 -34.10 -20.18 20.58
CA ASP A 2969 -33.36 -19.22 21.39
C ASP A 2969 -32.64 -18.23 20.49
N PRO A 2970 -32.82 -16.92 20.70
CA PRO A 2970 -32.14 -15.95 19.83
C PRO A 2970 -30.63 -16.06 19.85
N ALA A 2971 -30.03 -16.38 21.01
CA ALA A 2971 -28.58 -16.53 21.06
C ALA A 2971 -28.13 -17.75 20.26
N ILE A 2972 -28.82 -18.87 20.43
CA ILE A 2972 -28.46 -20.08 19.70
C ILE A 2972 -28.76 -19.90 18.22
N TRP A 2973 -29.87 -19.23 17.90
CA TRP A 2973 -30.20 -18.99 16.50
C TRP A 2973 -29.15 -18.13 15.83
N PHE A 2974 -28.67 -17.08 16.52
CA PHE A 2974 -27.61 -16.24 15.97
C PHE A 2974 -26.32 -17.03 15.80
N GLU A 2975 -25.98 -17.87 16.78
CA GLU A 2975 -24.75 -18.67 16.67
C GLU A 2975 -24.83 -19.62 15.49
N LYS A 2976 -25.98 -20.29 15.32
CA LYS A 2976 -26.13 -21.23 14.22
C LYS A 2976 -26.11 -20.52 12.87
N ARG A 2977 -26.76 -19.36 12.78
CA ARG A 2977 -26.74 -18.61 11.52
C ARG A 2977 -25.33 -18.13 11.18
N LEU A 2978 -24.58 -17.66 12.17
CA LEU A 2978 -23.20 -17.25 11.93
C LEU A 2978 -22.34 -18.42 11.50
N ALA A 2979 -22.53 -19.58 12.14
CA ALA A 2979 -21.77 -20.77 11.76
C ALA A 2979 -22.12 -21.20 10.34
N TYR A 2980 -23.41 -21.13 9.99
CA TYR A 2980 -23.83 -21.50 8.64
C TYR A 2980 -23.21 -20.57 7.60
N THR A 2981 -23.23 -19.26 7.87
CA THR A 2981 -22.65 -18.30 6.92
C THR A 2981 -21.16 -18.53 6.76
N ARG A 2982 -20.46 -18.77 7.88
CA ARG A 2982 -19.01 -19.01 7.80
C ARG A 2982 -18.72 -20.30 7.05
N SER A 2983 -19.51 -21.34 7.28
CA SER A 2983 -19.30 -22.61 6.60
C SER A 2983 -19.54 -22.45 5.10
N VAL A 2984 -20.59 -21.72 4.72
CA VAL A 2984 -20.88 -21.52 3.29
C VAL A 2984 -19.76 -20.74 2.63
N ALA A 2985 -19.29 -19.67 3.28
CA ALA A 2985 -18.23 -18.87 2.68
C ALA A 2985 -16.95 -19.67 2.52
N THR A 2986 -16.58 -20.45 3.54
CA THR A 2986 -15.34 -21.20 3.48
C THR A 2986 -15.42 -22.33 2.46
N SER A 2987 -16.56 -23.02 2.42
CA SER A 2987 -16.74 -24.10 1.45
C SER A 2987 -16.75 -23.56 0.03
N SER A 2988 -17.38 -22.41 -0.18
CA SER A 2988 -17.41 -21.82 -1.52
C SER A 2988 -16.01 -21.43 -1.97
N ILE A 2989 -15.22 -20.82 -1.09
CA ILE A 2989 -13.86 -20.43 -1.47
C ILE A 2989 -13.02 -21.67 -1.76
N VAL A 2990 -13.12 -22.70 -0.91
CA VAL A 2990 -12.34 -23.92 -1.13
C VAL A 2990 -12.75 -24.59 -2.43
N GLY A 2991 -14.05 -24.66 -2.70
CA GLY A 2991 -14.52 -25.25 -3.94
C GLY A 2991 -14.06 -24.50 -5.17
N TYR A 2992 -14.06 -23.17 -5.10
CA TYR A 2992 -13.54 -22.37 -6.21
C TYR A 2992 -12.05 -22.61 -6.42
N ILE A 2993 -11.30 -22.69 -5.32
CA ILE A 2993 -9.86 -22.92 -5.43
C ILE A 2993 -9.58 -24.28 -6.05
N LEU A 2994 -10.30 -25.31 -5.62
CA LEU A 2994 -10.15 -26.66 -6.16
C LEU A 2994 -10.99 -26.90 -7.40
N GLY A 2995 -11.78 -25.91 -7.83
CA GLY A 2995 -12.62 -26.09 -9.00
C GLY A 2995 -13.72 -27.12 -8.81
N LEU A 2996 -14.33 -27.16 -7.63
CA LEU A 2996 -15.38 -28.14 -7.36
C LEU A 2996 -16.61 -27.85 -8.20
N GLY A 2997 -17.21 -28.92 -8.74
CA GLY A 2997 -18.38 -28.80 -9.58
C GLY A 2997 -19.46 -29.77 -9.17
N ASP A 2998 -20.58 -29.71 -9.88
CA ASP A 2998 -21.76 -30.55 -9.63
C ASP A 2998 -22.27 -30.37 -8.20
N ARG A 2999 -22.37 -29.11 -7.78
CA ARG A 2999 -22.86 -28.79 -6.43
C ARG A 2999 -24.36 -28.53 -6.45
N HIS A 3000 -25.11 -29.56 -6.86
CA HIS A 3000 -26.55 -29.48 -6.90
C HIS A 3000 -27.15 -29.72 -5.51
N VAL A 3001 -28.48 -29.76 -5.45
CA VAL A 3001 -29.16 -29.78 -4.15
C VAL A 3001 -28.90 -31.09 -3.41
N GLN A 3002 -28.81 -32.21 -4.15
CA GLN A 3002 -28.62 -33.49 -3.50
C GLN A 3002 -27.18 -33.77 -3.12
N ASN A 3003 -26.23 -32.94 -3.56
CA ASN A 3003 -24.83 -33.11 -3.24
C ASN A 3003 -24.37 -32.29 -2.05
N ILE A 3004 -25.28 -31.52 -1.43
CA ILE A 3004 -24.96 -30.69 -0.28
C ILE A 3004 -25.81 -31.12 0.90
N LEU A 3005 -25.16 -31.39 2.02
CA LEU A 3005 -25.83 -31.82 3.25
C LEU A 3005 -25.67 -30.73 4.31
N ILE A 3006 -26.72 -30.53 5.10
CA ILE A 3006 -26.71 -29.57 6.19
C ILE A 3006 -26.94 -30.30 7.50
N ASN A 3007 -26.08 -30.03 8.48
CA ASN A 3007 -26.20 -30.64 9.79
C ASN A 3007 -27.34 -30.00 10.57
N GLU A 3008 -28.24 -30.84 11.11
CA GLU A 3008 -29.35 -30.30 11.89
C GLU A 3008 -28.87 -29.70 13.21
N GLN A 3009 -27.89 -30.33 13.84
CA GLN A 3009 -27.42 -29.87 15.15
C GLN A 3009 -26.58 -28.60 15.04
N SER A 3010 -25.69 -28.53 14.04
CA SER A 3010 -24.71 -27.45 13.96
C SER A 3010 -24.96 -26.47 12.82
N ALA A 3011 -25.90 -26.77 11.93
CA ALA A 3011 -26.22 -25.89 10.79
C ALA A 3011 -25.00 -25.61 9.93
N GLU A 3012 -24.16 -26.62 9.74
CA GLU A 3012 -22.96 -26.50 8.93
C GLU A 3012 -23.11 -27.35 7.67
N LEU A 3013 -22.82 -26.75 6.52
CA LEU A 3013 -22.95 -27.46 5.26
C LEU A 3013 -21.87 -28.52 5.11
N VAL A 3014 -22.27 -29.68 4.58
CA VAL A 3014 -21.37 -30.78 4.29
C VAL A 3014 -21.47 -31.10 2.81
N HIS A 3015 -20.31 -31.15 2.14
CA HIS A 3015 -20.26 -31.38 0.70
C HIS A 3015 -19.89 -32.84 0.43
N ILE A 3016 -20.71 -33.51 -0.39
CA ILE A 3016 -20.50 -34.90 -0.75
C ILE A 3016 -20.45 -35.00 -2.28
N ASP A 3017 -20.11 -36.19 -2.76
CA ASP A 3017 -20.01 -36.49 -4.19
C ASP A 3017 -19.03 -35.53 -4.86
N LEU A 3018 -17.77 -35.61 -4.42
CA LEU A 3018 -16.71 -34.73 -4.89
C LEU A 3018 -15.95 -35.30 -6.08
N GLY A 3019 -16.61 -36.12 -6.91
CA GLY A 3019 -15.95 -36.69 -8.07
C GLY A 3019 -15.53 -35.64 -9.10
N VAL A 3020 -16.33 -34.60 -9.26
CA VAL A 3020 -16.06 -33.55 -10.23
C VAL A 3020 -15.28 -32.43 -9.53
N ALA A 3021 -14.10 -32.12 -10.05
CA ALA A 3021 -13.24 -31.09 -9.48
C ALA A 3021 -12.31 -30.59 -10.58
N PHE A 3022 -11.50 -29.58 -10.23
CA PHE A 3022 -10.52 -29.00 -11.17
C PHE A 3022 -11.19 -28.49 -12.44
N GLU A 3023 -12.38 -27.89 -12.27
CA GLU A 3023 -13.13 -27.27 -13.37
C GLU A 3023 -13.47 -28.26 -14.48
N GLN A 3024 -13.61 -29.54 -14.14
CA GLN A 3024 -14.08 -30.51 -15.13
C GLN A 3024 -15.56 -30.33 -15.43
N GLY A 3025 -16.29 -29.60 -14.59
CA GLY A 3025 -17.69 -29.32 -14.88
C GLY A 3025 -17.90 -28.33 -16.01
N LYS A 3026 -16.91 -27.48 -16.27
CA LYS A 3026 -17.00 -26.58 -17.41
C LYS A 3026 -16.83 -27.32 -18.73
N ILE A 3027 -16.12 -28.45 -18.71
CA ILE A 3027 -15.95 -29.27 -19.91
C ILE A 3027 -17.20 -30.07 -20.23
N LEU A 3028 -18.17 -30.10 -19.33
CA LEU A 3028 -19.39 -30.85 -19.53
C LEU A 3028 -20.19 -30.27 -20.69
N PRO A 3029 -21.10 -31.07 -21.28
CA PRO A 3029 -21.94 -30.54 -22.36
C PRO A 3029 -22.70 -29.28 -21.98
N THR A 3030 -23.16 -29.20 -20.73
CA THR A 3030 -23.73 -27.96 -20.19
C THR A 3030 -22.74 -27.36 -19.22
N PRO A 3031 -21.90 -26.42 -19.65
CA PRO A 3031 -20.83 -25.91 -18.78
C PRO A 3031 -21.38 -25.19 -17.57
N GLU A 3032 -20.64 -25.30 -16.46
CA GLU A 3032 -20.99 -24.63 -15.22
C GLU A 3032 -20.30 -23.26 -15.19
N THR A 3033 -21.09 -22.20 -15.26
CA THR A 3033 -20.56 -20.84 -15.32
C THR A 3033 -20.44 -20.19 -13.95
N VAL A 3034 -20.74 -20.91 -12.87
CA VAL A 3034 -20.67 -20.39 -11.51
C VAL A 3034 -19.54 -21.11 -10.78
N PRO A 3035 -18.64 -20.39 -10.11
CA PRO A 3035 -17.59 -21.07 -9.34
C PRO A 3035 -18.13 -21.94 -8.21
N PHE A 3036 -19.25 -21.55 -7.60
CA PHE A 3036 -19.85 -22.30 -6.51
C PHE A 3036 -21.34 -22.01 -6.49
N ARG A 3037 -22.05 -22.67 -5.57
CA ARG A 3037 -23.49 -22.50 -5.43
C ARG A 3037 -23.76 -21.35 -4.45
N LEU A 3038 -24.31 -20.26 -4.97
CA LEU A 3038 -24.73 -19.11 -4.19
C LEU A 3038 -26.12 -18.67 -4.61
N THR A 3039 -27.03 -19.63 -4.69
CA THR A 3039 -28.38 -19.38 -5.17
C THR A 3039 -29.15 -18.52 -4.17
N ARG A 3040 -30.42 -18.24 -4.51
CA ARG A 3040 -31.24 -17.36 -3.70
C ARG A 3040 -31.48 -17.94 -2.32
N ASP A 3041 -31.68 -19.25 -2.22
CA ASP A 3041 -31.86 -19.88 -0.92
C ASP A 3041 -30.62 -19.72 -0.05
N ILE A 3042 -29.43 -19.89 -0.64
CA ILE A 3042 -28.19 -19.79 0.12
C ILE A 3042 -28.02 -18.38 0.67
N VAL A 3043 -28.27 -17.36 -0.16
CA VAL A 3043 -28.12 -15.98 0.31
C VAL A 3043 -29.20 -15.65 1.33
N ASP A 3044 -30.41 -16.15 1.12
CA ASP A 3044 -31.51 -15.88 2.04
C ASP A 3044 -31.26 -16.49 3.41
N GLY A 3045 -30.58 -17.63 3.46
CA GLY A 3045 -30.29 -18.24 4.74
C GLY A 3045 -29.21 -17.55 5.54
N MET A 3046 -28.52 -16.59 4.94
CA MET A 3046 -27.46 -15.85 5.63
C MET A 3046 -28.00 -14.69 6.46
N GLY A 3047 -29.28 -14.37 6.35
CA GLY A 3047 -29.87 -13.26 7.07
C GLY A 3047 -30.27 -12.13 6.15
N ILE A 3048 -30.68 -11.02 6.77
CA ILE A 3048 -31.10 -9.86 6.01
C ILE A 3048 -29.93 -9.23 5.26
N THR A 3049 -28.73 -9.26 5.85
CA THR A 3049 -27.56 -8.66 5.21
C THR A 3049 -27.15 -9.38 3.94
N GLY A 3050 -27.55 -10.64 3.78
CA GLY A 3050 -27.19 -11.37 2.57
C GLY A 3050 -25.69 -11.63 2.50
N VAL A 3051 -25.16 -11.56 1.27
CA VAL A 3051 -23.73 -11.80 1.08
C VAL A 3051 -22.90 -10.72 1.76
N GLU A 3052 -23.43 -9.52 1.92
CA GLU A 3052 -22.70 -8.46 2.58
C GLU A 3052 -22.53 -8.75 4.07
N GLY A 3053 -21.34 -8.47 4.59
CA GLY A 3053 -21.08 -8.65 6.01
C GLY A 3053 -20.18 -9.83 6.33
N VAL A 3054 -20.74 -10.79 7.07
CA VAL A 3054 -19.95 -11.94 7.52
C VAL A 3054 -19.47 -12.76 6.33
N PHE A 3055 -20.34 -12.98 5.34
CA PHE A 3055 -19.99 -13.83 4.20
C PHE A 3055 -18.83 -13.24 3.42
N ARG A 3056 -18.87 -11.93 3.14
CA ARG A 3056 -17.83 -11.32 2.32
C ARG A 3056 -16.50 -11.25 3.07
N ARG A 3057 -16.53 -10.89 4.36
CA ARG A 3057 -15.30 -10.83 5.14
C ARG A 3057 -14.69 -12.21 5.29
N CYS A 3058 -15.51 -13.24 5.53
CA CYS A 3058 -14.99 -14.59 5.65
C CYS A 3058 -14.42 -15.08 4.33
N CYS A 3059 -15.07 -14.75 3.22
CA CYS A 3059 -14.53 -15.11 1.91
C CYS A 3059 -13.19 -14.43 1.67
N GLU A 3060 -13.07 -13.15 2.06
CA GLU A 3060 -11.80 -12.45 1.89
C GLU A 3060 -10.70 -13.07 2.76
N LYS A 3061 -11.03 -13.42 4.00
CA LYS A 3061 -10.04 -14.05 4.87
C LYS A 3061 -9.60 -15.40 4.33
N THR A 3062 -10.55 -16.20 3.84
CA THR A 3062 -10.19 -17.49 3.26
C THR A 3062 -9.33 -17.33 2.02
N MET A 3063 -9.65 -16.34 1.17
CA MET A 3063 -8.85 -16.11 -0.02
C MET A 3063 -7.45 -15.64 0.34
N GLU A 3064 -7.32 -14.80 1.38
CA GLU A 3064 -6.00 -14.38 1.83
C GLU A 3064 -5.19 -15.56 2.34
N VAL A 3065 -5.84 -16.46 3.08
CA VAL A 3065 -5.14 -17.65 3.57
C VAL A 3065 -4.70 -18.53 2.40
N MET A 3066 -5.57 -18.71 1.40
CA MET A 3066 -5.21 -19.50 0.23
C MET A 3066 -4.04 -18.87 -0.52
N ARG A 3067 -4.05 -17.55 -0.66
CA ARG A 3067 -2.96 -16.87 -1.36
C ARG A 3067 -1.65 -16.99 -0.58
N ASN A 3068 -1.70 -16.87 0.74
CA ASN A 3068 -0.49 -16.94 1.54
C ASN A 3068 0.12 -18.34 1.54
N SER A 3069 -0.67 -19.37 1.24
CA SER A 3069 -0.20 -20.75 1.17
C SER A 3069 -0.31 -21.28 -0.25
N GLN A 3070 0.01 -20.44 -1.23
CA GLN A 3070 -0.11 -20.84 -2.62
C GLN A 3070 0.89 -21.93 -2.98
N GLU A 3071 2.11 -21.86 -2.44
CA GLU A 3071 3.13 -22.86 -2.77
C GLU A 3071 2.73 -24.23 -2.27
N THR A 3072 2.24 -24.32 -1.02
CA THR A 3072 1.85 -25.62 -0.49
C THR A 3072 0.67 -26.21 -1.25
N LEU A 3073 -0.33 -25.38 -1.56
CA LEU A 3073 -1.50 -25.86 -2.28
C LEU A 3073 -1.11 -26.32 -3.68
N LEU A 3074 -0.24 -25.55 -4.36
CA LEU A 3074 0.22 -25.95 -5.69
C LEU A 3074 0.99 -27.26 -5.63
N THR A 3075 1.84 -27.43 -4.61
CA THR A 3075 2.58 -28.68 -4.48
C THR A 3075 1.64 -29.85 -4.26
N ILE A 3076 0.62 -29.67 -3.41
CA ILE A 3076 -0.32 -30.76 -3.16
C ILE A 3076 -1.06 -31.12 -4.43
N VAL A 3077 -1.52 -30.11 -5.18
CA VAL A 3077 -2.25 -30.39 -6.41
C VAL A 3077 -1.33 -31.06 -7.44
N GLU A 3078 -0.05 -30.68 -7.48
CA GLU A 3078 0.89 -31.37 -8.34
C GLU A 3078 1.03 -32.84 -7.94
N VAL A 3079 1.02 -33.12 -6.64
CA VAL A 3079 1.10 -34.51 -6.18
C VAL A 3079 -0.13 -35.28 -6.62
N LEU A 3080 -1.31 -34.66 -6.50
CA LEU A 3080 -2.54 -35.32 -6.93
C LEU A 3080 -2.55 -35.58 -8.44
N LEU A 3081 -2.20 -34.57 -9.23
CA LEU A 3081 -2.40 -34.64 -10.68
C LEU A 3081 -1.52 -35.69 -11.35
N TYR A 3082 -0.41 -36.07 -10.73
CA TYR A 3082 0.47 -37.09 -11.30
C TYR A 3082 0.24 -38.46 -10.69
N ASP A 3083 -0.82 -38.64 -9.94
CA ASP A 3083 -1.16 -39.95 -9.40
C ASP A 3083 -1.72 -40.82 -10.52
N PRO A 3084 -1.10 -41.97 -10.82
CA PRO A 3084 -1.61 -42.81 -11.91
C PRO A 3084 -3.03 -43.30 -11.70
N LEU A 3085 -3.43 -43.53 -10.45
CA LEU A 3085 -4.75 -44.07 -10.14
C LEU A 3085 -5.80 -42.98 -9.93
N PHE A 3086 -5.45 -41.72 -10.06
CA PHE A 3086 -6.40 -40.61 -9.90
C PHE A 3086 -7.02 -40.31 -11.25
N ASP A 3087 -8.25 -40.77 -11.46
CA ASP A 3087 -8.96 -40.54 -12.72
C ASP A 3087 -9.84 -39.30 -12.60
N TRP A 3088 -9.17 -38.15 -12.57
CA TRP A 3088 -9.85 -36.87 -12.43
C TRP A 3088 -10.26 -36.27 -13.78
N THR A 3089 -9.72 -36.76 -14.89
CA THR A 3089 -10.05 -36.21 -16.19
C THR A 3089 -11.46 -36.61 -16.61
N MET A 3090 -12.12 -35.69 -17.31
CA MET A 3090 -13.48 -35.93 -17.78
C MET A 3090 -13.48 -36.80 -19.03
N ASN A 3091 -14.42 -37.72 -19.10
CA ASN A 3091 -14.59 -38.64 -20.21
C ASN A 3091 -16.02 -38.55 -20.71
N PRO A 3092 -16.28 -38.92 -21.97
CA PRO A 3092 -17.66 -38.82 -22.50
C PRO A 3092 -18.66 -39.63 -21.70
N LEU A 3093 -18.28 -40.81 -21.20
CA LEU A 3093 -19.20 -41.61 -20.40
C LEU A 3093 -19.60 -40.87 -19.13
N LYS A 3094 -18.63 -40.26 -18.45
CA LYS A 3094 -18.94 -39.51 -17.23
C LYS A 3094 -19.77 -38.27 -17.57
N ALA A 3095 -19.46 -37.62 -18.69
CA ALA A 3095 -20.20 -36.42 -19.07
C ALA A 3095 -21.66 -36.74 -19.34
N LEU A 3096 -21.93 -37.84 -20.05
CA LEU A 3096 -23.31 -38.22 -20.32
C LEU A 3096 -24.02 -38.73 -19.06
N TYR A 3097 -23.30 -39.45 -18.20
CA TYR A 3097 -23.91 -39.94 -16.97
C TYR A 3097 -24.29 -38.79 -16.04
N LEU A 3098 -23.44 -37.77 -15.95
CA LEU A 3098 -23.72 -36.65 -15.07
C LEU A 3098 -24.96 -35.87 -15.53
N ALA A 3099 -25.09 -35.66 -16.84
CA ALA A 3099 -26.19 -34.90 -17.41
C ALA A 3099 -26.97 -35.82 -18.35
N GLN A 3100 -27.95 -36.53 -17.80
CA GLN A 3100 -28.79 -37.44 -18.56
C GLN A 3100 -30.23 -36.94 -18.54
N ARG A 3101 -30.93 -37.17 -19.65
CA ARG A 3101 -32.31 -36.74 -19.80
C ARG A 3101 -33.15 -37.90 -20.32
N PRO A 3102 -34.44 -37.95 -19.95
CA PRO A 3102 -35.34 -39.01 -20.44
C PRO A 3102 -35.83 -38.76 -21.86
N SER A 3129 -3.40 -34.90 -24.79
CA SER A 3129 -2.38 -35.45 -23.91
C SER A 3129 -2.70 -35.16 -22.45
N PHE A 3130 -2.48 -36.16 -21.58
CA PHE A 3130 -2.75 -35.98 -20.16
C PHE A 3130 -1.79 -34.96 -19.54
N ASN A 3131 -0.53 -34.96 -19.98
CA ASN A 3131 0.44 -34.02 -19.42
C ASN A 3131 0.07 -32.57 -19.73
N LYS A 3132 -0.38 -32.31 -20.96
CA LYS A 3132 -0.78 -30.96 -21.33
C LYS A 3132 -1.98 -30.50 -20.52
N VAL A 3133 -2.96 -31.39 -20.33
CA VAL A 3133 -4.14 -31.05 -19.54
C VAL A 3133 -3.75 -30.76 -18.10
N ALA A 3134 -2.87 -31.59 -17.53
CA ALA A 3134 -2.44 -31.38 -16.16
C ALA A 3134 -1.68 -30.06 -16.01
N GLU A 3135 -0.83 -29.74 -16.97
CA GLU A 3135 -0.10 -28.48 -16.92
C GLU A 3135 -1.05 -27.29 -17.04
N ARG A 3136 -2.06 -27.39 -17.91
CA ARG A 3136 -3.04 -26.31 -18.05
C ARG A 3136 -3.82 -26.13 -16.75
N VAL A 3137 -4.20 -27.24 -16.11
CA VAL A 3137 -4.93 -27.16 -14.85
C VAL A 3137 -4.05 -26.52 -13.77
N LEU A 3138 -2.78 -26.91 -13.71
CA LEU A 3138 -1.87 -26.31 -12.74
C LEU A 3138 -1.69 -24.82 -12.98
N MET A 3139 -1.57 -24.41 -14.25
CA MET A 3139 -1.44 -23.00 -14.56
C MET A 3139 -2.69 -22.23 -14.16
N ARG A 3140 -3.87 -22.80 -14.42
CA ARG A 3140 -5.11 -22.16 -14.01
C ARG A 3140 -5.20 -22.02 -12.50
N LEU A 3141 -4.80 -23.07 -11.77
CA LEU A 3141 -4.79 -23.00 -10.31
C LEU A 3141 -3.83 -21.94 -9.80
N GLN A 3142 -2.64 -21.85 -10.42
CA GLN A 3142 -1.68 -20.83 -10.01
C GLN A 3142 -2.21 -19.43 -10.27
N GLU A 3143 -2.88 -19.23 -11.41
CA GLU A 3143 -3.49 -17.93 -11.68
C GLU A 3143 -4.58 -17.61 -10.67
N LYS A 3144 -5.37 -18.62 -10.29
CA LYS A 3144 -6.39 -18.41 -9.27
C LYS A 3144 -5.76 -18.03 -7.93
N LEU A 3145 -4.67 -18.71 -7.55
CA LEU A 3145 -4.02 -18.43 -6.29
C LEU A 3145 -3.36 -17.06 -6.27
N LYS A 3146 -2.88 -16.59 -7.43
CA LYS A 3146 -2.26 -15.28 -7.52
C LYS A 3146 -3.24 -14.18 -7.89
N GLY A 3147 -4.52 -14.49 -8.01
CA GLY A 3147 -5.54 -13.49 -8.29
C GLY A 3147 -5.73 -13.17 -9.75
N VAL A 3148 -5.03 -13.84 -10.66
CA VAL A 3148 -5.19 -13.58 -12.09
C VAL A 3148 -6.44 -14.30 -12.58
N GLU A 3149 -7.38 -13.54 -13.13
CA GLU A 3149 -8.64 -14.08 -13.63
C GLU A 3149 -8.78 -13.96 -15.14
N GLU A 3150 -8.64 -12.76 -15.69
CA GLU A 3150 -8.68 -12.53 -17.12
C GLU A 3150 -7.39 -11.86 -17.59
N GLY A 3151 -6.26 -12.34 -17.10
CA GLY A 3151 -4.97 -11.78 -17.45
C GLY A 3151 -4.57 -10.56 -16.67
N THR A 3152 -5.38 -10.11 -15.72
CA THR A 3152 -5.08 -8.94 -14.90
C THR A 3152 -4.97 -9.34 -13.44
N VAL A 3153 -4.15 -8.59 -12.70
CA VAL A 3153 -3.93 -8.86 -11.28
C VAL A 3153 -5.06 -8.22 -10.48
N LEU A 3154 -5.78 -9.03 -9.72
CA LEU A 3154 -6.88 -8.59 -8.89
C LEU A 3154 -6.58 -8.85 -7.42
N SER A 3155 -6.94 -7.91 -6.56
CA SER A 3155 -6.72 -8.07 -5.13
C SER A 3155 -7.68 -9.12 -4.57
N VAL A 3156 -7.51 -9.42 -3.28
CA VAL A 3156 -8.37 -10.40 -2.62
C VAL A 3156 -9.82 -9.91 -2.61
N GLY A 3157 -10.02 -8.64 -2.26
CA GLY A 3157 -11.37 -8.08 -2.25
C GLY A 3157 -11.99 -8.05 -3.63
N GLY A 3158 -11.21 -7.65 -4.65
CA GLY A 3158 -11.73 -7.62 -6.00
C GLY A 3158 -12.07 -9.00 -6.52
N GLN A 3159 -11.20 -9.99 -6.23
CA GLN A 3159 -11.48 -11.35 -6.66
C GLN A 3159 -12.72 -11.90 -5.97
N VAL A 3160 -12.87 -11.63 -4.67
CA VAL A 3160 -14.05 -12.10 -3.95
C VAL A 3160 -15.32 -11.46 -4.51
N ASN A 3161 -15.26 -10.15 -4.80
CA ASN A 3161 -16.40 -9.46 -5.38
C ASN A 3161 -16.76 -10.05 -6.75
N LEU A 3162 -15.74 -10.34 -7.56
CA LEU A 3162 -15.99 -10.93 -8.87
C LEU A 3162 -16.63 -12.30 -8.75
N LEU A 3163 -16.14 -13.13 -7.81
CA LEU A 3163 -16.71 -14.46 -7.63
C LEU A 3163 -18.16 -14.37 -7.14
N ILE A 3164 -18.43 -13.46 -6.21
CA ILE A 3164 -19.80 -13.31 -5.72
C ILE A 3164 -20.72 -12.86 -6.84
N GLN A 3165 -20.26 -11.89 -7.65
CA GLN A 3165 -21.07 -11.41 -8.77
C GLN A 3165 -21.34 -12.52 -9.77
N GLN A 3166 -20.32 -13.32 -10.09
CA GLN A 3166 -20.50 -14.41 -11.04
C GLN A 3166 -21.46 -15.45 -10.50
N ALA A 3167 -21.36 -15.76 -9.19
CA ALA A 3167 -22.23 -16.77 -8.61
C ALA A 3167 -23.68 -16.32 -8.55
N ILE A 3168 -23.91 -15.04 -8.23
CA ILE A 3168 -25.28 -14.54 -8.08
C ILE A 3168 -25.85 -13.96 -9.36
N ASP A 3169 -25.13 -14.02 -10.47
CA ASP A 3169 -25.62 -13.47 -11.73
C ASP A 3169 -26.75 -14.33 -12.28
N PRO A 3170 -27.95 -13.79 -12.46
CA PRO A 3170 -29.04 -14.60 -13.02
C PRO A 3170 -28.76 -15.11 -14.43
N LYS A 3171 -28.01 -14.36 -15.23
CA LYS A 3171 -27.74 -14.77 -16.59
C LYS A 3171 -26.92 -16.06 -16.62
N ASN A 3172 -25.92 -16.16 -15.73
CA ASN A 3172 -25.13 -17.38 -15.65
C ASN A 3172 -25.97 -18.55 -15.14
N LEU A 3173 -26.87 -18.29 -14.19
CA LEU A 3173 -27.72 -19.35 -13.65
C LEU A 3173 -28.71 -19.86 -14.69
N SER A 3174 -29.14 -19.00 -15.62
CA SER A 3174 -30.10 -19.42 -16.63
C SER A 3174 -29.51 -20.49 -17.55
N ARG A 3175 -28.24 -20.34 -17.92
CA ARG A 3175 -27.61 -21.29 -18.83
C ARG A 3175 -27.40 -22.66 -18.19
N LEU A 3176 -27.47 -22.77 -16.87
CA LEU A 3176 -27.12 -24.00 -16.20
C LEU A 3176 -28.18 -25.07 -16.40
N PHE A 3177 -27.78 -26.32 -16.14
CA PHE A 3177 -28.67 -27.45 -16.35
C PHE A 3177 -29.84 -27.40 -15.36
N PRO A 3178 -31.05 -27.75 -15.81
CA PRO A 3178 -32.19 -27.73 -14.88
C PRO A 3178 -32.02 -28.65 -13.68
N GLY A 3179 -31.33 -29.78 -13.84
CA GLY A 3179 -31.09 -30.67 -12.73
C GLY A 3179 -30.27 -30.06 -11.61
N TRP A 3180 -29.48 -29.04 -11.92
CA TRP A 3180 -28.72 -28.35 -10.88
C TRP A 3180 -29.61 -27.48 -10.01
N LYS A 3181 -30.81 -27.15 -10.48
CA LYS A 3181 -31.80 -26.36 -9.73
C LYS A 3181 -31.22 -25.01 -9.31
N ALA A 3182 -30.91 -24.19 -10.32
CA ALA A 3182 -30.39 -22.86 -10.07
C ALA A 3182 -31.40 -21.99 -9.33
N TRP A 3183 -32.68 -22.11 -9.69
CA TRP A 3183 -33.71 -21.34 -9.01
C TRP A 3183 -33.85 -21.71 -7.53
N VAL A 3184 -33.44 -22.92 -7.16
CA VAL A 3184 -33.50 -23.34 -5.77
C VAL A 3184 -32.33 -22.76 -4.99
N PRO B 1540 51.42 62.45 -28.70
CA PRO B 1540 50.00 62.23 -28.37
C PRO B 1540 49.78 62.04 -26.87
N ASP B 1541 50.80 61.52 -26.18
CA ASP B 1541 50.69 61.31 -24.74
C ASP B 1541 50.76 62.61 -23.94
N SER B 1542 51.10 63.73 -24.58
CA SER B 1542 51.16 65.00 -23.86
C SER B 1542 49.78 65.40 -23.34
N TYR B 1543 48.74 65.18 -24.13
CA TYR B 1543 47.39 65.50 -23.69
C TYR B 1543 47.01 64.64 -22.48
N GLN B 1544 47.39 63.37 -22.49
CA GLN B 1544 47.13 62.50 -21.35
C GLN B 1544 47.88 63.00 -20.12
N LYS B 1545 49.13 63.43 -20.30
CA LYS B 1545 49.89 63.93 -19.15
C LYS B 1545 49.25 65.18 -18.56
N ILE B 1546 48.80 66.10 -19.42
CA ILE B 1546 48.17 67.32 -18.91
C ILE B 1546 46.86 66.99 -18.21
N LEU B 1547 46.05 66.12 -18.80
CA LEU B 1547 44.78 65.75 -18.16
C LEU B 1547 45.02 65.08 -16.81
N LEU B 1548 46.03 64.20 -16.73
CA LEU B 1548 46.36 63.55 -15.47
C LEU B 1548 46.83 64.57 -14.44
N ALA B 1549 47.64 65.54 -14.87
CA ALA B 1549 48.12 66.56 -13.94
C ALA B 1549 46.97 67.40 -13.40
N ILE B 1550 46.04 67.79 -14.27
CA ILE B 1550 44.89 68.58 -13.82
C ILE B 1550 44.02 67.76 -12.88
N CYS B 1551 43.83 66.47 -13.17
CA CYS B 1551 43.06 65.61 -12.28
C CYS B 1551 43.72 65.49 -10.92
N GLU B 1552 45.05 65.34 -10.90
CA GLU B 1552 45.78 65.24 -9.63
C GLU B 1552 45.65 66.53 -8.83
N GLN B 1553 45.78 67.69 -9.49
CA GLN B 1553 45.64 68.95 -8.77
C GLN B 1553 44.23 69.14 -8.25
N ALA B 1554 43.22 68.72 -9.01
CA ALA B 1554 41.85 68.83 -8.53
C ALA B 1554 41.60 67.91 -7.34
N ALA B 1555 42.15 66.69 -7.37
CA ALA B 1555 41.90 65.72 -6.32
C ALA B 1555 42.67 66.03 -5.04
N GLU B 1556 43.87 66.59 -5.15
CA GLU B 1556 44.70 66.81 -3.97
C GLU B 1556 44.12 67.89 -3.06
N THR B 1557 43.40 68.85 -3.61
CA THR B 1557 42.82 69.94 -2.83
C THR B 1557 41.35 69.67 -2.52
N ASN B 1558 40.88 70.29 -1.45
CA ASN B 1558 39.49 70.17 -1.02
C ASN B 1558 38.78 71.52 -0.90
N ASN B 1559 39.49 72.63 -1.08
CA ASN B 1559 38.87 73.94 -1.00
C ASN B 1559 37.92 74.15 -2.16
N VAL B 1560 36.75 74.73 -1.87
CA VAL B 1560 35.75 74.93 -2.90
C VAL B 1560 36.21 75.96 -3.93
N TYR B 1561 36.92 77.00 -3.47
CA TYR B 1561 37.39 78.02 -4.40
C TYR B 1561 38.52 77.48 -5.28
N LYS B 1562 39.44 76.72 -4.69
CA LYS B 1562 40.50 76.11 -5.48
C LYS B 1562 39.94 75.09 -6.46
N LYS B 1563 38.94 74.31 -6.03
CA LYS B 1563 38.30 73.37 -6.93
C LYS B 1563 37.60 74.08 -8.08
N HIS B 1564 36.92 75.20 -7.79
CA HIS B 1564 36.26 75.96 -8.84
C HIS B 1564 37.28 76.53 -9.83
N ARG B 1565 38.40 77.04 -9.32
CA ARG B 1565 39.45 77.55 -10.21
C ARG B 1565 40.01 76.44 -11.08
N ILE B 1566 40.24 75.26 -10.50
CA ILE B 1566 40.76 74.14 -11.29
C ILE B 1566 39.75 73.71 -12.34
N LEU B 1567 38.46 73.70 -11.99
CA LEU B 1567 37.43 73.37 -12.97
C LEU B 1567 37.39 74.40 -14.10
N LYS B 1568 37.56 75.68 -13.77
CA LYS B 1568 37.62 76.70 -14.82
C LYS B 1568 38.83 76.49 -15.73
N ILE B 1569 39.98 76.13 -15.16
CA ILE B 1569 41.15 75.84 -15.98
C ILE B 1569 40.90 74.62 -16.86
N TYR B 1570 40.24 73.60 -16.31
CA TYR B 1570 39.89 72.42 -17.09
C TYR B 1570 38.95 72.78 -18.24
N HIS B 1571 37.97 73.64 -17.97
CA HIS B 1571 37.05 74.07 -19.02
C HIS B 1571 37.80 74.83 -20.12
N LEU B 1572 38.73 75.69 -19.73
CA LEU B 1572 39.51 76.42 -20.73
C LEU B 1572 40.35 75.46 -21.57
N PHE B 1573 40.98 74.48 -20.92
CA PHE B 1573 41.81 73.51 -21.64
C PHE B 1573 40.96 72.68 -22.61
N VAL B 1574 39.78 72.24 -22.16
CA VAL B 1574 38.91 71.45 -23.02
C VAL B 1574 38.44 72.29 -24.20
N SER B 1575 38.08 73.54 -23.97
CA SER B 1575 37.66 74.41 -25.07
C SER B 1575 38.79 74.63 -26.06
N LEU B 1576 40.02 74.81 -25.57
CA LEU B 1576 41.15 74.94 -26.47
C LEU B 1576 41.38 73.66 -27.27
N LEU B 1577 41.22 72.51 -26.62
CA LEU B 1577 41.39 71.24 -27.33
C LEU B 1577 40.32 71.06 -28.41
N LEU B 1578 39.08 71.42 -28.11
CA LEU B 1578 38.00 71.33 -29.09
C LEU B 1578 38.16 72.35 -30.20
N LYS B 1579 38.87 73.46 -29.94
CA LYS B 1579 39.09 74.44 -30.99
C LYS B 1579 40.05 73.95 -32.07
N ASP B 1580 40.76 72.85 -31.83
CA ASP B 1580 41.66 72.27 -32.82
C ASP B 1580 41.18 70.86 -33.15
N ILE B 1581 39.89 70.72 -33.42
CA ILE B 1581 39.30 69.42 -33.74
C ILE B 1581 39.22 69.18 -35.25
N LYS B 1582 39.52 70.20 -36.07
CA LYS B 1582 39.43 70.05 -37.51
C LYS B 1582 40.39 68.99 -38.03
N SER B 1583 41.62 68.96 -37.51
CA SER B 1583 42.62 68.01 -37.96
C SER B 1583 42.80 66.83 -37.01
N GLY B 1584 42.21 66.87 -35.82
CA GLY B 1584 42.35 65.80 -34.87
C GLY B 1584 43.58 65.93 -33.99
N LEU B 1585 43.51 65.28 -32.82
CA LEU B 1585 44.60 65.34 -31.85
C LEU B 1585 45.58 64.17 -32.04
N GLY B 1586 46.04 63.98 -33.27
CA GLY B 1586 47.00 62.93 -33.57
C GLY B 1586 46.51 61.53 -33.26
N GLY B 1587 45.23 61.25 -33.53
CA GLY B 1587 44.67 59.94 -33.27
C GLY B 1587 44.28 59.67 -31.84
N ALA B 1588 44.43 60.65 -30.94
CA ALA B 1588 44.09 60.50 -29.54
C ALA B 1588 42.75 61.12 -29.18
N TRP B 1589 41.94 61.48 -30.19
CA TRP B 1589 40.67 62.14 -29.92
C TRP B 1589 39.72 61.25 -29.14
N ALA B 1590 39.67 59.95 -29.48
CA ALA B 1590 38.74 59.06 -28.78
C ALA B 1590 39.09 58.92 -27.30
N PHE B 1591 40.38 58.75 -27.00
CA PHE B 1591 40.77 58.59 -25.59
C PHE B 1591 40.57 59.88 -24.81
N VAL B 1592 40.90 61.03 -25.41
CA VAL B 1592 40.70 62.31 -24.74
C VAL B 1592 39.21 62.54 -24.49
N LEU B 1593 38.38 62.21 -25.49
CA LEU B 1593 36.94 62.38 -25.34
C LEU B 1593 36.40 61.51 -24.22
N ARG B 1594 36.83 60.24 -24.17
CA ARG B 1594 36.35 59.36 -23.11
C ARG B 1594 36.81 59.84 -21.74
N ASP B 1595 38.07 60.29 -21.64
CA ASP B 1595 38.58 60.74 -20.35
C ASP B 1595 37.83 61.98 -19.88
N VAL B 1596 37.55 62.90 -20.80
CA VAL B 1596 36.86 64.14 -20.43
C VAL B 1596 35.44 63.84 -19.99
N ILE B 1597 34.72 63.01 -20.75
CA ILE B 1597 33.32 62.76 -20.42
C ILE B 1597 33.21 61.97 -19.12
N TYR B 1598 34.12 61.01 -18.89
CA TYR B 1598 34.09 60.26 -17.66
C TYR B 1598 34.47 61.13 -16.46
N THR B 1599 35.43 62.04 -16.63
CA THR B 1599 35.77 62.96 -15.57
C THR B 1599 34.59 63.86 -15.22
N LEU B 1600 33.90 64.38 -16.23
CA LEU B 1600 32.73 65.21 -15.97
C LEU B 1600 31.61 64.42 -15.31
N ILE B 1601 31.41 63.16 -15.73
CA ILE B 1601 30.38 62.33 -15.12
C ILE B 1601 30.70 62.07 -13.65
N HIS B 1602 31.97 61.76 -13.36
CA HIS B 1602 32.37 61.54 -11.97
C HIS B 1602 32.22 62.80 -11.13
N TYR B 1603 32.57 63.96 -11.71
CA TYR B 1603 32.41 65.23 -10.98
C TYR B 1603 30.94 65.52 -10.71
N ILE B 1604 30.06 65.22 -11.66
CA ILE B 1604 28.63 65.46 -11.47
C ILE B 1604 28.07 64.51 -10.43
N ASN B 1605 28.51 63.25 -10.45
CA ASN B 1605 27.94 62.23 -9.56
C ASN B 1605 28.16 62.57 -8.10
N GLN B 1606 29.36 63.04 -7.75
CA GLN B 1606 29.69 63.38 -6.37
C GLN B 1606 29.53 64.88 -6.15
N ARG B 1607 28.76 65.25 -5.14
CA ARG B 1607 28.50 66.64 -4.82
C ARG B 1607 27.88 66.76 -3.42
N PRO B 1608 28.15 67.85 -2.70
CA PRO B 1608 27.54 68.02 -1.38
C PRO B 1608 26.03 68.18 -1.47
N SER B 1609 25.35 67.75 -0.41
CA SER B 1609 23.89 67.89 -0.37
C SER B 1609 23.46 69.34 -0.42
N CYS B 1610 24.16 70.21 0.32
CA CYS B 1610 23.89 71.64 0.30
C CYS B 1610 24.74 72.30 -0.79
N ILE B 1611 24.09 73.04 -1.67
CA ILE B 1611 24.75 73.68 -2.81
C ILE B 1611 24.93 75.15 -2.49
N MET B 1612 26.18 75.61 -2.48
CA MET B 1612 26.48 77.01 -2.26
C MET B 1612 26.56 77.74 -3.61
N ASP B 1613 26.87 79.03 -3.56
CA ASP B 1613 27.00 79.81 -4.79
C ASP B 1613 28.17 79.31 -5.63
N VAL B 1614 29.31 79.04 -4.98
CA VAL B 1614 30.46 78.53 -5.73
C VAL B 1614 30.20 77.12 -6.23
N SER B 1615 29.52 76.30 -5.43
CA SER B 1615 29.17 74.96 -5.87
C SER B 1615 28.20 75.00 -7.05
N LEU B 1616 27.23 75.90 -7.00
CA LEU B 1616 26.28 76.04 -8.11
C LEU B 1616 26.99 76.51 -9.37
N ARG B 1617 27.92 77.47 -9.23
CA ARG B 1617 28.68 77.94 -10.38
C ARG B 1617 29.53 76.82 -10.98
N SER B 1618 30.18 76.02 -10.13
CA SER B 1618 30.98 74.91 -10.62
C SER B 1618 30.12 73.87 -11.32
N PHE B 1619 28.95 73.57 -10.76
CA PHE B 1619 28.06 72.61 -11.39
C PHE B 1619 27.56 73.11 -12.73
N SER B 1620 27.22 74.40 -12.81
CA SER B 1620 26.78 74.97 -14.08
C SER B 1620 27.90 74.96 -15.11
N LEU B 1621 29.13 75.27 -14.68
CA LEU B 1621 30.27 75.22 -15.60
C LEU B 1621 30.51 73.80 -16.11
N CYS B 1622 30.40 72.81 -15.22
CA CYS B 1622 30.58 71.42 -15.63
C CYS B 1622 29.51 71.00 -16.63
N CYS B 1623 28.25 71.39 -16.37
CA CYS B 1623 27.17 71.05 -17.29
C CYS B 1623 27.37 71.72 -18.65
N ASP B 1624 27.80 72.99 -18.65
CA ASP B 1624 28.06 73.68 -19.90
C ASP B 1624 29.20 73.02 -20.67
N LEU B 1625 30.26 72.62 -19.97
CA LEU B 1625 31.37 71.94 -20.62
C LEU B 1625 30.92 70.60 -21.21
N LEU B 1626 30.11 69.85 -20.46
CA LEU B 1626 29.63 68.57 -20.96
C LEU B 1626 28.75 68.76 -22.18
N SER B 1627 27.88 69.77 -22.16
CA SER B 1627 27.01 70.04 -23.32
C SER B 1627 27.84 70.45 -24.53
N GLN B 1628 28.84 71.31 -24.35
CA GLN B 1628 29.68 71.73 -25.46
C GLN B 1628 30.46 70.55 -26.02
N VAL B 1629 30.97 69.68 -25.15
CA VAL B 1629 31.71 68.50 -25.61
C VAL B 1629 30.80 67.58 -26.39
N CYS B 1630 29.58 67.35 -25.91
CA CYS B 1630 28.65 66.48 -26.60
C CYS B 1630 28.28 67.05 -27.97
N GLN B 1631 28.02 68.36 -28.03
CA GLN B 1631 27.66 68.98 -29.30
C GLN B 1631 28.81 68.91 -30.30
N THR B 1632 30.04 69.18 -29.84
CA THR B 1632 31.18 69.13 -30.75
C THR B 1632 31.42 67.71 -31.25
N ALA B 1633 31.33 66.73 -30.34
CA ALA B 1633 31.56 65.34 -30.73
C ALA B 1633 30.49 64.87 -31.71
N VAL B 1634 29.23 65.20 -31.46
CA VAL B 1634 28.16 64.78 -32.35
C VAL B 1634 28.32 65.44 -33.72
N THR B 1635 28.62 66.75 -33.74
CA THR B 1635 28.74 67.46 -35.00
C THR B 1635 29.91 66.93 -35.83
N TYR B 1636 31.05 66.66 -35.21
CA TYR B 1636 32.24 66.25 -35.95
C TYR B 1636 32.43 64.73 -36.02
N CYS B 1637 31.74 63.96 -35.18
CA CYS B 1637 31.87 62.50 -35.20
C CYS B 1637 30.50 61.88 -34.94
N LYS B 1638 29.90 61.31 -35.99
CA LYS B 1638 28.55 60.77 -35.86
C LYS B 1638 28.51 59.59 -34.89
N ASP B 1639 29.53 58.73 -34.92
CA ASP B 1639 29.56 57.52 -34.11
C ASP B 1639 30.38 57.69 -32.82
N ALA B 1640 30.61 58.93 -32.40
CA ALA B 1640 31.40 59.14 -31.19
C ALA B 1640 30.62 58.73 -29.93
N LEU B 1641 29.32 59.02 -29.90
CA LEU B 1641 28.51 58.79 -28.71
C LEU B 1641 27.82 57.44 -28.70
N GLU B 1642 28.10 56.58 -29.68
CA GLU B 1642 27.45 55.28 -29.74
C GLU B 1642 27.82 54.38 -28.56
N ASN B 1643 28.97 54.62 -27.94
CA ASN B 1643 29.43 53.81 -26.81
C ASN B 1643 29.35 54.53 -25.48
N HIS B 1644 28.91 55.80 -25.46
CA HIS B 1644 28.86 56.56 -24.22
C HIS B 1644 27.54 57.28 -23.99
N LEU B 1645 26.56 57.12 -24.88
CA LEU B 1645 25.28 57.80 -24.69
C LEU B 1645 24.53 57.25 -23.49
N HIS B 1646 24.61 55.94 -23.26
CA HIS B 1646 23.82 55.33 -22.19
C HIS B 1646 24.24 55.85 -20.82
N VAL B 1647 25.55 55.95 -20.56
CA VAL B 1647 26.02 56.43 -19.27
C VAL B 1647 25.69 57.91 -19.09
N ILE B 1648 25.78 58.69 -20.17
CA ILE B 1648 25.47 60.11 -20.08
C ILE B 1648 23.99 60.32 -19.74
N VAL B 1649 23.11 59.58 -20.43
CA VAL B 1649 21.69 59.69 -20.14
C VAL B 1649 21.39 59.22 -18.72
N GLY B 1650 22.00 58.11 -18.30
CA GLY B 1650 21.79 57.62 -16.96
C GLY B 1650 22.23 58.58 -15.88
N THR B 1651 23.30 59.33 -16.15
CA THR B 1651 23.74 60.35 -15.20
C THR B 1651 22.84 61.58 -15.24
N LEU B 1652 22.35 61.94 -16.43
CA LEU B 1652 21.57 63.17 -16.58
C LEU B 1652 20.16 63.04 -16.01
N ILE B 1653 19.59 61.82 -16.02
CA ILE B 1653 18.19 61.66 -15.56
C ILE B 1653 18.00 62.09 -14.11
N PRO B 1654 18.81 61.65 -13.15
CA PRO B 1654 18.61 62.11 -11.77
C PRO B 1654 18.81 63.60 -11.57
N LEU B 1655 19.51 64.27 -12.48
CA LEU B 1655 19.84 65.68 -12.30
C LEU B 1655 18.63 66.60 -12.44
N VAL B 1656 17.54 66.12 -13.04
CA VAL B 1656 16.38 66.97 -13.24
C VAL B 1656 15.69 67.29 -11.92
N TYR B 1657 15.97 66.54 -10.86
CA TYR B 1657 15.37 66.78 -9.54
C TYR B 1657 16.23 67.73 -8.71
N GLU B 1658 16.55 68.88 -9.29
CA GLU B 1658 17.46 69.85 -8.67
C GLU B 1658 16.93 71.25 -8.95
N GLN B 1659 17.79 72.24 -8.76
CA GLN B 1659 17.43 73.64 -8.94
C GLN B 1659 17.05 73.91 -10.40
N VAL B 1660 16.24 74.95 -10.61
CA VAL B 1660 15.59 75.15 -11.89
C VAL B 1660 16.61 75.37 -13.01
N GLU B 1661 17.64 76.18 -12.76
CA GLU B 1661 18.58 76.54 -13.83
C GLU B 1661 19.32 75.31 -14.34
N VAL B 1662 19.83 74.48 -13.42
CA VAL B 1662 20.52 73.28 -13.86
C VAL B 1662 19.54 72.27 -14.44
N GLN B 1663 18.28 72.30 -13.98
CA GLN B 1663 17.29 71.42 -14.60
C GLN B 1663 17.07 71.82 -16.05
N LYS B 1664 17.03 73.13 -16.31
CA LYS B 1664 16.86 73.62 -17.67
C LYS B 1664 18.03 73.21 -18.54
N GLN B 1665 19.25 73.31 -18.00
CA GLN B 1665 20.42 72.90 -18.79
C GLN B 1665 20.39 71.39 -19.06
N VAL B 1666 19.98 70.59 -18.06
CA VAL B 1666 19.92 69.14 -18.25
C VAL B 1666 18.89 68.78 -19.30
N LEU B 1667 17.72 69.42 -19.25
CA LEU B 1667 16.69 69.15 -20.25
C LEU B 1667 17.15 69.58 -21.64
N ASP B 1668 17.84 70.72 -21.74
CA ASP B 1668 18.35 71.16 -23.04
C ASP B 1668 19.36 70.15 -23.60
N LEU B 1669 20.25 69.65 -22.74
CA LEU B 1669 21.22 68.66 -23.19
C LEU B 1669 20.54 67.37 -23.61
N LEU B 1670 19.52 66.93 -22.86
CA LEU B 1670 18.80 65.72 -23.22
C LEU B 1670 18.06 65.88 -24.55
N LYS B 1671 17.44 67.04 -24.75
CA LYS B 1671 16.73 67.30 -26.00
C LYS B 1671 17.71 67.31 -27.17
N TYR B 1672 18.88 67.92 -26.99
CA TYR B 1672 19.87 67.91 -28.07
C TYR B 1672 20.35 66.49 -28.36
N LEU B 1673 20.56 65.69 -27.31
CA LEU B 1673 21.08 64.34 -27.48
C LEU B 1673 20.06 63.43 -28.17
N VAL B 1674 18.78 63.55 -27.83
CA VAL B 1674 17.75 62.61 -28.30
C VAL B 1674 16.85 63.24 -29.36
N ILE B 1675 16.13 64.32 -29.00
CA ILE B 1675 15.13 64.87 -29.91
C ILE B 1675 15.81 65.50 -31.11
N ASP B 1676 16.86 66.29 -30.90
CA ASP B 1676 17.52 67.00 -31.97
C ASP B 1676 18.39 66.09 -32.83
N ASN B 1677 18.63 64.85 -32.42
CA ASN B 1677 19.47 63.92 -33.16
C ASN B 1677 18.74 62.62 -33.45
N LYS B 1678 17.42 62.68 -33.63
CA LYS B 1678 16.66 61.47 -33.95
C LYS B 1678 16.97 60.97 -35.36
N ASP B 1679 17.20 61.89 -36.30
CA ASP B 1679 17.47 61.52 -37.69
C ASP B 1679 18.87 60.97 -37.90
N ASN B 1680 19.75 61.06 -36.91
CA ASN B 1680 21.11 60.56 -37.05
C ASN B 1680 21.09 59.05 -37.13
N GLU B 1681 21.69 58.50 -38.19
CA GLU B 1681 21.69 57.05 -38.40
C GLU B 1681 22.66 56.33 -37.47
N ASN B 1682 23.80 56.95 -37.16
CA ASN B 1682 24.77 56.32 -36.27
C ASN B 1682 24.36 56.37 -34.81
N LEU B 1683 23.46 57.29 -34.45
CA LEU B 1683 22.99 57.41 -33.08
C LEU B 1683 21.61 56.80 -32.87
N TYR B 1684 20.92 56.41 -33.94
CA TYR B 1684 19.57 55.86 -33.80
C TYR B 1684 19.58 54.54 -33.04
N ILE B 1685 20.58 53.70 -33.28
CA ILE B 1685 20.62 52.39 -32.63
C ILE B 1685 20.80 52.55 -31.14
N THR B 1686 21.71 53.43 -30.72
CA THR B 1686 21.96 53.61 -29.29
C THR B 1686 20.85 54.40 -28.62
N ILE B 1687 20.15 55.27 -29.35
CA ILE B 1687 18.99 55.95 -28.78
C ILE B 1687 17.85 54.96 -28.56
N LYS B 1688 17.69 54.00 -29.48
CA LYS B 1688 16.62 53.01 -29.33
C LYS B 1688 16.81 52.16 -28.08
N LEU B 1689 18.05 51.93 -27.67
CA LEU B 1689 18.36 50.99 -26.59
C LEU B 1689 18.44 51.63 -25.22
N LEU B 1690 18.30 52.95 -25.11
CA LEU B 1690 18.42 53.57 -23.79
C LEU B 1690 17.13 53.38 -22.99
N ASP B 1691 17.29 53.44 -21.67
CA ASP B 1691 16.17 53.14 -20.77
C ASP B 1691 15.10 54.22 -20.87
N PRO B 1692 13.82 53.85 -20.79
CA PRO B 1692 12.75 54.86 -20.84
C PRO B 1692 12.83 55.81 -19.64
N PHE B 1693 12.40 57.05 -19.88
CA PHE B 1693 12.44 58.09 -18.89
C PHE B 1693 11.34 57.90 -17.84
N PRO B 1694 11.51 58.46 -16.64
CA PRO B 1694 10.47 58.33 -15.61
C PRO B 1694 9.18 59.02 -16.02
N ASP B 1695 8.07 58.50 -15.50
CA ASP B 1695 6.73 58.98 -15.84
C ASP B 1695 6.48 60.29 -15.11
N HIS B 1696 6.83 61.39 -15.77
CA HIS B 1696 6.62 62.73 -15.24
C HIS B 1696 6.36 63.68 -16.40
N VAL B 1697 5.79 64.84 -16.07
CA VAL B 1697 5.40 65.81 -17.09
C VAL B 1697 6.63 66.37 -17.80
N VAL B 1698 7.73 66.57 -17.06
CA VAL B 1698 8.93 67.15 -17.66
C VAL B 1698 9.53 66.23 -18.71
N PHE B 1699 9.45 64.91 -18.52
CA PHE B 1699 10.01 63.94 -19.45
C PHE B 1699 9.03 63.50 -20.52
N LYS B 1700 8.07 64.35 -20.89
CA LYS B 1700 7.04 63.96 -21.84
C LYS B 1700 7.61 63.81 -23.25
N ASP B 1701 8.17 64.90 -23.79
CA ASP B 1701 8.58 64.90 -25.19
C ASP B 1701 9.63 63.84 -25.46
N LEU B 1702 10.59 63.68 -24.54
CA LEU B 1702 11.59 62.63 -24.69
C LEU B 1702 10.93 61.27 -24.64
N ARG B 1703 9.85 61.13 -23.86
CA ARG B 1703 9.18 59.83 -23.75
C ARG B 1703 8.52 59.44 -25.06
N ILE B 1704 7.74 60.34 -25.66
CA ILE B 1704 7.13 60.03 -26.95
C ILE B 1704 8.20 59.83 -28.02
N THR B 1705 9.27 60.63 -27.99
CA THR B 1705 10.34 60.45 -28.96
C THR B 1705 10.96 59.07 -28.84
N GLN B 1706 11.20 58.62 -27.62
CA GLN B 1706 11.82 57.31 -27.42
C GLN B 1706 10.88 56.18 -27.80
N GLN B 1707 9.60 56.30 -27.42
CA GLN B 1707 8.65 55.24 -27.76
C GLN B 1707 8.49 55.11 -29.27
N LYS B 1708 8.38 56.22 -29.99
CA LYS B 1708 8.28 56.15 -31.44
C LYS B 1708 9.56 55.68 -32.10
N ILE B 1709 10.73 56.00 -31.53
CA ILE B 1709 11.97 55.46 -32.06
C ILE B 1709 12.04 53.94 -31.86
N LYS B 1710 11.67 53.47 -30.67
CA LYS B 1710 11.74 52.04 -30.37
C LYS B 1710 10.67 51.26 -31.11
N TYR B 1711 9.45 51.79 -31.18
CA TYR B 1711 8.33 51.10 -31.81
C TYR B 1711 8.16 51.47 -33.28
N SER B 1712 9.20 52.02 -33.91
CA SER B 1712 9.10 52.36 -35.33
C SER B 1712 8.89 51.12 -36.18
N ARG B 1713 9.62 50.04 -35.87
CA ARG B 1713 9.46 48.80 -36.63
C ARG B 1713 8.08 48.20 -36.43
N GLY B 1714 7.57 48.23 -35.20
CA GLY B 1714 6.27 47.70 -34.90
C GLY B 1714 6.12 47.33 -33.44
N PRO B 1715 4.95 46.78 -33.07
CA PRO B 1715 4.75 46.35 -31.68
C PRO B 1715 5.69 45.22 -31.31
N PHE B 1716 6.07 45.19 -30.03
CA PHE B 1716 6.97 44.18 -29.50
C PHE B 1716 6.20 43.22 -28.61
N SER B 1717 6.42 41.92 -28.81
CA SER B 1717 5.79 40.90 -27.99
C SER B 1717 6.56 40.74 -26.68
N LEU B 1718 6.11 39.81 -25.84
CA LEU B 1718 6.75 39.58 -24.55
C LEU B 1718 8.19 39.10 -24.73
N LEU B 1719 8.41 38.19 -25.68
CA LEU B 1719 9.76 37.71 -25.94
C LEU B 1719 10.66 38.84 -26.43
N GLU B 1720 10.14 39.68 -27.32
CA GLU B 1720 10.93 40.82 -27.81
C GLU B 1720 11.22 41.81 -26.70
N GLU B 1721 10.25 42.05 -25.82
CA GLU B 1721 10.47 42.96 -24.69
C GLU B 1721 11.55 42.41 -23.76
N ILE B 1722 11.52 41.10 -23.50
CA ILE B 1722 12.54 40.48 -22.65
C ILE B 1722 13.91 40.59 -23.31
N ASN B 1723 13.98 40.34 -24.62
CA ASN B 1723 15.25 40.44 -25.34
C ASN B 1723 15.78 41.87 -25.29
N HIS B 1724 14.90 42.86 -25.47
CA HIS B 1724 15.32 44.25 -25.38
C HIS B 1724 15.82 44.59 -23.99
N PHE B 1725 15.13 44.09 -22.94
CA PHE B 1725 15.56 44.35 -21.57
C PHE B 1725 16.95 43.76 -21.33
N LEU B 1726 17.19 42.55 -21.83
CA LEU B 1726 18.48 41.92 -21.63
C LEU B 1726 19.56 42.64 -22.42
N SER B 1727 19.23 43.14 -23.61
CA SER B 1727 20.23 43.88 -24.37
C SER B 1727 20.55 45.20 -23.71
N VAL B 1728 19.56 45.82 -23.05
CA VAL B 1728 19.82 47.06 -22.34
C VAL B 1728 20.68 46.79 -21.11
N SER B 1729 20.55 45.60 -20.52
CA SER B 1729 21.23 45.32 -19.26
C SER B 1729 22.75 45.39 -19.40
N VAL B 1730 23.28 44.89 -20.53
CA VAL B 1730 24.72 44.79 -20.71
C VAL B 1730 25.41 46.14 -20.88
N TYR B 1731 24.65 47.22 -21.02
CA TYR B 1731 25.27 48.53 -21.28
C TYR B 1731 25.79 49.19 -20.00
N ASP B 1732 24.90 49.49 -19.06
CA ASP B 1732 25.26 50.22 -17.85
C ASP B 1732 24.93 49.39 -16.63
N ALA B 1733 25.89 49.26 -15.73
CA ALA B 1733 25.72 48.52 -14.47
C ALA B 1733 25.32 49.46 -13.33
N LEU B 1734 24.27 50.25 -13.54
CA LEU B 1734 23.75 51.14 -12.50
C LEU B 1734 22.27 50.84 -12.27
N PRO B 1735 21.91 50.22 -11.14
CA PRO B 1735 20.51 49.80 -10.95
C PRO B 1735 19.51 50.94 -10.94
N LEU B 1736 19.90 52.15 -10.54
CA LEU B 1736 18.95 53.25 -10.45
C LEU B 1736 18.38 53.61 -11.82
N THR B 1737 19.21 53.53 -12.87
CA THR B 1737 18.76 53.87 -14.21
C THR B 1737 17.81 52.84 -14.80
N ARG B 1738 17.71 51.65 -14.21
CA ARG B 1738 16.87 50.58 -14.75
C ARG B 1738 15.53 50.46 -14.06
N LEU B 1739 15.16 51.42 -13.20
CA LEU B 1739 13.89 51.34 -12.48
C LEU B 1739 12.71 51.37 -13.45
N GLU B 1740 12.75 52.26 -14.44
CA GLU B 1740 11.65 52.35 -15.39
C GLU B 1740 11.57 51.12 -16.28
N GLY B 1741 12.73 50.60 -16.70
CA GLY B 1741 12.72 49.36 -17.45
C GLY B 1741 12.18 48.20 -16.63
N LEU B 1742 12.48 48.18 -15.33
CA LEU B 1742 11.93 47.15 -14.46
C LEU B 1742 10.41 47.24 -14.37
N LYS B 1743 9.89 48.46 -14.21
CA LYS B 1743 8.44 48.63 -14.17
C LYS B 1743 7.79 48.24 -15.49
N ASP B 1744 8.42 48.60 -16.61
CA ASP B 1744 7.89 48.24 -17.92
C ASP B 1744 7.88 46.71 -18.09
N LEU B 1745 8.96 46.04 -17.68
CA LEU B 1745 9.00 44.59 -17.76
C LEU B 1745 7.95 43.96 -16.87
N ARG B 1746 7.70 44.56 -15.70
CA ARG B 1746 6.63 44.08 -14.83
C ARG B 1746 5.28 44.20 -15.53
N ARG B 1747 5.05 45.32 -16.22
CA ARG B 1747 3.78 45.51 -16.91
C ARG B 1747 3.60 44.48 -18.01
N GLN B 1748 4.65 44.24 -18.81
CA GLN B 1748 4.54 43.26 -19.88
C GLN B 1748 4.32 41.86 -19.32
N LEU B 1749 5.03 41.51 -18.24
CA LEU B 1749 4.83 40.19 -17.64
C LEU B 1749 3.43 40.06 -17.07
N GLU B 1750 2.85 41.16 -16.59
CA GLU B 1750 1.53 41.11 -15.99
C GLU B 1750 0.43 40.95 -17.05
N LEU B 1751 0.53 41.69 -18.16
CA LEU B 1751 -0.54 41.71 -19.14
C LEU B 1751 -0.26 40.84 -20.37
N HIS B 1752 0.83 40.08 -20.37
CA HIS B 1752 1.14 39.16 -21.47
C HIS B 1752 1.50 37.78 -20.94
N LYS B 1753 0.74 37.30 -19.96
CA LYS B 1753 0.98 35.96 -19.42
C LYS B 1753 0.64 34.86 -20.42
N ASP B 1754 -0.23 35.14 -21.39
CA ASP B 1754 -0.58 34.13 -22.39
C ASP B 1754 0.62 33.75 -23.25
N GLN B 1755 1.44 34.73 -23.62
CA GLN B 1755 2.63 34.44 -24.43
C GLN B 1755 3.72 33.72 -23.64
N MET B 1756 3.65 33.76 -22.30
CA MET B 1756 4.66 33.06 -21.50
C MET B 1756 4.57 31.55 -21.68
N VAL B 1757 3.35 31.03 -21.87
CA VAL B 1757 3.19 29.60 -22.12
C VAL B 1757 3.89 29.21 -23.41
N ASP B 1758 3.70 30.00 -24.48
CA ASP B 1758 4.37 29.73 -25.74
C ASP B 1758 5.88 29.87 -25.60
N ILE B 1759 6.34 30.85 -24.82
CA ILE B 1759 7.77 31.04 -24.61
C ILE B 1759 8.37 29.82 -23.93
N MET B 1760 7.71 29.32 -22.89
CA MET B 1760 8.21 28.14 -22.19
C MET B 1760 8.18 26.91 -23.09
N ARG B 1761 7.12 26.76 -23.90
CA ARG B 1761 7.05 25.61 -24.78
C ARG B 1761 8.15 25.65 -25.84
N ALA B 1762 8.50 26.85 -26.31
CA ALA B 1762 9.55 26.98 -27.30
C ALA B 1762 10.93 26.64 -26.74
N SER B 1763 11.12 26.77 -25.44
CA SER B 1763 12.41 26.49 -24.80
C SER B 1763 12.50 25.07 -24.25
N GLN B 1764 11.49 24.23 -24.48
CA GLN B 1764 11.53 22.86 -23.96
C GLN B 1764 12.66 22.06 -24.60
N ASP B 1765 12.88 22.24 -25.90
CA ASP B 1765 13.91 21.48 -26.60
C ASP B 1765 15.30 21.80 -26.05
N ASN B 1766 15.57 23.08 -25.77
CA ASN B 1766 16.87 23.53 -25.27
C ASN B 1766 16.62 24.37 -24.02
N PRO B 1767 16.43 23.74 -22.87
CA PRO B 1767 16.18 24.49 -21.63
C PRO B 1767 17.42 25.10 -21.01
N GLN B 1768 18.61 24.76 -21.49
CA GLN B 1768 19.83 25.32 -20.92
C GLN B 1768 19.91 26.83 -21.13
N ASP B 1769 19.52 27.30 -22.31
CA ASP B 1769 19.55 28.72 -22.65
C ASP B 1769 18.14 29.32 -22.64
N GLY B 1770 17.30 28.87 -21.70
CA GLY B 1770 15.97 29.43 -21.61
C GLY B 1770 15.99 30.92 -21.32
N ILE B 1771 15.11 31.66 -22.00
CA ILE B 1771 15.09 33.11 -21.85
C ILE B 1771 14.57 33.51 -20.48
N MET B 1772 13.66 32.71 -19.90
CA MET B 1772 13.09 33.08 -18.61
C MET B 1772 14.10 32.90 -17.47
N VAL B 1773 14.83 31.78 -17.47
CA VAL B 1773 15.84 31.59 -16.43
C VAL B 1773 16.98 32.59 -16.62
N LYS B 1774 17.31 32.94 -17.86
CA LYS B 1774 18.32 33.96 -18.10
C LYS B 1774 17.85 35.31 -17.55
N LEU B 1775 16.57 35.64 -17.76
CA LEU B 1775 16.04 36.89 -17.22
C LEU B 1775 16.07 36.89 -15.70
N VAL B 1776 15.72 35.77 -15.07
CA VAL B 1776 15.75 35.68 -13.62
C VAL B 1776 17.18 35.85 -13.10
N VAL B 1777 18.14 35.20 -13.75
CA VAL B 1777 19.54 35.33 -13.33
C VAL B 1777 20.01 36.76 -13.49
N ASN B 1778 19.65 37.42 -14.60
CA ASN B 1778 20.06 38.80 -14.80
C ASN B 1778 19.44 39.72 -13.74
N LEU B 1779 18.17 39.50 -13.40
CA LEU B 1779 17.54 40.31 -12.38
C LEU B 1779 18.20 40.11 -11.02
N LEU B 1780 18.54 38.87 -10.68
CA LEU B 1780 19.21 38.61 -9.42
C LEU B 1780 20.62 39.22 -9.39
N GLN B 1781 21.33 39.17 -10.51
CA GLN B 1781 22.63 39.82 -10.59
C GLN B 1781 22.50 41.33 -10.43
N LEU B 1782 21.47 41.92 -11.03
CA LEU B 1782 21.23 43.36 -10.86
C LEU B 1782 20.93 43.69 -9.41
N SER B 1783 20.16 42.83 -8.74
CA SER B 1783 19.88 43.04 -7.32
C SER B 1783 21.15 42.96 -6.49
N LYS B 1784 22.03 42.00 -6.82
CA LYS B 1784 23.31 41.92 -6.12
C LYS B 1784 24.14 43.18 -6.33
N MET B 1785 24.15 43.70 -7.57
CA MET B 1785 24.86 44.93 -7.85
C MET B 1785 24.25 46.12 -7.12
N ALA B 1786 22.95 46.07 -6.85
CA ALA B 1786 22.28 47.16 -6.15
C ALA B 1786 22.56 47.20 -4.66
N ILE B 1787 23.12 46.12 -4.09
CA ILE B 1787 23.40 46.07 -2.67
C ILE B 1787 24.46 47.11 -2.33
N ASN B 1788 24.26 47.80 -1.20
CA ASN B 1788 25.19 48.83 -0.71
C ASN B 1788 25.32 49.97 -1.71
N HIS B 1789 24.18 50.47 -2.17
CA HIS B 1789 24.14 51.60 -3.09
C HIS B 1789 22.92 52.46 -2.78
N THR B 1790 22.98 53.72 -3.19
CA THR B 1790 21.89 54.64 -2.94
C THR B 1790 20.65 54.25 -3.75
N GLY B 1791 19.48 54.46 -3.17
CA GLY B 1791 18.23 54.10 -3.82
C GLY B 1791 18.10 52.62 -4.11
N GLU B 1792 18.63 51.77 -3.24
CA GLU B 1792 18.59 50.33 -3.48
C GLU B 1792 17.22 49.73 -3.19
N LYS B 1793 16.45 50.33 -2.27
CA LYS B 1793 15.16 49.76 -1.89
C LYS B 1793 14.19 49.73 -3.05
N GLU B 1794 14.15 50.81 -3.85
CA GLU B 1794 13.24 50.83 -5.00
C GLU B 1794 13.63 49.78 -6.03
N VAL B 1795 14.92 49.62 -6.30
CA VAL B 1795 15.37 48.62 -7.25
C VAL B 1795 15.04 47.21 -6.76
N LEU B 1796 15.26 46.96 -5.47
CA LEU B 1796 14.95 45.64 -4.91
C LEU B 1796 13.46 45.37 -4.97
N GLU B 1797 12.64 46.38 -4.69
CA GLU B 1797 11.20 46.21 -4.78
C GLU B 1797 10.76 45.90 -6.21
N ALA B 1798 11.32 46.62 -7.18
CA ALA B 1798 10.95 46.38 -8.58
C ALA B 1798 11.37 44.98 -9.02
N VAL B 1799 12.57 44.55 -8.63
CA VAL B 1799 13.02 43.20 -8.98
C VAL B 1799 12.13 42.15 -8.32
N GLY B 1800 11.78 42.36 -7.05
CA GLY B 1800 10.90 41.43 -6.38
C GLY B 1800 9.53 41.35 -7.01
N SER B 1801 8.99 42.49 -7.45
CA SER B 1801 7.72 42.48 -8.17
C SER B 1801 7.84 41.73 -9.49
N CYS B 1802 8.93 41.94 -10.22
CA CYS B 1802 9.14 41.23 -11.49
C CYS B 1802 9.23 39.73 -11.27
N LEU B 1803 9.98 39.30 -10.24
CA LEU B 1803 10.05 37.89 -9.91
C LEU B 1803 8.77 37.38 -9.25
N GLY B 1804 7.89 38.26 -8.81
CA GLY B 1804 6.58 37.85 -8.36
C GLY B 1804 5.61 37.63 -9.51
N GLU B 1805 5.83 38.31 -10.63
CA GLU B 1805 4.95 38.12 -11.78
C GLU B 1805 5.15 36.74 -12.39
N VAL B 1806 6.40 36.27 -12.47
CA VAL B 1806 6.71 34.94 -12.95
C VAL B 1806 7.13 34.10 -11.74
N GLY B 1807 6.40 33.02 -11.49
CA GLY B 1807 6.62 32.24 -10.30
C GLY B 1807 7.69 31.18 -10.45
N PRO B 1808 7.61 30.12 -9.63
CA PRO B 1808 8.59 29.04 -9.70
C PRO B 1808 8.31 28.06 -10.84
N ILE B 1809 8.34 28.58 -12.06
CA ILE B 1809 8.12 27.75 -13.24
C ILE B 1809 9.30 26.81 -13.41
N ASP B 1810 9.02 25.53 -13.65
CA ASP B 1810 10.08 24.54 -13.84
C ASP B 1810 10.88 24.84 -15.09
N PHE B 1811 12.12 25.29 -14.90
CA PHE B 1811 12.98 25.69 -16.02
C PHE B 1811 13.69 24.51 -16.66
N SER B 1812 13.52 23.30 -16.13
CA SER B 1812 14.15 22.08 -16.65
C SER B 1812 15.68 22.20 -16.67
N THR B 1813 16.23 22.93 -15.72
CA THR B 1813 17.68 23.08 -15.58
C THR B 1813 18.04 23.07 -14.11
N ILE B 1814 19.28 22.67 -13.83
CA ILE B 1814 19.77 22.51 -12.47
C ILE B 1814 20.86 23.52 -12.14
N ALA B 1815 21.75 23.80 -13.08
CA ALA B 1815 22.88 24.68 -12.85
C ALA B 1815 22.60 26.05 -13.43
N ILE B 1816 22.88 27.09 -12.66
CA ILE B 1816 22.72 28.47 -13.11
C ILE B 1816 23.93 28.86 -13.93
N GLN B 1817 23.69 29.37 -15.14
CA GLN B 1817 24.75 29.84 -16.02
C GLN B 1817 24.72 31.37 -16.09
N HIS B 1818 25.89 31.95 -16.27
CA HIS B 1818 26.05 33.40 -16.33
C HIS B 1818 26.39 33.83 -17.75
N SER B 1819 25.87 34.99 -18.15
CA SER B 1819 26.11 35.50 -19.49
C SER B 1819 27.59 35.83 -19.66
N LYS B 1820 28.14 35.43 -20.81
CA LYS B 1820 29.54 35.65 -21.14
C LYS B 1820 29.64 36.45 -22.43
N ASP B 1821 30.65 37.31 -22.50
CA ASP B 1821 30.86 38.15 -23.68
C ASP B 1821 31.36 37.31 -24.85
N ALA B 1822 30.57 37.23 -25.91
CA ALA B 1822 30.96 36.47 -27.09
C ALA B 1822 32.18 37.10 -27.77
N SER B 1823 32.21 38.43 -27.84
CA SER B 1823 33.34 39.11 -28.47
C SER B 1823 34.64 38.85 -27.71
N TYR B 1824 34.57 38.87 -26.37
CA TYR B 1824 35.76 38.59 -25.56
C TYR B 1824 36.26 37.17 -25.79
N THR B 1825 35.35 36.21 -25.85
CA THR B 1825 35.74 34.82 -26.12
C THR B 1825 36.35 34.68 -27.51
N LYS B 1826 35.77 35.35 -28.50
CA LYS B 1826 36.33 35.30 -29.85
C LYS B 1826 37.72 35.91 -29.88
N ALA B 1827 37.92 37.02 -29.16
CA ALA B 1827 39.23 37.65 -29.11
C ALA B 1827 40.24 36.73 -28.44
N LEU B 1828 39.81 36.01 -27.40
CA LEU B 1828 40.70 35.03 -26.78
C LEU B 1828 41.06 33.92 -27.76
N LYS B 1829 40.08 33.47 -28.54
CA LYS B 1829 40.33 32.43 -29.54
C LYS B 1829 41.22 32.93 -30.67
N LEU B 1830 41.31 34.25 -30.88
CA LEU B 1830 42.16 34.77 -31.95
C LEU B 1830 43.63 34.46 -31.70
N PHE B 1831 44.08 34.59 -30.45
CA PHE B 1831 45.48 34.38 -30.13
C PHE B 1831 45.72 32.94 -29.74
N GLU B 1832 46.75 32.33 -30.33
CA GLU B 1832 47.12 30.95 -30.01
C GLU B 1832 48.17 30.88 -28.90
N ASP B 1833 49.15 31.77 -28.92
CA ASP B 1833 50.16 31.79 -27.88
C ASP B 1833 49.55 32.19 -26.55
N LYS B 1834 49.98 31.50 -25.48
CA LYS B 1834 49.44 31.78 -24.15
C LYS B 1834 49.87 33.16 -23.67
N GLU B 1835 51.09 33.57 -24.00
CA GLU B 1835 51.57 34.89 -23.59
C GLU B 1835 50.77 36.00 -24.26
N LEU B 1836 50.39 35.81 -25.53
CA LEU B 1836 49.55 36.78 -26.21
C LEU B 1836 48.19 36.90 -25.55
N GLN B 1837 47.62 35.78 -25.12
CA GLN B 1837 46.36 35.82 -24.38
C GLN B 1837 46.51 36.54 -23.06
N TRP B 1838 47.64 36.33 -22.37
CA TRP B 1838 47.89 37.07 -21.14
C TRP B 1838 47.98 38.57 -21.40
N THR B 1839 48.67 38.94 -22.49
CA THR B 1839 48.80 40.35 -22.84
C THR B 1839 47.43 40.96 -23.12
N PHE B 1840 46.59 40.24 -23.88
CA PHE B 1840 45.26 40.75 -24.19
C PHE B 1840 44.43 40.90 -22.93
N ILE B 1841 44.52 39.94 -22.01
CA ILE B 1841 43.72 39.99 -20.79
C ILE B 1841 44.14 41.19 -19.94
N MET B 1842 45.45 41.38 -19.77
CA MET B 1842 45.93 42.51 -18.97
C MET B 1842 45.56 43.83 -19.62
N LEU B 1843 45.71 43.95 -20.94
CA LEU B 1843 45.37 45.20 -21.62
C LEU B 1843 43.87 45.49 -21.52
N THR B 1844 43.04 44.46 -21.65
CA THR B 1844 41.59 44.65 -21.49
C THR B 1844 41.25 45.10 -20.08
N TYR B 1845 41.89 44.50 -19.07
CA TYR B 1845 41.63 44.91 -17.69
C TYR B 1845 42.05 46.36 -17.47
N LEU B 1846 43.22 46.75 -18.00
CA LEU B 1846 43.69 48.12 -17.86
C LEU B 1846 42.74 49.10 -18.54
N ASN B 1847 42.25 48.73 -19.73
CA ASN B 1847 41.30 49.60 -20.43
C ASN B 1847 40.01 49.73 -19.64
N ASN B 1848 39.56 48.63 -19.02
CA ASN B 1848 38.34 48.68 -18.23
C ASN B 1848 38.50 49.56 -16.99
N THR B 1849 39.66 49.48 -16.33
CA THR B 1849 39.86 50.28 -15.13
C THR B 1849 40.35 51.69 -15.42
N LEU B 1850 40.60 52.03 -16.68
CA LEU B 1850 40.99 53.40 -17.01
C LEU B 1850 39.89 54.41 -16.74
N VAL B 1851 38.64 53.99 -16.63
CA VAL B 1851 37.51 54.90 -16.43
C VAL B 1851 37.14 55.02 -14.96
N GLU B 1852 37.97 54.50 -14.05
CA GLU B 1852 37.67 54.57 -12.63
C GLU B 1852 37.94 55.97 -12.09
N ASP B 1853 37.32 56.26 -10.94
CA ASP B 1853 37.44 57.59 -10.35
C ASP B 1853 38.83 57.85 -9.79
N CYS B 1854 39.49 56.81 -9.28
CA CYS B 1854 40.80 56.98 -8.67
C CYS B 1854 41.81 57.46 -9.71
N VAL B 1855 42.62 58.45 -9.31
CA VAL B 1855 43.62 59.01 -10.22
C VAL B 1855 44.95 58.26 -10.14
N LYS B 1856 45.33 57.76 -8.96
CA LYS B 1856 46.53 56.95 -8.87
C LYS B 1856 46.38 55.64 -9.62
N VAL B 1857 45.19 55.05 -9.56
CA VAL B 1857 44.91 53.84 -10.33
C VAL B 1857 45.02 54.12 -11.83
N ARG B 1858 44.47 55.26 -12.26
CA ARG B 1858 44.55 55.63 -13.67
C ARG B 1858 45.99 55.83 -14.12
N SER B 1859 46.80 56.50 -13.28
CA SER B 1859 48.21 56.71 -13.63
C SER B 1859 48.96 55.38 -13.71
N ALA B 1860 48.70 54.48 -12.75
CA ALA B 1860 49.36 53.18 -12.79
C ALA B 1860 48.94 52.38 -14.01
N ALA B 1861 47.65 52.44 -14.36
CA ALA B 1861 47.17 51.73 -15.54
C ALA B 1861 47.80 52.28 -16.81
N VAL B 1862 47.93 53.60 -16.92
CA VAL B 1862 48.55 54.20 -18.09
C VAL B 1862 50.02 53.80 -18.19
N THR B 1863 50.74 53.82 -17.06
CA THR B 1863 52.13 53.42 -17.06
C THR B 1863 52.30 51.97 -17.46
N CYS B 1864 51.45 51.08 -16.93
CA CYS B 1864 51.50 49.67 -17.31
C CYS B 1864 51.16 49.48 -18.78
N LEU B 1865 50.18 50.23 -19.28
CA LEU B 1865 49.82 50.13 -20.69
C LEU B 1865 50.98 50.53 -21.58
N LYS B 1866 51.67 51.62 -21.24
CA LYS B 1866 52.81 52.04 -22.03
C LYS B 1866 53.94 51.01 -21.96
N ASN B 1867 54.18 50.47 -20.76
CA ASN B 1867 55.26 49.49 -20.61
C ASN B 1867 54.97 48.23 -21.42
N ILE B 1868 53.72 47.75 -21.38
CA ILE B 1868 53.38 46.54 -22.11
C ILE B 1868 53.43 46.79 -23.62
N LEU B 1869 52.87 47.92 -24.07
CA LEU B 1869 52.85 48.23 -25.49
C LEU B 1869 54.24 48.50 -26.04
N ALA B 1870 55.20 48.87 -25.18
CA ALA B 1870 56.55 49.14 -25.66
C ALA B 1870 57.38 47.88 -25.86
N THR B 1871 56.93 46.74 -25.33
CA THR B 1871 57.67 45.50 -25.49
C THR B 1871 57.38 44.85 -26.85
N LYS B 1872 58.19 43.83 -27.17
CA LYS B 1872 57.99 43.09 -28.42
C LYS B 1872 56.68 42.32 -28.41
N THR B 1873 56.32 41.75 -27.25
CA THR B 1873 55.05 41.03 -27.15
C THR B 1873 53.86 41.96 -27.39
N GLY B 1874 53.94 43.19 -26.88
CA GLY B 1874 52.89 44.15 -27.14
C GLY B 1874 52.76 44.49 -28.61
N HIS B 1875 53.91 44.63 -29.29
CA HIS B 1875 53.88 44.89 -30.73
C HIS B 1875 53.26 43.73 -31.49
N SER B 1876 53.64 42.50 -31.14
CA SER B 1876 53.05 41.34 -31.83
C SER B 1876 51.56 41.24 -31.56
N PHE B 1877 51.15 41.59 -30.34
CA PHE B 1877 49.72 41.62 -30.02
C PHE B 1877 49.01 42.64 -30.88
N TRP B 1878 49.62 43.81 -31.07
CA TRP B 1878 48.98 44.84 -31.88
C TRP B 1878 48.86 44.40 -33.34
N GLU B 1879 49.91 43.77 -33.87
CA GLU B 1879 49.86 43.30 -35.26
C GLU B 1879 48.79 42.23 -35.45
N ILE B 1880 48.68 41.30 -34.49
CA ILE B 1880 47.68 40.24 -34.62
C ILE B 1880 46.27 40.80 -34.44
N TYR B 1881 46.09 41.71 -33.48
CA TYR B 1881 44.78 42.18 -33.07
C TYR B 1881 44.27 43.35 -33.89
N LYS B 1882 45.07 43.90 -34.81
CA LYS B 1882 44.64 45.06 -35.57
C LYS B 1882 43.61 44.71 -36.66
N MET B 1883 43.55 43.44 -37.08
CA MET B 1883 42.60 43.07 -38.12
C MET B 1883 41.15 43.25 -37.64
N THR B 1884 40.86 42.84 -36.42
CA THR B 1884 39.50 42.94 -35.91
C THR B 1884 39.16 44.39 -35.58
N THR B 1885 37.87 44.66 -35.45
CA THR B 1885 37.36 45.99 -35.12
C THR B 1885 37.03 46.04 -33.63
N ASP B 1886 37.67 46.95 -32.91
CA ASP B 1886 37.46 47.09 -31.48
C ASP B 1886 37.83 48.50 -31.03
N PRO B 1887 37.00 49.15 -30.22
CA PRO B 1887 37.34 50.50 -29.73
C PRO B 1887 38.60 50.54 -28.90
N MET B 1888 39.01 49.43 -28.28
CA MET B 1888 40.21 49.43 -27.46
C MET B 1888 41.45 49.74 -28.28
N LEU B 1889 41.44 49.37 -29.57
CA LEU B 1889 42.55 49.73 -30.43
C LEU B 1889 42.67 51.24 -30.58
N ALA B 1890 41.54 51.92 -30.75
CA ALA B 1890 41.57 53.38 -30.84
C ALA B 1890 41.95 54.01 -29.52
N TYR B 1891 41.51 53.42 -28.40
CA TYR B 1891 41.83 53.98 -27.09
C TYR B 1891 43.33 53.89 -26.78
N LEU B 1892 44.00 52.86 -27.27
CA LEU B 1892 45.42 52.66 -26.97
C LEU B 1892 46.36 53.29 -27.99
N GLN B 1893 45.82 54.02 -28.98
CA GLN B 1893 46.68 54.68 -29.96
C GLN B 1893 47.65 55.68 -29.35
N PRO B 1894 47.22 56.64 -28.50
CA PRO B 1894 48.19 57.62 -27.99
C PRO B 1894 49.32 57.01 -27.16
N PHE B 1895 49.06 55.93 -26.43
CA PHE B 1895 50.09 55.34 -25.60
C PHE B 1895 51.17 54.65 -26.43
N ARG B 1896 50.80 54.06 -27.56
CA ARG B 1896 51.77 53.36 -28.39
C ARG B 1896 52.72 54.35 -29.06
N THR B 1897 53.99 53.94 -29.14
CA THR B 1897 55.02 54.74 -29.81
C THR B 1897 55.91 53.80 -30.62
N SER B 1898 56.53 54.35 -31.65
CA SER B 1898 57.40 53.60 -32.54
C SER B 1898 58.86 53.87 -32.17
N ARG B 1899 59.59 52.81 -31.85
CA ARG B 1899 60.99 52.93 -31.49
C ARG B 1899 61.80 51.87 -32.23
N LYS B 1900 63.05 52.23 -32.57
CA LYS B 1900 63.92 51.30 -33.27
C LYS B 1900 64.30 50.11 -32.38
N LYS B 1901 64.53 50.36 -31.10
CA LYS B 1901 64.99 49.34 -30.17
C LYS B 1901 63.86 49.02 -29.20
N PHE B 1902 63.49 47.74 -29.12
CA PHE B 1902 62.39 47.33 -28.26
C PHE B 1902 62.76 47.46 -26.79
N LEU B 1903 61.75 47.78 -25.98
CA LEU B 1903 61.96 47.91 -24.54
C LEU B 1903 62.46 46.61 -23.95
N GLU B 1904 63.50 46.69 -23.13
CA GLU B 1904 64.13 45.53 -22.51
C GLU B 1904 63.82 45.53 -21.02
N VAL B 1905 63.23 44.43 -20.54
CA VAL B 1905 62.91 44.27 -19.12
C VAL B 1905 64.12 43.67 -18.43
N PRO B 1906 64.71 44.33 -17.45
CA PRO B 1906 65.91 43.79 -16.80
C PRO B 1906 65.62 42.48 -16.09
N ARG B 1907 66.59 41.57 -16.14
CA ARG B 1907 66.50 40.27 -15.48
C ARG B 1907 67.59 40.19 -14.42
N PHE B 1908 67.19 39.92 -13.18
CA PHE B 1908 68.12 39.79 -12.07
C PHE B 1908 68.12 38.35 -11.56
N ASP B 1909 69.32 37.83 -11.28
CA ASP B 1909 69.50 36.46 -10.83
C ASP B 1909 69.68 36.47 -9.32
N LYS B 1910 68.63 36.13 -8.58
CA LYS B 1910 68.72 36.05 -7.14
C LYS B 1910 69.58 34.86 -6.72
N GLU B 1911 70.28 35.02 -5.60
CA GLU B 1911 71.10 33.93 -5.08
C GLU B 1911 70.24 32.74 -4.70
N ASN B 1912 69.12 32.98 -4.04
CA ASN B 1912 68.16 31.92 -3.69
C ASN B 1912 66.75 32.43 -3.96
N PRO B 1913 66.21 32.14 -5.15
CA PRO B 1913 64.86 32.63 -5.46
C PRO B 1913 63.77 32.06 -4.58
N PHE B 1914 64.02 30.93 -3.90
CA PHE B 1914 62.99 30.27 -3.11
C PHE B 1914 62.83 30.85 -1.71
N GLU B 1915 63.76 31.70 -1.25
CA GLU B 1915 63.66 32.23 0.10
C GLU B 1915 62.46 33.16 0.27
N GLY B 1916 62.08 33.87 -0.79
CA GLY B 1916 60.94 34.77 -0.70
C GLY B 1916 59.63 34.05 -0.49
N LEU B 1917 59.45 32.90 -1.14
CA LEU B 1917 58.19 32.17 -1.08
C LEU B 1917 58.16 31.10 -0.01
N ASP B 1918 59.32 30.66 0.49
CA ASP B 1918 59.38 29.61 1.50
C ASP B 1918 59.20 30.23 2.89
N ASP B 1919 57.95 30.63 3.17
CA ASP B 1919 57.59 31.22 4.45
C ASP B 1919 56.14 30.87 4.74
N ILE B 1920 55.91 30.06 5.77
CA ILE B 1920 54.55 29.70 6.14
C ILE B 1920 53.77 30.91 6.65
N ASN B 1921 54.45 31.83 7.33
CA ASN B 1921 53.78 33.03 7.81
C ASN B 1921 53.33 33.92 6.66
N LEU B 1922 54.14 34.00 5.60
CA LEU B 1922 53.78 34.83 4.45
C LEU B 1922 52.54 34.31 3.74
N TRP B 1923 52.42 32.99 3.63
CA TRP B 1923 51.26 32.41 2.94
C TRP B 1923 49.99 32.53 3.76
N ILE B 1924 50.10 32.41 5.08
CA ILE B 1924 48.92 32.50 5.95
C ILE B 1924 49.17 33.50 7.06
N PRO B 1925 49.15 34.82 6.77
CA PRO B 1925 49.11 35.80 7.87
C PRO B 1925 47.76 35.76 8.57
N LEU B 1926 46.70 35.91 7.77
CA LEU B 1926 45.31 35.83 8.20
C LEU B 1926 45.07 36.59 9.51
N SER B 1927 45.31 37.89 9.44
CA SER B 1927 45.03 38.82 10.54
C SER B 1927 43.79 39.65 10.24
N GLU B 1928 42.79 39.02 9.60
CA GLU B 1928 41.58 39.70 9.13
C GLU B 1928 41.91 40.83 8.17
N ASN B 1929 42.97 40.66 7.37
CA ASN B 1929 43.41 41.64 6.38
C ASN B 1929 43.74 40.93 5.08
N HIS B 1930 42.72 40.76 4.23
CA HIS B 1930 42.91 40.06 2.96
C HIS B 1930 43.61 40.92 1.92
N ASP B 1931 43.36 42.23 1.93
CA ASP B 1931 43.94 43.11 0.91
C ASP B 1931 45.46 43.13 1.00
N ILE B 1932 45.99 43.29 2.21
CA ILE B 1932 47.45 43.34 2.35
C ILE B 1932 48.04 41.96 2.15
N TRP B 1933 47.26 40.90 2.43
CA TRP B 1933 47.76 39.55 2.20
C TRP B 1933 47.96 39.30 0.71
N ILE B 1934 46.94 39.60 -0.09
CA ILE B 1934 47.06 39.37 -1.52
C ILE B 1934 48.09 40.32 -2.14
N LYS B 1935 48.20 41.55 -1.63
CA LYS B 1935 49.20 42.47 -2.15
C LYS B 1935 50.61 41.98 -1.86
N THR B 1936 50.86 41.51 -0.62
CA THR B 1936 52.17 41.01 -0.27
C THR B 1936 52.51 39.74 -1.04
N LEU B 1937 51.53 38.84 -1.21
CA LEU B 1937 51.79 37.62 -1.96
C LEU B 1937 52.11 37.93 -3.42
N THR B 1938 51.37 38.86 -4.04
CA THR B 1938 51.65 39.24 -5.41
C THR B 1938 53.03 39.89 -5.53
N CYS B 1939 53.37 40.77 -4.58
CA CYS B 1939 54.68 41.40 -4.64
C CYS B 1939 55.80 40.38 -4.46
N ALA B 1940 55.62 39.42 -3.55
CA ALA B 1940 56.63 38.39 -3.35
C ALA B 1940 56.81 37.54 -4.60
N PHE B 1941 55.70 37.20 -5.26
CA PHE B 1941 55.80 36.46 -6.53
C PHE B 1941 56.51 37.29 -7.59
N LEU B 1942 56.21 38.59 -7.65
CA LEU B 1942 56.81 39.44 -8.67
C LEU B 1942 58.31 39.60 -8.48
N ASP B 1943 58.74 39.82 -7.24
CA ASP B 1943 60.18 39.99 -6.98
C ASP B 1943 60.97 38.70 -7.14
N SER B 1944 60.31 37.54 -7.21
CA SER B 1944 61.03 36.30 -7.43
C SER B 1944 61.57 36.24 -8.85
N GLY B 1945 62.73 35.61 -9.00
CA GLY B 1945 63.37 35.48 -10.29
C GLY B 1945 62.85 34.36 -11.17
N GLY B 1946 61.88 33.56 -10.68
CA GLY B 1946 61.35 32.48 -11.48
C GLY B 1946 60.54 32.96 -12.67
N THR B 1947 59.93 34.14 -12.57
CA THR B 1947 59.12 34.65 -13.66
C THR B 1947 59.96 34.92 -14.89
N LYS B 1948 59.50 34.44 -16.04
CA LYS B 1948 60.21 34.60 -17.31
C LYS B 1948 59.51 35.54 -18.27
N CYS B 1949 58.18 35.57 -18.27
CA CYS B 1949 57.45 36.43 -19.19
C CYS B 1949 57.62 37.89 -18.82
N GLU B 1950 57.80 38.74 -19.85
CA GLU B 1950 58.16 40.13 -19.61
C GLU B 1950 56.98 40.98 -19.15
N ILE B 1951 55.76 40.70 -19.64
CA ILE B 1951 54.64 41.57 -19.33
C ILE B 1951 54.27 41.49 -17.85
N LEU B 1952 54.46 40.33 -17.22
CA LEU B 1952 54.08 40.17 -15.82
C LEU B 1952 54.96 41.02 -14.91
N GLN B 1953 56.23 41.23 -15.28
CA GLN B 1953 57.13 42.01 -14.44
C GLN B 1953 56.71 43.48 -14.36
N LEU B 1954 56.08 43.99 -15.40
CA LEU B 1954 55.70 45.40 -15.48
C LEU B 1954 54.34 45.68 -14.82
N LEU B 1955 53.69 44.68 -14.26
CA LEU B 1955 52.38 44.85 -13.64
C LEU B 1955 52.45 45.19 -12.17
N LYS B 1956 53.65 45.36 -11.61
CA LYS B 1956 53.79 45.66 -10.19
C LYS B 1956 53.13 46.98 -9.79
N PRO B 1957 53.33 48.10 -10.49
CA PRO B 1957 52.64 49.34 -10.05
C PRO B 1957 51.13 49.22 -10.08
N MET B 1958 50.56 48.50 -11.06
CA MET B 1958 49.12 48.30 -11.07
C MET B 1958 48.68 47.36 -9.96
N CYS B 1959 49.50 46.36 -9.64
CA CYS B 1959 49.15 45.43 -8.58
C CYS B 1959 49.16 46.13 -7.22
N GLU B 1960 50.09 47.05 -7.01
CA GLU B 1960 50.24 47.70 -5.72
C GLU B 1960 49.09 48.63 -5.37
N VAL B 1961 48.22 48.94 -6.33
CA VAL B 1961 47.11 49.86 -6.07
C VAL B 1961 45.74 49.18 -6.13
N LYS B 1962 45.64 47.97 -6.67
CA LYS B 1962 44.37 47.26 -6.76
C LYS B 1962 44.54 45.82 -6.29
N THR B 1963 43.67 45.40 -5.37
CA THR B 1963 43.68 44.01 -4.92
C THR B 1963 43.01 43.08 -5.93
N ASP B 1964 42.00 43.58 -6.66
CA ASP B 1964 41.34 42.75 -7.66
C ASP B 1964 42.30 42.37 -8.78
N PHE B 1965 43.16 43.32 -9.18
CA PHE B 1965 44.18 43.00 -10.17
C PHE B 1965 45.15 41.96 -9.66
N CYS B 1966 45.52 42.04 -8.38
CA CYS B 1966 46.40 41.03 -7.79
C CYS B 1966 45.75 39.66 -7.81
N GLN B 1967 44.46 39.59 -7.45
CA GLN B 1967 43.75 38.31 -7.48
C GLN B 1967 43.67 37.77 -8.89
N THR B 1968 43.44 38.63 -9.87
CA THR B 1968 43.36 38.18 -11.26
C THR B 1968 44.71 37.67 -11.76
N VAL B 1969 45.79 38.39 -11.45
CA VAL B 1969 47.10 38.04 -11.98
C VAL B 1969 47.74 36.86 -11.25
N LEU B 1970 47.34 36.58 -10.01
CA LEU B 1970 47.99 35.52 -9.24
C LEU B 1970 47.97 34.16 -9.94
N PRO B 1971 46.85 33.68 -10.50
CA PRO B 1971 46.91 32.41 -11.24
C PRO B 1971 47.88 32.45 -12.41
N TYR B 1972 47.96 33.59 -13.12
CA TYR B 1972 48.90 33.71 -14.23
C TYR B 1972 50.34 33.66 -13.75
N LEU B 1973 50.62 34.33 -12.62
CA LEU B 1973 51.97 34.29 -12.07
C LEU B 1973 52.35 32.88 -11.65
N ILE B 1974 51.42 32.16 -11.00
CA ILE B 1974 51.70 30.78 -10.58
C ILE B 1974 51.95 29.90 -11.80
N HIS B 1975 51.13 30.06 -12.84
CA HIS B 1975 51.32 29.27 -14.06
C HIS B 1975 52.68 29.57 -14.70
N ASP B 1976 53.06 30.85 -14.74
CA ASP B 1976 54.34 31.21 -15.34
C ASP B 1976 55.50 30.63 -14.53
N ILE B 1977 55.38 30.65 -13.20
CA ILE B 1977 56.43 30.06 -12.37
C ILE B 1977 56.54 28.56 -12.63
N LEU B 1978 55.39 27.88 -12.72
CA LEU B 1978 55.43 26.43 -12.89
C LEU B 1978 55.89 26.01 -14.27
N LEU B 1979 55.67 26.85 -15.28
CA LEU B 1979 56.15 26.53 -16.63
C LEU B 1979 57.68 26.48 -16.67
N GLN B 1980 58.34 27.42 -15.99
CA GLN B 1980 59.79 27.48 -15.95
C GLN B 1980 60.39 26.66 -14.81
N ASP B 1981 59.57 25.92 -14.07
CA ASP B 1981 60.06 25.14 -12.94
C ASP B 1981 61.04 24.07 -13.40
N THR B 1982 62.14 23.94 -12.66
CA THR B 1982 63.16 22.94 -12.92
C THR B 1982 63.37 22.12 -11.64
N ASN B 1983 63.53 20.80 -11.82
CA ASN B 1983 63.72 19.84 -10.72
C ASN B 1983 62.52 19.81 -9.77
N GLU B 1984 61.38 20.37 -10.20
CA GLU B 1984 60.14 20.35 -9.42
C GLU B 1984 60.31 21.00 -8.05
N SER B 1985 61.25 21.92 -7.91
CA SER B 1985 61.42 22.61 -6.63
C SER B 1985 60.29 23.61 -6.39
N TRP B 1986 59.95 24.40 -7.42
CA TRP B 1986 58.84 25.34 -7.29
C TRP B 1986 57.52 24.60 -7.16
N ARG B 1987 57.36 23.50 -7.89
CA ARG B 1987 56.14 22.72 -7.79
C ARG B 1987 55.94 22.17 -6.38
N ASN B 1988 57.00 21.62 -5.79
CA ASN B 1988 56.90 21.09 -4.44
C ASN B 1988 56.64 22.20 -3.42
N LEU B 1989 57.32 23.35 -3.58
CA LEU B 1989 57.12 24.44 -2.64
C LEU B 1989 55.70 24.97 -2.70
N LEU B 1990 55.16 25.14 -3.91
CA LEU B 1990 53.80 25.64 -4.05
C LEU B 1990 52.80 24.60 -3.55
N SER B 1991 53.08 23.32 -3.81
CA SER B 1991 52.16 22.28 -3.38
C SER B 1991 52.07 22.23 -1.86
N THR B 1992 53.22 22.32 -1.18
CA THR B 1992 53.19 22.22 0.27
C THR B 1992 52.62 23.49 0.91
N HIS B 1993 52.84 24.66 0.29
CA HIS B 1993 52.28 25.87 0.86
C HIS B 1993 50.78 25.94 0.65
N VAL B 1994 50.30 25.55 -0.53
CA VAL B 1994 48.87 25.54 -0.78
C VAL B 1994 48.19 24.49 0.09
N GLN B 1995 48.81 23.32 0.28
CA GLN B 1995 48.25 22.31 1.16
C GLN B 1995 48.19 22.81 2.60
N GLY B 1996 49.24 23.51 3.06
CA GLY B 1996 49.20 24.08 4.40
C GLY B 1996 48.10 25.12 4.56
N PHE B 1997 47.89 25.93 3.51
CA PHE B 1997 46.81 26.91 3.55
C PHE B 1997 45.45 26.21 3.63
N PHE B 1998 45.27 25.15 2.85
CA PHE B 1998 43.99 24.44 2.88
C PHE B 1998 43.75 23.76 4.22
N THR B 1999 44.81 23.20 4.82
CA THR B 1999 44.67 22.62 6.15
C THR B 1999 44.34 23.69 7.17
N SER B 2000 44.95 24.88 7.05
CA SER B 2000 44.61 25.97 7.96
C SER B 2000 43.17 26.42 7.77
N CYS B 2001 42.61 26.21 6.57
CA CYS B 2001 41.18 26.45 6.38
C CYS B 2001 40.35 25.39 7.09
N LEU B 2002 40.64 24.11 6.82
CA LEU B 2002 39.91 23.02 7.45
C LEU B 2002 39.87 23.17 8.97
N ARG B 2003 41.01 23.52 9.57
CA ARG B 2003 41.15 23.72 11.02
C ARG B 2003 39.92 24.32 11.67
N HIS B 2004 39.48 23.71 12.78
CA HIS B 2004 38.28 24.02 13.58
C HIS B 2004 37.03 23.81 12.73
N CYS B 2027 42.94 29.14 10.48
CA CYS B 2027 41.84 29.31 11.42
C CYS B 2027 41.08 30.60 11.16
N CYS B 2028 39.76 30.47 10.96
CA CYS B 2028 38.85 31.59 10.77
C CYS B 2028 39.38 32.56 9.72
N LEU B 2029 39.34 32.09 8.48
CA LEU B 2029 39.87 32.82 7.34
C LEU B 2029 38.77 33.61 6.64
N ASP B 2030 39.20 34.49 5.75
CA ASP B 2030 38.29 35.42 5.08
C ASP B 2030 37.78 34.79 3.79
N LYS B 2031 36.46 34.84 3.60
CA LYS B 2031 35.79 34.22 2.46
C LYS B 2031 36.31 34.70 1.10
N LYS B 2032 37.21 35.68 1.09
CA LYS B 2032 37.80 36.14 -0.15
C LYS B 2032 39.07 35.38 -0.50
N SER B 2033 39.92 35.10 0.50
CA SER B 2033 41.15 34.34 0.25
C SER B 2033 40.85 32.93 -0.25
N GLN B 2034 39.84 32.29 0.34
CA GLN B 2034 39.47 30.94 -0.08
C GLN B 2034 38.95 30.95 -1.52
N ARG B 2035 38.14 31.95 -1.86
CA ARG B 2035 37.64 32.04 -3.24
C ARG B 2035 38.77 32.31 -4.22
N THR B 2036 39.73 33.15 -3.83
CA THR B 2036 40.88 33.42 -4.69
C THR B 2036 41.70 32.16 -4.93
N MET B 2037 41.94 31.37 -3.87
CA MET B 2037 42.70 30.13 -4.04
C MET B 2037 41.92 29.10 -4.85
N LEU B 2038 40.59 29.07 -4.68
CA LEU B 2038 39.77 28.18 -5.50
C LEU B 2038 39.82 28.57 -6.97
N ALA B 2039 39.81 29.88 -7.25
CA ALA B 2039 39.95 30.34 -8.63
C ALA B 2039 41.33 30.01 -9.18
N VAL B 2040 42.36 30.07 -8.34
CA VAL B 2040 43.71 29.70 -8.76
C VAL B 2040 43.74 28.23 -9.15
N VAL B 2041 43.15 27.37 -8.32
CA VAL B 2041 43.12 25.93 -8.61
C VAL B 2041 42.32 25.66 -9.87
N ASP B 2042 41.17 26.33 -10.04
CA ASP B 2042 40.36 26.12 -11.22
C ASP B 2042 41.09 26.55 -12.48
N TYR B 2043 41.80 27.69 -12.43
CA TYR B 2043 42.56 28.13 -13.59
C TYR B 2043 43.68 27.15 -13.93
N MET B 2044 44.40 26.67 -12.90
CA MET B 2044 45.50 25.75 -13.17
C MET B 2044 45.00 24.40 -13.66
N ARG B 2045 43.76 24.04 -13.31
CA ARG B 2045 43.21 22.76 -13.77
C ARG B 2045 42.97 22.74 -15.28
N ARG B 2046 42.82 23.91 -15.91
CA ARG B 2046 42.50 24.00 -17.32
C ARG B 2046 43.72 24.17 -18.21
N GLN B 2047 44.92 24.13 -17.66
CA GLN B 2047 46.15 24.36 -18.42
C GLN B 2047 46.81 23.04 -18.76
N LYS B 2048 47.36 22.97 -19.97
CA LYS B 2048 48.05 21.77 -20.43
C LYS B 2048 49.48 21.77 -19.89
N ARG B 2049 49.88 20.65 -19.27
CA ARG B 2049 51.22 20.52 -18.74
C ARG B 2049 52.23 20.39 -19.88
N PRO B 2050 53.47 20.85 -19.68
CA PRO B 2050 54.48 20.71 -20.75
C PRO B 2050 54.69 19.28 -21.20
N SER B 2051 54.66 18.33 -20.27
CA SER B 2051 54.76 16.93 -20.64
C SER B 2051 53.45 16.44 -21.26
N SER B 2052 53.56 15.57 -22.26
CA SER B 2052 52.38 15.04 -22.92
C SER B 2052 51.55 14.24 -21.94
N GLY B 2053 50.24 14.48 -21.95
CA GLY B 2053 49.36 13.79 -21.02
C GLY B 2053 47.91 14.09 -21.32
N THR B 2054 47.06 13.71 -20.38
CA THR B 2054 45.61 13.87 -20.48
C THR B 2054 45.14 14.96 -19.53
N ILE B 2055 43.82 15.14 -19.47
CA ILE B 2055 43.23 16.15 -18.58
C ILE B 2055 43.45 15.75 -17.13
N PHE B 2056 43.41 14.45 -16.82
CA PHE B 2056 43.63 14.02 -15.45
C PHE B 2056 45.03 14.38 -14.97
N ASN B 2057 46.03 14.21 -15.82
CA ASN B 2057 47.39 14.66 -15.48
C ASN B 2057 47.43 16.17 -15.34
N ASP B 2058 46.72 16.90 -16.20
CA ASP B 2058 46.69 18.35 -16.12
C ASP B 2058 46.01 18.84 -14.85
N ALA B 2059 45.18 18.00 -14.22
CA ALA B 2059 44.50 18.38 -12.99
C ALA B 2059 45.42 18.41 -11.78
N PHE B 2060 46.68 17.97 -11.93
CA PHE B 2060 47.62 17.85 -10.81
C PHE B 2060 48.90 18.62 -11.10
N TRP B 2061 48.75 19.88 -11.53
CA TRP B 2061 49.91 20.77 -11.64
C TRP B 2061 50.66 20.84 -10.32
N LEU B 2062 49.94 20.80 -9.21
CA LEU B 2062 50.53 20.77 -7.88
C LEU B 2062 50.07 19.51 -7.15
N ASP B 2063 50.95 18.99 -6.29
CA ASP B 2063 50.62 17.81 -5.50
C ASP B 2063 49.65 18.18 -4.39
N LEU B 2064 48.35 18.18 -4.70
CA LEU B 2064 47.33 18.66 -3.79
C LEU B 2064 46.35 17.54 -3.43
N ASN B 2065 45.82 17.61 -2.22
CA ASN B 2065 44.77 16.71 -1.77
C ASN B 2065 43.44 17.36 -2.10
N TYR B 2066 42.80 16.89 -3.17
CA TYR B 2066 41.60 17.54 -3.68
C TYR B 2066 40.40 17.40 -2.74
N LEU B 2067 40.45 16.49 -1.77
CA LEU B 2067 39.37 16.40 -0.80
C LEU B 2067 39.27 17.67 0.04
N GLU B 2068 40.41 18.20 0.47
CA GLU B 2068 40.41 19.44 1.23
C GLU B 2068 39.91 20.61 0.39
N VAL B 2069 40.32 20.66 -0.88
CA VAL B 2069 39.86 21.72 -1.76
C VAL B 2069 38.36 21.61 -1.99
N ALA B 2070 37.85 20.39 -2.14
CA ALA B 2070 36.40 20.19 -2.29
C ALA B 2070 35.66 20.63 -1.03
N LYS B 2071 36.20 20.33 0.14
CA LYS B 2071 35.57 20.77 1.38
C LYS B 2071 35.54 22.29 1.48
N VAL B 2072 36.64 22.95 1.08
CA VAL B 2072 36.68 24.40 1.08
C VAL B 2072 35.66 24.97 0.09
N ALA B 2073 35.57 24.37 -1.11
CA ALA B 2073 34.61 24.83 -2.10
C ALA B 2073 33.19 24.67 -1.60
N GLN B 2074 32.88 23.56 -0.92
CA GLN B 2074 31.57 23.39 -0.32
C GLN B 2074 31.32 24.44 0.74
N SER B 2075 32.35 24.76 1.53
CA SER B 2075 32.22 25.86 2.49
C SER B 2075 31.99 27.18 1.78
N CYS B 2076 32.68 27.40 0.66
CA CYS B 2076 32.48 28.57 -0.18
C CYS B 2076 31.25 28.45 -1.09
N ALA B 2077 30.41 27.43 -0.86
CA ALA B 2077 29.17 27.23 -1.61
C ALA B 2077 29.43 27.04 -3.11
N ALA B 2078 30.55 26.42 -3.47
CA ALA B 2078 30.82 26.03 -4.85
C ALA B 2078 30.51 24.55 -4.99
N HIS B 2079 29.22 24.26 -5.17
CA HIS B 2079 28.75 22.87 -5.09
C HIS B 2079 29.26 22.03 -6.25
N PHE B 2080 29.14 22.52 -7.48
CA PHE B 2080 29.61 21.75 -8.63
C PHE B 2080 31.12 21.61 -8.61
N THR B 2081 31.83 22.68 -8.23
CA THR B 2081 33.28 22.59 -8.12
C THR B 2081 33.69 21.61 -7.04
N ALA B 2082 32.99 21.61 -5.92
CA ALA B 2082 33.28 20.66 -4.85
C ALA B 2082 33.03 19.23 -5.31
N LEU B 2083 31.94 19.00 -6.05
CA LEU B 2083 31.65 17.66 -6.55
C LEU B 2083 32.74 17.18 -7.51
N LEU B 2084 33.17 18.05 -8.42
CA LEU B 2084 34.21 17.67 -9.35
C LEU B 2084 35.53 17.41 -8.64
N TYR B 2085 35.87 18.24 -7.65
CA TYR B 2085 37.10 18.03 -6.90
C TYR B 2085 37.05 16.74 -6.10
N ALA B 2086 35.89 16.43 -5.50
CA ALA B 2086 35.75 15.18 -4.76
C ALA B 2086 35.91 13.98 -5.68
N GLU B 2087 35.32 14.03 -6.88
CA GLU B 2087 35.49 12.93 -7.83
C GLU B 2087 36.94 12.79 -8.26
N ILE B 2088 37.63 13.92 -8.48
CA ILE B 2088 39.03 13.88 -8.86
C ILE B 2088 39.87 13.27 -7.72
N TYR B 2089 39.58 13.66 -6.49
CA TYR B 2089 40.32 13.12 -5.35
C TYR B 2089 40.09 11.62 -5.21
N ALA B 2090 38.85 11.17 -5.38
CA ALA B 2090 38.56 9.74 -5.28
C ALA B 2090 39.27 8.96 -6.37
N ASP B 2091 39.27 9.49 -7.59
CA ASP B 2091 39.97 8.81 -8.69
C ASP B 2091 41.47 8.76 -8.44
N LYS B 2092 42.05 9.86 -7.96
CA LYS B 2092 43.48 9.90 -7.70
C LYS B 2092 43.86 8.92 -6.59
N LYS B 2093 43.07 8.88 -5.52
CA LYS B 2093 43.39 7.96 -4.42
C LYS B 2093 43.22 6.51 -4.83
N SER B 2094 42.21 6.22 -5.67
CA SER B 2094 42.06 4.86 -6.19
C SER B 2094 43.24 4.46 -7.06
N MET B 2095 43.70 5.38 -7.91
CA MET B 2095 44.88 5.08 -8.74
C MET B 2095 46.13 4.89 -7.89
N ASP B 2096 46.29 5.71 -6.85
CA ASP B 2096 47.44 5.56 -5.96
C ASP B 2096 47.40 4.22 -5.24
N ASP B 2097 46.22 3.81 -4.77
CA ASP B 2097 46.08 2.52 -4.10
C ASP B 2097 46.39 1.38 -5.07
N GLN B 2098 45.91 1.48 -6.31
CA GLN B 2098 46.19 0.44 -7.30
C GLN B 2098 47.68 0.35 -7.59
N GLU B 2099 48.34 1.51 -7.73
CA GLU B 2099 49.78 1.51 -7.98
C GLU B 2099 50.55 0.93 -6.80
N LYS B 2100 50.14 1.27 -5.57
CA LYS B 2100 50.82 0.76 -4.39
C LYS B 2100 50.65 -0.76 -4.28
N ARG B 2101 49.44 -1.26 -4.59
CA ARG B 2101 49.20 -2.70 -4.50
C ARG B 2101 49.94 -3.47 -5.58
N SER B 2102 50.36 -2.82 -6.66
CA SER B 2102 51.08 -3.49 -7.73
C SER B 2102 52.59 -3.32 -7.56
N THR B 2112 38.08 -1.17 -3.52
CA THR B 2112 37.52 -0.45 -2.40
C THR B 2112 36.22 0.24 -2.79
N THR B 2113 35.19 0.09 -1.96
CA THR B 2113 33.89 0.69 -2.22
C THR B 2113 33.87 2.13 -1.68
N ILE B 2114 32.69 2.76 -1.78
CA ILE B 2114 32.56 4.13 -1.30
C ILE B 2114 32.73 4.20 0.22
N SER B 2115 32.14 3.25 0.95
CA SER B 2115 32.25 3.25 2.40
C SER B 2115 33.69 3.05 2.85
N SER B 2116 34.40 2.10 2.22
CA SER B 2116 35.80 1.87 2.59
C SER B 2116 36.66 3.08 2.27
N LEU B 2117 36.42 3.72 1.11
CA LEU B 2117 37.20 4.89 0.75
C LEU B 2117 36.94 6.04 1.72
N SER B 2118 35.68 6.18 2.15
CA SER B 2118 35.35 7.21 3.13
C SER B 2118 36.01 6.92 4.48
N GLU B 2119 36.06 5.64 4.87
CA GLU B 2119 36.73 5.27 6.12
C GLU B 2119 38.21 5.59 6.07
N LYS B 2120 38.87 5.27 4.95
CA LYS B 2120 40.28 5.62 4.81
C LYS B 2120 40.48 7.13 4.81
N SER B 2121 39.59 7.88 4.15
CA SER B 2121 39.71 9.33 4.15
C SER B 2121 39.56 9.89 5.56
N LYS B 2122 38.62 9.33 6.34
CA LYS B 2122 38.44 9.79 7.71
C LYS B 2122 39.66 9.44 8.57
N GLU B 2123 40.24 8.26 8.39
CA GLU B 2123 41.38 7.86 9.19
C GLU B 2123 42.69 8.47 8.72
N GLU B 2124 42.70 9.16 7.57
CA GLU B 2124 43.90 9.81 7.06
C GLU B 2124 43.87 11.32 7.21
N THR B 2125 42.83 11.99 6.71
CA THR B 2125 42.74 13.44 6.76
C THR B 2125 41.61 13.94 7.64
N GLY B 2126 40.78 13.06 8.19
CA GLY B 2126 39.71 13.46 9.08
C GLY B 2126 38.45 13.93 8.40
N ILE B 2127 38.36 13.82 7.08
CA ILE B 2127 37.19 14.24 6.32
C ILE B 2127 36.59 13.01 5.65
N SER B 2128 35.29 12.81 5.82
CA SER B 2128 34.59 11.68 5.22
C SER B 2128 34.11 12.06 3.83
N LEU B 2129 34.53 11.28 2.82
CA LEU B 2129 34.13 11.57 1.45
C LEU B 2129 32.62 11.39 1.26
N GLN B 2130 32.05 10.33 1.83
CA GLN B 2130 30.62 10.10 1.69
C GLN B 2130 29.80 11.22 2.33
N ASP B 2131 30.20 11.66 3.52
CA ASP B 2131 29.49 12.76 4.17
C ASP B 2131 29.58 14.04 3.35
N LEU B 2132 30.78 14.36 2.86
CA LEU B 2132 30.95 15.57 2.07
C LEU B 2132 30.12 15.50 0.79
N LEU B 2133 30.09 14.33 0.15
CA LEU B 2133 29.25 14.18 -1.03
C LEU B 2133 27.77 14.32 -0.66
N LEU B 2134 27.43 13.97 0.58
CA LEU B 2134 26.05 14.09 1.02
C LEU B 2134 25.65 15.55 1.14
N GLU B 2135 26.48 16.36 1.79
CA GLU B 2135 26.13 17.78 1.86
C GLU B 2135 26.20 18.44 0.49
N ILE B 2136 27.13 18.01 -0.37
CA ILE B 2136 27.20 18.60 -1.71
C ILE B 2136 25.93 18.31 -2.49
N TYR B 2137 25.43 17.07 -2.43
CA TYR B 2137 24.21 16.73 -3.15
C TYR B 2137 22.99 17.39 -2.54
N ARG B 2138 22.95 17.53 -1.20
CA ARG B 2138 21.85 18.25 -0.58
C ARG B 2138 21.84 19.71 -1.00
N SER B 2139 23.01 20.34 -1.08
CA SER B 2139 23.10 21.72 -1.52
C SER B 2139 22.69 21.85 -2.99
N ILE B 2140 23.07 20.88 -3.82
CA ILE B 2140 22.64 20.90 -5.23
C ILE B 2140 21.13 20.80 -5.32
N GLY B 2141 20.53 19.90 -4.55
CA GLY B 2141 19.09 19.79 -4.47
C GLY B 2141 18.43 18.94 -5.53
N GLU B 2142 19.19 18.21 -6.32
CA GLU B 2142 18.60 17.34 -7.33
C GLU B 2142 18.00 16.12 -6.65
N PRO B 2143 16.71 15.84 -6.82
CA PRO B 2143 16.07 14.79 -6.00
C PRO B 2143 16.67 13.40 -6.18
N ASP B 2144 17.09 13.05 -7.40
CA ASP B 2144 17.56 11.69 -7.65
C ASP B 2144 18.96 11.45 -7.10
N SER B 2145 19.81 12.49 -7.08
CA SER B 2145 21.19 12.32 -6.64
C SER B 2145 21.31 12.05 -5.15
N LEU B 2146 20.25 12.31 -4.38
CA LEU B 2146 20.31 12.09 -2.94
C LEU B 2146 20.42 10.60 -2.60
N TYR B 2147 19.90 9.73 -3.46
CA TYR B 2147 19.96 8.30 -3.22
C TYR B 2147 21.31 7.68 -3.59
N GLY B 2148 22.15 8.40 -4.33
CA GLY B 2148 23.43 7.84 -4.71
C GLY B 2148 24.36 7.61 -3.52
N CYS B 2149 24.44 8.58 -2.62
CA CYS B 2149 25.27 8.48 -1.42
C CYS B 2149 24.35 8.49 -0.20
N GLY B 2150 23.90 7.30 0.19
CA GLY B 2150 23.00 7.18 1.32
C GLY B 2150 23.47 6.15 2.33
N GLY B 2151 24.56 5.45 2.02
CA GLY B 2151 25.09 4.43 2.89
C GLY B 2151 25.70 4.96 4.17
N GLY B 2152 26.08 6.24 4.19
CA GLY B 2152 26.66 6.85 5.37
C GLY B 2152 25.60 7.39 6.31
N LYS B 2153 25.75 7.08 7.59
CA LYS B 2153 24.83 7.54 8.64
C LYS B 2153 23.38 7.14 8.33
N MET B 2154 23.21 5.87 7.95
CA MET B 2154 21.88 5.37 7.63
C MET B 2154 20.97 5.38 8.85
N LEU B 2155 21.50 4.97 10.01
CA LEU B 2155 20.69 4.86 11.22
C LEU B 2155 20.53 6.18 11.94
N GLN B 2156 21.22 7.23 11.51
CA GLN B 2156 21.11 8.52 12.16
C GLN B 2156 19.69 9.08 11.99
N PRO B 2157 19.05 9.57 13.05
CA PRO B 2157 17.69 10.09 12.92
C PRO B 2157 17.56 11.25 11.95
N ILE B 2158 18.59 12.10 11.84
CA ILE B 2158 18.51 13.25 10.95
C ILE B 2158 18.40 12.82 9.49
N THR B 2159 19.21 11.83 9.09
CA THR B 2159 19.13 11.35 7.71
C THR B 2159 17.79 10.69 7.43
N ARG B 2160 17.26 9.93 8.38
CA ARG B 2160 15.96 9.31 8.20
C ARG B 2160 14.87 10.36 8.06
N LEU B 2161 14.93 11.41 8.89
CA LEU B 2161 13.91 12.46 8.83
C LEU B 2161 13.99 13.22 7.53
N ARG B 2162 15.20 13.50 7.05
CA ARG B 2162 15.35 14.18 5.77
C ARG B 2162 14.81 13.32 4.63
N THR B 2163 15.08 12.02 4.67
CA THR B 2163 14.54 11.12 3.66
C THR B 2163 13.01 11.09 3.70
N TYR B 2164 12.43 11.06 4.90
CA TYR B 2164 10.98 11.06 5.02
C TYR B 2164 10.38 12.36 4.49
N GLU B 2165 11.01 13.49 4.80
CA GLU B 2165 10.50 14.77 4.32
C GLU B 2165 10.62 14.87 2.80
N HIS B 2166 11.71 14.36 2.23
CA HIS B 2166 11.88 14.39 0.78
C HIS B 2166 10.84 13.52 0.09
N GLU B 2167 10.50 12.39 0.69
CA GLU B 2167 9.52 11.46 0.13
C GLU B 2167 8.09 11.78 0.58
N ALA B 2168 7.89 12.90 1.28
CA ALA B 2168 6.57 13.32 1.76
C ALA B 2168 5.95 12.30 2.72
N MET B 2169 6.80 11.58 3.46
CA MET B 2169 6.33 10.67 4.50
C MET B 2169 6.15 11.43 5.80
N TRP B 2170 5.10 12.26 5.83
CA TRP B 2170 4.90 13.18 6.95
C TRP B 2170 4.56 12.43 8.24
N GLY B 2171 3.80 11.34 8.14
CA GLY B 2171 3.49 10.57 9.32
C GLY B 2171 4.72 9.93 9.95
N LYS B 2172 5.58 9.33 9.11
CA LYS B 2172 6.81 8.75 9.62
C LYS B 2172 7.73 9.81 10.19
N ALA B 2173 7.81 10.98 9.53
CA ALA B 2173 8.64 12.06 10.04
C ALA B 2173 8.14 12.55 11.38
N LEU B 2174 6.82 12.68 11.53
CA LEU B 2174 6.25 13.11 12.81
C LEU B 2174 6.53 12.09 13.91
N VAL B 2175 6.40 10.80 13.59
CA VAL B 2175 6.66 9.76 14.57
C VAL B 2175 8.12 9.79 15.00
N THR B 2176 9.03 9.91 14.05
CA THR B 2176 10.45 9.95 14.38
C THR B 2176 10.81 11.20 15.17
N TYR B 2177 10.22 12.35 14.81
CA TYR B 2177 10.48 13.57 15.55
C TYR B 2177 10.01 13.46 16.99
N ASP B 2178 8.82 12.89 17.21
CA ASP B 2178 8.34 12.71 18.58
C ASP B 2178 9.19 11.71 19.34
N LEU B 2179 9.61 10.63 18.68
CA LEU B 2179 10.34 9.56 19.36
C LEU B 2179 11.73 10.03 19.78
N GLU B 2180 12.53 10.49 18.83
CA GLU B 2180 13.90 10.89 19.12
C GLU B 2180 13.93 12.17 19.96
N THR B 2181 14.86 12.22 20.90
CA THR B 2181 14.99 13.35 21.82
C THR B 2181 16.34 14.06 21.71
N ALA B 2182 17.41 13.34 21.38
CA ALA B 2182 18.74 13.95 21.31
C ALA B 2182 18.84 15.00 20.22
N ILE B 2183 17.91 15.02 19.27
CA ILE B 2183 17.90 16.07 18.25
C ILE B 2183 17.67 17.42 18.92
N PRO B 2184 18.30 18.49 18.46
CA PRO B 2184 18.06 19.81 19.07
C PRO B 2184 16.58 20.17 19.04
N SER B 2185 16.12 20.82 20.11
CA SER B 2185 14.70 21.09 20.27
C SER B 2185 14.17 22.01 19.17
N SER B 2186 14.93 23.05 18.81
CA SER B 2186 14.42 24.04 17.87
C SER B 2186 14.01 23.37 16.56
N THR B 2187 14.85 22.49 16.03
CA THR B 2187 14.48 21.81 14.81
C THR B 2187 13.53 20.65 15.09
N ARG B 2188 13.44 20.20 16.34
CA ARG B 2188 12.53 19.10 16.65
C ARG B 2188 11.09 19.59 16.56
N GLN B 2189 10.79 20.72 17.20
CA GLN B 2189 9.46 21.29 17.04
C GLN B 2189 9.27 21.94 15.69
N ALA B 2190 10.34 22.39 15.02
CA ALA B 2190 10.17 22.89 13.66
C ALA B 2190 9.68 21.77 12.74
N GLY B 2191 10.30 20.59 12.83
CA GLY B 2191 9.84 19.46 12.05
C GLY B 2191 8.48 18.97 12.48
N ILE B 2192 8.19 19.00 13.78
CA ILE B 2192 6.88 18.57 14.26
C ILE B 2192 5.79 19.45 13.70
N ILE B 2193 6.00 20.77 13.74
CA ILE B 2193 5.02 21.72 13.20
C ILE B 2193 4.87 21.55 11.69
N GLN B 2194 5.99 21.38 10.98
CA GLN B 2194 5.90 21.19 9.53
C GLN B 2194 5.13 19.92 9.17
N ALA B 2195 5.41 18.82 9.89
CA ALA B 2195 4.69 17.57 9.64
C ALA B 2195 3.21 17.70 9.97
N LEU B 2196 2.88 18.38 11.07
CA LEU B 2196 1.48 18.58 11.41
C LEU B 2196 0.77 19.41 10.37
N GLN B 2197 1.40 20.49 9.89
CA GLN B 2197 0.78 21.35 8.90
C GLN B 2197 0.59 20.62 7.58
N ASN B 2198 1.57 19.82 7.17
CA ASN B 2198 1.47 19.10 5.91
C ASN B 2198 0.38 18.02 5.93
N LEU B 2199 -0.03 17.58 7.12
CA LEU B 2199 -1.10 16.61 7.28
C LEU B 2199 -2.43 17.25 7.63
N GLY B 2200 -2.54 18.57 7.55
CA GLY B 2200 -3.72 19.28 8.02
C GLY B 2200 -3.62 19.56 9.51
N LEU B 2201 -4.52 18.97 10.29
CA LEU B 2201 -4.45 18.99 11.74
C LEU B 2201 -4.28 20.40 12.29
N CYS B 2202 -5.07 21.33 11.75
CA CYS B 2202 -4.95 22.74 12.14
C CYS B 2202 -5.28 22.93 13.61
N HIS B 2203 -6.35 22.30 14.10
CA HIS B 2203 -6.70 22.42 15.51
C HIS B 2203 -5.64 21.76 16.39
N ILE B 2204 -5.16 20.58 15.99
CA ILE B 2204 -4.12 19.90 16.76
C ILE B 2204 -2.85 20.74 16.79
N LEU B 2205 -2.46 21.31 15.64
CA LEU B 2205 -1.27 22.14 15.60
C LEU B 2205 -1.43 23.38 16.48
N SER B 2206 -2.61 24.01 16.46
CA SER B 2206 -2.85 25.18 17.28
C SER B 2206 -2.76 24.85 18.77
N VAL B 2207 -3.35 23.73 19.18
CA VAL B 2207 -3.27 23.34 20.59
C VAL B 2207 -1.85 22.98 20.97
N TYR B 2208 -1.11 22.32 20.07
CA TYR B 2208 0.27 21.99 20.34
C TYR B 2208 1.12 23.24 20.51
N LEU B 2209 0.88 24.25 19.66
CA LEU B 2209 1.59 25.52 19.79
C LEU B 2209 1.25 26.21 21.10
N LYS B 2210 -0.03 26.19 21.49
CA LYS B 2210 -0.42 26.80 22.76
C LYS B 2210 0.23 26.10 23.93
N GLY B 2211 0.28 24.77 23.92
CA GLY B 2211 0.94 24.04 24.99
C GLY B 2211 2.44 24.28 25.02
N LEU B 2212 3.08 24.37 23.86
CA LEU B 2212 4.49 24.67 23.80
C LEU B 2212 4.79 26.05 24.35
N ASP B 2213 3.95 27.04 24.02
CA ASP B 2213 4.13 28.37 24.58
C ASP B 2213 3.86 28.38 26.08
N TYR B 2214 2.96 27.52 26.55
CA TYR B 2214 2.69 27.44 27.99
C TYR B 2214 3.88 26.86 28.74
N GLU B 2215 4.50 25.82 28.19
CA GLU B 2215 5.58 25.13 28.90
C GLU B 2215 6.94 25.81 28.76
N ASN B 2216 7.09 26.72 27.80
CA ASN B 2216 8.36 27.37 27.55
C ASN B 2216 8.15 28.87 27.42
N LYS B 2217 9.01 29.65 28.09
CA LYS B 2217 8.94 31.11 28.03
C LYS B 2217 9.85 31.69 26.95
N ASP B 2218 11.02 31.11 26.75
CA ASP B 2218 11.92 31.57 25.70
C ASP B 2218 11.31 31.30 24.33
N TRP B 2219 11.41 32.28 23.44
CA TRP B 2219 10.80 32.22 22.12
C TRP B 2219 11.85 32.55 21.06
N CYS B 2220 12.39 31.53 20.41
CA CYS B 2220 13.34 31.71 19.33
C CYS B 2220 12.61 32.15 18.06
N PRO B 2221 13.31 32.82 17.14
CA PRO B 2221 12.62 33.34 15.94
C PRO B 2221 11.98 32.25 15.08
N GLU B 2222 12.54 31.04 15.04
CA GLU B 2222 11.96 29.98 14.23
C GLU B 2222 10.55 29.62 14.70
N LEU B 2223 10.37 29.48 16.01
CA LEU B 2223 9.05 29.16 16.54
C LEU B 2223 8.07 30.31 16.35
N GLU B 2224 8.55 31.56 16.46
CA GLU B 2224 7.67 32.68 16.18
C GLU B 2224 7.25 32.70 14.71
N GLU B 2225 8.18 32.32 13.83
CA GLU B 2225 7.88 32.24 12.40
C GLU B 2225 6.81 31.18 12.13
N LEU B 2226 6.93 30.02 12.78
CA LEU B 2226 5.97 28.96 12.56
C LEU B 2226 4.62 29.30 13.19
N HIS B 2227 4.64 29.96 14.36
CA HIS B 2227 3.40 30.37 15.00
C HIS B 2227 2.67 31.39 14.15
N TYR B 2228 3.38 32.35 13.56
CA TYR B 2228 2.74 33.30 12.66
C TYR B 2228 2.23 32.62 11.40
N GLN B 2229 2.97 31.64 10.88
CA GLN B 2229 2.50 30.92 9.71
C GLN B 2229 1.20 30.18 10.00
N ALA B 2230 1.11 29.53 11.17
CA ALA B 2230 -0.11 28.83 11.53
C ALA B 2230 -1.24 29.81 11.84
N ALA B 2231 -0.91 30.97 12.40
CA ALA B 2231 -1.92 31.96 12.74
C ALA B 2231 -2.58 32.52 11.48
N TRP B 2232 -1.78 32.84 10.46
CA TRP B 2232 -2.39 33.37 9.24
C TRP B 2232 -3.03 32.27 8.40
N ARG B 2233 -2.46 31.06 8.43
CA ARG B 2233 -3.06 29.96 7.68
C ARG B 2233 -4.40 29.53 8.27
N ASN B 2234 -4.53 29.58 9.60
CA ASN B 2234 -5.74 29.17 10.29
C ASN B 2234 -6.68 30.34 10.57
N MET B 2235 -6.35 31.54 10.08
CA MET B 2235 -7.15 32.74 10.30
C MET B 2235 -7.33 33.03 11.79
N GLN B 2236 -6.27 32.81 12.56
CA GLN B 2236 -6.27 33.15 13.99
C GLN B 2236 -5.88 34.62 14.13
N TRP B 2237 -6.89 35.48 13.99
CA TRP B 2237 -6.67 36.92 13.95
C TRP B 2237 -6.61 37.55 15.34
N ASP B 2238 -6.80 36.77 16.40
CA ASP B 2238 -6.74 37.30 17.76
C ASP B 2238 -5.37 37.18 18.39
N HIS B 2239 -4.37 36.71 17.64
CA HIS B 2239 -3.03 36.58 18.21
C HIS B 2239 -2.41 37.94 18.50
N CYS B 2240 -2.69 38.94 17.66
CA CYS B 2240 -2.15 40.28 17.85
C CYS B 2240 -2.72 40.93 19.11
N GLY B 2249 14.00 42.34 12.94
CA GLY B 2249 13.09 42.84 11.92
C GLY B 2249 11.95 41.89 11.62
N THR B 2250 10.90 42.41 10.99
CA THR B 2250 9.76 41.59 10.63
C THR B 2250 10.15 40.57 9.57
N SER B 2251 9.61 39.37 9.69
CA SER B 2251 9.94 38.27 8.80
C SER B 2251 8.83 38.09 7.75
N TYR B 2252 8.93 37.01 6.97
CA TYR B 2252 8.01 36.80 5.86
C TYR B 2252 6.59 36.52 6.34
N HIS B 2253 6.41 35.43 7.09
CA HIS B 2253 5.06 35.07 7.53
C HIS B 2253 4.48 36.11 8.49
N GLU B 2254 5.33 36.74 9.31
CA GLU B 2254 4.84 37.82 10.16
C GLU B 2254 4.34 38.99 9.34
N SER B 2255 5.06 39.33 8.27
CA SER B 2255 4.60 40.39 7.38
C SER B 2255 3.29 40.01 6.69
N LEU B 2256 3.17 38.75 6.27
CA LEU B 2256 1.94 38.29 5.64
C LEU B 2256 0.76 38.39 6.60
N TYR B 2257 0.96 37.98 7.85
CA TYR B 2257 -0.10 38.04 8.85
C TYR B 2257 -0.48 39.49 9.15
N ASN B 2258 0.51 40.37 9.26
CA ASN B 2258 0.22 41.78 9.48
C ASN B 2258 -0.53 42.38 8.31
N ALA B 2259 -0.14 42.01 7.08
CA ALA B 2259 -0.83 42.51 5.91
C ALA B 2259 -2.26 42.01 5.86
N LEU B 2260 -2.49 40.75 6.24
CA LEU B 2260 -3.84 40.22 6.25
C LEU B 2260 -4.71 40.94 7.27
N GLN B 2261 -4.17 41.23 8.46
CA GLN B 2261 -4.94 42.01 9.43
C GLN B 2261 -5.20 43.42 8.95
N SER B 2262 -4.22 44.04 8.29
CA SER B 2262 -4.43 45.37 7.71
C SER B 2262 -5.51 45.33 6.64
N LEU B 2263 -5.54 44.26 5.85
CA LEU B 2263 -6.61 44.08 4.86
C LEU B 2263 -7.96 43.96 5.54
N ARG B 2264 -8.04 43.21 6.65
CA ARG B 2264 -9.31 43.08 7.35
C ARG B 2264 -9.75 44.42 7.93
N ASP B 2265 -8.81 45.19 8.48
CA ASP B 2265 -9.11 46.47 9.12
C ASP B 2265 -9.15 47.63 8.13
N ARG B 2266 -8.99 47.36 6.84
CA ARG B 2266 -8.98 48.39 5.79
C ARG B 2266 -7.89 49.43 6.02
N GLU B 2267 -6.75 49.01 6.57
CA GLU B 2267 -5.58 49.87 6.75
C GLU B 2267 -4.63 49.59 5.59
N PHE B 2268 -4.91 50.23 4.45
CA PHE B 2268 -4.19 49.90 3.22
C PHE B 2268 -2.77 50.46 3.19
N SER B 2269 -2.53 51.59 3.87
CA SER B 2269 -1.19 52.18 3.85
C SER B 2269 -0.18 51.25 4.49
N THR B 2270 -0.52 50.69 5.66
CA THR B 2270 0.39 49.77 6.30
C THR B 2270 0.40 48.41 5.61
N PHE B 2271 -0.70 48.06 4.94
CA PHE B 2271 -0.73 46.82 4.17
C PHE B 2271 0.28 46.86 3.03
N TYR B 2272 0.31 47.99 2.31
CA TYR B 2272 1.29 48.14 1.23
C TYR B 2272 2.69 48.30 1.77
N GLU B 2273 2.85 49.00 2.91
CA GLU B 2273 4.18 49.13 3.49
C GLU B 2273 4.73 47.77 3.93
N SER B 2274 3.88 46.94 4.54
CA SER B 2274 4.30 45.61 4.96
C SER B 2274 4.63 44.72 3.76
N LEU B 2275 3.83 44.80 2.69
CA LEU B 2275 4.15 44.00 1.51
C LEU B 2275 5.46 44.45 0.87
N LYS B 2276 5.70 45.77 0.82
CA LYS B 2276 6.96 46.27 0.29
C LYS B 2276 8.14 45.81 1.14
N TYR B 2277 8.00 45.88 2.46
CA TYR B 2277 9.08 45.46 3.34
C TYR B 2277 9.35 43.97 3.20
N ALA B 2278 8.30 43.15 3.10
CA ALA B 2278 8.49 41.71 2.92
C ALA B 2278 9.17 41.40 1.59
N ARG B 2279 8.76 42.10 0.52
CA ARG B 2279 9.40 41.88 -0.78
C ARG B 2279 10.87 42.26 -0.75
N VAL B 2280 11.19 43.41 -0.13
CA VAL B 2280 12.57 43.84 -0.04
C VAL B 2280 13.39 42.85 0.79
N LYS B 2281 12.84 42.39 1.91
CA LYS B 2281 13.56 41.45 2.74
C LYS B 2281 13.81 40.13 2.01
N GLU B 2282 12.82 39.66 1.26
CA GLU B 2282 12.99 38.41 0.51
C GLU B 2282 14.07 38.57 -0.55
N VAL B 2283 14.07 39.69 -1.26
CA VAL B 2283 15.10 39.89 -2.29
C VAL B 2283 16.48 40.00 -1.66
N GLU B 2284 16.59 40.73 -0.54
CA GLU B 2284 17.88 40.85 0.13
C GLU B 2284 18.39 39.51 0.63
N GLU B 2285 17.49 38.68 1.17
CA GLU B 2285 17.90 37.35 1.61
C GLU B 2285 18.32 36.48 0.43
N MET B 2286 17.69 36.67 -0.74
CA MET B 2286 18.10 35.89 -1.90
C MET B 2286 19.42 36.38 -2.49
N CYS B 2287 19.74 37.66 -2.30
CA CYS B 2287 20.98 38.21 -2.86
C CYS B 2287 22.21 37.58 -2.24
N LYS B 2288 22.19 37.30 -0.93
CA LYS B 2288 23.37 36.82 -0.24
C LYS B 2288 23.60 35.32 -0.40
N ARG B 2289 22.72 34.61 -1.09
CA ARG B 2289 22.95 33.18 -1.33
C ARG B 2289 23.95 32.99 -2.46
N SER B 2290 24.31 31.73 -2.71
CA SER B 2290 25.38 31.43 -3.65
C SER B 2290 24.97 31.71 -5.09
N LEU B 2291 23.70 31.51 -5.43
CA LEU B 2291 23.18 31.70 -6.78
C LEU B 2291 23.90 30.81 -7.79
N GLU B 2292 23.84 29.50 -7.52
CA GLU B 2292 24.43 28.51 -8.43
C GLU B 2292 23.42 27.42 -8.75
N SER B 2293 22.49 27.16 -7.84
CA SER B 2293 21.50 26.10 -7.99
C SER B 2293 20.14 26.71 -8.27
N VAL B 2294 19.46 26.19 -9.29
CA VAL B 2294 18.14 26.69 -9.66
C VAL B 2294 17.13 26.40 -8.56
N TYR B 2295 17.26 25.26 -7.87
CA TYR B 2295 16.32 24.89 -6.82
C TYR B 2295 16.31 25.88 -5.67
N SER B 2296 17.37 26.67 -5.50
CA SER B 2296 17.39 27.68 -4.45
C SER B 2296 16.49 28.86 -4.75
N LEU B 2297 16.04 29.02 -6.00
CA LEU B 2297 15.19 30.13 -6.38
C LEU B 2297 13.70 29.85 -6.19
N TYR B 2298 13.31 28.58 -6.21
CA TYR B 2298 11.88 28.24 -6.20
C TYR B 2298 11.15 28.73 -4.96
N PRO B 2299 11.65 28.53 -3.73
CA PRO B 2299 10.92 29.11 -2.58
C PRO B 2299 10.81 30.62 -2.64
N THR B 2300 11.84 31.30 -3.13
CA THR B 2300 11.79 32.75 -3.24
C THR B 2300 10.78 33.18 -4.29
N LEU B 2301 10.77 32.49 -5.44
CA LEU B 2301 9.82 32.82 -6.48
C LEU B 2301 8.39 32.59 -6.02
N SER B 2302 8.15 31.49 -5.29
CA SER B 2302 6.82 31.23 -4.76
C SER B 2302 6.39 32.29 -3.75
N ARG B 2303 7.30 32.70 -2.88
CA ARG B 2303 6.97 33.74 -1.90
C ARG B 2303 6.67 35.06 -2.60
N LEU B 2304 7.46 35.41 -3.61
CA LEU B 2304 7.24 36.66 -4.33
C LEU B 2304 5.93 36.60 -5.11
N GLN B 2305 5.59 35.44 -5.67
CA GLN B 2305 4.31 35.28 -6.36
C GLN B 2305 3.15 35.47 -5.39
N ALA B 2306 3.25 34.89 -4.19
CA ALA B 2306 2.19 35.07 -3.20
C ALA B 2306 2.05 36.53 -2.80
N ILE B 2307 3.18 37.22 -2.61
CA ILE B 2307 3.15 38.64 -2.26
C ILE B 2307 2.51 39.44 -3.40
N GLY B 2308 2.88 39.13 -4.64
CA GLY B 2308 2.31 39.84 -5.78
C GLY B 2308 0.81 39.62 -5.91
N GLU B 2309 0.35 38.39 -5.67
CA GLU B 2309 -1.08 38.11 -5.73
C GLU B 2309 -1.84 38.86 -4.65
N LEU B 2310 -1.28 38.91 -3.43
CA LEU B 2310 -1.93 39.67 -2.38
C LEU B 2310 -1.97 41.16 -2.70
N GLU B 2311 -0.88 41.68 -3.28
CA GLU B 2311 -0.87 43.08 -3.68
C GLU B 2311 -1.90 43.35 -4.76
N SER B 2312 -2.03 42.44 -5.73
CA SER B 2312 -2.97 42.62 -6.82
C SER B 2312 -4.41 42.59 -6.29
N ILE B 2313 -4.72 41.68 -5.37
CA ILE B 2313 -6.07 41.61 -4.83
C ILE B 2313 -6.34 42.75 -3.86
N GLY B 2314 -5.30 43.46 -3.42
CA GLY B 2314 -5.52 44.58 -2.51
C GLY B 2314 -6.33 45.69 -3.16
N GLU B 2315 -6.03 46.04 -4.41
CA GLU B 2315 -6.79 47.08 -5.09
C GLU B 2315 -8.24 46.66 -5.29
N LEU B 2316 -8.47 45.39 -5.63
CA LEU B 2316 -9.84 44.90 -5.76
C LEU B 2316 -10.58 45.00 -4.45
N PHE B 2317 -9.92 44.67 -3.33
CA PHE B 2317 -10.55 44.79 -2.03
C PHE B 2317 -10.87 46.25 -1.71
N SER B 2318 -9.96 47.16 -2.06
CA SER B 2318 -10.11 48.56 -1.68
C SER B 2318 -11.33 49.19 -2.36
N ARG B 2319 -11.48 48.97 -3.67
CA ARG B 2319 -12.55 49.57 -4.43
C ARG B 2319 -13.79 48.66 -4.39
N SER B 2320 -14.78 48.99 -5.22
CA SER B 2320 -16.02 48.24 -5.24
C SER B 2320 -15.80 46.83 -5.79
N VAL B 2321 -16.64 45.90 -5.35
CA VAL B 2321 -16.56 44.50 -5.76
C VAL B 2321 -17.54 44.29 -6.91
N THR B 2322 -17.03 43.79 -8.03
CA THR B 2322 -17.85 43.55 -9.22
C THR B 2322 -17.54 42.16 -9.77
N HIS B 2323 -18.51 41.61 -10.50
CA HIS B 2323 -18.37 40.26 -11.04
C HIS B 2323 -17.23 40.20 -12.05
N ARG B 2324 -17.10 41.23 -12.89
CA ARG B 2324 -16.08 41.21 -13.94
C ARG B 2324 -14.67 41.19 -13.35
N GLN B 2325 -14.42 42.00 -12.32
CA GLN B 2325 -13.10 42.05 -11.73
C GLN B 2325 -12.73 40.71 -11.09
N LEU B 2326 -13.67 40.09 -10.37
CA LEU B 2326 -13.40 38.80 -9.76
C LEU B 2326 -13.19 37.73 -10.82
N SER B 2327 -13.96 37.76 -11.91
CA SER B 2327 -13.77 36.79 -12.98
C SER B 2327 -12.40 36.95 -13.62
N GLU B 2328 -11.97 38.20 -13.87
CA GLU B 2328 -10.66 38.42 -14.45
C GLU B 2328 -9.55 37.97 -13.52
N VAL B 2329 -9.69 38.23 -12.22
CA VAL B 2329 -8.68 37.82 -11.25
C VAL B 2329 -8.59 36.30 -11.20
N TYR B 2330 -9.74 35.62 -11.18
CA TYR B 2330 -9.73 34.16 -11.17
C TYR B 2330 -9.12 33.59 -12.45
N ILE B 2331 -9.43 34.21 -13.60
CA ILE B 2331 -8.85 33.74 -14.85
C ILE B 2331 -7.33 33.90 -14.84
N LYS B 2332 -6.84 35.03 -14.33
CA LYS B 2332 -5.40 35.24 -14.21
C LYS B 2332 -4.77 34.22 -13.27
N TRP B 2333 -5.43 33.94 -12.14
CA TRP B 2333 -4.92 32.95 -11.21
C TRP B 2333 -4.85 31.58 -11.84
N GLN B 2334 -5.90 31.19 -12.58
CA GLN B 2334 -5.90 29.89 -13.23
C GLN B 2334 -4.82 29.80 -14.30
N LYS B 2335 -4.64 30.85 -15.09
CA LYS B 2335 -3.60 30.84 -16.10
C LYS B 2335 -2.21 30.72 -15.49
N HIS B 2336 -1.96 31.46 -14.41
CA HIS B 2336 -0.65 31.39 -13.78
C HIS B 2336 -0.45 30.06 -13.07
N SER B 2337 -1.52 29.45 -12.56
CA SER B 2337 -1.41 28.11 -12.00
C SER B 2337 -1.09 27.09 -13.08
N GLN B 2338 -1.70 27.24 -14.26
CA GLN B 2338 -1.35 26.38 -15.39
C GLN B 2338 0.10 26.58 -15.80
N LEU B 2339 0.62 27.80 -15.63
CA LEU B 2339 2.04 28.03 -15.86
C LEU B 2339 2.91 27.33 -14.84
N LEU B 2340 2.32 26.91 -13.71
CA LEU B 2340 3.03 26.20 -12.64
C LEU B 2340 2.70 24.71 -12.62
N LYS B 2341 2.25 24.15 -13.74
CA LYS B 2341 1.81 22.76 -13.76
C LYS B 2341 2.97 21.80 -13.52
N ASP B 2342 4.20 22.20 -13.82
CA ASP B 2342 5.37 21.36 -13.61
C ASP B 2342 6.09 21.67 -12.31
N SER B 2343 5.62 22.64 -11.53
CA SER B 2343 6.25 22.98 -10.27
C SER B 2343 5.93 21.94 -9.21
N ASP B 2344 6.84 21.82 -8.24
CA ASP B 2344 6.63 20.89 -7.13
C ASP B 2344 5.48 21.36 -6.24
N PHE B 2345 4.87 20.40 -5.54
CA PHE B 2345 3.75 20.72 -4.67
C PHE B 2345 4.17 21.62 -3.51
N SER B 2346 5.42 21.52 -3.07
CA SER B 2346 5.90 22.36 -1.97
C SER B 2346 5.95 23.83 -2.36
N PHE B 2347 6.06 24.14 -3.65
CA PHE B 2347 6.09 25.53 -4.11
C PHE B 2347 4.72 26.04 -4.53
N GLN B 2348 3.74 25.14 -4.73
CA GLN B 2348 2.40 25.52 -5.12
C GLN B 2348 1.42 25.57 -3.95
N GLU B 2349 1.63 24.74 -2.93
CA GLU B 2349 0.70 24.69 -1.80
C GLU B 2349 0.57 26.02 -1.07
N PRO B 2350 1.64 26.74 -0.71
CA PRO B 2350 1.45 28.04 -0.05
C PRO B 2350 0.66 29.03 -0.88
N ILE B 2351 0.82 29.02 -2.21
CA ILE B 2351 0.06 29.93 -3.06
C ILE B 2351 -1.43 29.60 -2.99
N MET B 2352 -1.77 28.31 -3.04
CA MET B 2352 -3.17 27.92 -2.94
C MET B 2352 -3.75 28.26 -1.57
N ALA B 2353 -2.95 28.07 -0.52
CA ALA B 2353 -3.41 28.40 0.82
C ALA B 2353 -3.68 29.90 0.95
N LEU B 2354 -2.78 30.73 0.40
CA LEU B 2354 -2.99 32.17 0.44
C LEU B 2354 -4.22 32.57 -0.37
N ARG B 2355 -4.43 31.93 -1.52
CA ARG B 2355 -5.61 32.23 -2.32
C ARG B 2355 -6.89 31.89 -1.57
N THR B 2356 -6.90 30.73 -0.89
CA THR B 2356 -8.06 30.33 -0.10
C THR B 2356 -8.30 31.31 1.04
N VAL B 2357 -7.23 31.74 1.72
CA VAL B 2357 -7.38 32.69 2.81
C VAL B 2357 -7.92 34.02 2.29
N ILE B 2358 -7.42 34.47 1.14
CA ILE B 2358 -7.87 35.74 0.57
C ILE B 2358 -9.35 35.65 0.21
N LEU B 2359 -9.76 34.55 -0.42
CA LEU B 2359 -11.16 34.40 -0.79
C LEU B 2359 -12.06 34.33 0.43
N GLU B 2360 -11.63 33.62 1.48
CA GLU B 2360 -12.43 33.54 2.69
C GLU B 2360 -12.52 34.90 3.38
N ILE B 2361 -11.44 35.69 3.33
CA ILE B 2361 -11.48 37.03 3.90
C ILE B 2361 -12.43 37.91 3.11
N LEU B 2362 -12.44 37.75 1.78
CA LEU B 2362 -13.40 38.50 0.96
C LEU B 2362 -14.83 38.12 1.29
N MET B 2363 -15.08 36.83 1.52
CA MET B 2363 -16.44 36.39 1.82
C MET B 2363 -16.89 36.85 3.20
N GLU B 2364 -16.00 36.80 4.20
CA GLU B 2364 -16.39 37.21 5.54
C GLU B 2364 -16.59 38.72 5.67
N LYS B 2365 -16.21 39.49 4.66
CA LYS B 2365 -16.52 40.92 4.65
C LYS B 2365 -18.03 41.12 4.59
N GLU B 2366 -18.49 42.19 5.23
CA GLU B 2366 -19.91 42.55 5.16
C GLU B 2366 -20.32 42.72 3.70
N MET B 2367 -21.42 42.08 3.32
CA MET B 2367 -21.88 42.04 1.93
C MET B 2367 -23.39 42.20 1.91
N ASP B 2368 -23.85 43.44 1.79
CA ASP B 2368 -25.27 43.74 1.79
C ASP B 2368 -25.85 43.81 0.38
N ASN B 2369 -25.03 43.59 -0.66
CA ASN B 2369 -25.50 43.61 -2.04
C ASN B 2369 -26.04 42.26 -2.50
N SER B 2370 -25.95 41.23 -1.66
CA SER B 2370 -26.46 39.89 -1.94
C SER B 2370 -25.84 39.27 -3.20
N GLN B 2371 -24.64 39.71 -3.58
CA GLN B 2371 -23.94 39.14 -4.72
C GLN B 2371 -22.69 38.36 -4.31
N ARG B 2372 -22.64 37.90 -3.05
CA ARG B 2372 -21.51 37.11 -2.57
C ARG B 2372 -21.50 35.70 -3.16
N GLU B 2373 -22.56 35.29 -3.86
CA GLU B 2373 -22.59 33.97 -4.45
C GLU B 2373 -21.49 33.80 -5.51
N CYS B 2374 -21.10 34.90 -6.17
CA CYS B 2374 -20.00 34.82 -7.12
C CYS B 2374 -18.69 34.46 -6.41
N ILE B 2375 -18.43 35.08 -5.26
CA ILE B 2375 -17.24 34.75 -4.50
C ILE B 2375 -17.32 33.33 -3.95
N LYS B 2376 -18.51 32.91 -3.52
CA LYS B 2376 -18.68 31.54 -3.04
C LYS B 2376 -18.38 30.53 -4.13
N ASP B 2377 -18.87 30.78 -5.35
CA ASP B 2377 -18.58 29.89 -6.47
C ASP B 2377 -17.10 29.89 -6.82
N ILE B 2378 -16.47 31.08 -6.78
CA ILE B 2378 -15.04 31.16 -7.09
C ILE B 2378 -14.23 30.38 -6.07
N LEU B 2379 -14.57 30.52 -4.79
CA LEU B 2379 -13.87 29.76 -3.75
C LEU B 2379 -14.10 28.27 -3.90
N THR B 2380 -15.32 27.86 -4.25
CA THR B 2380 -15.59 26.44 -4.46
C THR B 2380 -14.77 25.88 -5.61
N LYS B 2381 -14.69 26.63 -6.72
CA LYS B 2381 -13.87 26.17 -7.85
C LYS B 2381 -12.39 26.12 -7.48
N HIS B 2382 -11.91 27.11 -6.73
CA HIS B 2382 -10.52 27.12 -6.32
C HIS B 2382 -10.21 25.93 -5.41
N LEU B 2383 -11.12 25.61 -4.48
CA LEU B 2383 -10.90 24.48 -3.59
C LEU B 2383 -10.98 23.16 -4.35
N VAL B 2384 -11.85 23.06 -5.36
CA VAL B 2384 -11.88 21.85 -6.19
C VAL B 2384 -10.56 21.68 -6.94
N GLU B 2385 -10.04 22.78 -7.50
CA GLU B 2385 -8.75 22.70 -8.18
C GLU B 2385 -7.64 22.32 -7.21
N LEU B 2386 -7.68 22.86 -5.99
CA LEU B 2386 -6.69 22.49 -4.98
C LEU B 2386 -6.78 21.01 -4.63
N SER B 2387 -8.00 20.49 -4.51
CA SER B 2387 -8.18 19.07 -4.25
C SER B 2387 -7.63 18.22 -5.38
N ILE B 2388 -7.85 18.64 -6.63
CA ILE B 2388 -7.33 17.90 -7.77
C ILE B 2388 -5.80 17.92 -7.76
N LEU B 2389 -5.22 19.08 -7.50
CA LEU B 2389 -3.76 19.20 -7.47
C LEU B 2389 -3.16 18.34 -6.36
N ALA B 2390 -3.78 18.34 -5.18
CA ALA B 2390 -3.27 17.52 -4.08
C ALA B 2390 -3.45 16.03 -4.38
N ARG B 2391 -4.54 15.66 -5.06
CA ARG B 2391 -4.73 14.27 -5.44
C ARG B 2391 -3.66 13.84 -6.43
N THR B 2392 -3.25 14.73 -7.33
CA THR B 2392 -2.21 14.40 -8.29
C THR B 2392 -0.89 14.10 -7.58
N PHE B 2393 -0.57 14.85 -6.53
CA PHE B 2393 0.66 14.67 -5.77
C PHE B 2393 0.52 13.64 -4.65
N LYS B 2394 -0.43 12.72 -4.77
CA LYS B 2394 -0.61 11.62 -3.81
C LYS B 2394 -0.83 12.14 -2.39
N ASN B 2395 -1.63 13.20 -2.25
CA ASN B 2395 -1.98 13.76 -0.96
C ASN B 2395 -3.47 13.57 -0.73
N THR B 2396 -3.85 13.10 0.46
CA THR B 2396 -5.24 12.84 0.79
C THR B 2396 -5.80 13.72 1.90
N GLN B 2397 -4.98 14.26 2.79
CA GLN B 2397 -5.49 15.09 3.88
C GLN B 2397 -5.97 16.43 3.37
N LEU B 2398 -5.18 17.08 2.51
CA LEU B 2398 -5.57 18.37 1.96
C LEU B 2398 -6.84 18.30 1.13
N PRO B 2399 -7.04 17.33 0.24
CA PRO B 2399 -8.34 17.26 -0.46
C PRO B 2399 -9.52 17.09 0.49
N GLU B 2400 -9.35 16.32 1.56
CA GLU B 2400 -10.42 16.17 2.55
C GLU B 2400 -10.70 17.50 3.25
N ARG B 2401 -9.66 18.25 3.59
CA ARG B 2401 -9.86 19.56 4.22
C ARG B 2401 -10.56 20.51 3.26
N ALA B 2402 -10.18 20.49 1.98
CA ALA B 2402 -10.84 21.34 0.99
C ALA B 2402 -12.30 20.96 0.81
N ILE B 2403 -12.61 19.67 0.82
CA ILE B 2403 -13.99 19.22 0.73
C ILE B 2403 -14.79 19.70 1.94
N PHE B 2404 -14.20 19.60 3.13
CA PHE B 2404 -14.88 20.08 4.33
C PHE B 2404 -15.13 21.58 4.25
N GLN B 2405 -14.14 22.34 3.77
CA GLN B 2405 -14.32 23.78 3.64
C GLN B 2405 -15.41 24.12 2.63
N ILE B 2406 -15.50 23.35 1.54
CA ILE B 2406 -16.57 23.54 0.57
C ILE B 2406 -17.92 23.26 1.22
N LYS B 2407 -18.01 22.15 1.97
CA LYS B 2407 -19.27 21.78 2.61
C LYS B 2407 -19.68 22.78 3.69
N GLN B 2408 -18.72 23.53 4.24
CA GLN B 2408 -19.08 24.56 5.21
C GLN B 2408 -19.92 25.67 4.56
N TYR B 2409 -19.55 26.08 3.35
CA TYR B 2409 -20.25 27.15 2.65
C TYR B 2409 -21.30 26.66 1.66
N ASN B 2410 -21.43 25.36 1.48
CA ASN B 2410 -22.36 24.79 0.51
C ASN B 2410 -23.24 23.74 1.18
N SER B 2411 -24.30 23.35 0.49
CA SER B 2411 -25.23 22.34 0.98
C SER B 2411 -25.62 21.44 -0.17
N VAL B 2412 -26.57 20.54 0.09
CA VAL B 2412 -27.06 19.59 -0.91
C VAL B 2412 -28.45 20.01 -1.32
N SER B 2413 -28.66 20.20 -2.61
CA SER B 2413 -29.93 20.60 -3.19
C SER B 2413 -30.36 19.59 -4.24
N CYS B 2414 -31.48 19.88 -4.91
CA CYS B 2414 -31.96 19.02 -5.98
C CYS B 2414 -30.96 18.95 -7.12
N GLY B 2415 -30.38 20.09 -7.50
CA GLY B 2415 -29.35 20.12 -8.52
C GLY B 2415 -27.97 19.94 -7.93
N VAL B 2416 -27.36 18.78 -8.18
CA VAL B 2416 -26.04 18.47 -7.62
C VAL B 2416 -24.99 19.34 -8.30
N SER B 2417 -23.79 19.37 -7.72
CA SER B 2417 -22.71 20.20 -8.19
C SER B 2417 -21.44 19.38 -8.35
N GLU B 2418 -20.37 20.03 -8.79
CA GLU B 2418 -19.12 19.35 -9.13
C GLU B 2418 -18.34 18.93 -7.89
N TRP B 2419 -18.40 19.70 -6.80
CA TRP B 2419 -17.60 19.38 -5.62
C TRP B 2419 -18.01 18.05 -5.00
N GLN B 2420 -19.27 17.64 -5.17
CA GLN B 2420 -19.66 16.31 -4.72
C GLN B 2420 -18.92 15.22 -5.49
N LEU B 2421 -18.77 15.41 -6.81
CA LEU B 2421 -17.97 14.48 -7.61
C LEU B 2421 -16.51 14.52 -7.18
N GLU B 2422 -16.00 15.71 -6.87
CA GLU B 2422 -14.63 15.81 -6.39
C GLU B 2422 -14.45 15.08 -5.07
N GLU B 2423 -15.44 15.18 -4.17
CA GLU B 2423 -15.38 14.46 -2.91
C GLU B 2423 -15.41 12.95 -3.14
N ALA B 2424 -16.22 12.49 -4.09
CA ALA B 2424 -16.25 11.07 -4.42
C ALA B 2424 -14.89 10.61 -4.95
N GLN B 2425 -14.27 11.43 -5.80
CA GLN B 2425 -12.93 11.09 -6.31
C GLN B 2425 -11.91 11.05 -5.18
N VAL B 2426 -12.03 11.99 -4.22
CA VAL B 2426 -11.12 12.01 -3.09
C VAL B 2426 -11.27 10.75 -2.26
N PHE B 2427 -12.52 10.34 -2.00
CA PHE B 2427 -12.75 9.12 -1.25
C PHE B 2427 -12.24 7.90 -2.00
N TRP B 2428 -12.34 7.90 -3.33
CA TRP B 2428 -11.76 6.82 -4.12
C TRP B 2428 -10.24 6.79 -3.97
N ALA B 2429 -9.60 7.96 -3.96
CA ALA B 2429 -8.15 8.04 -3.79
C ALA B 2429 -7.71 7.56 -2.41
N LYS B 2430 -8.59 7.63 -1.41
CA LYS B 2430 -8.30 7.16 -0.06
C LYS B 2430 -8.46 5.65 0.08
N LYS B 2431 -8.54 4.92 -1.03
CA LYS B 2431 -8.73 3.46 -1.03
C LYS B 2431 -10.02 3.07 -0.31
N GLU B 2432 -11.04 3.92 -0.40
CA GLU B 2432 -12.37 3.63 0.13
C GLU B 2432 -13.30 3.53 -1.07
N GLN B 2433 -13.37 2.33 -1.66
CA GLN B 2433 -14.15 2.15 -2.88
C GLN B 2433 -15.64 2.11 -2.61
N SER B 2434 -16.05 1.50 -1.50
CA SER B 2434 -17.48 1.41 -1.19
C SER B 2434 -18.09 2.79 -0.95
N LEU B 2435 -17.39 3.64 -0.21
CA LEU B 2435 -17.92 4.97 0.07
C LEU B 2435 -18.03 5.80 -1.21
N ALA B 2436 -17.00 5.75 -2.06
CA ALA B 2436 -17.03 6.51 -3.30
C ALA B 2436 -18.13 6.00 -4.23
N LEU B 2437 -18.30 4.68 -4.31
CA LEU B 2437 -19.34 4.12 -5.15
C LEU B 2437 -20.73 4.49 -4.65
N SER B 2438 -20.93 4.45 -3.33
CA SER B 2438 -22.23 4.82 -2.78
C SER B 2438 -22.53 6.30 -3.02
N ILE B 2439 -21.53 7.16 -2.83
CA ILE B 2439 -21.72 8.60 -3.07
C ILE B 2439 -22.06 8.85 -4.53
N LEU B 2440 -21.33 8.20 -5.45
CA LEU B 2440 -21.58 8.42 -6.87
C LEU B 2440 -22.94 7.86 -7.29
N LYS B 2441 -23.34 6.72 -6.72
CA LYS B 2441 -24.68 6.18 -7.01
C LYS B 2441 -25.78 7.11 -6.51
N GLN B 2442 -25.59 7.69 -5.32
CA GLN B 2442 -26.56 8.67 -4.83
C GLN B 2442 -26.59 9.90 -5.73
N MET B 2443 -25.42 10.34 -6.21
CA MET B 2443 -25.36 11.46 -7.14
C MET B 2443 -26.12 11.15 -8.43
N ILE B 2444 -25.95 9.93 -8.94
CA ILE B 2444 -26.62 9.53 -10.18
C ILE B 2444 -28.12 9.48 -9.97
N LYS B 2445 -28.57 8.93 -8.84
CA LYS B 2445 -30.00 8.86 -8.57
C LYS B 2445 -30.61 10.26 -8.45
N LYS B 2446 -29.92 11.17 -7.75
CA LYS B 2446 -30.41 12.54 -7.63
C LYS B 2446 -30.44 13.23 -8.99
N LEU B 2447 -29.42 13.00 -9.82
CA LEU B 2447 -29.43 13.59 -11.16
C LEU B 2447 -30.60 13.06 -11.98
N ASP B 2448 -30.82 11.74 -11.93
CA ASP B 2448 -31.90 11.13 -12.70
C ASP B 2448 -33.25 11.68 -12.28
N ALA B 2449 -33.46 11.83 -10.97
CA ALA B 2449 -34.75 12.33 -10.50
C ALA B 2449 -34.91 13.82 -10.75
N SER B 2450 -33.80 14.59 -10.71
CA SER B 2450 -33.90 16.04 -10.79
C SER B 2450 -34.02 16.53 -12.23
N CYS B 2451 -33.02 16.27 -13.06
CA CYS B 2451 -32.99 16.83 -14.40
C CYS B 2451 -33.86 16.01 -15.36
N ALA B 2452 -34.45 16.71 -16.31
CA ALA B 2452 -35.27 16.12 -17.38
C ALA B 2452 -34.83 16.65 -18.73
N ALA B 2453 -33.51 16.60 -18.98
CA ALA B 2453 -32.90 17.15 -20.19
C ALA B 2453 -33.24 18.63 -20.36
N ASN B 2454 -33.14 19.38 -19.26
CA ASN B 2454 -33.45 20.80 -19.26
C ASN B 2454 -32.30 21.69 -18.81
N ASN B 2455 -31.34 21.16 -18.05
CA ASN B 2455 -30.24 21.97 -17.54
C ASN B 2455 -28.96 21.65 -18.31
N PRO B 2456 -28.48 22.55 -19.16
CA PRO B 2456 -27.20 22.30 -19.85
C PRO B 2456 -26.03 22.16 -18.91
N SER B 2457 -26.02 22.87 -17.78
CA SER B 2457 -24.91 22.78 -16.84
C SER B 2457 -24.83 21.39 -16.21
N LEU B 2458 -25.99 20.81 -15.86
CA LEU B 2458 -26.00 19.49 -15.24
C LEU B 2458 -25.69 18.37 -16.22
N LYS B 2459 -25.69 18.65 -17.53
CA LYS B 2459 -25.39 17.62 -18.51
C LYS B 2459 -23.97 17.08 -18.35
N LEU B 2460 -23.01 17.99 -18.18
CA LEU B 2460 -21.62 17.56 -18.03
C LEU B 2460 -21.42 16.79 -16.74
N THR B 2461 -22.03 17.25 -15.66
CA THR B 2461 -21.90 16.55 -14.38
C THR B 2461 -22.51 15.16 -14.45
N TYR B 2462 -23.68 15.04 -15.07
CA TYR B 2462 -24.33 13.73 -15.18
C TYR B 2462 -23.49 12.78 -16.05
N THR B 2463 -22.97 13.28 -17.17
CA THR B 2463 -22.17 12.41 -18.04
C THR B 2463 -20.89 11.97 -17.34
N GLU B 2464 -20.20 12.90 -16.66
CA GLU B 2464 -18.97 12.54 -15.97
C GLU B 2464 -19.23 11.58 -14.83
N CYS B 2465 -20.31 11.80 -14.07
CA CYS B 2465 -20.62 10.91 -12.96
C CYS B 2465 -20.94 9.51 -13.47
N LEU B 2466 -21.72 9.40 -14.55
CA LEU B 2466 -22.03 8.09 -15.09
C LEU B 2466 -20.78 7.39 -15.59
N ARG B 2467 -19.91 8.12 -16.30
CA ARG B 2467 -18.69 7.50 -16.84
C ARG B 2467 -17.77 7.04 -15.72
N VAL B 2468 -17.59 7.87 -14.69
CA VAL B 2468 -16.71 7.52 -13.58
C VAL B 2468 -17.27 6.34 -12.81
N CYS B 2469 -18.59 6.33 -12.55
CA CYS B 2469 -19.17 5.22 -11.82
C CYS B 2469 -19.06 3.91 -12.61
N GLY B 2470 -19.28 3.97 -13.93
CA GLY B 2470 -19.12 2.78 -14.74
C GLY B 2470 -17.70 2.27 -14.75
N ASN B 2471 -16.72 3.18 -14.85
CA ASN B 2471 -15.33 2.76 -14.81
C ASN B 2471 -14.96 2.16 -13.46
N TRP B 2472 -15.44 2.76 -12.37
CA TRP B 2472 -15.14 2.23 -11.04
C TRP B 2472 -15.77 0.85 -10.85
N LEU B 2473 -17.00 0.67 -11.32
CA LEU B 2473 -17.64 -0.64 -11.21
C LEU B 2473 -16.91 -1.68 -12.05
N ALA B 2474 -16.45 -1.29 -13.25
CA ALA B 2474 -15.68 -2.22 -14.08
C ALA B 2474 -14.38 -2.61 -13.40
N GLU B 2475 -13.69 -1.63 -12.80
CA GLU B 2475 -12.44 -1.92 -12.10
C GLU B 2475 -12.67 -2.83 -10.90
N THR B 2476 -13.72 -2.57 -10.13
CA THR B 2476 -14.00 -3.38 -8.94
C THR B 2476 -14.68 -4.71 -9.26
N CYS B 2477 -15.15 -4.91 -10.50
CA CYS B 2477 -15.81 -6.14 -10.90
C CYS B 2477 -17.00 -6.45 -10.01
N LEU B 2478 -17.74 -5.42 -9.60
CA LEU B 2478 -18.90 -5.58 -8.75
C LEU B 2478 -20.21 -5.70 -9.51
N GLU B 2479 -20.16 -5.71 -10.85
CA GLU B 2479 -21.37 -5.78 -11.65
C GLU B 2479 -21.03 -6.41 -13.00
N ASN B 2480 -22.02 -7.07 -13.60
CA ASN B 2480 -21.81 -7.70 -14.88
C ASN B 2480 -21.65 -6.64 -15.98
N PRO B 2481 -20.92 -6.96 -17.04
CA PRO B 2481 -20.74 -5.97 -18.12
C PRO B 2481 -22.05 -5.52 -18.76
N ALA B 2482 -23.03 -6.40 -18.87
CA ALA B 2482 -24.28 -6.04 -19.52
C ALA B 2482 -25.01 -4.93 -18.76
N VAL B 2483 -25.09 -5.06 -17.44
CA VAL B 2483 -25.77 -4.06 -16.64
C VAL B 2483 -24.98 -2.76 -16.62
N ILE B 2484 -23.65 -2.85 -16.53
CA ILE B 2484 -22.83 -1.64 -16.51
C ILE B 2484 -23.01 -0.87 -17.80
N MET B 2485 -22.98 -1.56 -18.94
CA MET B 2485 -23.19 -0.89 -20.23
C MET B 2485 -24.60 -0.31 -20.31
N GLN B 2486 -25.61 -1.08 -19.89
CA GLN B 2486 -26.98 -0.63 -20.05
C GLN B 2486 -27.29 0.57 -19.15
N THR B 2487 -26.63 0.68 -18.00
CA THR B 2487 -26.99 1.68 -17.00
C THR B 2487 -26.08 2.90 -16.98
N TYR B 2488 -24.78 2.75 -17.24
CA TYR B 2488 -23.86 3.85 -17.03
C TYR B 2488 -23.21 4.36 -18.31
N LEU B 2489 -22.56 3.47 -19.08
CA LEU B 2489 -21.75 3.93 -20.20
C LEU B 2489 -22.62 4.41 -21.36
N GLU B 2490 -23.47 3.52 -21.88
CA GLU B 2490 -24.34 3.92 -22.98
C GLU B 2490 -25.33 5.00 -22.53
N LYS B 2491 -25.70 5.01 -21.25
CA LYS B 2491 -26.57 6.08 -20.75
C LYS B 2491 -25.85 7.42 -20.79
N ALA B 2492 -24.57 7.45 -20.40
CA ALA B 2492 -23.81 8.69 -20.48
C ALA B 2492 -23.63 9.14 -21.92
N VAL B 2493 -23.38 8.19 -22.82
CA VAL B 2493 -23.24 8.53 -24.23
C VAL B 2493 -24.54 9.12 -24.77
N GLU B 2494 -25.68 8.51 -24.42
CA GLU B 2494 -26.97 9.01 -24.87
C GLU B 2494 -27.24 10.39 -24.31
N VAL B 2495 -26.92 10.61 -23.03
CA VAL B 2495 -27.15 11.92 -22.42
C VAL B 2495 -26.29 12.97 -23.10
N ALA B 2496 -25.02 12.65 -23.38
CA ALA B 2496 -24.11 13.61 -23.99
C ALA B 2496 -24.48 13.91 -25.43
N GLY B 2497 -25.02 12.94 -26.16
CA GLY B 2497 -25.28 13.13 -27.58
C GLY B 2497 -26.68 13.58 -27.94
N ASN B 2498 -27.70 12.90 -27.42
CA ASN B 2498 -29.08 13.15 -27.84
C ASN B 2498 -29.64 14.44 -27.26
N TYR B 2499 -29.04 14.99 -26.21
CA TYR B 2499 -29.57 16.21 -25.61
C TYR B 2499 -29.42 17.42 -26.53
N ASP B 2500 -28.54 17.35 -27.53
CA ASP B 2500 -28.36 18.42 -28.52
C ASP B 2500 -27.96 19.74 -27.88
N GLY B 2501 -27.19 19.69 -26.80
CA GLY B 2501 -26.65 20.90 -26.20
C GLY B 2501 -25.28 21.22 -26.74
N GLU B 2502 -25.16 21.29 -28.06
CA GLU B 2502 -23.87 21.36 -28.73
C GLU B 2502 -23.31 22.78 -28.69
N SER B 2503 -22.27 23.03 -29.48
CA SER B 2503 -21.55 24.30 -29.54
C SER B 2503 -20.89 24.62 -28.19
N SER B 2504 -20.02 23.71 -27.77
CA SER B 2504 -19.23 23.89 -26.56
C SER B 2504 -17.99 23.02 -26.64
N ASP B 2505 -16.97 23.39 -25.87
CA ASP B 2505 -15.73 22.61 -25.83
C ASP B 2505 -15.74 21.61 -24.68
N GLU B 2506 -16.32 21.98 -23.53
CA GLU B 2506 -16.42 21.05 -22.42
C GLU B 2506 -17.31 19.86 -22.78
N LEU B 2507 -18.39 20.12 -23.52
CA LEU B 2507 -19.22 19.02 -24.00
C LEU B 2507 -18.44 18.11 -24.94
N ARG B 2508 -17.62 18.70 -25.82
CA ARG B 2508 -16.81 17.89 -26.72
C ARG B 2508 -15.84 17.00 -25.95
N ASN B 2509 -15.20 17.56 -24.92
CA ASN B 2509 -14.31 16.76 -24.09
C ASN B 2509 -15.06 15.65 -23.35
N GLY B 2510 -16.24 15.96 -22.82
CA GLY B 2510 -17.01 14.95 -22.13
C GLY B 2510 -17.47 13.84 -23.05
N LYS B 2511 -17.90 14.20 -24.26
CA LYS B 2511 -18.29 13.19 -25.23
C LYS B 2511 -17.11 12.33 -25.63
N MET B 2512 -15.94 12.95 -25.81
CA MET B 2512 -14.74 12.18 -26.15
C MET B 2512 -14.39 11.19 -25.05
N LYS B 2513 -14.45 11.64 -23.78
CA LYS B 2513 -14.14 10.74 -22.67
C LYS B 2513 -15.16 9.61 -22.55
N ALA B 2514 -16.45 9.92 -22.73
CA ALA B 2514 -17.47 8.87 -22.66
C ALA B 2514 -17.29 7.86 -23.79
N PHE B 2515 -17.00 8.35 -25.00
CA PHE B 2515 -16.79 7.46 -26.12
C PHE B 2515 -15.57 6.58 -25.89
N LEU B 2516 -14.50 7.15 -25.32
CA LEU B 2516 -13.30 6.37 -25.05
C LEU B 2516 -13.58 5.29 -24.00
N SER B 2517 -14.32 5.63 -22.94
CA SER B 2517 -14.62 4.64 -21.91
C SER B 2517 -15.49 3.51 -22.48
N LEU B 2518 -16.49 3.85 -23.28
CA LEU B 2518 -17.33 2.81 -23.87
C LEU B 2518 -16.53 1.95 -24.85
N ALA B 2519 -15.63 2.57 -25.63
CA ALA B 2519 -14.81 1.82 -26.55
C ALA B 2519 -13.88 0.88 -25.80
N ARG B 2520 -13.29 1.35 -24.70
CA ARG B 2520 -12.39 0.50 -23.92
C ARG B 2520 -13.15 -0.68 -23.33
N PHE B 2521 -14.36 -0.45 -22.81
CA PHE B 2521 -15.13 -1.56 -22.25
C PHE B 2521 -15.54 -2.56 -23.32
N SER B 2522 -16.00 -2.07 -24.47
CA SER B 2522 -16.38 -2.98 -25.56
C SER B 2522 -15.18 -3.76 -26.07
N ASP B 2523 -14.03 -3.10 -26.20
CA ASP B 2523 -12.81 -3.80 -26.61
C ASP B 2523 -12.39 -4.84 -25.60
N THR B 2524 -12.53 -4.54 -24.30
CA THR B 2524 -12.19 -5.51 -23.27
C THR B 2524 -13.09 -6.73 -23.36
N GLN B 2525 -14.39 -6.53 -23.56
CA GLN B 2525 -15.31 -7.66 -23.71
C GLN B 2525 -14.98 -8.48 -24.96
N TYR B 2526 -14.69 -7.80 -26.07
CA TYR B 2526 -14.34 -8.51 -27.30
C TYR B 2526 -13.04 -9.30 -27.14
N GLN B 2527 -12.05 -8.71 -26.47
CA GLN B 2527 -10.80 -9.40 -26.23
C GLN B 2527 -11.00 -10.61 -25.34
N ARG B 2528 -11.85 -10.49 -24.32
CA ARG B 2528 -12.13 -11.62 -23.45
C ARG B 2528 -12.80 -12.75 -24.22
N ILE B 2529 -13.75 -12.40 -25.10
CA ILE B 2529 -14.42 -13.43 -25.90
C ILE B 2529 -13.43 -14.09 -26.85
N GLU B 2530 -12.57 -13.30 -27.49
CA GLU B 2530 -11.57 -13.86 -28.40
C GLU B 2530 -10.60 -14.77 -27.65
N ASN B 2531 -10.18 -14.37 -26.45
CA ASN B 2531 -9.31 -15.22 -25.65
C ASN B 2531 -10.00 -16.52 -25.28
N TYR B 2532 -11.30 -16.44 -24.96
CA TYR B 2532 -12.05 -17.65 -24.64
C TYR B 2532 -12.12 -18.59 -25.85
N MET B 2533 -12.31 -18.02 -27.04
CA MET B 2533 -12.34 -18.84 -28.24
C MET B 2533 -11.00 -19.53 -28.49
N LYS B 2534 -9.91 -18.81 -28.28
CA LYS B 2534 -8.57 -19.33 -28.48
C LYS B 2534 -7.98 -19.99 -27.24
N SER B 2535 -8.74 -20.05 -26.14
CA SER B 2535 -8.25 -20.67 -24.92
C SER B 2535 -8.11 -22.18 -25.11
N SER B 2536 -7.17 -22.76 -24.36
CA SER B 2536 -6.96 -24.21 -24.42
C SER B 2536 -8.18 -24.98 -23.90
N GLU B 2537 -8.97 -24.36 -23.02
CA GLU B 2537 -10.17 -25.01 -22.52
C GLU B 2537 -11.17 -25.25 -23.64
N PHE B 2538 -11.34 -24.27 -24.54
CA PHE B 2538 -12.24 -24.45 -25.68
C PHE B 2538 -11.75 -25.58 -26.59
N GLU B 2539 -10.44 -25.63 -26.84
CA GLU B 2539 -9.88 -26.69 -27.67
C GLU B 2539 -10.09 -28.06 -27.03
N ASN B 2540 -9.90 -28.14 -25.71
CA ASN B 2540 -10.10 -29.42 -25.02
C ASN B 2540 -11.57 -29.84 -25.09
N LYS B 2541 -12.49 -28.90 -24.91
CA LYS B 2541 -13.92 -29.22 -25.01
C LYS B 2541 -14.28 -29.69 -26.41
N GLN B 2542 -13.75 -29.01 -27.44
CA GLN B 2542 -14.02 -29.42 -28.80
C GLN B 2542 -13.45 -30.80 -29.09
N ALA B 2543 -12.24 -31.08 -28.61
CA ALA B 2543 -11.65 -32.40 -28.83
C ALA B 2543 -12.44 -33.48 -28.10
N LEU B 2544 -12.96 -33.16 -26.91
CA LEU B 2544 -13.80 -34.11 -26.21
C LEU B 2544 -15.07 -34.41 -26.99
N LEU B 2545 -15.70 -33.37 -27.56
CA LEU B 2545 -16.90 -33.58 -28.34
C LEU B 2545 -16.60 -34.42 -29.59
N LYS B 2546 -15.47 -34.15 -30.26
CA LYS B 2546 -15.11 -34.93 -31.43
C LYS B 2546 -14.84 -36.39 -31.07
N ARG B 2547 -14.19 -36.63 -29.93
CA ARG B 2547 -13.95 -38.00 -29.51
C ARG B 2547 -15.26 -38.69 -29.13
N ALA B 2548 -16.19 -37.96 -28.52
CA ALA B 2548 -17.46 -38.54 -28.12
C ALA B 2548 -18.32 -38.89 -29.32
N LYS B 2549 -18.29 -38.06 -30.36
CA LYS B 2549 -19.14 -38.32 -31.53
C LYS B 2549 -18.68 -39.53 -32.32
N GLU B 2550 -17.44 -40.00 -32.12
CA GLU B 2550 -16.94 -41.18 -32.81
C GLU B 2550 -17.17 -42.44 -31.99
N ARG B 2564 -30.36 -43.73 -28.86
CA ARG B 2564 -29.53 -43.66 -27.66
C ARG B 2564 -28.29 -42.82 -27.91
N TYR B 2565 -27.18 -43.49 -28.23
CA TYR B 2565 -25.91 -42.79 -28.39
C TYR B 2565 -25.97 -41.80 -29.55
N THR B 2566 -26.70 -42.14 -30.61
CA THR B 2566 -26.82 -41.25 -31.75
C THR B 2566 -27.60 -39.99 -31.38
N VAL B 2567 -28.77 -40.17 -30.78
CA VAL B 2567 -29.61 -39.03 -30.38
C VAL B 2567 -28.81 -38.04 -29.55
N LYS B 2568 -28.05 -38.52 -28.57
CA LYS B 2568 -27.29 -37.61 -27.72
C LYS B 2568 -26.09 -37.02 -28.46
N VAL B 2569 -25.50 -37.77 -29.40
CA VAL B 2569 -24.37 -37.22 -30.15
C VAL B 2569 -24.84 -36.05 -31.01
N GLN B 2570 -25.94 -36.24 -31.74
CA GLN B 2570 -26.45 -35.15 -32.56
C GLN B 2570 -27.01 -34.02 -31.70
N ARG B 2571 -27.51 -34.33 -30.50
CA ARG B 2571 -27.96 -33.29 -29.61
C ARG B 2571 -26.80 -32.40 -29.17
N GLU B 2572 -25.65 -33.01 -28.87
CA GLU B 2572 -24.51 -32.20 -28.47
C GLU B 2572 -23.90 -31.47 -29.65
N LEU B 2573 -23.87 -32.11 -30.83
CA LEU B 2573 -23.38 -31.45 -32.03
C LEU B 2573 -24.31 -30.34 -32.51
N GLU B 2574 -25.53 -30.26 -31.99
CA GLU B 2574 -26.41 -29.14 -32.27
C GLU B 2574 -26.34 -28.06 -31.19
N LEU B 2575 -26.27 -28.47 -29.92
CA LEU B 2575 -26.18 -27.50 -28.84
C LEU B 2575 -24.86 -26.73 -28.90
N ASP B 2576 -23.75 -27.42 -29.19
CA ASP B 2576 -22.47 -26.73 -29.28
C ASP B 2576 -22.45 -25.75 -30.45
N GLU B 2577 -23.06 -26.13 -31.58
CA GLU B 2577 -23.16 -25.21 -32.71
C GLU B 2577 -24.02 -24.00 -32.38
N LEU B 2578 -25.12 -24.21 -31.66
CA LEU B 2578 -25.96 -23.08 -31.25
C LEU B 2578 -25.19 -22.14 -30.32
N ALA B 2579 -24.45 -22.70 -29.36
CA ALA B 2579 -23.66 -21.87 -28.47
C ALA B 2579 -22.57 -21.12 -29.22
N LEU B 2580 -21.94 -21.79 -30.19
CA LEU B 2580 -20.90 -21.14 -30.98
C LEU B 2580 -21.49 -19.98 -31.79
N ARG B 2581 -22.68 -20.18 -32.37
CA ARG B 2581 -23.31 -19.12 -33.14
C ARG B 2581 -23.65 -17.93 -32.25
N ALA B 2582 -24.19 -18.20 -31.06
CA ALA B 2582 -24.52 -17.12 -30.14
C ALA B 2582 -23.27 -16.36 -29.69
N LEU B 2583 -22.19 -17.10 -29.40
CA LEU B 2583 -20.94 -16.46 -29.00
C LEU B 2583 -20.37 -15.62 -30.13
N LYS B 2584 -20.44 -16.13 -31.37
CA LYS B 2584 -19.94 -15.37 -32.52
C LYS B 2584 -20.76 -14.09 -32.72
N GLU B 2585 -22.08 -14.18 -32.56
CA GLU B 2585 -22.91 -13.00 -32.70
C GLU B 2585 -22.59 -11.97 -31.62
N ASP B 2586 -22.38 -12.42 -30.39
CA ASP B 2586 -22.01 -11.49 -29.32
C ASP B 2586 -20.65 -10.85 -29.60
N ARG B 2587 -19.70 -11.64 -30.10
CA ARG B 2587 -18.39 -11.09 -30.44
C ARG B 2587 -18.50 -10.05 -31.54
N LYS B 2588 -19.32 -10.34 -32.56
CA LYS B 2588 -19.49 -9.38 -33.65
C LYS B 2588 -20.13 -8.09 -33.16
N ARG B 2589 -21.13 -8.20 -32.28
CA ARG B 2589 -21.78 -7.01 -31.75
C ARG B 2589 -20.80 -6.18 -30.93
N PHE B 2590 -20.01 -6.84 -30.08
CA PHE B 2590 -19.03 -6.11 -29.27
C PHE B 2590 -17.97 -5.46 -30.16
N LEU B 2591 -17.52 -6.16 -31.20
CA LEU B 2591 -16.52 -5.60 -32.10
C LEU B 2591 -17.06 -4.38 -32.82
N CYS B 2592 -18.30 -4.45 -33.31
CA CYS B 2592 -18.88 -3.31 -34.01
C CYS B 2592 -19.05 -2.12 -33.08
N LYS B 2593 -19.51 -2.38 -31.85
CA LYS B 2593 -19.68 -1.29 -30.90
C LYS B 2593 -18.34 -0.66 -30.54
N ALA B 2594 -17.31 -1.49 -30.35
CA ALA B 2594 -15.99 -0.96 -30.02
C ALA B 2594 -15.43 -0.13 -31.16
N VAL B 2595 -15.58 -0.59 -32.40
CA VAL B 2595 -15.06 0.16 -33.54
C VAL B 2595 -15.79 1.49 -33.68
N GLU B 2596 -17.12 1.47 -33.55
CA GLU B 2596 -17.89 2.70 -33.64
C GLU B 2596 -17.52 3.70 -32.55
N ASN B 2597 -17.34 3.20 -31.32
CA ASN B 2597 -17.01 4.09 -30.21
C ASN B 2597 -15.59 4.63 -30.35
N TYR B 2598 -14.66 3.82 -30.86
CA TYR B 2598 -13.31 4.32 -31.10
C TYR B 2598 -13.32 5.41 -32.17
N ILE B 2599 -14.10 5.21 -33.23
CA ILE B 2599 -14.21 6.24 -34.27
C ILE B 2599 -14.79 7.52 -33.69
N ASN B 2600 -15.84 7.40 -32.88
CA ASN B 2600 -16.46 8.57 -32.28
C ASN B 2600 -15.50 9.30 -31.35
N CYS B 2601 -14.73 8.54 -30.56
CA CYS B 2601 -13.73 9.15 -29.67
C CYS B 2601 -12.66 9.87 -30.46
N LEU B 2602 -12.20 9.28 -31.56
CA LEU B 2602 -11.21 9.95 -32.40
C LEU B 2602 -11.76 11.22 -33.00
N LEU B 2603 -13.03 11.18 -33.44
CA LEU B 2603 -13.65 12.37 -34.03
C LEU B 2603 -14.01 13.42 -32.99
N SER B 2604 -14.07 13.06 -31.71
CA SER B 2604 -14.53 13.96 -30.66
C SER B 2604 -13.40 14.61 -29.89
N GLY B 2605 -12.16 14.45 -30.32
CA GLY B 2605 -11.05 15.09 -29.64
C GLY B 2605 -9.71 14.62 -30.18
N GLU B 2606 -8.66 15.14 -29.54
CA GLU B 2606 -7.29 14.83 -29.95
C GLU B 2606 -6.42 14.33 -28.81
N GLU B 2607 -6.94 14.27 -27.57
CA GLU B 2607 -6.11 13.87 -26.44
C GLU B 2607 -5.76 12.38 -26.50
N HIS B 2608 -6.62 11.57 -27.12
CA HIS B 2608 -6.45 10.12 -27.16
C HIS B 2608 -6.19 9.62 -28.57
N ASP B 2609 -5.33 10.33 -29.31
CA ASP B 2609 -5.01 9.96 -30.68
C ASP B 2609 -4.26 8.64 -30.76
N MET B 2610 -3.65 8.18 -29.67
CA MET B 2610 -2.91 6.92 -29.68
C MET B 2610 -3.80 5.71 -29.90
N TRP B 2611 -5.11 5.84 -29.68
CA TRP B 2611 -6.03 4.72 -29.85
C TRP B 2611 -6.37 4.44 -31.30
N VAL B 2612 -5.86 5.28 -32.22
CA VAL B 2612 -6.00 4.95 -33.64
C VAL B 2612 -5.26 3.66 -33.94
N PHE B 2613 -4.23 3.34 -33.16
CA PHE B 2613 -3.54 2.06 -33.32
C PHE B 2613 -4.49 0.90 -33.00
N ARG B 2614 -5.26 1.02 -31.92
CA ARG B 2614 -6.23 -0.03 -31.59
C ARG B 2614 -7.34 -0.11 -32.64
N LEU B 2615 -7.81 1.04 -33.12
CA LEU B 2615 -8.85 1.04 -34.15
C LEU B 2615 -8.35 0.36 -35.43
N CYS B 2616 -7.13 0.68 -35.84
CA CYS B 2616 -6.55 0.04 -37.03
C CYS B 2616 -6.31 -1.44 -36.79
N SER B 2617 -5.85 -1.82 -35.60
CA SER B 2617 -5.62 -3.23 -35.33
C SER B 2617 -6.93 -4.02 -35.42
N LEU B 2618 -8.02 -3.47 -34.86
CA LEU B 2618 -9.31 -4.13 -34.97
C LEU B 2618 -9.77 -4.20 -36.42
N TRP B 2619 -9.54 -3.13 -37.19
CA TRP B 2619 -10.00 -3.09 -38.57
C TRP B 2619 -9.26 -4.12 -39.42
N LEU B 2620 -7.93 -4.17 -39.29
CA LEU B 2620 -7.12 -5.12 -40.03
C LEU B 2620 -7.43 -6.56 -39.61
N GLU B 2621 -7.58 -6.81 -38.30
CA GLU B 2621 -7.85 -8.16 -37.85
C GLU B 2621 -9.29 -8.59 -38.12
N ASN B 2622 -10.18 -7.67 -38.46
CA ASN B 2622 -11.57 -7.99 -38.76
C ASN B 2622 -11.97 -7.37 -40.10
N SER B 2623 -11.10 -7.51 -41.10
CA SER B 2623 -11.39 -6.97 -42.42
C SER B 2623 -12.51 -7.71 -43.12
N GLY B 2624 -12.78 -8.96 -42.73
CA GLY B 2624 -13.84 -9.73 -43.36
C GLY B 2624 -15.25 -9.35 -42.96
N VAL B 2625 -15.41 -8.55 -41.91
CA VAL B 2625 -16.74 -8.12 -41.46
C VAL B 2625 -17.18 -6.96 -42.32
N SER B 2626 -18.36 -7.10 -42.94
CA SER B 2626 -18.87 -6.03 -43.80
C SER B 2626 -19.30 -4.81 -42.99
N GLU B 2627 -19.84 -5.02 -41.79
CA GLU B 2627 -20.29 -3.90 -40.98
C GLU B 2627 -19.12 -3.01 -40.57
N VAL B 2628 -17.99 -3.61 -40.20
CA VAL B 2628 -16.82 -2.83 -39.81
C VAL B 2628 -16.30 -2.01 -40.98
N ASN B 2629 -16.24 -2.63 -42.17
CA ASN B 2629 -15.78 -1.90 -43.35
C ASN B 2629 -16.72 -0.76 -43.70
N GLY B 2630 -18.04 -1.01 -43.60
CA GLY B 2630 -18.99 0.06 -43.88
C GLY B 2630 -18.89 1.21 -42.89
N MET B 2631 -18.71 0.88 -41.60
CA MET B 2631 -18.55 1.93 -40.61
C MET B 2631 -17.27 2.72 -40.86
N MET B 2632 -16.19 2.03 -41.23
CA MET B 2632 -14.95 2.73 -41.54
C MET B 2632 -15.12 3.65 -42.73
N LYS B 2633 -15.82 3.19 -43.76
CA LYS B 2633 -16.02 4.01 -44.96
C LYS B 2633 -16.88 5.22 -44.64
N ARG B 2634 -17.93 5.03 -43.82
CA ARG B 2634 -18.85 6.12 -43.55
C ARG B 2634 -18.25 7.17 -42.62
N ASP B 2635 -17.52 6.75 -41.58
CA ASP B 2635 -17.09 7.69 -40.56
C ASP B 2635 -15.59 7.98 -40.52
N GLY B 2636 -14.72 7.02 -40.83
CA GLY B 2636 -13.29 7.27 -40.74
C GLY B 2636 -12.78 8.33 -41.70
N MET B 2637 -13.49 8.56 -42.81
CA MET B 2637 -13.05 9.59 -43.75
C MET B 2637 -13.19 10.98 -43.15
N LYS B 2638 -14.02 11.16 -42.13
CA LYS B 2638 -14.10 12.45 -41.44
C LYS B 2638 -12.96 12.65 -40.45
N ILE B 2639 -12.28 11.57 -40.07
CA ILE B 2639 -11.15 11.67 -39.14
C ILE B 2639 -10.00 12.39 -39.83
N PRO B 2640 -9.30 13.32 -39.17
CA PRO B 2640 -8.15 13.97 -39.80
C PRO B 2640 -7.09 12.94 -40.17
N THR B 2641 -6.42 13.20 -41.31
CA THR B 2641 -5.47 12.22 -41.84
C THR B 2641 -4.19 12.17 -41.04
N TYR B 2642 -3.82 13.27 -40.37
CA TYR B 2642 -2.54 13.30 -39.65
C TYR B 2642 -2.52 12.35 -38.46
N LYS B 2643 -3.69 11.88 -38.02
CA LYS B 2643 -3.72 10.89 -36.95
C LYS B 2643 -3.27 9.51 -37.44
N PHE B 2644 -3.40 9.26 -38.74
CA PHE B 2644 -2.96 8.00 -39.34
C PHE B 2644 -1.50 8.02 -39.79
N LEU B 2645 -0.83 9.17 -39.69
CA LEU B 2645 0.54 9.27 -40.17
C LEU B 2645 1.52 8.33 -39.47
N PRO B 2646 1.53 8.20 -38.14
CA PRO B 2646 2.55 7.34 -37.50
C PRO B 2646 2.50 5.89 -37.96
N LEU B 2647 1.31 5.35 -38.22
CA LEU B 2647 1.15 3.97 -38.68
C LEU B 2647 0.95 3.88 -40.19
N MET B 2648 1.52 4.83 -40.93
CA MET B 2648 1.38 4.84 -42.38
C MET B 2648 2.08 3.63 -42.99
N TYR B 2649 3.16 3.16 -42.38
CA TYR B 2649 3.87 1.99 -42.91
C TYR B 2649 2.96 0.77 -42.89
N GLN B 2650 2.24 0.58 -41.78
CA GLN B 2650 1.36 -0.57 -41.67
C GLN B 2650 0.13 -0.41 -42.55
N LEU B 2651 -0.36 0.83 -42.70
CA LEU B 2651 -1.48 1.05 -43.61
C LEU B 2651 -1.09 0.72 -45.05
N ALA B 2652 0.09 1.18 -45.47
CA ALA B 2652 0.56 0.94 -46.83
C ALA B 2652 0.88 -0.53 -47.08
N ALA B 2653 1.40 -1.24 -46.07
CA ALA B 2653 1.77 -2.63 -46.27
C ALA B 2653 0.58 -3.55 -46.48
N ARG B 2654 -0.65 -3.08 -46.21
CA ARG B 2654 -1.85 -3.89 -46.36
C ARG B 2654 -2.59 -3.63 -47.66
N MET B 2655 -2.02 -2.84 -48.56
CA MET B 2655 -2.68 -2.54 -49.83
C MET B 2655 -2.82 -3.81 -50.67
N GLY B 2656 -3.95 -3.91 -51.38
CA GLY B 2656 -4.22 -5.06 -52.21
C GLY B 2656 -5.30 -4.77 -53.22
N THR B 2657 -5.61 -5.78 -54.02
CA THR B 2657 -6.58 -5.64 -55.12
C THR B 2657 -7.60 -6.77 -55.17
N LYS B 2658 -7.30 -7.95 -54.60
CA LYS B 2658 -8.14 -9.13 -54.82
C LYS B 2658 -9.56 -8.95 -54.27
N MET B 2659 -9.74 -8.09 -53.27
CA MET B 2659 -11.02 -7.97 -52.59
C MET B 2659 -11.48 -6.51 -52.60
N MET B 2660 -11.42 -5.89 -53.77
CA MET B 2660 -11.92 -4.54 -53.96
C MET B 2660 -13.41 -4.56 -54.29
N GLY B 2661 -14.12 -3.54 -53.85
CA GLY B 2661 -15.54 -3.45 -54.09
C GLY B 2661 -16.14 -2.26 -53.38
N GLY B 2662 -17.46 -2.17 -53.48
CA GLY B 2662 -18.16 -1.06 -52.84
C GLY B 2662 -18.00 -1.07 -51.33
N LEU B 2663 -18.12 -2.23 -50.71
CA LEU B 2663 -17.90 -2.39 -49.28
C LEU B 2663 -16.61 -3.16 -48.98
N GLY B 2664 -15.78 -3.39 -50.00
CA GLY B 2664 -14.55 -4.14 -49.79
C GLY B 2664 -13.55 -3.38 -48.92
N PHE B 2665 -12.76 -4.15 -48.18
CA PHE B 2665 -11.74 -3.57 -47.32
C PHE B 2665 -10.65 -2.89 -48.14
N HIS B 2666 -10.26 -3.50 -49.26
CA HIS B 2666 -9.15 -2.97 -50.05
C HIS B 2666 -9.47 -1.61 -50.64
N GLU B 2667 -10.68 -1.42 -51.17
CA GLU B 2667 -11.03 -0.13 -51.76
C GLU B 2667 -11.09 0.96 -50.70
N VAL B 2668 -11.67 0.66 -49.53
CA VAL B 2668 -11.72 1.64 -48.46
C VAL B 2668 -10.32 2.00 -47.99
N LEU B 2669 -9.45 1.01 -47.85
CA LEU B 2669 -8.07 1.28 -47.44
C LEU B 2669 -7.35 2.12 -48.47
N ASN B 2670 -7.54 1.81 -49.75
CA ASN B 2670 -6.90 2.60 -50.81
C ASN B 2670 -7.38 4.04 -50.80
N ASN B 2671 -8.70 4.25 -50.63
CA ASN B 2671 -9.22 5.60 -50.59
C ASN B 2671 -8.68 6.37 -49.38
N LEU B 2672 -8.61 5.72 -48.22
CA LEU B 2672 -8.07 6.37 -47.04
C LEU B 2672 -6.61 6.74 -47.24
N ILE B 2673 -5.83 5.82 -47.79
CA ILE B 2673 -4.40 6.07 -48.02
C ILE B 2673 -4.22 7.21 -49.01
N SER B 2674 -5.01 7.23 -50.08
CA SER B 2674 -4.92 8.31 -51.06
C SER B 2674 -5.28 9.65 -50.43
N ARG B 2675 -6.31 9.68 -49.59
CA ARG B 2675 -6.70 10.93 -48.95
C ARG B 2675 -5.60 11.42 -47.99
N ILE B 2676 -4.98 10.50 -47.25
CA ILE B 2676 -3.87 10.88 -46.37
C ILE B 2676 -2.71 11.41 -47.20
N SER B 2677 -2.40 10.75 -48.31
CA SER B 2677 -1.30 11.20 -49.16
C SER B 2677 -1.58 12.58 -49.73
N MET B 2678 -2.83 12.84 -50.13
CA MET B 2678 -3.18 14.15 -50.65
C MET B 2678 -3.05 15.22 -49.57
N ASP B 2679 -3.44 14.91 -48.34
CA ASP B 2679 -3.36 15.91 -47.28
C ASP B 2679 -1.92 16.17 -46.85
N HIS B 2680 -1.13 15.12 -46.66
CA HIS B 2680 0.27 15.23 -46.23
C HIS B 2680 1.16 14.41 -47.15
N PRO B 2681 1.43 14.91 -48.36
CA PRO B 2681 2.34 14.18 -49.26
C PRO B 2681 3.75 14.04 -48.74
N HIS B 2682 4.23 14.99 -47.96
CA HIS B 2682 5.63 14.98 -47.51
C HIS B 2682 5.92 13.84 -46.53
N HIS B 2683 4.89 13.26 -45.91
CA HIS B 2683 5.08 12.18 -44.96
C HIS B 2683 4.70 10.80 -45.50
N THR B 2684 4.11 10.73 -46.69
CA THR B 2684 3.63 9.46 -47.23
C THR B 2684 4.16 9.12 -48.62
N LEU B 2685 4.58 10.10 -49.41
CA LEU B 2685 4.99 9.83 -50.79
C LEU B 2685 6.20 8.90 -50.83
N PHE B 2686 7.18 9.13 -49.96
CA PHE B 2686 8.38 8.31 -49.97
C PHE B 2686 8.08 6.87 -49.61
N ILE B 2687 7.15 6.65 -48.67
CA ILE B 2687 6.80 5.28 -48.28
C ILE B 2687 6.15 4.55 -49.45
N ILE B 2688 5.22 5.20 -50.14
CA ILE B 2688 4.52 4.57 -51.25
C ILE B 2688 5.49 4.30 -52.40
N LEU B 2689 6.38 5.25 -52.69
CA LEU B 2689 7.38 5.02 -53.73
C LEU B 2689 8.32 3.88 -53.37
N ALA B 2690 8.72 3.79 -52.09
CA ALA B 2690 9.57 2.68 -51.65
C ALA B 2690 8.86 1.35 -51.83
N LEU B 2691 7.56 1.31 -51.52
CA LEU B 2691 6.80 0.09 -51.75
C LEU B 2691 6.71 -0.24 -53.24
N ALA B 2692 6.51 0.78 -54.08
CA ALA B 2692 6.43 0.57 -55.52
C ALA B 2692 7.78 0.34 -56.17
N ASN B 2693 8.88 0.70 -55.49
CA ASN B 2693 10.23 0.51 -56.02
C ASN B 2693 10.94 -0.64 -55.35
N ALA B 2694 10.21 -1.71 -55.01
CA ALA B 2694 10.83 -2.85 -54.35
C ALA B 2694 11.81 -3.57 -55.27
N ASN B 2695 11.50 -3.64 -56.56
CA ASN B 2695 12.31 -4.38 -57.53
C ASN B 2695 12.96 -3.46 -58.56
N ARG B 2696 13.12 -2.17 -58.25
CA ARG B 2696 13.79 -1.24 -59.16
C ARG B 2696 15.30 -1.28 -59.03
N ASP B 2697 15.84 -2.01 -58.05
CA ASP B 2697 17.29 -2.09 -57.88
C ASP B 2697 17.93 -2.76 -59.08
N GLU B 2698 17.43 -3.93 -59.47
CA GLU B 2698 17.95 -4.59 -60.66
C GLU B 2698 17.43 -3.95 -61.95
N PHE B 2699 16.30 -3.25 -61.87
CA PHE B 2699 15.79 -2.55 -63.05
C PHE B 2699 16.73 -1.42 -63.46
N LEU B 2700 17.23 -0.65 -62.49
CA LEU B 2700 18.16 0.43 -62.79
C LEU B 2700 19.55 -0.10 -63.13
N THR B 2701 19.93 -1.24 -62.57
CA THR B 2701 21.23 -1.82 -62.82
C THR B 2701 21.13 -3.05 -63.72
N SER B 2719 7.38 -12.28 -55.62
CA SER B 2719 7.18 -13.65 -55.14
C SER B 2719 5.70 -13.99 -55.08
N SER B 2720 5.13 -13.93 -53.88
CA SER B 2720 3.72 -14.20 -53.70
C SER B 2720 2.87 -13.10 -54.31
N GLN B 2721 1.59 -13.43 -54.55
CA GLN B 2721 0.68 -12.49 -55.21
C GLN B 2721 0.50 -11.21 -54.42
N LEU B 2722 0.73 -11.23 -53.10
CA LEU B 2722 0.61 -10.02 -52.31
C LEU B 2722 1.62 -8.97 -52.74
N ASP B 2723 2.78 -9.40 -53.25
CA ASP B 2723 3.79 -8.43 -53.67
C ASP B 2723 3.33 -7.66 -54.90
N GLU B 2724 2.82 -8.38 -55.91
CA GLU B 2724 2.31 -7.70 -57.10
C GLU B 2724 1.08 -6.87 -56.78
N ASP B 2725 0.20 -7.36 -55.90
CA ASP B 2725 -0.97 -6.57 -55.53
C ASP B 2725 -0.57 -5.28 -54.83
N ARG B 2726 0.41 -5.35 -53.92
CA ARG B 2726 0.89 -4.15 -53.25
C ARG B 2726 1.55 -3.20 -54.23
N THR B 2727 2.33 -3.73 -55.18
CA THR B 2727 2.99 -2.88 -56.16
C THR B 2727 1.96 -2.17 -57.04
N GLU B 2728 0.93 -2.90 -57.48
CA GLU B 2728 -0.11 -2.30 -58.30
C GLU B 2728 -0.88 -1.22 -57.52
N ALA B 2729 -1.21 -1.49 -56.26
CA ALA B 2729 -1.91 -0.50 -55.46
C ALA B 2729 -1.05 0.74 -55.23
N ALA B 2730 0.24 0.54 -54.98
CA ALA B 2730 1.15 1.68 -54.83
C ALA B 2730 1.25 2.47 -56.12
N ASN B 2731 1.27 1.79 -57.26
CA ASN B 2731 1.29 2.49 -58.55
C ASN B 2731 0.01 3.31 -58.74
N ARG B 2732 -1.14 2.75 -58.35
CA ARG B 2732 -2.39 3.49 -58.46
C ARG B 2732 -2.38 4.73 -57.57
N ILE B 2733 -1.85 4.59 -56.35
CA ILE B 2733 -1.75 5.75 -55.46
C ILE B 2733 -0.81 6.80 -56.05
N ILE B 2734 0.30 6.35 -56.64
CA ILE B 2734 1.24 7.29 -57.25
C ILE B 2734 0.59 8.04 -58.40
N CYS B 2735 -0.15 7.34 -59.26
CA CYS B 2735 -0.83 8.02 -60.36
C CYS B 2735 -1.90 8.98 -59.83
N THR B 2736 -2.61 8.60 -58.77
CA THR B 2736 -3.60 9.50 -58.20
C THR B 2736 -2.95 10.77 -57.66
N ILE B 2737 -1.80 10.63 -56.99
CA ILE B 2737 -1.09 11.80 -56.48
C ILE B 2737 -0.57 12.64 -57.65
N ARG B 2738 -0.01 12.00 -58.67
CA ARG B 2738 0.55 12.70 -59.82
C ARG B 2738 -0.53 13.36 -60.67
N SER B 2739 -1.80 12.99 -60.48
CA SER B 2739 -2.86 13.58 -61.28
C SER B 2739 -2.97 15.09 -61.05
N ARG B 2740 -2.83 15.53 -59.81
CA ARG B 2740 -2.95 16.94 -59.49
C ARG B 2740 -1.62 17.65 -59.34
N ARG B 2741 -0.57 16.95 -58.88
CA ARG B 2741 0.75 17.55 -58.67
C ARG B 2741 1.80 16.68 -59.35
N PRO B 2742 1.93 16.77 -60.68
CA PRO B 2742 2.86 15.89 -61.38
C PRO B 2742 4.33 16.27 -61.20
N GLN B 2743 4.63 17.57 -61.08
CA GLN B 2743 6.03 17.98 -61.00
C GLN B 2743 6.69 17.47 -59.72
N MET B 2744 5.95 17.47 -58.61
CA MET B 2744 6.53 16.99 -57.35
C MET B 2744 6.77 15.50 -57.41
N VAL B 2745 5.83 14.74 -57.97
CA VAL B 2745 5.98 13.30 -58.05
C VAL B 2745 7.16 12.94 -58.95
N ARG B 2746 7.27 13.62 -60.10
CA ARG B 2746 8.38 13.34 -61.00
C ARG B 2746 9.71 13.70 -60.37
N SER B 2747 9.78 14.85 -59.69
CA SER B 2747 11.04 15.25 -59.07
C SER B 2747 11.44 14.30 -57.95
N VAL B 2748 10.49 13.88 -57.12
CA VAL B 2748 10.81 12.96 -56.03
C VAL B 2748 11.20 11.59 -56.58
N GLU B 2749 10.54 11.14 -57.64
CA GLU B 2749 10.92 9.87 -58.26
C GLU B 2749 12.33 9.95 -58.83
N ALA B 2750 12.68 11.06 -59.46
CA ALA B 2750 14.03 11.24 -59.97
C ALA B 2750 15.06 11.24 -58.84
N LEU B 2751 14.73 11.91 -57.73
CA LEU B 2751 15.64 11.91 -56.59
C LEU B 2751 15.83 10.51 -56.02
N CYS B 2752 14.74 9.75 -55.92
CA CYS B 2752 14.82 8.38 -55.43
C CYS B 2752 15.66 7.52 -56.36
N ASP B 2753 15.49 7.68 -57.67
CA ASP B 2753 16.30 6.93 -58.62
C ASP B 2753 17.77 7.30 -58.50
N ALA B 2754 18.06 8.58 -58.28
CA ALA B 2754 19.45 9.00 -58.09
C ALA B 2754 20.04 8.38 -56.84
N TYR B 2755 19.25 8.33 -55.76
CA TYR B 2755 19.73 7.70 -54.53
C TYR B 2755 20.00 6.21 -54.74
N ILE B 2756 19.10 5.52 -55.45
CA ILE B 2756 19.29 4.09 -55.69
C ILE B 2756 20.53 3.84 -56.55
N ILE B 2757 20.73 4.67 -57.58
CA ILE B 2757 21.90 4.52 -58.44
C ILE B 2757 23.18 4.78 -57.64
N LEU B 2758 23.18 5.81 -56.80
CA LEU B 2758 24.35 6.08 -55.97
C LEU B 2758 24.62 4.94 -55.00
N ALA B 2759 23.57 4.36 -54.43
CA ALA B 2759 23.75 3.23 -53.52
C ALA B 2759 24.32 2.01 -54.24
N ASN B 2760 23.86 1.76 -55.47
CA ASN B 2760 24.32 0.59 -56.21
C ASN B 2760 25.77 0.69 -56.65
N LEU B 2761 26.40 1.86 -56.55
CA LEU B 2761 27.80 1.99 -56.91
C LEU B 2761 28.68 1.13 -56.01
N ASP B 2762 29.61 0.40 -56.62
CA ASP B 2762 30.46 -0.51 -55.85
C ASP B 2762 31.46 0.26 -55.00
N ALA B 2763 32.35 1.01 -55.66
CA ALA B 2763 33.30 1.91 -54.98
C ALA B 2763 34.12 1.18 -53.93
N THR B 2764 34.63 0.00 -54.29
CA THR B 2764 35.47 -0.78 -53.38
C THR B 2764 36.94 -0.38 -53.43
N GLN B 2765 37.34 0.44 -54.40
CA GLN B 2765 38.75 0.82 -54.52
C GLN B 2765 39.16 1.83 -53.47
N TRP B 2766 38.24 2.69 -53.03
CA TRP B 2766 38.54 3.75 -52.06
C TRP B 2766 38.29 3.32 -50.63
N LYS B 2767 38.40 2.02 -50.33
CA LYS B 2767 38.19 1.55 -48.97
C LYS B 2767 39.25 2.11 -48.02
N THR B 2768 40.50 2.22 -48.49
CA THR B 2768 41.58 2.72 -47.67
C THR B 2768 41.66 4.24 -47.61
N GLN B 2769 40.79 4.94 -48.33
CA GLN B 2769 40.78 6.39 -48.35
C GLN B 2769 39.76 6.91 -47.37
N ARG B 2770 40.18 7.87 -46.52
CA ARG B 2770 39.30 8.45 -45.52
C ARG B 2770 39.27 9.98 -45.61
N LYS B 2771 39.75 10.55 -46.72
CA LYS B 2771 39.78 12.00 -46.88
C LYS B 2771 38.62 12.54 -47.68
N GLY B 2772 37.91 11.70 -48.42
CA GLY B 2772 36.80 12.17 -49.24
C GLY B 2772 37.09 11.95 -50.72
N ILE B 2773 36.18 11.25 -51.38
CA ILE B 2773 36.32 10.91 -52.80
C ILE B 2773 35.30 11.71 -53.59
N ASN B 2774 35.74 12.31 -54.69
CA ASN B 2774 34.84 13.05 -55.56
C ASN B 2774 33.82 12.12 -56.20
N ILE B 2775 32.56 12.54 -56.20
CA ILE B 2775 31.50 11.73 -56.81
C ILE B 2775 31.71 11.68 -58.32
N PRO B 2776 31.64 10.51 -58.95
CA PRO B 2776 31.79 10.44 -60.40
C PRO B 2776 30.70 11.24 -61.11
N ALA B 2777 31.08 11.85 -62.25
CA ALA B 2777 30.16 12.68 -63.01
C ALA B 2777 29.03 11.89 -63.65
N ASP B 2778 29.14 10.56 -63.70
CA ASP B 2778 28.08 9.75 -64.29
C ASP B 2778 26.84 9.66 -63.42
N GLN B 2779 26.98 9.91 -62.12
CA GLN B 2779 25.84 9.81 -61.22
C GLN B 2779 24.83 10.91 -61.51
N PRO B 2780 23.55 10.58 -61.71
CA PRO B 2780 22.55 11.62 -62.00
C PRO B 2780 22.28 12.55 -60.84
N ILE B 2781 22.70 12.20 -59.62
CA ILE B 2781 22.46 13.06 -58.46
C ILE B 2781 23.15 14.41 -58.61
N THR B 2782 24.25 14.45 -59.36
CA THR B 2782 24.94 15.71 -59.59
C THR B 2782 24.14 16.64 -60.51
N LYS B 2783 23.44 16.08 -61.49
CA LYS B 2783 22.70 16.91 -62.44
C LYS B 2783 21.57 17.67 -61.76
N LEU B 2784 20.84 17.00 -60.86
CA LEU B 2784 19.67 17.63 -60.25
C LEU B 2784 20.08 18.73 -59.28
N LYS B 2785 19.45 19.88 -59.41
CA LYS B 2785 19.69 21.02 -58.53
C LYS B 2785 18.40 21.80 -58.35
N ASN B 2786 18.28 22.48 -57.21
CA ASN B 2786 17.18 23.39 -56.92
C ASN B 2786 15.82 22.68 -57.03
N LEU B 2787 15.63 21.68 -56.16
CA LEU B 2787 14.35 20.97 -56.08
C LEU B 2787 13.49 21.65 -55.03
N GLU B 2788 12.81 22.72 -55.44
CA GLU B 2788 11.97 23.48 -54.52
C GLU B 2788 10.72 22.71 -54.11
N ASP B 2789 10.36 21.65 -54.83
CA ASP B 2789 9.18 20.86 -54.52
C ASP B 2789 9.50 19.58 -53.74
N VAL B 2790 10.76 19.40 -53.34
CA VAL B 2790 11.17 18.23 -52.56
C VAL B 2790 11.68 18.71 -51.21
N VAL B 2791 10.99 18.32 -50.15
CA VAL B 2791 11.49 18.55 -48.80
C VAL B 2791 12.58 17.55 -48.49
N VAL B 2792 13.51 17.92 -47.62
CA VAL B 2792 14.64 17.05 -47.28
C VAL B 2792 14.12 15.82 -46.54
N PRO B 2793 14.35 14.62 -47.06
CA PRO B 2793 13.92 13.41 -46.34
C PRO B 2793 14.64 13.21 -45.02
N THR B 2794 15.89 13.67 -44.93
CA THR B 2794 16.66 13.51 -43.70
C THR B 2794 16.05 14.31 -42.55
N MET B 2795 15.58 15.52 -42.83
CA MET B 2795 15.03 16.37 -41.79
C MET B 2795 13.69 15.84 -41.30
N GLU B 2796 13.33 16.22 -40.07
CA GLU B 2796 12.05 15.88 -39.48
C GLU B 2796 11.05 16.98 -39.82
N ILE B 2797 9.99 16.61 -40.53
CA ILE B 2797 8.97 17.57 -40.97
C ILE B 2797 7.87 17.62 -39.94
N LYS B 2798 7.63 18.81 -39.36
CA LYS B 2798 6.55 18.98 -38.40
C LYS B 2798 5.21 18.83 -39.11
N VAL B 2799 4.26 18.22 -38.42
CA VAL B 2799 2.93 17.95 -38.95
C VAL B 2799 1.99 19.06 -38.50
N ASP B 2800 1.30 19.68 -39.45
CA ASP B 2800 0.31 20.71 -39.17
C ASP B 2800 -1.08 20.23 -39.56
N HIS B 2801 -2.09 20.76 -38.85
CA HIS B 2801 -3.46 20.35 -39.12
C HIS B 2801 -3.93 20.85 -40.47
N THR B 2802 -3.51 22.06 -40.86
CA THR B 2802 -3.89 22.60 -42.15
C THR B 2802 -3.19 21.84 -43.28
N GLY B 2803 -3.87 21.79 -44.43
CA GLY B 2803 -3.33 21.07 -45.58
C GLY B 2803 -2.21 21.80 -46.30
N GLU B 2804 -2.08 23.10 -46.09
CA GLU B 2804 -1.07 23.89 -46.78
C GLU B 2804 0.27 23.77 -46.07
N TYR B 2805 1.31 23.47 -46.83
CA TYR B 2805 2.67 23.41 -46.33
C TYR B 2805 3.50 24.52 -46.97
N GLY B 2806 4.13 25.34 -46.13
CA GLY B 2806 4.91 26.45 -46.61
C GLY B 2806 6.14 26.68 -45.76
N ASN B 2807 7.09 27.42 -46.34
CA ASN B 2807 8.34 27.76 -45.67
C ASN B 2807 9.09 26.51 -45.22
N LEU B 2808 9.07 25.48 -46.06
CA LEU B 2808 9.77 24.24 -45.77
C LEU B 2808 11.16 24.24 -46.41
N VAL B 2809 12.10 23.60 -45.73
CA VAL B 2809 13.47 23.50 -46.23
C VAL B 2809 13.50 22.48 -47.36
N THR B 2810 13.83 22.95 -48.56
CA THR B 2810 13.86 22.11 -49.75
C THR B 2810 15.30 21.85 -50.17
N ILE B 2811 15.48 20.79 -50.95
CA ILE B 2811 16.81 20.41 -51.41
C ILE B 2811 17.27 21.39 -52.49
N GLN B 2812 18.47 21.94 -52.30
CA GLN B 2812 19.06 22.87 -53.26
C GLN B 2812 20.06 22.19 -54.18
N SER B 2813 21.07 21.55 -53.61
CA SER B 2813 22.10 20.86 -54.40
C SER B 2813 22.80 19.87 -53.50
N PHE B 2814 23.75 19.14 -54.08
CA PHE B 2814 24.54 18.15 -53.36
C PHE B 2814 26.02 18.40 -53.61
N LYS B 2815 26.83 18.17 -52.58
CA LYS B 2815 28.27 18.33 -52.72
C LYS B 2815 28.84 17.24 -53.61
N ALA B 2816 29.97 17.54 -54.25
CA ALA B 2816 30.62 16.62 -55.16
C ALA B 2816 31.52 15.61 -54.46
N GLU B 2817 31.68 15.72 -53.15
CA GLU B 2817 32.55 14.82 -52.39
C GLU B 2817 31.72 13.95 -51.46
N PHE B 2818 32.06 12.66 -51.41
CA PHE B 2818 31.38 11.70 -50.55
C PHE B 2818 32.40 10.91 -49.76
N ARG B 2819 32.04 10.56 -48.53
CA ARG B 2819 32.89 9.82 -47.63
C ARG B 2819 32.43 8.36 -47.53
N LEU B 2820 33.25 7.55 -46.88
CA LEU B 2820 32.96 6.14 -46.67
C LEU B 2820 33.10 5.79 -45.19
N ALA B 2821 32.26 4.88 -44.72
CA ALA B 2821 32.26 4.44 -43.34
C ALA B 2821 32.68 2.97 -43.26
N GLY B 2822 33.30 2.62 -42.13
CA GLY B 2822 33.76 1.25 -41.94
C GLY B 2822 32.62 0.27 -41.79
N GLY B 2823 32.88 -0.96 -42.18
CA GLY B 2823 31.89 -2.02 -42.07
C GLY B 2823 32.17 -3.10 -43.09
N VAL B 2824 31.29 -4.11 -43.08
CA VAL B 2824 31.38 -5.18 -44.07
C VAL B 2824 31.15 -4.62 -45.47
N ASN B 2825 30.00 -4.01 -45.69
CA ASN B 2825 29.74 -3.25 -46.91
C ASN B 2825 30.21 -1.81 -46.74
N LEU B 2826 30.24 -1.09 -47.85
CA LEU B 2826 30.75 0.29 -47.84
C LEU B 2826 29.61 1.27 -48.04
N PRO B 2827 29.12 1.91 -46.99
CA PRO B 2827 28.12 2.96 -47.16
C PRO B 2827 28.76 4.29 -47.54
N LYS B 2828 27.98 5.12 -48.22
CA LYS B 2828 28.45 6.40 -48.73
C LYS B 2828 27.79 7.53 -47.96
N ILE B 2829 28.59 8.48 -47.51
CA ILE B 2829 28.11 9.65 -46.78
C ILE B 2829 28.10 10.84 -47.72
N ILE B 2830 26.92 11.39 -47.98
CA ILE B 2830 26.77 12.51 -48.89
C ILE B 2830 26.24 13.71 -48.11
N ASP B 2831 26.47 14.90 -48.66
CA ASP B 2831 26.06 16.15 -48.05
C ASP B 2831 24.94 16.77 -48.88
N CYS B 2832 23.85 17.14 -48.21
CA CYS B 2832 22.70 17.75 -48.86
C CYS B 2832 22.57 19.20 -48.40
N VAL B 2833 22.48 20.11 -49.35
CA VAL B 2833 22.35 21.54 -49.07
C VAL B 2833 20.89 21.92 -49.19
N GLY B 2834 20.32 22.50 -48.14
CA GLY B 2834 18.93 22.90 -48.12
C GLY B 2834 18.71 24.28 -48.72
N SER B 2835 17.46 24.72 -48.64
CA SER B 2835 17.12 26.06 -49.13
C SER B 2835 17.82 27.14 -48.32
N ASP B 2836 17.93 26.95 -47.00
CA ASP B 2836 18.59 27.91 -46.15
C ASP B 2836 20.11 27.91 -46.33
N GLY B 2837 20.66 26.96 -47.07
CA GLY B 2837 22.09 26.89 -47.28
C GLY B 2837 22.88 26.16 -46.22
N LYS B 2838 22.20 25.45 -45.32
CA LYS B 2838 22.88 24.70 -44.27
C LYS B 2838 23.07 23.25 -44.72
N GLU B 2839 24.32 22.79 -44.65
CA GLU B 2839 24.64 21.44 -45.11
C GLU B 2839 24.09 20.40 -44.14
N ARG B 2840 23.65 19.27 -44.69
CA ARG B 2840 23.15 18.16 -43.91
C ARG B 2840 23.81 16.87 -44.40
N ARG B 2841 24.25 16.04 -43.46
CA ARG B 2841 24.97 14.81 -43.78
C ARG B 2841 23.99 13.65 -43.82
N GLN B 2842 24.01 12.89 -44.91
CA GLN B 2842 23.13 11.75 -45.11
C GLN B 2842 23.95 10.49 -45.35
N LEU B 2843 23.51 9.39 -44.74
CA LEU B 2843 24.17 8.09 -44.89
C LEU B 2843 23.34 7.23 -45.82
N VAL B 2844 23.96 6.73 -46.88
CA VAL B 2844 23.32 5.87 -47.87
C VAL B 2844 23.89 4.47 -47.72
N LYS B 2845 23.02 3.51 -47.39
CA LYS B 2845 23.43 2.14 -47.12
C LYS B 2845 22.83 1.22 -48.17
N GLY B 2846 23.65 0.25 -48.62
CA GLY B 2846 23.23 -0.73 -49.59
C GLY B 2846 23.30 -2.13 -49.03
N ARG B 2847 22.68 -3.06 -49.76
CA ARG B 2847 22.67 -4.49 -49.40
C ARG B 2847 22.22 -4.67 -47.96
N ASP B 2848 21.15 -4.00 -47.59
CA ASP B 2848 20.60 -4.07 -46.24
C ASP B 2848 19.17 -3.55 -46.26
N ASP B 2849 18.38 -4.05 -45.31
CA ASP B 2849 16.97 -3.66 -45.18
C ASP B 2849 16.87 -2.56 -44.13
N LEU B 2850 16.31 -1.42 -44.52
CA LEU B 2850 16.20 -0.26 -43.63
C LEU B 2850 14.79 -0.05 -43.10
N ARG B 2851 13.82 -0.86 -43.51
CA ARG B 2851 12.46 -0.68 -43.03
C ARG B 2851 12.34 -1.04 -41.55
N GLN B 2852 13.09 -2.05 -41.10
CA GLN B 2852 13.07 -2.42 -39.69
C GLN B 2852 13.59 -1.27 -38.83
N ASP B 2853 14.63 -0.58 -39.29
CA ASP B 2853 15.15 0.57 -38.56
C ASP B 2853 14.11 1.68 -38.47
N ALA B 2854 13.39 1.92 -39.57
CA ALA B 2854 12.35 2.95 -39.56
C ALA B 2854 11.22 2.60 -38.58
N VAL B 2855 10.83 1.32 -38.55
CA VAL B 2855 9.79 0.88 -37.62
C VAL B 2855 10.28 1.04 -36.18
N MET B 2856 11.53 0.68 -35.91
CA MET B 2856 12.08 0.85 -34.57
C MET B 2856 12.14 2.32 -34.18
N GLN B 2857 12.46 3.20 -35.14
CA GLN B 2857 12.46 4.63 -34.88
C GLN B 2857 11.05 5.11 -34.54
N GLN B 2858 10.04 4.57 -35.24
CA GLN B 2858 8.66 4.94 -34.93
C GLN B 2858 8.28 4.51 -33.52
N VAL B 2859 8.71 3.31 -33.11
CA VAL B 2859 8.41 2.86 -31.75
C VAL B 2859 9.14 3.71 -30.73
N PHE B 2860 10.38 4.12 -31.05
CA PHE B 2860 11.11 5.02 -30.16
C PHE B 2860 10.41 6.37 -30.05
N GLN B 2861 9.85 6.85 -31.15
CA GLN B 2861 9.06 8.09 -31.10
C GLN B 2861 7.83 7.94 -30.22
N MET B 2862 7.16 6.79 -30.32
CA MET B 2862 6.01 6.53 -29.44
C MET B 2862 6.43 6.47 -27.97
N CYS B 2863 7.57 5.84 -27.68
CA CYS B 2863 8.08 5.83 -26.31
C CYS B 2863 8.40 7.24 -25.83
N ASN B 2864 8.98 8.06 -26.71
CA ASN B 2864 9.28 9.45 -26.35
C ASN B 2864 8.00 10.22 -26.05
N THR B 2865 6.96 10.01 -26.86
CA THR B 2865 5.71 10.73 -26.65
C THR B 2865 5.03 10.28 -25.36
N LEU B 2866 5.09 8.97 -25.07
CA LEU B 2866 4.56 8.48 -23.81
C LEU B 2866 5.31 9.07 -22.62
N LEU B 2867 6.64 9.17 -22.74
CA LEU B 2867 7.43 9.74 -21.66
C LEU B 2867 7.19 11.24 -21.51
N GLN B 2868 6.83 11.92 -22.60
CA GLN B 2868 6.64 13.37 -22.56
C GLN B 2868 5.39 13.74 -21.78
N ARG B 2869 4.30 12.98 -21.93
CA ARG B 2869 3.03 13.36 -21.33
C ARG B 2869 2.95 13.02 -19.85
N ASN B 2870 3.95 12.33 -19.30
CA ASN B 2870 3.99 12.03 -17.87
C ASN B 2870 4.91 13.04 -17.18
N THR B 2871 4.41 13.65 -16.10
CA THR B 2871 5.16 14.74 -15.48
C THR B 2871 6.44 14.24 -14.80
N GLU B 2872 6.45 12.99 -14.33
CA GLU B 2872 7.64 12.46 -13.66
C GLU B 2872 8.81 12.36 -14.63
N THR B 2873 8.56 11.92 -15.86
CA THR B 2873 9.62 11.79 -16.86
C THR B 2873 9.82 13.07 -17.65
N ARG B 2874 8.77 13.89 -17.79
CA ARG B 2874 8.94 15.19 -18.43
C ARG B 2874 9.83 16.10 -17.61
N LYS B 2875 9.70 16.04 -16.27
CA LYS B 2875 10.58 16.83 -15.42
C LYS B 2875 12.02 16.38 -15.56
N ARG B 2876 12.25 15.07 -15.67
CA ARG B 2876 13.59 14.53 -15.80
C ARG B 2876 14.12 14.53 -17.24
N LYS B 2877 13.29 14.95 -18.20
CA LYS B 2877 13.69 15.04 -19.61
C LYS B 2877 14.22 13.71 -20.13
N LEU B 2878 13.48 12.64 -19.86
CA LEU B 2878 13.86 11.29 -20.27
C LEU B 2878 13.36 11.07 -21.70
N THR B 2879 14.27 11.13 -22.67
CA THR B 2879 13.94 10.98 -24.07
C THR B 2879 14.89 9.98 -24.73
N ILE B 2880 14.46 9.45 -25.87
CA ILE B 2880 15.26 8.56 -26.70
C ILE B 2880 15.75 9.32 -27.92
N CYS B 2881 17.05 9.29 -28.15
CA CYS B 2881 17.61 9.91 -29.35
C CYS B 2881 17.16 9.15 -30.58
N THR B 2882 16.66 9.88 -31.58
CA THR B 2882 16.11 9.27 -32.79
C THR B 2882 16.71 9.94 -34.02
N TYR B 2883 16.84 9.16 -35.08
CA TYR B 2883 17.31 9.66 -36.38
C TYR B 2883 16.38 9.17 -37.47
N LYS B 2884 16.14 10.02 -38.46
CA LYS B 2884 15.21 9.68 -39.54
C LYS B 2884 15.79 8.60 -40.43
N VAL B 2885 14.97 7.59 -40.73
CA VAL B 2885 15.33 6.51 -41.65
C VAL B 2885 14.30 6.53 -42.78
N VAL B 2886 14.79 6.63 -44.01
CA VAL B 2886 13.92 6.68 -45.18
C VAL B 2886 14.27 5.52 -46.11
N PRO B 2887 13.59 4.38 -45.99
CA PRO B 2887 13.84 3.27 -46.92
C PRO B 2887 13.42 3.66 -48.33
N LEU B 2888 14.20 3.19 -49.31
CA LEU B 2888 13.94 3.47 -50.71
C LEU B 2888 13.61 2.23 -51.54
N SER B 2889 14.05 1.05 -51.11
CA SER B 2889 13.79 -0.19 -51.84
C SER B 2889 13.96 -1.35 -50.85
N GLN B 2890 13.86 -2.57 -51.37
CA GLN B 2890 14.06 -3.76 -50.56
C GLN B 2890 15.53 -4.06 -50.29
N ARG B 2891 16.45 -3.35 -50.95
CA ARG B 2891 17.87 -3.60 -50.80
C ARG B 2891 18.69 -2.34 -50.52
N SER B 2892 18.21 -1.15 -50.88
CA SER B 2892 18.94 0.08 -50.66
C SER B 2892 18.05 1.06 -49.89
N GLY B 2893 18.70 2.02 -49.24
CA GLY B 2893 17.98 3.02 -48.46
C GLY B 2893 18.90 4.11 -47.99
N VAL B 2894 18.30 5.13 -47.38
CA VAL B 2894 19.03 6.28 -46.86
C VAL B 2894 18.50 6.59 -45.47
N LEU B 2895 19.38 7.08 -44.61
CA LEU B 2895 19.02 7.36 -43.23
C LEU B 2895 19.86 8.52 -42.71
N GLU B 2896 19.39 9.12 -41.61
CA GLU B 2896 20.04 10.29 -41.04
C GLU B 2896 21.41 9.93 -40.46
N TRP B 2897 22.38 10.80 -40.69
CA TRP B 2897 23.71 10.66 -40.10
C TRP B 2897 23.80 11.56 -38.89
N CYS B 2898 24.08 10.97 -37.73
CA CYS B 2898 24.14 11.72 -36.47
C CYS B 2898 25.43 12.52 -36.44
N THR B 2899 25.35 13.79 -36.80
CA THR B 2899 26.52 14.66 -36.78
C THR B 2899 26.96 14.93 -35.35
N GLY B 2900 28.28 15.03 -35.15
CA GLY B 2900 28.82 15.27 -33.83
C GLY B 2900 28.80 14.10 -32.90
N THR B 2901 28.61 12.89 -33.41
CA THR B 2901 28.57 11.68 -32.59
C THR B 2901 29.71 10.75 -32.97
N VAL B 2902 30.22 10.03 -31.97
CA VAL B 2902 31.32 9.10 -32.16
C VAL B 2902 30.94 7.77 -31.51
N PRO B 2903 31.30 6.64 -32.09
CA PRO B 2903 31.05 5.35 -31.42
C PRO B 2903 31.78 5.27 -30.09
N ILE B 2904 31.13 4.63 -29.12
CA ILE B 2904 31.75 4.48 -27.81
C ILE B 2904 32.97 3.57 -27.89
N GLY B 2905 32.93 2.56 -28.75
CA GLY B 2905 34.10 1.72 -28.94
C GLY B 2905 35.24 2.47 -29.58
N GLU B 2906 34.94 3.36 -30.53
CA GLU B 2906 35.97 4.17 -31.16
C GLU B 2906 36.64 5.08 -30.14
N PHE B 2907 35.86 5.63 -29.20
CA PHE B 2907 36.42 6.49 -28.18
C PHE B 2907 37.19 5.73 -27.12
N LEU B 2908 36.77 4.49 -26.81
CA LEU B 2908 37.31 3.76 -25.68
C LEU B 2908 38.49 2.87 -26.06
N VAL B 2909 38.30 1.99 -27.04
CA VAL B 2909 39.28 0.94 -27.31
C VAL B 2909 39.91 1.12 -28.69
N ASN B 2910 40.07 2.37 -29.13
CA ASN B 2910 40.77 2.63 -30.37
C ASN B 2910 42.23 2.21 -30.25
N ASN B 2911 42.74 1.59 -31.33
CA ASN B 2911 44.11 1.10 -31.31
C ASN B 2911 45.13 2.23 -31.21
N GLU B 2912 44.88 3.33 -31.93
CA GLU B 2912 45.85 4.42 -31.97
C GLU B 2912 45.74 5.34 -30.76
N ASP B 2913 44.57 5.96 -30.58
CA ASP B 2913 44.37 6.95 -29.53
C ASP B 2913 43.14 6.62 -28.69
N GLY B 2914 43.01 5.36 -28.29
CA GLY B 2914 41.91 4.98 -27.44
C GLY B 2914 42.04 5.52 -26.03
N ALA B 2915 40.89 5.63 -25.36
CA ALA B 2915 40.89 6.15 -23.99
C ALA B 2915 41.65 5.23 -23.05
N HIS B 2916 41.48 3.91 -23.21
CA HIS B 2916 42.17 2.96 -22.34
C HIS B 2916 43.68 3.05 -22.53
N LYS B 2917 44.14 3.17 -23.77
CA LYS B 2917 45.56 3.29 -24.03
C LYS B 2917 46.11 4.61 -23.49
N ARG B 2918 45.37 5.70 -23.68
CA ARG B 2918 45.86 7.01 -23.25
C ARG B 2918 45.92 7.11 -21.73
N TYR B 2919 44.92 6.59 -21.03
CA TYR B 2919 44.86 6.77 -19.58
C TYR B 2919 45.51 5.63 -18.81
N ARG B 2920 45.50 4.41 -19.34
CA ARG B 2920 46.08 3.25 -18.68
C ARG B 2920 47.01 2.52 -19.63
N PRO B 2921 48.19 3.10 -19.91
CA PRO B 2921 49.15 2.41 -20.80
C PRO B 2921 49.64 1.09 -20.25
N ASN B 2922 49.73 0.95 -18.93
CA ASN B 2922 50.27 -0.26 -18.32
C ASN B 2922 49.28 -1.41 -18.29
N ASP B 2923 48.00 -1.15 -18.56
CA ASP B 2923 47.00 -2.21 -18.55
C ASP B 2923 47.04 -3.00 -19.86
N PHE B 2924 46.25 -4.07 -19.90
CA PHE B 2924 46.16 -4.89 -21.10
C PHE B 2924 45.53 -4.10 -22.24
N SER B 2925 46.04 -4.32 -23.45
CA SER B 2925 45.49 -3.66 -24.62
C SER B 2925 44.17 -4.32 -25.02
N ALA B 2926 43.40 -3.60 -25.85
CA ALA B 2926 42.13 -4.15 -26.32
C ALA B 2926 42.33 -5.39 -27.16
N PHE B 2927 43.37 -5.41 -28.00
CA PHE B 2927 43.66 -6.58 -28.82
C PHE B 2927 44.00 -7.78 -27.94
N GLN B 2928 44.79 -7.57 -26.88
CA GLN B 2928 45.16 -8.66 -26.00
C GLN B 2928 43.93 -9.26 -25.32
N CYS B 2929 43.03 -8.40 -24.82
CA CYS B 2929 41.82 -8.89 -24.19
C CYS B 2929 40.92 -9.63 -25.19
N GLN B 2930 40.82 -9.10 -26.41
CA GLN B 2930 40.00 -9.76 -27.42
C GLN B 2930 40.57 -11.13 -27.75
N LYS B 2931 41.90 -11.23 -27.90
CA LYS B 2931 42.51 -12.52 -28.21
C LYS B 2931 42.32 -13.50 -27.05
N LYS B 2932 42.48 -13.02 -25.82
CA LYS B 2932 42.31 -13.91 -24.67
C LYS B 2932 40.88 -14.43 -24.60
N MET B 2933 39.90 -13.56 -24.85
CA MET B 2933 38.50 -13.99 -24.80
C MET B 2933 38.20 -14.98 -25.93
N MET B 2934 38.76 -14.75 -27.12
CA MET B 2934 38.51 -15.68 -28.22
C MET B 2934 39.18 -17.03 -27.99
N GLU B 2935 40.30 -17.05 -27.24
CA GLU B 2935 40.99 -18.32 -27.00
C GLU B 2935 40.16 -19.23 -26.09
N VAL B 2936 39.44 -18.66 -25.13
CA VAL B 2936 38.73 -19.45 -24.13
C VAL B 2936 37.31 -19.72 -24.62
N GLN B 2937 37.04 -19.39 -25.89
CA GLN B 2937 35.70 -19.61 -26.44
C GLN B 2937 35.36 -21.10 -26.47
N LYS B 2938 36.29 -21.94 -26.90
CA LYS B 2938 36.07 -23.38 -26.93
C LYS B 2938 36.65 -24.04 -25.68
N LYS B 2939 36.12 -23.64 -24.54
CA LYS B 2939 36.58 -24.14 -23.25
C LYS B 2939 35.39 -24.25 -22.30
N SER B 2940 35.67 -24.63 -21.06
CA SER B 2940 34.63 -24.78 -20.06
C SER B 2940 34.09 -23.43 -19.61
N PHE B 2941 32.89 -23.47 -19.01
CA PHE B 2941 32.28 -22.24 -18.51
C PHE B 2941 33.09 -21.64 -17.37
N GLU B 2942 33.63 -22.48 -16.48
CA GLU B 2942 34.46 -21.98 -15.39
C GLU B 2942 35.73 -21.32 -15.92
N GLU B 2943 36.33 -21.91 -16.96
CA GLU B 2943 37.50 -21.30 -17.58
C GLU B 2943 37.15 -19.95 -18.20
N LYS B 2944 35.97 -19.87 -18.83
CA LYS B 2944 35.52 -18.59 -19.38
C LYS B 2944 35.35 -17.55 -18.28
N TYR B 2945 34.76 -17.96 -17.15
CA TYR B 2945 34.54 -17.02 -16.05
C TYR B 2945 35.86 -16.52 -15.47
N GLU B 2946 36.81 -17.43 -15.27
CA GLU B 2946 38.08 -17.00 -14.68
C GLU B 2946 38.90 -16.17 -15.67
N VAL B 2947 38.79 -16.46 -16.97
CA VAL B 2947 39.44 -15.62 -17.97
C VAL B 2947 38.83 -14.21 -17.96
N PHE B 2948 37.49 -14.14 -17.90
CA PHE B 2948 36.83 -12.84 -17.88
C PHE B 2948 37.22 -12.05 -16.63
N MET B 2949 37.29 -12.72 -15.48
CA MET B 2949 37.70 -12.03 -14.26
C MET B 2949 39.14 -11.56 -14.34
N ASP B 2950 40.03 -12.38 -14.93
CA ASP B 2950 41.42 -11.97 -15.09
C ASP B 2950 41.54 -10.76 -16.01
N VAL B 2951 40.77 -10.74 -17.10
CA VAL B 2951 40.79 -9.60 -18.00
C VAL B 2951 40.26 -8.36 -17.31
N CYS B 2952 39.14 -8.50 -16.58
CA CYS B 2952 38.58 -7.35 -15.88
C CYS B 2952 39.52 -6.82 -14.81
N GLN B 2953 40.34 -7.69 -14.22
CA GLN B 2953 41.31 -7.24 -13.23
C GLN B 2953 42.35 -6.31 -13.85
N ASN B 2954 42.80 -6.62 -15.07
CA ASN B 2954 43.81 -5.83 -15.76
C ASN B 2954 43.21 -4.87 -16.79
N PHE B 2955 41.93 -4.54 -16.66
CA PHE B 2955 41.25 -3.62 -17.58
C PHE B 2955 40.31 -2.74 -16.75
N GLN B 2956 40.79 -1.57 -16.36
CA GLN B 2956 39.95 -0.71 -15.54
C GLN B 2956 39.21 0.31 -16.40
N PRO B 2957 37.93 0.56 -16.08
CA PRO B 2957 37.16 1.51 -16.89
C PRO B 2957 37.73 2.92 -16.82
N VAL B 2958 37.70 3.62 -17.96
CA VAL B 2958 38.21 4.97 -18.05
C VAL B 2958 37.20 5.85 -18.77
N PHE B 2959 35.96 5.37 -18.90
CA PHE B 2959 34.95 6.10 -19.64
C PHE B 2959 34.48 7.37 -18.92
N ARG B 2960 34.74 7.48 -17.62
CA ARG B 2960 34.34 8.66 -16.87
C ARG B 2960 35.06 9.93 -17.33
N TYR B 2961 36.16 9.79 -18.06
CA TYR B 2961 36.94 10.94 -18.50
C TYR B 2961 36.34 11.63 -19.73
N PHE B 2962 35.32 11.04 -20.35
CA PHE B 2962 34.71 11.65 -21.53
C PHE B 2962 34.10 13.00 -21.20
N CYS B 2963 33.38 13.09 -20.09
CA CYS B 2963 32.80 14.36 -19.68
C CYS B 2963 33.85 15.29 -19.09
N MET B 2964 34.89 14.73 -18.47
CA MET B 2964 35.90 15.55 -17.83
C MET B 2964 36.76 16.30 -18.85
N GLU B 2965 37.16 15.62 -19.93
CA GLU B 2965 38.04 16.25 -20.90
C GLU B 2965 37.29 17.12 -21.91
N LYS B 2966 35.96 17.06 -21.95
CA LYS B 2966 35.18 17.84 -22.90
C LYS B 2966 34.43 19.00 -22.26
N PHE B 2967 34.18 18.96 -20.96
CA PHE B 2967 33.43 20.00 -20.26
C PHE B 2967 34.23 20.40 -19.01
N LEU B 2968 35.05 21.43 -19.15
CA LEU B 2968 35.91 21.86 -18.05
C LEU B 2968 35.11 22.59 -16.97
N ASP B 2969 34.01 23.22 -17.34
CA ASP B 2969 33.19 23.93 -16.35
C ASP B 2969 32.47 22.91 -15.47
N PRO B 2970 32.59 23.00 -14.14
CA PRO B 2970 31.92 22.02 -13.28
C PRO B 2970 30.40 21.98 -13.46
N ALA B 2971 29.78 23.13 -13.70
CA ALA B 2971 28.33 23.14 -13.90
C ALA B 2971 27.95 22.43 -15.20
N ILE B 2972 28.67 22.72 -16.28
CA ILE B 2972 28.37 22.07 -17.56
C ILE B 2972 28.72 20.59 -17.49
N TRP B 2973 29.82 20.25 -16.82
CA TRP B 2973 30.20 18.85 -16.67
C TRP B 2973 29.14 18.07 -15.89
N PHE B 2974 28.61 18.68 -14.82
CA PHE B 2974 27.56 18.03 -14.06
C PHE B 2974 26.29 17.87 -14.88
N GLU B 2975 25.93 18.90 -15.66
CA GLU B 2975 24.75 18.81 -16.50
C GLU B 2975 24.90 17.69 -17.53
N LYS B 2976 26.06 17.62 -18.17
CA LYS B 2976 26.27 16.59 -19.19
C LYS B 2976 26.30 15.20 -18.58
N ARG B 2977 26.91 15.04 -17.41
CA ARG B 2977 26.91 13.73 -16.75
C ARG B 2977 25.50 13.31 -16.35
N LEU B 2978 24.71 14.24 -15.82
CA LEU B 2978 23.32 13.92 -15.48
C LEU B 2978 22.52 13.55 -16.72
N ALA B 2979 22.71 14.27 -17.81
CA ALA B 2979 22.00 13.95 -19.05
C ALA B 2979 22.43 12.58 -19.57
N TYR B 2980 23.72 12.27 -19.47
CA TYR B 2980 24.20 10.96 -19.92
C TYR B 2980 23.59 9.84 -19.09
N THR B 2981 23.56 10.01 -17.76
CA THR B 2981 22.98 8.98 -16.90
C THR B 2981 21.50 8.79 -17.19
N ARG B 2982 20.77 9.90 -17.37
CA ARG B 2982 19.35 9.79 -17.68
C ARG B 2982 19.11 9.11 -19.02
N SER B 2983 19.94 9.45 -20.02
CA SER B 2983 19.80 8.84 -21.33
C SER B 2983 20.09 7.35 -21.27
N VAL B 2984 21.13 6.96 -20.53
CA VAL B 2984 21.45 5.54 -20.42
C VAL B 2984 20.33 4.78 -19.73
N ALA B 2985 19.81 5.33 -18.63
CA ALA B 2985 18.74 4.64 -17.91
C ALA B 2985 17.50 4.49 -18.78
N THR B 2986 17.12 5.56 -19.49
CA THR B 2986 15.90 5.51 -20.29
C THR B 2986 16.07 4.58 -21.48
N SER B 2987 17.24 4.62 -22.13
CA SER B 2987 17.47 3.74 -23.28
C SER B 2987 17.53 2.29 -22.84
N SER B 2988 18.13 2.01 -21.67
CA SER B 2988 18.19 0.64 -21.19
C SER B 2988 16.80 0.11 -20.88
N ILE B 2989 15.95 0.91 -20.24
CA ILE B 2989 14.60 0.46 -19.93
C ILE B 2989 13.81 0.24 -21.22
N VAL B 2990 13.91 1.15 -22.18
CA VAL B 2990 13.19 0.99 -23.44
C VAL B 2990 13.67 -0.24 -24.18
N GLY B 2991 14.98 -0.45 -24.23
CA GLY B 2991 15.52 -1.62 -24.89
C GLY B 2991 15.07 -2.93 -24.24
N TYR B 2992 15.03 -2.95 -22.91
CA TYR B 2992 14.53 -4.13 -22.21
C TYR B 2992 13.05 -4.37 -22.54
N ILE B 2993 12.26 -3.30 -22.55
CA ILE B 2993 10.83 -3.45 -22.85
C ILE B 2993 10.63 -3.99 -24.26
N LEU B 2994 11.36 -3.45 -25.23
CA LEU B 2994 11.28 -3.89 -26.61
C LEU B 2994 12.19 -5.09 -26.91
N GLY B 2995 12.96 -5.55 -25.93
CA GLY B 2995 13.86 -6.69 -26.15
C GLY B 2995 14.98 -6.38 -27.12
N LEU B 2996 15.54 -5.18 -27.06
CA LEU B 2996 16.60 -4.80 -27.98
C LEU B 2996 17.87 -5.61 -27.71
N GLY B 2997 18.51 -6.06 -28.78
CA GLY B 2997 19.71 -6.86 -28.68
C GLY B 2997 20.81 -6.34 -29.59
N ASP B 2998 21.96 -7.02 -29.53
CA ASP B 2998 23.15 -6.67 -30.31
C ASP B 2998 23.60 -5.24 -30.00
N ARG B 2999 23.64 -4.91 -28.72
CA ARG B 2999 24.06 -3.59 -28.27
C ARG B 2999 25.57 -3.56 -27.96
N HIS B 3000 26.36 -3.86 -29.00
CA HIS B 3000 27.81 -3.87 -28.86
C HIS B 3000 28.35 -2.43 -28.97
N VAL B 3001 29.67 -2.32 -28.97
CA VAL B 3001 30.31 -1.01 -28.87
C VAL B 3001 30.07 -0.19 -30.13
N GLN B 3002 30.04 -0.83 -31.30
CA GLN B 3002 29.88 -0.10 -32.55
C GLN B 3002 28.42 0.24 -32.85
N ASN B 3003 27.47 -0.29 -32.09
CA ASN B 3003 26.05 -0.01 -32.29
C ASN B 3003 25.54 1.11 -31.40
N ILE B 3004 26.39 1.70 -30.56
CA ILE B 3004 25.99 2.76 -29.65
C ILE B 3004 26.82 4.01 -29.98
N LEU B 3005 26.13 5.13 -30.19
CA LEU B 3005 26.77 6.40 -30.49
C LEU B 3005 26.53 7.38 -29.34
N ILE B 3006 27.54 8.19 -29.05
CA ILE B 3006 27.46 9.20 -28.00
C ILE B 3006 27.65 10.57 -28.64
N ASN B 3007 26.75 11.50 -28.34
CA ASN B 3007 26.85 12.86 -28.85
C ASN B 3007 27.94 13.61 -28.12
N GLU B 3008 28.83 14.25 -28.88
CA GLU B 3008 29.91 15.02 -28.26
C GLU B 3008 29.36 16.28 -27.59
N GLN B 3009 28.37 16.93 -28.21
CA GLN B 3009 27.84 18.17 -27.68
C GLN B 3009 26.96 17.95 -26.45
N SER B 3010 26.11 16.92 -26.48
CA SER B 3010 25.10 16.73 -25.44
C SER B 3010 25.36 15.52 -24.54
N ALA B 3011 26.34 14.69 -24.86
CA ALA B 3011 26.68 13.51 -24.05
C ALA B 3011 25.48 12.58 -23.87
N GLU B 3012 24.68 12.44 -24.92
CA GLU B 3012 23.50 11.58 -24.90
C GLU B 3012 23.73 10.39 -25.83
N LEU B 3013 23.47 9.18 -25.32
CA LEU B 3013 23.68 7.99 -26.11
C LEU B 3013 22.64 7.87 -27.22
N VAL B 3014 23.09 7.45 -28.40
CA VAL B 3014 22.24 7.21 -29.56
C VAL B 3014 22.41 5.75 -29.96
N HIS B 3015 21.28 5.05 -30.12
CA HIS B 3015 21.29 3.63 -30.46
C HIS B 3015 20.99 3.46 -31.93
N ILE B 3016 21.85 2.72 -32.63
CA ILE B 3016 21.71 2.45 -34.04
C ILE B 3016 21.71 0.94 -34.26
N ASP B 3017 21.43 0.54 -35.50
CA ASP B 3017 21.40 -0.87 -35.90
C ASP B 3017 20.41 -1.65 -35.03
N LEU B 3018 19.14 -1.24 -35.13
CA LEU B 3018 18.06 -1.81 -34.32
C LEU B 3018 17.37 -2.98 -35.00
N GLY B 3019 18.09 -3.73 -35.85
CA GLY B 3019 17.48 -4.87 -36.52
C GLY B 3019 17.07 -5.98 -35.56
N VAL B 3020 17.85 -6.19 -34.51
CA VAL B 3020 17.57 -7.24 -33.54
C VAL B 3020 16.72 -6.65 -32.40
N ALA B 3021 15.56 -7.24 -32.19
CA ALA B 3021 14.64 -6.77 -31.15
C ALA B 3021 13.74 -7.93 -30.77
N PHE B 3022 12.87 -7.70 -29.77
CA PHE B 3022 11.91 -8.70 -29.29
C PHE B 3022 12.62 -9.99 -28.85
N GLU B 3023 13.77 -9.82 -28.19
CA GLU B 3023 14.54 -10.93 -27.62
C GLU B 3023 14.96 -11.95 -28.67
N GLN B 3024 15.14 -11.51 -29.94
CA GLN B 3024 15.68 -12.41 -30.94
C GLN B 3024 17.17 -12.66 -30.73
N GLY B 3025 17.84 -11.85 -29.92
CA GLY B 3025 19.23 -12.10 -29.61
C GLY B 3025 19.45 -13.29 -28.70
N LYS B 3026 18.44 -13.65 -27.90
CA LYS B 3026 18.56 -14.85 -27.08
C LYS B 3026 18.48 -16.12 -27.92
N ILE B 3027 17.80 -16.04 -29.07
CA ILE B 3027 17.71 -17.18 -29.98
C ILE B 3027 18.99 -17.40 -30.76
N LEU B 3028 19.93 -16.45 -30.70
CA LEU B 3028 21.18 -16.54 -31.41
C LEU B 3028 22.01 -17.72 -30.90
N PRO B 3029 22.95 -18.21 -31.71
CA PRO B 3029 23.84 -19.29 -31.23
C PRO B 3029 24.54 -18.97 -29.92
N THR B 3030 24.93 -17.71 -29.72
CA THR B 3030 25.44 -17.25 -28.43
C THR B 3030 24.38 -16.38 -27.80
N PRO B 3031 23.54 -16.92 -26.91
CA PRO B 3031 22.42 -16.13 -26.39
C PRO B 3031 22.89 -14.95 -25.56
N GLU B 3032 22.12 -13.88 -25.60
CA GLU B 3032 22.38 -12.68 -24.82
C GLU B 3032 21.65 -12.78 -23.50
N THR B 3033 22.40 -12.89 -22.40
CA THR B 3033 21.83 -13.07 -21.08
C THR B 3033 21.64 -11.77 -20.34
N VAL B 3034 21.91 -10.63 -20.96
CA VAL B 3034 21.78 -9.31 -20.35
C VAL B 3034 20.65 -8.57 -21.06
N PRO B 3035 19.70 -7.99 -20.32
CA PRO B 3035 18.64 -7.20 -20.99
C PRO B 3035 19.17 -6.00 -21.74
N PHE B 3036 20.25 -5.38 -21.27
CA PHE B 3036 20.84 -4.22 -21.92
C PHE B 3036 22.32 -4.17 -21.57
N ARG B 3037 23.01 -3.19 -22.15
CA ARG B 3037 24.44 -3.01 -21.91
C ARG B 3037 24.63 -2.11 -20.69
N LEU B 3038 25.17 -2.69 -19.61
CA LEU B 3038 25.51 -1.97 -18.39
C LEU B 3038 26.90 -2.39 -17.93
N THR B 3039 27.85 -2.36 -18.86
CA THR B 3039 29.21 -2.81 -18.59
C THR B 3039 29.91 -1.85 -17.64
N ARG B 3040 31.18 -2.17 -17.34
CA ARG B 3040 31.93 -1.40 -16.36
C ARG B 3040 32.14 0.04 -16.84
N ASP B 3041 32.38 0.24 -18.13
CA ASP B 3041 32.54 1.60 -18.65
C ASP B 3041 31.25 2.41 -18.49
N ILE B 3042 30.11 1.78 -18.74
CA ILE B 3042 28.83 2.48 -18.63
C ILE B 3042 28.58 2.92 -17.20
N VAL B 3043 28.82 2.04 -16.23
CA VAL B 3043 28.61 2.40 -14.83
C VAL B 3043 29.64 3.44 -14.39
N ASP B 3044 30.88 3.30 -14.86
CA ASP B 3044 31.93 4.24 -14.48
C ASP B 3044 31.65 5.64 -15.00
N GLY B 3045 31.02 5.75 -16.17
CA GLY B 3045 30.69 7.06 -16.70
C GLY B 3045 29.56 7.76 -15.99
N MET B 3046 28.85 7.07 -15.10
CA MET B 3046 27.75 7.67 -14.35
C MET B 3046 28.21 8.44 -13.12
N GLY B 3047 29.48 8.35 -12.75
CA GLY B 3047 30.00 9.02 -11.58
C GLY B 3047 30.40 8.03 -10.50
N ILE B 3048 30.76 8.59 -9.35
CA ILE B 3048 31.18 7.76 -8.22
C ILE B 3048 30.01 6.94 -7.69
N THR B 3049 28.79 7.49 -7.73
CA THR B 3049 27.64 6.78 -7.22
C THR B 3049 27.29 5.54 -8.04
N GLY B 3050 27.74 5.47 -9.29
CA GLY B 3050 27.45 4.31 -10.11
C GLY B 3050 25.97 4.21 -10.44
N VAL B 3051 25.47 2.96 -10.47
CA VAL B 3051 24.07 2.74 -10.77
C VAL B 3051 23.16 3.31 -9.69
N GLU B 3052 23.65 3.41 -8.46
CA GLU B 3052 22.85 3.97 -7.38
C GLU B 3052 22.64 5.46 -7.58
N GLY B 3053 21.42 5.93 -7.30
CA GLY B 3053 21.11 7.33 -7.39
C GLY B 3053 20.26 7.71 -8.58
N VAL B 3054 20.80 8.54 -9.47
CA VAL B 3054 20.04 9.03 -10.62
C VAL B 3054 19.64 7.88 -11.53
N PHE B 3055 20.56 6.95 -11.79
CA PHE B 3055 20.28 5.87 -12.72
C PHE B 3055 19.12 5.00 -12.24
N ARG B 3056 19.12 4.63 -10.95
CA ARG B 3056 18.09 3.73 -10.44
C ARG B 3056 16.74 4.43 -10.37
N ARG B 3057 16.72 5.68 -9.91
CA ARG B 3057 15.45 6.42 -9.85
C ARG B 3057 14.88 6.64 -11.24
N CYS B 3058 15.72 6.99 -12.20
CA CYS B 3058 15.26 7.19 -13.57
C CYS B 3058 14.75 5.88 -14.18
N CYS B 3059 15.43 4.77 -13.90
CA CYS B 3059 14.94 3.48 -14.36
C CYS B 3059 13.59 3.14 -13.75
N GLU B 3060 13.42 3.42 -12.46
CA GLU B 3060 12.13 3.18 -11.81
C GLU B 3060 11.03 4.04 -12.41
N LYS B 3061 11.32 5.32 -12.67
CA LYS B 3061 10.31 6.19 -13.26
C LYS B 3061 9.94 5.72 -14.67
N THR B 3062 10.93 5.32 -15.46
CA THR B 3062 10.66 4.83 -16.81
C THR B 3062 9.83 3.56 -16.75
N MET B 3063 10.15 2.66 -15.82
CA MET B 3063 9.38 1.42 -15.70
C MET B 3063 7.95 1.70 -15.26
N GLU B 3064 7.76 2.67 -14.37
CA GLU B 3064 6.41 3.04 -13.96
C GLU B 3064 5.63 3.61 -15.13
N VAL B 3065 6.28 4.43 -15.96
CA VAL B 3065 5.60 4.98 -17.13
C VAL B 3065 5.23 3.87 -18.11
N MET B 3066 6.14 2.91 -18.32
CA MET B 3066 5.86 1.80 -19.21
C MET B 3066 4.69 0.96 -18.69
N ARG B 3067 4.66 0.72 -17.37
CA ARG B 3067 3.58 -0.06 -16.78
C ARG B 3067 2.24 0.67 -16.89
N ASN B 3068 2.24 1.99 -16.67
CA ASN B 3068 1.00 2.75 -16.74
C ASN B 3068 0.44 2.83 -18.17
N SER B 3069 1.28 2.63 -19.18
CA SER B 3069 0.87 2.66 -20.57
C SER B 3069 1.05 1.28 -21.21
N GLN B 3070 0.73 0.23 -20.44
CA GLN B 3070 0.92 -1.14 -20.94
C GLN B 3070 -0.03 -1.45 -22.10
N GLU B 3071 -1.27 -0.96 -22.02
CA GLU B 3071 -2.24 -1.25 -23.08
C GLU B 3071 -1.81 -0.64 -24.40
N THR B 3072 -1.37 0.62 -24.39
CA THR B 3072 -0.95 1.27 -25.62
C THR B 3072 0.28 0.60 -26.21
N LEU B 3073 1.26 0.26 -25.37
CA LEU B 3073 2.47 -0.39 -25.86
C LEU B 3073 2.15 -1.75 -26.44
N LEU B 3074 1.28 -2.52 -25.76
CA LEU B 3074 0.90 -3.82 -26.26
C LEU B 3074 0.17 -3.70 -27.59
N THR B 3075 -0.71 -2.70 -27.72
CA THR B 3075 -1.42 -2.51 -28.98
C THR B 3075 -0.45 -2.17 -30.12
N ILE B 3076 0.52 -1.31 -29.83
CA ILE B 3076 1.50 -0.93 -30.84
C ILE B 3076 2.30 -2.15 -31.28
N VAL B 3077 2.75 -2.96 -30.31
CA VAL B 3077 3.53 -4.14 -30.65
C VAL B 3077 2.68 -5.14 -31.43
N GLU B 3078 1.39 -5.26 -31.09
CA GLU B 3078 0.50 -6.10 -31.88
C GLU B 3078 0.39 -5.61 -33.32
N VAL B 3079 0.37 -4.28 -33.50
CA VAL B 3079 0.32 -3.73 -34.86
C VAL B 3079 1.60 -4.07 -35.61
N LEU B 3080 2.76 -3.95 -34.95
CA LEU B 3080 4.02 -4.29 -35.58
C LEU B 3080 4.09 -5.77 -35.95
N LEU B 3081 3.73 -6.65 -35.02
CA LEU B 3081 4.00 -8.08 -35.18
C LEU B 3081 3.18 -8.71 -36.30
N TYR B 3082 2.06 -8.10 -36.70
CA TYR B 3082 1.23 -8.62 -37.77
C TYR B 3082 1.50 -7.92 -39.10
N ASP B 3083 2.54 -7.11 -39.18
CA ASP B 3083 2.91 -6.46 -40.44
C ASP B 3083 3.53 -7.50 -41.36
N PRO B 3084 2.95 -7.74 -42.55
CA PRO B 3084 3.53 -8.76 -43.45
C PRO B 3084 4.96 -8.45 -43.87
N LEU B 3085 5.33 -7.18 -44.00
CA LEU B 3085 6.65 -6.79 -44.46
C LEU B 3085 7.66 -6.62 -43.34
N PHE B 3086 7.26 -6.86 -42.09
CA PHE B 3086 8.17 -6.74 -40.95
C PHE B 3086 8.83 -8.09 -40.72
N ASP B 3087 10.08 -8.22 -41.14
CA ASP B 3087 10.84 -9.46 -40.98
C ASP B 3087 11.66 -9.40 -39.70
N TRP B 3088 10.95 -9.47 -38.58
CA TRP B 3088 11.58 -9.40 -37.26
C TRP B 3088 12.02 -10.76 -36.74
N THR B 3089 11.54 -11.85 -37.33
CA THR B 3089 11.90 -13.18 -36.86
C THR B 3089 13.35 -13.51 -37.23
N MET B 3090 14.00 -14.26 -36.35
CA MET B 3090 15.39 -14.66 -36.57
C MET B 3090 15.46 -15.83 -37.53
N ASN B 3091 16.44 -15.79 -38.41
CA ASN B 3091 16.68 -16.83 -39.41
C ASN B 3091 18.14 -17.27 -39.30
N PRO B 3092 18.46 -18.49 -39.74
CA PRO B 3092 19.86 -18.95 -39.64
C PRO B 3092 20.86 -18.06 -40.36
N LEU B 3093 20.48 -17.49 -41.50
CA LEU B 3093 21.40 -16.61 -42.21
C LEU B 3093 21.72 -15.37 -41.38
N LYS B 3094 20.69 -14.77 -40.76
CA LYS B 3094 20.93 -13.61 -39.91
C LYS B 3094 21.73 -13.99 -38.67
N ALA B 3095 21.45 -15.16 -38.11
CA ALA B 3095 22.17 -15.60 -36.91
C ALA B 3095 23.65 -15.78 -37.19
N LEU B 3096 23.99 -16.40 -38.33
CA LEU B 3096 25.39 -16.59 -38.68
C LEU B 3096 26.05 -15.27 -39.08
N TYR B 3097 25.31 -14.38 -39.77
CA TYR B 3097 25.89 -13.10 -40.15
C TYR B 3097 26.19 -12.25 -38.93
N LEU B 3098 25.30 -12.26 -37.93
CA LEU B 3098 25.52 -11.45 -36.73
C LEU B 3098 26.75 -11.93 -35.96
N ALA B 3099 26.93 -13.24 -35.83
CA ALA B 3099 28.04 -13.83 -35.09
C ALA B 3099 28.87 -14.67 -36.05
N GLN B 3100 29.85 -14.02 -36.68
CA GLN B 3100 30.74 -14.68 -37.62
C GLN B 3100 32.17 -14.66 -37.08
N ARG B 3101 32.91 -15.72 -37.36
CA ARG B 3101 34.29 -15.86 -36.91
C ARG B 3101 35.18 -16.26 -38.07
N PRO B 3102 36.46 -15.85 -38.05
CA PRO B 3102 37.40 -16.22 -39.12
C PRO B 3102 37.93 -17.63 -38.97
N SER B 3129 5.53 -22.04 -36.45
CA SER B 3129 4.50 -21.15 -36.96
C SER B 3129 4.75 -19.71 -36.56
N PHE B 3130 4.54 -18.78 -37.49
CA PHE B 3130 4.74 -17.37 -37.20
C PHE B 3130 3.74 -16.86 -36.17
N ASN B 3131 2.49 -17.33 -36.26
CA ASN B 3131 1.46 -16.88 -35.32
C ASN B 3131 1.80 -17.28 -33.89
N LYS B 3132 2.27 -18.52 -33.70
CA LYS B 3132 2.63 -18.98 -32.36
C LYS B 3132 3.79 -18.17 -31.80
N VAL B 3133 4.80 -17.88 -32.63
CA VAL B 3133 5.94 -17.09 -32.17
C VAL B 3133 5.48 -15.68 -31.80
N ALA B 3134 4.62 -15.09 -32.62
CA ALA B 3134 4.13 -13.74 -32.33
C ALA B 3134 3.33 -13.71 -31.04
N GLU B 3135 2.48 -14.73 -30.82
CA GLU B 3135 1.72 -14.79 -29.58
C GLU B 3135 2.63 -14.97 -28.37
N ARG B 3136 3.66 -15.81 -28.50
CA ARG B 3136 4.60 -15.98 -27.40
C ARG B 3136 5.34 -14.69 -27.09
N VAL B 3137 5.73 -13.95 -28.13
CA VAL B 3137 6.42 -12.67 -27.93
C VAL B 3137 5.48 -11.68 -27.25
N LEU B 3138 4.22 -11.64 -27.68
CA LEU B 3138 3.26 -10.73 -27.05
C LEU B 3138 3.03 -11.09 -25.59
N MET B 3139 2.94 -12.39 -25.28
CA MET B 3139 2.77 -12.81 -23.89
C MET B 3139 3.98 -12.42 -23.05
N ARG B 3140 5.19 -12.59 -23.60
CA ARG B 3140 6.39 -12.21 -22.88
C ARG B 3140 6.42 -10.70 -22.63
N LEU B 3141 6.03 -9.92 -23.63
CA LEU B 3141 5.98 -8.47 -23.46
C LEU B 3141 4.95 -8.08 -22.41
N GLN B 3142 3.79 -8.73 -22.40
CA GLN B 3142 2.77 -8.43 -21.40
C GLN B 3142 3.26 -8.78 -19.99
N GLU B 3143 3.96 -9.91 -19.86
CA GLU B 3143 4.54 -10.25 -18.55
C GLU B 3143 5.57 -9.23 -18.13
N LYS B 3144 6.39 -8.75 -19.07
CA LYS B 3144 7.36 -7.71 -18.74
C LYS B 3144 6.67 -6.43 -18.28
N LEU B 3145 5.60 -6.04 -18.99
CA LEU B 3145 4.89 -4.82 -18.65
C LEU B 3145 4.18 -4.92 -17.30
N LYS B 3146 3.73 -6.12 -16.94
CA LYS B 3146 3.05 -6.33 -15.66
C LYS B 3146 4.01 -6.74 -14.55
N GLY B 3147 5.32 -6.80 -14.83
CA GLY B 3147 6.30 -7.12 -13.81
C GLY B 3147 6.55 -8.59 -13.58
N VAL B 3148 5.89 -9.47 -14.34
CA VAL B 3148 6.10 -10.91 -14.18
C VAL B 3148 7.40 -11.30 -14.88
N GLU B 3149 8.33 -11.87 -14.13
CA GLU B 3149 9.63 -12.28 -14.65
C GLU B 3149 9.83 -13.79 -14.64
N GLU B 3150 9.66 -14.42 -13.49
CA GLU B 3150 9.76 -15.87 -13.36
C GLU B 3150 8.46 -16.44 -12.78
N GLY B 3151 7.33 -15.95 -13.26
CA GLY B 3151 6.04 -16.38 -12.78
C GLY B 3151 5.55 -15.71 -11.51
N THR B 3152 6.32 -14.76 -10.97
CA THR B 3152 5.95 -14.05 -9.76
C THR B 3152 5.78 -12.56 -10.06
N VAL B 3153 4.92 -11.92 -9.28
CA VAL B 3153 4.65 -10.49 -9.46
C VAL B 3153 5.73 -9.70 -8.72
N LEU B 3154 6.44 -8.85 -9.46
CA LEU B 3154 7.50 -8.02 -8.90
C LEU B 3154 7.14 -6.55 -9.08
N SER B 3155 7.44 -5.75 -8.06
CA SER B 3155 7.17 -4.32 -8.13
C SER B 3155 8.15 -3.65 -9.09
N VAL B 3156 7.94 -2.35 -9.31
CA VAL B 3156 8.81 -1.59 -10.21
C VAL B 3156 10.24 -1.56 -9.66
N GLY B 3157 10.39 -1.30 -8.36
CA GLY B 3157 11.71 -1.29 -7.76
C GLY B 3157 12.38 -2.64 -7.79
N GLY B 3158 11.63 -3.70 -7.50
CA GLY B 3158 12.20 -5.04 -7.55
C GLY B 3158 12.60 -5.45 -8.95
N GLN B 3159 11.76 -5.13 -9.95
CA GLN B 3159 12.10 -5.45 -11.32
C GLN B 3159 13.32 -4.67 -11.78
N VAL B 3160 13.42 -3.40 -11.42
CA VAL B 3160 14.59 -2.59 -11.79
C VAL B 3160 15.85 -3.16 -11.13
N ASN B 3161 15.75 -3.54 -9.86
CA ASN B 3161 16.90 -4.13 -9.18
C ASN B 3161 17.32 -5.44 -9.84
N LEU B 3162 16.35 -6.26 -10.22
CA LEU B 3162 16.67 -7.53 -10.89
C LEU B 3162 17.35 -7.28 -12.23
N LEU B 3163 16.85 -6.30 -13.00
CA LEU B 3163 17.47 -6.01 -14.30
C LEU B 3163 18.89 -5.48 -14.12
N ILE B 3164 19.10 -4.59 -13.15
CA ILE B 3164 20.44 -4.07 -12.90
C ILE B 3164 21.38 -5.20 -12.49
N GLN B 3165 20.92 -6.08 -11.60
CA GLN B 3165 21.75 -7.20 -11.17
C GLN B 3165 22.10 -8.12 -12.34
N GLN B 3166 21.12 -8.41 -13.20
CA GLN B 3166 21.39 -9.28 -14.34
C GLN B 3166 22.36 -8.62 -15.31
N ALA B 3167 22.22 -7.31 -15.52
CA ALA B 3167 23.09 -6.62 -16.47
C ALA B 3167 24.52 -6.54 -15.96
N ILE B 3168 24.70 -6.32 -14.64
CA ILE B 3168 26.05 -6.15 -14.09
C ILE B 3168 26.65 -7.46 -13.59
N ASP B 3169 25.96 -8.57 -13.76
CA ASP B 3169 26.48 -9.85 -13.27
C ASP B 3169 27.66 -10.29 -14.13
N PRO B 3170 28.85 -10.48 -13.56
CA PRO B 3170 29.99 -10.93 -14.37
C PRO B 3170 29.79 -12.31 -14.99
N LYS B 3171 29.04 -13.19 -14.32
CA LYS B 3171 28.83 -14.53 -14.86
C LYS B 3171 28.05 -14.49 -16.17
N ASN B 3172 27.03 -13.64 -16.25
CA ASN B 3172 26.29 -13.49 -17.49
C ASN B 3172 27.15 -12.87 -18.59
N LEU B 3173 28.00 -11.91 -18.21
CA LEU B 3173 28.86 -11.26 -19.19
C LEU B 3173 29.91 -12.22 -19.74
N SER B 3174 30.35 -13.19 -18.94
CA SER B 3174 31.36 -14.14 -19.39
C SER B 3174 30.85 -15.00 -20.55
N ARG B 3175 29.59 -15.43 -20.48
CA ARG B 3175 29.03 -16.28 -21.52
C ARG B 3175 28.85 -15.56 -22.84
N LEU B 3176 28.87 -14.23 -22.85
CA LEU B 3176 28.53 -13.48 -24.04
C LEU B 3176 29.65 -13.57 -25.09
N PHE B 3177 29.28 -13.23 -26.32
CA PHE B 3177 30.21 -13.32 -27.44
C PHE B 3177 31.34 -12.31 -27.27
N PRO B 3178 32.58 -12.68 -27.61
CA PRO B 3178 33.69 -11.71 -27.49
C PRO B 3178 33.50 -10.45 -28.31
N GLY B 3179 32.85 -10.56 -29.48
CA GLY B 3179 32.60 -9.39 -30.30
C GLY B 3179 31.72 -8.35 -29.64
N TRP B 3180 30.90 -8.77 -28.66
CA TRP B 3180 30.08 -7.82 -27.92
C TRP B 3180 30.90 -6.97 -26.97
N LYS B 3181 32.11 -7.42 -26.63
CA LYS B 3181 33.04 -6.70 -25.76
C LYS B 3181 32.40 -6.41 -24.39
N ALA B 3182 32.11 -7.49 -23.67
CA ALA B 3182 31.53 -7.36 -22.33
C ALA B 3182 32.49 -6.65 -21.39
N TRP B 3183 33.78 -6.95 -21.48
CA TRP B 3183 34.77 -6.29 -20.62
C TRP B 3183 34.85 -4.79 -20.89
N VAL B 3184 34.47 -4.34 -22.07
CA VAL B 3184 34.49 -2.93 -22.40
C VAL B 3184 33.26 -2.23 -21.80
#